data_8YDB
#
_entry.id   8YDB
#
_cell.length_a   1.00
_cell.length_b   1.00
_cell.length_c   1.00
_cell.angle_alpha   90.00
_cell.angle_beta   90.00
_cell.angle_gamma   90.00
#
_symmetry.space_group_name_H-M   'P 1'
#
loop_
_entity.id
_entity.type
_entity.pdbx_description
1 polymer Cas5f
2 polymer Cas6f
3 polymer '60-nt crRNA'
4 polymer Cas7f
5 polymer 'Cas8f fusion with HNH'
6 polymer TS
7 polymer NTS
#
loop_
_entity_poly.entity_id
_entity_poly.type
_entity_poly.pdbx_seq_one_letter_code
_entity_poly.pdbx_strand_id
1 'polypeptide(L)'
;MMKGYILLEKVNIENANAFNNIIVGIPAITSFLGFARALERKLNAKEIAIRINGVGLEFHEYELKGYKNKRGQYVTSCPL
PGSIPGQNEKKLDAHIMNQAYIDLNMSFLLEVEGPHVDMSTCKSIKSTMETLRIAGGIIRNYKKIRLIDTLADIPYGYFL
TLRQDNLNDAAGDDMLDKMIHALQQEDTLVPIAVGFKALSEVGHVEGQRDPEKDHCFVESIFSLGGFECSKILEDINSCL
WRYKTEEGLYLCTII
;
A
2 'polypeptide(L)'
;MFSQILIIKPGTGISPNIIISEDIFPVLHSLFVEHDKKFGITFPAYSFDKKGHLGNIIEVLSEDKEALASLCLEEHLAEV
TDYVKVKKEITFTDDYVLFKRIREENQYETTARRMRKRGHTELGRPLEMHIKKKNQQIFCHAYIKVKSASTGQSYNIFLA
PTDIKHGSFSAYGLLRGDTHA
;
B
3 'polyribonucleotide' UUUAGAAGGAGAAGUCAUUUAAUAAGGCCACUGUUAAAAAGUGUACCGCCGGAUAGGCGG C
4 'polypeptide(L)'
;MAANKKATNVTLKSRPENLSFARCLNTTEAKFWQTDFLKRHTFKLPLLITDKAVLASKGHEMPPDKLEKEIMDPNPQKSQ
SCTLSTECDTLRIDFGIKVLPVKESMYSCSDYNYRTAIYQKIDEYIAEDGFLTLAKRYVNNIANARFLWRNRKGAEIIET
IVTIEDKEYPSFNSKSFNLDTFVEDNATINEIAQQIADTFAGKREYLNIYVTCFVKIGCAMEVYPSQEMTFDDDDKGKKL
FKFEGSAGMHSQKINNALRTIDTWYPDYTTYEFPIPVENYGAARSIGIPFRPDTKSFYKLIDRMILKNEDLPIEDKHYVM
AILIRGGMFSKKQEK
;
I,H,G,F,E,D
5 'polypeptide(L)'
;MLRNKILAAISQKIPEEQKINKYIEGLFQSIDKNHLATHVAKFTETNSPGNIGAYDILSSDMNCGYLDTANAGWKEPDIV
TNDAKYKRPQGFVAMEMSDGRTVMEHLQEDSAELRHEMEELTDKYDEIRDGILNMPSMQPYRTNQFIKQVFFPVGGSYHL
LSILPSTVLNYEVSDRLYRSKIPKIRLRLLSSNAASTTGSRLVSKNKWPLVFQALPPKFLEKNLAKALDKEYLLPDINID
ELEGVDNGCLIDEALLPLIIDEGKRKGEGNYRPRHLRDERKEETVQAFLDKYGYCNIPVGYEVHHIVPLSQGGADSIKNM
IMLSIEHHERVTEAHASYFKWRNT
;
J
6 'polydeoxyribonucleotide/polyribonucleotide hybrid' (DG)(DT)GGCC(DT)(DT)A(DT)(DT)AAA(DT)GAC(DT)(DT)C(DT)CCGC(DT)AA(DT)AC T
7 'polydeoxyribonucleotide/polyribonucleotide hybrid' G(DT)A(DT)(DT)AGCGGA N
#
# COMPACT_ATOMS: atom_id res chain seq x y z
N MET A 2 22.14 -46.93 9.62
CA MET A 2 22.16 -45.78 8.72
C MET A 2 21.12 -44.73 9.13
N LYS A 3 21.50 -43.89 10.09
CA LYS A 3 20.61 -42.87 10.62
C LYS A 3 20.39 -41.76 9.60
N GLY A 4 19.28 -41.04 9.77
CA GLY A 4 18.95 -39.95 8.88
C GLY A 4 17.73 -39.20 9.39
N TYR A 5 17.41 -38.11 8.69
CA TYR A 5 16.29 -37.26 9.02
C TYR A 5 15.34 -37.17 7.84
N ILE A 6 14.04 -37.33 8.11
CA ILE A 6 13.00 -37.27 7.11
C ILE A 6 12.11 -36.07 7.42
N LEU A 7 11.92 -35.20 6.43
CA LEU A 7 11.11 -34.00 6.60
C LEU A 7 9.81 -34.12 5.82
N LEU A 8 8.70 -33.95 6.51
CA LEU A 8 7.37 -33.87 5.90
C LEU A 8 7.00 -32.41 5.80
N GLU A 9 6.81 -31.91 4.58
CA GLU A 9 6.72 -30.49 4.32
C GLU A 9 5.27 -30.05 4.19
N LYS A 10 4.90 -29.02 4.95
CA LYS A 10 3.63 -28.30 4.80
C LYS A 10 2.42 -29.23 4.86
N VAL A 11 2.28 -29.90 6.00
CA VAL A 11 1.15 -30.76 6.26
C VAL A 11 0.02 -29.92 6.86
N ASN A 12 -1.16 -30.01 6.27
CA ASN A 12 -2.33 -29.25 6.72
C ASN A 12 -3.22 -30.14 7.57
N ILE A 13 -3.62 -29.62 8.73
CA ILE A 13 -4.48 -30.35 9.66
C ILE A 13 -5.67 -29.46 9.99
N GLU A 14 -6.86 -30.02 9.89
CA GLU A 14 -8.10 -29.30 10.15
C GLU A 14 -8.82 -29.95 11.33
N ASN A 15 -9.49 -29.11 12.12
CA ASN A 15 -10.29 -29.55 13.27
C ASN A 15 -9.44 -30.35 14.27
N ALA A 16 -8.21 -29.93 14.47
CA ALA A 16 -7.36 -30.58 15.47
C ALA A 16 -7.81 -30.18 16.87
N ASN A 17 -7.71 -31.12 17.80
CA ASN A 17 -8.11 -30.87 19.18
C ASN A 17 -7.20 -29.82 19.80
N ALA A 18 -7.80 -28.90 20.55
CA ALA A 18 -7.04 -27.76 21.06
C ALA A 18 -7.38 -27.42 22.50
N PHE A 19 -8.14 -28.26 23.19
CA PHE A 19 -8.58 -27.95 24.55
C PHE A 19 -8.00 -28.98 25.52
N ASN A 20 -6.98 -28.58 26.26
CA ASN A 20 -6.52 -29.31 27.43
C ASN A 20 -7.35 -28.87 28.63
N ASN A 21 -6.91 -29.19 29.84
CA ASN A 21 -7.68 -28.80 31.02
C ASN A 21 -7.75 -27.29 31.17
N ILE A 22 -6.61 -26.60 31.07
CA ILE A 22 -6.57 -25.15 31.26
C ILE A 22 -5.80 -24.48 30.13
N ILE A 23 -5.67 -25.14 29.00
CA ILE A 23 -4.94 -24.62 27.86
C ILE A 23 -5.82 -24.68 26.63
N VAL A 24 -5.87 -23.58 25.88
CA VAL A 24 -6.57 -23.52 24.60
C VAL A 24 -5.61 -22.99 23.55
N GLY A 25 -5.49 -23.68 22.43
CA GLY A 25 -4.56 -23.28 21.40
C GLY A 25 -3.75 -24.42 20.83
N ILE A 26 -2.43 -24.36 21.00
CA ILE A 26 -1.55 -25.40 20.47
C ILE A 26 -1.87 -26.73 21.15
N PRO A 27 -2.03 -27.82 20.42
CA PRO A 27 -2.28 -29.12 21.07
C PRO A 27 -1.06 -29.62 21.82
N ALA A 28 -1.30 -30.58 22.70
CA ALA A 28 -0.25 -31.12 23.53
C ALA A 28 0.80 -31.85 22.68
N ILE A 29 2.04 -31.85 23.17
CA ILE A 29 3.13 -32.52 22.46
C ILE A 29 2.92 -34.02 22.44
N THR A 30 2.23 -34.56 23.45
CA THR A 30 1.95 -35.98 23.48
C THR A 30 1.13 -36.42 22.27
N SER A 31 0.29 -35.54 21.73
CA SER A 31 -0.47 -35.88 20.54
C SER A 31 0.44 -36.08 19.34
N PHE A 32 1.42 -35.18 19.15
CA PHE A 32 2.37 -35.33 18.05
C PHE A 32 3.24 -36.57 18.23
N LEU A 33 3.70 -36.82 19.46
CA LEU A 33 4.52 -38.00 19.70
C LEU A 33 3.72 -39.28 19.50
N GLY A 34 2.45 -39.27 19.89
CA GLY A 34 1.59 -40.41 19.63
C GLY A 34 1.35 -40.62 18.15
N PHE A 35 1.25 -39.54 17.39
CA PHE A 35 1.12 -39.66 15.93
C PHE A 35 2.37 -40.30 15.34
N ALA A 36 3.55 -39.87 15.79
CA ALA A 36 4.79 -40.47 15.30
C ALA A 36 4.88 -41.95 15.69
N ARG A 37 4.49 -42.28 16.92
CA ARG A 37 4.51 -43.67 17.36
C ARG A 37 3.53 -44.52 16.57
N ALA A 38 2.34 -43.97 16.25
CA ALA A 38 1.38 -44.70 15.46
C ALA A 38 1.88 -44.92 14.04
N LEU A 39 2.58 -43.93 13.48
CA LEU A 39 3.20 -44.11 12.17
C LEU A 39 4.25 -45.22 12.19
N GLU A 40 5.09 -45.22 13.24
CA GLU A 40 6.10 -46.27 13.38
C GLU A 40 5.46 -47.64 13.53
N ARG A 41 4.39 -47.72 14.32
CA ARG A 41 3.68 -48.99 14.51
C ARG A 41 3.05 -49.47 13.20
N LYS A 42 2.49 -48.54 12.43
CA LYS A 42 1.88 -48.89 11.16
C LYS A 42 2.92 -49.43 10.18
N LEU A 43 4.11 -48.82 10.16
CA LEU A 43 5.16 -49.34 9.29
C LEU A 43 5.68 -50.69 9.78
N ASN A 44 5.87 -50.84 11.10
CA ASN A 44 6.42 -52.08 11.63
C ASN A 44 5.44 -53.24 11.46
N ALA A 45 4.14 -52.95 11.48
CA ALA A 45 3.16 -53.97 11.13
C ALA A 45 3.23 -54.33 9.65
N LYS A 46 3.78 -53.45 8.82
CA LYS A 46 3.97 -53.72 7.41
C LYS A 46 5.37 -54.31 7.22
N GLU A 47 5.83 -54.45 5.98
CA GLU A 47 7.12 -55.10 5.74
C GLU A 47 8.30 -54.20 6.05
N ILE A 48 8.16 -52.88 5.87
CA ILE A 48 9.27 -51.95 6.07
C ILE A 48 9.44 -51.73 7.58
N ALA A 49 10.59 -52.12 8.10
CA ALA A 49 10.87 -52.04 9.54
C ALA A 49 11.85 -50.90 9.78
N ILE A 50 11.37 -49.84 10.46
CA ILE A 50 12.19 -48.71 10.86
C ILE A 50 11.83 -48.34 12.29
N ARG A 51 12.44 -47.28 12.79
CA ARG A 51 12.15 -46.78 14.13
C ARG A 51 12.34 -45.27 14.14
N ILE A 52 11.48 -44.58 14.91
CA ILE A 52 11.48 -43.12 14.98
C ILE A 52 11.75 -42.71 16.41
N ASN A 53 12.78 -41.87 16.60
CA ASN A 53 13.11 -41.31 17.90
C ASN A 53 13.40 -39.82 17.71
N GLY A 54 12.55 -38.97 18.28
CA GLY A 54 12.76 -37.53 18.19
C GLY A 54 12.00 -36.88 17.06
N VAL A 55 11.10 -35.96 17.41
CA VAL A 55 10.27 -35.26 16.44
C VAL A 55 10.44 -33.76 16.65
N GLY A 56 10.60 -33.04 15.54
CA GLY A 56 10.68 -31.59 15.57
C GLY A 56 9.53 -30.95 14.82
N LEU A 57 8.88 -29.98 15.45
CA LEU A 57 7.67 -29.35 14.94
C LEU A 57 8.01 -27.94 14.44
N GLU A 58 7.52 -27.60 13.25
CA GLU A 58 7.78 -26.28 12.67
C GLU A 58 6.44 -25.68 12.25
N PHE A 59 5.98 -24.67 13.01
CA PHE A 59 4.72 -24.02 12.71
C PHE A 59 4.87 -23.06 11.54
N HIS A 60 3.87 -23.04 10.67
CA HIS A 60 3.82 -22.06 9.59
C HIS A 60 2.57 -21.20 9.63
N GLU A 61 1.41 -21.79 9.89
CA GLU A 61 0.15 -21.05 9.93
C GLU A 61 -0.76 -21.68 10.97
N TYR A 62 -1.70 -20.88 11.45
CA TYR A 62 -2.65 -21.34 12.46
C TYR A 62 -3.93 -20.51 12.36
N GLU A 63 -5.03 -21.11 12.84
CA GLU A 63 -6.31 -20.42 12.85
C GLU A 63 -7.21 -21.12 13.84
N LEU A 64 -7.60 -20.41 14.90
CA LEU A 64 -8.52 -20.98 15.87
C LEU A 64 -9.93 -21.02 15.29
N LYS A 65 -10.67 -22.07 15.64
CA LYS A 65 -12.04 -22.23 15.16
C LYS A 65 -12.95 -21.31 15.97
N GLY A 66 -13.42 -20.24 15.35
CA GLY A 66 -14.23 -19.24 16.02
C GLY A 66 -14.05 -17.88 15.39
N TYR A 67 -14.07 -16.83 16.20
CA TYR A 67 -13.85 -15.49 15.69
C TYR A 67 -13.22 -14.64 16.79
N LYS A 68 -12.92 -13.39 16.44
CA LYS A 68 -12.27 -12.45 17.34
C LYS A 68 -13.23 -11.32 17.68
N ASN A 69 -13.40 -11.06 18.97
CA ASN A 69 -14.28 -10.00 19.42
C ASN A 69 -13.68 -8.64 19.08
N LYS A 70 -14.52 -7.60 19.16
CA LYS A 70 -14.03 -6.24 18.97
C LYS A 70 -13.12 -5.79 20.11
N ARG A 71 -13.19 -6.46 21.26
CA ARG A 71 -12.29 -6.20 22.37
C ARG A 71 -10.98 -6.96 22.25
N GLY A 72 -10.80 -7.76 21.20
CA GLY A 72 -9.59 -8.51 20.98
C GLY A 72 -9.63 -9.93 21.48
N GLN A 73 -10.64 -10.30 22.26
CA GLN A 73 -10.73 -11.66 22.78
C GLN A 73 -11.10 -12.63 21.67
N TYR A 74 -11.00 -13.92 21.98
CA TYR A 74 -11.33 -14.99 21.05
C TYR A 74 -12.57 -15.71 21.55
N VAL A 75 -13.52 -15.97 20.65
CA VAL A 75 -14.70 -16.75 20.96
C VAL A 75 -14.68 -18.00 20.09
N THR A 76 -14.75 -19.15 20.73
CA THR A 76 -14.60 -20.44 20.06
C THR A 76 -15.96 -21.02 19.71
N SER A 77 -15.99 -21.73 18.59
CA SER A 77 -17.21 -22.36 18.09
C SER A 77 -17.08 -23.87 18.14
N CYS A 78 -18.22 -24.54 18.26
CA CYS A 78 -18.26 -25.99 18.35
C CYS A 78 -19.29 -26.53 17.36
N PRO A 79 -19.08 -27.75 16.87
CA PRO A 79 -20.10 -28.37 16.00
C PRO A 79 -21.35 -28.69 16.78
N LEU A 80 -22.46 -28.74 16.07
CA LEU A 80 -23.73 -29.06 16.71
C LEU A 80 -23.72 -30.51 17.16
N PRO A 81 -23.93 -30.79 18.44
CA PRO A 81 -23.86 -32.19 18.92
C PRO A 81 -24.95 -33.06 18.34
N GLY A 82 -24.55 -34.07 17.57
CA GLY A 82 -25.50 -34.96 16.93
C GLY A 82 -26.23 -35.87 17.89
N SER A 83 -25.51 -36.81 18.49
CA SER A 83 -26.11 -37.76 19.40
C SER A 83 -25.06 -38.23 20.40
N ILE A 84 -25.52 -38.51 21.62
CA ILE A 84 -24.62 -38.95 22.69
C ILE A 84 -25.16 -40.24 23.29
N PRO A 85 -24.36 -41.30 23.37
CA PRO A 85 -24.84 -42.56 23.94
C PRO A 85 -25.09 -42.44 25.43
N GLY A 86 -25.92 -43.36 25.93
CA GLY A 86 -26.28 -43.37 27.34
C GLY A 86 -27.70 -42.94 27.58
N GLN A 87 -27.96 -42.32 28.73
CA GLN A 87 -29.28 -41.77 29.00
C GLN A 87 -29.53 -40.56 28.11
N ASN A 88 -30.81 -40.32 27.82
CA ASN A 88 -31.25 -39.20 26.98
C ASN A 88 -30.58 -39.23 25.60
N GLU A 89 -30.45 -40.42 25.03
CA GLU A 89 -29.84 -40.60 23.72
C GLU A 89 -30.85 -40.52 22.59
N LYS A 90 -32.15 -40.43 22.89
CA LYS A 90 -33.18 -40.39 21.86
C LYS A 90 -33.68 -38.99 21.57
N LYS A 91 -33.47 -38.04 22.48
CA LYS A 91 -33.92 -36.67 22.25
C LYS A 91 -33.07 -36.00 21.17
N LEU A 92 -33.69 -35.06 20.44
CA LEU A 92 -33.01 -34.41 19.33
C LEU A 92 -31.86 -33.53 19.82
N ASP A 93 -32.07 -32.80 20.90
CA ASP A 93 -31.03 -31.90 21.41
C ASP A 93 -30.16 -32.61 22.44
N ALA A 94 -28.87 -32.32 22.40
CA ALA A 94 -27.89 -32.99 23.23
C ALA A 94 -27.08 -31.98 24.04
N HIS A 95 -26.48 -32.46 25.12
CA HIS A 95 -25.72 -31.61 26.02
C HIS A 95 -24.43 -31.15 25.36
N ILE A 96 -23.95 -29.99 25.81
CA ILE A 96 -22.75 -29.35 25.26
C ILE A 96 -21.69 -29.28 26.36
N MET A 97 -20.52 -29.85 26.07
CA MET A 97 -19.37 -29.77 26.96
C MET A 97 -18.31 -28.83 26.38
N ASN A 98 -17.25 -28.65 27.15
CA ASN A 98 -16.16 -27.77 26.74
C ASN A 98 -15.34 -28.42 25.63
N GLN A 99 -15.10 -27.68 24.56
CA GLN A 99 -14.29 -28.17 23.45
C GLN A 99 -13.78 -26.99 22.64
N ALA A 100 -12.70 -27.23 21.91
CA ALA A 100 -12.12 -26.22 21.03
C ALA A 100 -11.40 -26.92 19.89
N TYR A 101 -11.26 -26.21 18.78
CA TYR A 101 -10.68 -26.76 17.56
C TYR A 101 -9.79 -25.72 16.91
N ILE A 102 -8.89 -26.18 16.06
CA ILE A 102 -7.91 -25.31 15.43
C ILE A 102 -7.44 -25.96 14.14
N ASP A 103 -7.19 -25.13 13.12
CA ASP A 103 -6.52 -25.57 11.91
C ASP A 103 -5.08 -25.07 11.92
N LEU A 104 -4.18 -25.87 11.39
CA LEU A 104 -2.77 -25.50 11.40
C LEU A 104 -2.02 -26.21 10.29
N ASN A 105 -1.09 -25.50 9.67
CA ASN A 105 -0.23 -26.02 8.62
C ASN A 105 1.20 -26.01 9.14
N MET A 106 1.79 -27.19 9.28
CA MET A 106 3.09 -27.31 9.93
C MET A 106 3.95 -28.36 9.23
N SER A 107 5.26 -28.25 9.42
CA SER A 107 6.23 -29.20 8.91
C SER A 107 6.77 -30.05 10.05
N PHE A 108 7.12 -31.29 9.72
CA PHE A 108 7.60 -32.26 10.70
C PHE A 108 8.99 -32.74 10.33
N LEU A 109 9.82 -32.97 11.35
CA LEU A 109 11.16 -33.52 11.15
C LEU A 109 11.31 -34.75 12.03
N LEU A 110 11.50 -35.91 11.42
CA LEU A 110 11.62 -37.17 12.13
C LEU A 110 13.04 -37.69 12.04
N GLU A 111 13.64 -37.99 13.18
CA GLU A 111 14.96 -38.62 13.23
C GLU A 111 14.75 -40.12 13.20
N VAL A 112 14.84 -40.70 12.01
CA VAL A 112 14.57 -42.12 11.79
C VAL A 112 15.88 -42.87 11.74
N GLU A 113 15.91 -44.05 12.36
CA GLU A 113 17.07 -44.91 12.39
C GLU A 113 16.66 -46.33 12.01
N GLY A 114 17.63 -47.10 11.55
CA GLY A 114 17.41 -48.47 11.17
C GLY A 114 17.92 -48.77 9.78
N PRO A 115 17.80 -50.02 9.34
CA PRO A 115 18.25 -50.39 8.00
C PRO A 115 17.35 -49.84 6.92
N HIS A 116 17.93 -49.65 5.74
CA HIS A 116 17.22 -49.24 4.52
C HIS A 116 16.51 -47.90 4.71
N VAL A 117 17.29 -46.86 4.97
CA VAL A 117 16.80 -45.49 5.03
C VAL A 117 17.19 -44.84 3.71
N ASP A 118 16.22 -44.73 2.79
CA ASP A 118 16.47 -44.23 1.45
C ASP A 118 15.16 -43.72 0.87
N MET A 119 15.14 -43.49 -0.44
CA MET A 119 13.95 -42.94 -1.10
C MET A 119 12.77 -43.90 -1.03
N SER A 120 13.04 -45.20 -0.96
CA SER A 120 11.96 -46.17 -0.80
C SER A 120 11.25 -45.98 0.52
N THR A 121 11.99 -45.62 1.58
CA THR A 121 11.37 -45.33 2.86
C THR A 121 10.46 -44.10 2.78
N CYS A 122 10.89 -43.08 2.05
CA CYS A 122 10.05 -41.90 1.86
C CYS A 122 8.79 -42.25 1.08
N LYS A 123 8.92 -43.09 0.05
CA LYS A 123 7.73 -43.52 -0.69
C LYS A 123 6.78 -44.31 0.18
N SER A 124 7.33 -45.18 1.04
CA SER A 124 6.48 -45.95 1.95
C SER A 124 5.76 -45.05 2.95
N ILE A 125 6.47 -44.05 3.50
CA ILE A 125 5.84 -43.15 4.47
C ILE A 125 4.78 -42.31 3.76
N LYS A 126 5.01 -41.96 2.49
CA LYS A 126 4.04 -41.19 1.73
C LYS A 126 2.80 -42.01 1.46
N SER A 127 2.97 -43.29 1.16
CA SER A 127 1.82 -44.16 0.91
C SER A 127 1.03 -44.43 2.18
N THR A 128 1.71 -44.62 3.30
CA THR A 128 1.04 -45.04 4.53
C THR A 128 0.58 -43.87 5.40
N MET A 129 0.95 -42.63 5.07
CA MET A 129 0.52 -41.51 5.90
C MET A 129 -0.88 -41.04 5.57
N GLU A 130 -1.49 -41.55 4.50
CA GLU A 130 -2.83 -41.13 4.11
C GLU A 130 -3.93 -41.69 5.00
N THR A 131 -3.63 -42.65 5.85
CA THR A 131 -4.62 -43.29 6.71
C THR A 131 -4.36 -42.96 8.18
N LEU A 132 -3.98 -41.71 8.45
CA LEU A 132 -3.60 -41.31 9.79
C LEU A 132 -4.31 -40.02 10.16
N ARG A 133 -4.28 -39.71 11.46
CA ARG A 133 -4.84 -38.49 12.01
C ARG A 133 -3.81 -37.84 12.92
N ILE A 134 -3.85 -36.52 12.98
CA ILE A 134 -2.91 -35.74 13.80
C ILE A 134 -3.71 -35.01 14.86
N ALA A 135 -3.53 -35.43 16.12
CA ALA A 135 -4.17 -34.82 17.28
C ALA A 135 -5.68 -34.77 17.16
N GLY A 136 -6.27 -35.79 16.54
CA GLY A 136 -7.70 -35.82 16.29
C GLY A 136 -8.13 -35.09 15.04
N GLY A 137 -7.22 -34.40 14.35
CA GLY A 137 -7.55 -33.71 13.13
C GLY A 137 -7.45 -34.62 11.92
N ILE A 138 -7.69 -34.03 10.75
CA ILE A 138 -7.68 -34.75 9.48
C ILE A 138 -6.66 -34.12 8.57
N ILE A 139 -5.73 -34.94 8.06
CA ILE A 139 -4.76 -34.45 7.10
C ILE A 139 -5.43 -34.28 5.74
N ARG A 140 -5.18 -33.15 5.11
CA ARG A 140 -5.78 -32.85 3.81
C ARG A 140 -4.76 -32.78 2.69
N ASN A 141 -3.67 -32.04 2.86
CA ASN A 141 -2.68 -31.86 1.81
C ASN A 141 -1.29 -31.77 2.42
N TYR A 142 -0.29 -31.98 1.58
CA TYR A 142 1.10 -31.92 1.98
C TYR A 142 1.94 -31.43 0.81
N LYS A 143 3.08 -30.81 1.11
CA LYS A 143 3.95 -30.34 0.04
C LYS A 143 4.71 -31.51 -0.57
N LYS A 144 5.55 -32.18 0.22
CA LYS A 144 6.33 -33.33 -0.24
C LYS A 144 6.96 -34.01 0.98
N ILE A 145 7.67 -35.09 0.71
CA ILE A 145 8.48 -35.80 1.69
C ILE A 145 9.91 -35.80 1.17
N ARG A 146 10.85 -35.42 2.03
CA ARG A 146 12.24 -35.30 1.60
C ARG A 146 13.18 -35.87 2.65
N LEU A 147 14.37 -36.21 2.20
CA LEU A 147 15.42 -36.76 3.05
C LEU A 147 16.49 -35.69 3.27
N ILE A 148 16.63 -35.24 4.51
CA ILE A 148 17.42 -34.06 4.84
C ILE A 148 18.55 -34.46 5.78
N ASP A 149 19.77 -34.04 5.45
CA ASP A 149 20.91 -34.22 6.33
C ASP A 149 21.63 -32.92 6.64
N THR A 150 21.23 -31.81 6.03
CA THR A 150 21.84 -30.51 6.27
C THR A 150 20.79 -29.56 6.85
N LEU A 151 21.21 -28.76 7.83
CA LEU A 151 20.30 -27.82 8.47
C LEU A 151 19.85 -26.73 7.50
N ALA A 152 20.67 -26.43 6.48
CA ALA A 152 20.33 -25.37 5.53
C ALA A 152 19.15 -25.74 4.63
N ASP A 153 18.76 -27.01 4.57
CA ASP A 153 17.65 -27.42 3.73
C ASP A 153 16.29 -27.21 4.39
N ILE A 154 16.26 -26.86 5.68
CA ILE A 154 14.99 -26.69 6.38
C ILE A 154 14.32 -25.41 5.90
N PRO A 155 13.04 -25.44 5.53
CA PRO A 155 12.37 -24.23 5.04
C PRO A 155 12.10 -23.25 6.18
N TYR A 156 11.62 -22.08 5.79
CA TYR A 156 11.38 -21.01 6.76
C TYR A 156 10.21 -21.36 7.67
N GLY A 157 10.42 -21.22 8.97
CA GLY A 157 9.38 -21.49 9.94
C GLY A 157 9.96 -21.32 11.33
N TYR A 158 9.07 -21.38 12.32
CA TYR A 158 9.44 -21.19 13.72
C TYR A 158 9.22 -22.51 14.46
N PHE A 159 10.29 -23.06 15.02
CA PHE A 159 10.21 -24.28 15.78
C PHE A 159 9.67 -24.01 17.18
N LEU A 160 9.36 -25.09 17.90
CA LEU A 160 8.87 -25.00 19.27
C LEU A 160 9.77 -25.85 20.17
N THR A 161 10.33 -25.23 21.20
CA THR A 161 11.25 -25.88 22.12
C THR A 161 10.70 -25.81 23.54
N LEU A 162 11.52 -26.25 24.49
CA LEU A 162 11.16 -26.26 25.91
C LEU A 162 12.01 -25.24 26.65
N ARG A 163 11.35 -24.42 27.47
CA ARG A 163 12.00 -23.33 28.21
C ARG A 163 11.62 -23.39 29.68
N GLN A 164 11.77 -24.57 30.30
CA GLN A 164 11.43 -24.73 31.70
C GLN A 164 12.34 -23.94 32.63
N ASP A 165 13.52 -23.54 32.14
CA ASP A 165 14.42 -22.71 32.95
C ASP A 165 13.78 -21.36 33.26
N ASN A 166 13.08 -20.78 32.28
CA ASN A 166 12.39 -19.51 32.53
C ASN A 166 11.30 -19.68 33.58
N LEU A 167 10.63 -20.83 33.58
CA LEU A 167 9.66 -21.11 34.63
C LEU A 167 10.34 -21.22 36.00
N ASN A 168 11.48 -21.91 36.06
CA ASN A 168 12.15 -22.14 37.33
C ASN A 168 12.91 -20.91 37.84
N ASP A 169 13.11 -19.89 37.00
CA ASP A 169 13.89 -18.71 37.36
C ASP A 169 13.00 -17.51 37.67
N ALA A 170 11.87 -17.74 38.32
CA ALA A 170 10.94 -16.67 38.65
C ALA A 170 10.60 -16.73 40.13
N ALA A 171 10.07 -15.62 40.63
CA ALA A 171 9.69 -15.52 42.04
C ALA A 171 8.36 -16.23 42.28
N GLY A 172 7.97 -16.31 43.54
CA GLY A 172 6.75 -17.01 43.92
C GLY A 172 7.04 -18.39 44.45
N ASP A 173 6.33 -18.80 45.50
CA ASP A 173 6.58 -20.11 46.11
C ASP A 173 6.05 -21.23 45.22
N ASP A 174 4.76 -21.26 44.98
CA ASP A 174 4.19 -22.25 44.08
C ASP A 174 4.48 -21.88 42.62
N MET A 175 4.64 -22.91 41.78
CA MET A 175 5.08 -22.65 40.42
C MET A 175 4.00 -22.03 39.55
N LEU A 176 2.75 -21.95 40.02
CA LEU A 176 1.76 -21.17 39.28
C LEU A 176 2.12 -19.70 39.25
N ASP A 177 2.55 -19.15 40.39
CA ASP A 177 2.98 -17.76 40.42
C ASP A 177 4.22 -17.54 39.58
N LYS A 178 5.16 -18.49 39.63
CA LYS A 178 6.35 -18.41 38.80
C LYS A 178 6.00 -18.43 37.31
N MET A 179 5.07 -19.30 36.93
CA MET A 179 4.64 -19.39 35.54
C MET A 179 3.98 -18.08 35.09
N ILE A 180 3.09 -17.55 35.93
CA ILE A 180 2.39 -16.30 35.59
C ILE A 180 3.38 -15.16 35.45
N HIS A 181 4.31 -15.04 36.40
CA HIS A 181 5.29 -13.96 36.37
C HIS A 181 6.19 -14.09 35.15
N ALA A 182 6.66 -15.31 34.86
CA ALA A 182 7.52 -15.51 33.70
C ALA A 182 6.78 -15.20 32.40
N LEU A 183 5.48 -15.49 32.35
CA LEU A 183 4.68 -15.07 31.20
C LEU A 183 4.58 -13.56 31.11
N GLN A 184 4.54 -12.88 32.26
CA GLN A 184 4.49 -11.42 32.24
C GLN A 184 5.80 -10.82 31.73
N GLN A 185 6.94 -11.40 32.09
CA GLN A 185 8.22 -10.85 31.62
C GLN A 185 8.37 -11.00 30.12
N GLU A 186 8.12 -12.20 29.59
CA GLU A 186 8.36 -12.48 28.18
C GLU A 186 7.06 -12.82 27.47
N ASP A 187 6.80 -12.13 26.37
CA ASP A 187 5.59 -12.36 25.59
C ASP A 187 5.71 -13.54 24.63
N THR A 188 6.93 -14.02 24.38
CA THR A 188 7.11 -15.15 23.47
C THR A 188 6.67 -16.46 24.12
N LEU A 189 6.91 -16.60 25.42
CA LEU A 189 6.65 -17.85 26.13
C LEU A 189 5.16 -18.17 26.16
N VAL A 190 4.83 -19.44 25.95
CA VAL A 190 3.44 -19.91 25.99
C VAL A 190 3.38 -21.18 26.82
N PRO A 191 2.27 -21.44 27.53
CA PRO A 191 2.17 -22.69 28.29
C PRO A 191 1.68 -23.84 27.42
N ILE A 192 2.36 -24.97 27.55
CA ILE A 192 2.04 -26.16 26.75
C ILE A 192 2.02 -27.38 27.66
N ALA A 193 1.23 -28.38 27.27
CA ALA A 193 1.21 -29.65 27.97
C ALA A 193 2.29 -30.57 27.43
N VAL A 194 2.98 -31.25 28.33
CA VAL A 194 4.20 -31.97 27.96
C VAL A 194 4.19 -33.42 28.43
N GLY A 195 3.16 -33.83 29.16
CA GLY A 195 3.11 -35.20 29.61
C GLY A 195 2.05 -35.42 30.67
N PHE A 196 2.20 -36.54 31.39
CA PHE A 196 1.25 -36.95 32.41
C PHE A 196 1.99 -37.40 33.66
N LYS A 197 1.42 -37.10 34.82
CA LYS A 197 1.91 -37.61 36.09
C LYS A 197 1.20 -38.91 36.42
N ALA A 198 1.34 -39.39 37.66
CA ALA A 198 0.66 -40.59 38.12
C ALA A 198 -0.10 -40.27 39.38
N LEU A 199 -1.37 -40.69 39.43
CA LEU A 199 -2.23 -40.45 40.58
C LEU A 199 -2.69 -41.72 41.26
N SER A 200 -2.26 -42.88 40.77
CA SER A 200 -2.65 -44.16 41.35
C SER A 200 -1.52 -45.15 41.13
N GLU A 201 -1.82 -46.43 41.30
CA GLU A 201 -0.85 -47.50 41.12
C GLU A 201 -1.23 -48.35 39.91
N VAL A 202 -0.23 -49.07 39.38
CA VAL A 202 -0.44 -49.91 38.22
C VAL A 202 -1.32 -51.09 38.62
N GLY A 203 -2.37 -51.32 37.85
CA GLY A 203 -3.28 -52.41 38.15
C GLY A 203 -4.25 -52.67 37.02
N HIS A 204 -5.34 -53.34 37.36
CA HIS A 204 -6.38 -53.69 36.40
C HIS A 204 -7.73 -53.27 36.95
N VAL A 205 -8.60 -52.76 36.07
CA VAL A 205 -9.92 -52.29 36.43
C VAL A 205 -10.93 -52.88 35.47
N GLU A 206 -12.19 -52.87 35.89
CA GLU A 206 -13.28 -53.41 35.09
C GLU A 206 -13.73 -52.38 34.07
N GLY A 207 -13.35 -52.58 32.81
CA GLY A 207 -13.74 -51.69 31.74
C GLY A 207 -12.63 -50.74 31.33
N GLN A 208 -12.00 -51.02 30.20
CA GLN A 208 -10.93 -50.18 29.68
C GLN A 208 -10.81 -50.41 28.18
N ARG A 209 -9.93 -49.61 27.55
CA ARG A 209 -9.74 -49.72 26.11
C ARG A 209 -9.16 -51.07 25.72
N ASP A 210 -8.29 -51.63 26.54
CA ASP A 210 -7.71 -52.95 26.28
C ASP A 210 -7.32 -53.60 27.60
N PRO A 211 -7.95 -54.72 27.97
CA PRO A 211 -7.73 -55.35 29.27
C PRO A 211 -6.52 -56.29 29.30
N GLU A 212 -5.41 -55.84 28.73
CA GLU A 212 -4.18 -56.63 28.74
C GLU A 212 -3.02 -55.77 29.25
N LYS A 213 -3.08 -54.47 29.02
CA LYS A 213 -2.00 -53.57 29.38
C LYS A 213 -2.09 -53.21 30.86
N ASP A 214 -1.31 -52.22 31.29
CA ASP A 214 -1.27 -51.79 32.67
C ASP A 214 -2.04 -50.48 32.80
N HIS A 215 -3.00 -50.44 33.71
CA HIS A 215 -3.86 -49.28 33.91
C HIS A 215 -3.29 -48.37 34.97
N CYS A 216 -3.39 -47.06 34.74
CA CYS A 216 -2.91 -46.07 35.72
C CYS A 216 -3.61 -44.76 35.47
N PHE A 217 -4.31 -44.24 36.48
CA PHE A 217 -4.93 -42.93 36.37
C PHE A 217 -3.87 -41.84 36.42
N VAL A 218 -3.95 -40.90 35.48
CA VAL A 218 -2.93 -39.88 35.29
C VAL A 218 -3.56 -38.49 35.39
N GLU A 219 -2.70 -37.48 35.34
CA GLU A 219 -3.08 -36.06 35.33
C GLU A 219 -2.40 -35.44 34.12
N SER A 220 -2.64 -34.17 33.83
CA SER A 220 -1.98 -33.46 32.74
C SER A 220 -0.86 -32.61 33.30
N ILE A 221 0.31 -32.68 32.66
CA ILE A 221 1.50 -31.97 33.10
C ILE A 221 1.73 -30.77 32.18
N PHE A 222 1.86 -29.58 32.77
CA PHE A 222 2.01 -28.35 32.03
C PHE A 222 3.37 -27.72 32.30
N SER A 223 3.93 -27.08 31.28
CA SER A 223 5.19 -26.37 31.38
C SER A 223 5.15 -25.20 30.40
N LEU A 224 6.30 -24.59 30.16
CA LEU A 224 6.42 -23.45 29.26
C LEU A 224 7.15 -23.85 27.99
N GLY A 225 7.04 -22.99 26.98
CA GLY A 225 7.73 -23.23 25.72
C GLY A 225 7.86 -21.95 24.94
N GLY A 226 8.73 -21.97 23.93
CA GLY A 226 9.01 -20.79 23.15
C GLY A 226 9.15 -21.13 21.68
N PHE A 227 9.18 -20.08 20.87
CA PHE A 227 9.27 -20.20 19.42
C PHE A 227 10.60 -19.62 18.94
N GLU A 228 11.34 -20.43 18.19
CA GLU A 228 12.63 -20.03 17.63
C GLU A 228 12.61 -20.19 16.11
N CYS A 229 13.13 -19.20 15.42
CA CYS A 229 13.17 -19.25 13.96
C CYS A 229 14.12 -20.33 13.47
N SER A 230 13.84 -20.85 12.28
CA SER A 230 14.68 -21.91 11.72
C SER A 230 16.02 -21.35 11.26
N LYS A 231 16.04 -20.14 10.70
CA LYS A 231 17.28 -19.57 10.20
C LYS A 231 18.24 -19.20 11.32
N ILE A 232 17.75 -19.01 12.54
CA ILE A 232 18.60 -18.69 13.67
C ILE A 232 18.65 -19.88 14.66
N LEU A 233 18.35 -21.07 14.17
CA LEU A 233 18.40 -22.26 15.03
C LEU A 233 19.85 -22.61 15.34
N GLU A 234 20.09 -23.07 16.57
CA GLU A 234 21.44 -23.37 17.01
C GLU A 234 21.95 -24.66 16.36
N ASP A 235 21.23 -25.76 16.58
CA ASP A 235 21.64 -27.04 16.02
C ASP A 235 20.41 -27.92 15.79
N ILE A 236 20.58 -28.92 14.94
CA ILE A 236 19.47 -29.80 14.59
C ILE A 236 19.03 -30.62 15.81
N ASN A 237 19.99 -31.12 16.58
CA ASN A 237 19.66 -31.98 17.71
C ASN A 237 18.95 -31.22 18.82
N SER A 238 19.20 -29.92 18.95
CA SER A 238 18.54 -29.13 20.00
C SER A 238 17.23 -28.52 19.51
N CYS A 239 16.42 -29.34 18.86
CA CYS A 239 15.04 -28.97 18.55
C CYS A 239 14.08 -30.14 18.61
N LEU A 240 14.54 -31.33 19.00
CA LEU A 240 13.74 -32.54 18.90
C LEU A 240 12.97 -32.79 20.19
N TRP A 241 11.89 -33.55 20.08
CA TRP A 241 11.08 -33.96 21.22
C TRP A 241 11.08 -35.47 21.30
N ARG A 242 11.42 -36.00 22.48
CA ARG A 242 11.51 -37.44 22.66
C ARG A 242 10.92 -37.83 24.01
N TYR A 243 10.57 -39.10 24.13
CA TYR A 243 9.93 -39.62 25.32
C TYR A 243 10.89 -39.67 26.50
N LYS A 244 10.32 -39.78 27.69
CA LYS A 244 11.09 -39.90 28.93
C LYS A 244 10.20 -40.55 29.98
N THR A 245 10.64 -41.70 30.49
CA THR A 245 9.84 -42.49 31.41
C THR A 245 10.55 -42.60 32.76
N GLU A 246 9.81 -42.32 33.82
CA GLU A 246 10.29 -42.39 35.19
C GLU A 246 9.19 -43.03 36.03
N GLU A 247 9.30 -42.89 37.35
CA GLU A 247 8.32 -43.49 38.27
C GLU A 247 7.00 -42.73 38.14
N GLY A 248 6.22 -43.12 37.14
CA GLY A 248 4.95 -42.46 36.86
C GLY A 248 5.10 -41.03 36.37
N LEU A 249 6.15 -40.76 35.59
CA LEU A 249 6.45 -39.43 35.09
C LEU A 249 6.63 -39.46 33.57
N TYR A 250 5.65 -40.05 32.88
CA TYR A 250 5.65 -40.06 31.42
C TYR A 250 5.69 -38.63 30.88
N LEU A 251 6.76 -38.28 30.15
CA LEU A 251 6.96 -36.89 29.78
C LEU A 251 7.66 -36.84 28.42
N CYS A 252 7.58 -35.69 27.78
CA CYS A 252 8.32 -35.40 26.56
C CYS A 252 9.31 -34.28 26.81
N THR A 253 10.53 -34.44 26.32
CA THR A 253 11.58 -33.46 26.56
C THR A 253 12.40 -33.29 25.29
N ILE A 254 13.54 -32.62 25.41
CA ILE A 254 14.43 -32.35 24.28
C ILE A 254 15.71 -33.17 24.39
N ILE A 255 16.46 -32.99 25.48
CA ILE A 255 17.72 -33.71 25.74
C ILE A 255 18.71 -33.54 24.59
N MET B 1 41.09 -40.70 -47.64
CA MET B 1 40.50 -39.37 -47.52
C MET B 1 41.51 -38.37 -46.96
N PHE B 2 42.31 -37.79 -47.85
CA PHE B 2 43.29 -36.79 -47.46
C PHE B 2 42.57 -35.49 -47.08
N SER B 3 43.15 -34.77 -46.11
CA SER B 3 42.52 -33.59 -45.54
C SER B 3 43.50 -32.44 -45.46
N GLN B 4 42.97 -31.22 -45.59
CA GLN B 4 43.76 -30.00 -45.48
C GLN B 4 43.01 -29.03 -44.57
N ILE B 5 43.72 -28.48 -43.58
CA ILE B 5 43.10 -27.76 -42.47
C ILE B 5 43.44 -26.28 -42.59
N LEU B 6 42.41 -25.42 -42.50
CA LEU B 6 42.58 -23.98 -42.50
C LEU B 6 42.00 -23.41 -41.21
N ILE B 7 42.68 -22.40 -40.65
CA ILE B 7 42.32 -21.81 -39.37
C ILE B 7 42.04 -20.33 -39.58
N ILE B 8 40.97 -19.84 -38.95
CA ILE B 8 40.68 -18.41 -38.94
C ILE B 8 41.37 -17.80 -37.72
N LYS B 9 42.27 -16.85 -37.97
CA LYS B 9 43.06 -16.30 -36.88
C LYS B 9 42.18 -15.48 -35.94
N PRO B 10 42.12 -15.79 -34.66
CA PRO B 10 41.30 -15.02 -33.73
C PRO B 10 42.01 -13.77 -33.23
N GLY B 11 41.20 -12.80 -32.83
CA GLY B 11 41.71 -11.54 -32.34
C GLY B 11 41.81 -10.43 -33.36
N THR B 12 41.23 -10.60 -34.55
CA THR B 12 41.25 -9.59 -35.59
C THR B 12 39.99 -8.73 -35.59
N GLY B 13 39.05 -8.96 -34.66
CA GLY B 13 37.85 -8.16 -34.59
C GLY B 13 36.71 -8.68 -35.46
N ILE B 14 37.04 -9.06 -36.70
CA ILE B 14 36.02 -9.54 -37.62
C ILE B 14 35.56 -10.93 -37.22
N SER B 15 34.25 -11.16 -37.28
CA SER B 15 33.71 -12.48 -37.00
C SER B 15 34.14 -13.47 -38.09
N PRO B 16 34.35 -14.73 -37.73
CA PRO B 16 34.82 -15.70 -38.73
C PRO B 16 33.84 -15.95 -39.85
N ASN B 17 32.53 -15.71 -39.64
CA ASN B 17 31.55 -15.97 -40.68
C ASN B 17 31.76 -15.06 -41.88
N ILE B 18 32.10 -13.79 -41.63
CA ILE B 18 32.35 -12.85 -42.72
C ILE B 18 33.56 -13.28 -43.53
N ILE B 19 34.62 -13.73 -42.83
CA ILE B 19 35.82 -14.17 -43.54
C ILE B 19 35.55 -15.45 -44.32
N ILE B 20 34.71 -16.33 -43.78
CA ILE B 20 34.37 -17.57 -44.48
C ILE B 20 33.58 -17.27 -45.74
N SER B 21 32.59 -16.39 -45.63
CA SER B 21 31.68 -16.11 -46.74
C SER B 21 32.14 -14.97 -47.62
N GLU B 22 33.32 -14.42 -47.39
CA GLU B 22 33.83 -13.30 -48.17
C GLU B 22 34.97 -13.68 -49.09
N ASP B 23 36.02 -14.34 -48.57
CA ASP B 23 37.17 -14.68 -49.39
C ASP B 23 37.67 -16.10 -49.16
N ILE B 24 36.81 -17.02 -48.73
CA ILE B 24 37.19 -18.42 -48.60
C ILE B 24 36.22 -19.27 -49.42
N PHE B 25 34.93 -19.12 -49.15
CA PHE B 25 33.93 -19.86 -49.91
C PHE B 25 33.92 -19.54 -51.40
N PRO B 26 33.98 -18.29 -51.86
CA PRO B 26 33.96 -18.06 -53.32
C PRO B 26 35.17 -18.64 -54.04
N VAL B 27 36.37 -18.46 -53.49
CA VAL B 27 37.57 -18.99 -54.15
C VAL B 27 37.58 -20.51 -54.08
N LEU B 28 37.12 -21.08 -52.97
CA LEU B 28 37.02 -22.54 -52.87
C LEU B 28 36.04 -23.08 -53.91
N HIS B 29 34.91 -22.40 -54.10
CA HIS B 29 33.97 -22.79 -55.14
C HIS B 29 34.60 -22.67 -56.53
N SER B 30 35.39 -21.63 -56.75
CA SER B 30 36.02 -21.44 -58.05
C SER B 30 36.95 -22.60 -58.39
N LEU B 31 37.83 -22.99 -57.46
CA LEU B 31 38.70 -24.13 -57.75
C LEU B 31 37.95 -25.46 -57.69
N PHE B 32 36.81 -25.53 -56.99
CA PHE B 32 36.04 -26.77 -57.01
C PHE B 32 35.43 -27.02 -58.38
N VAL B 33 34.82 -25.99 -58.99
CA VAL B 33 34.32 -26.14 -60.35
C VAL B 33 35.48 -26.29 -61.32
N GLU B 34 36.60 -25.60 -61.07
CA GLU B 34 37.74 -25.70 -61.96
C GLU B 34 38.42 -27.07 -61.93
N HIS B 35 38.34 -27.78 -60.81
CA HIS B 35 39.00 -29.08 -60.67
C HIS B 35 37.99 -30.21 -60.62
N ASP B 36 36.93 -30.07 -61.43
CA ASP B 36 35.96 -31.11 -61.82
C ASP B 36 35.57 -32.07 -60.68
N LYS B 37 34.99 -31.48 -59.63
CA LYS B 37 34.11 -32.18 -58.69
C LYS B 37 34.81 -33.36 -58.01
N LYS B 38 35.83 -33.03 -57.21
CA LYS B 38 36.54 -34.06 -56.48
C LYS B 38 36.93 -33.63 -55.07
N PHE B 39 36.16 -32.73 -54.46
CA PHE B 39 36.52 -32.19 -53.15
C PHE B 39 35.28 -31.95 -52.31
N GLY B 40 35.48 -31.89 -51.00
CA GLY B 40 34.41 -31.63 -50.07
C GLY B 40 34.89 -30.73 -48.94
N ILE B 41 33.92 -30.21 -48.18
CA ILE B 41 34.18 -29.24 -47.12
C ILE B 41 33.56 -29.74 -45.82
N THR B 42 34.31 -29.69 -44.73
CA THR B 42 33.79 -30.02 -43.41
C THR B 42 34.25 -28.99 -42.41
N PHE B 43 33.50 -28.88 -41.31
CA PHE B 43 33.72 -27.89 -40.26
C PHE B 43 33.91 -28.62 -38.94
N PRO B 44 35.15 -28.86 -38.52
CA PRO B 44 35.42 -29.58 -37.28
C PRO B 44 35.25 -28.73 -36.02
N ALA B 45 34.16 -27.96 -35.98
CA ALA B 45 33.88 -27.15 -34.79
C ALA B 45 32.39 -27.02 -34.51
N TYR B 46 31.53 -27.79 -35.17
CA TYR B 46 30.09 -27.57 -35.07
C TYR B 46 29.58 -27.97 -33.70
N SER B 47 28.96 -27.02 -33.02
CA SER B 47 28.15 -27.28 -31.84
C SER B 47 26.72 -26.82 -32.13
N PHE B 48 25.75 -27.58 -31.63
CA PHE B 48 24.35 -27.26 -31.91
C PHE B 48 23.58 -27.27 -30.59
N ASP B 49 23.25 -26.09 -30.10
CA ASP B 49 22.36 -25.94 -28.95
C ASP B 49 21.09 -25.18 -29.29
N LYS B 50 21.21 -24.06 -30.01
CA LYS B 50 20.05 -23.34 -30.50
C LYS B 50 20.20 -22.86 -31.94
N LYS B 51 21.41 -22.85 -32.50
CA LYS B 51 21.63 -22.37 -33.86
C LYS B 51 22.94 -22.96 -34.36
N GLY B 52 23.27 -22.63 -35.61
CA GLY B 52 24.53 -23.10 -36.17
C GLY B 52 25.72 -22.40 -35.56
N HIS B 53 26.77 -23.16 -35.29
CA HIS B 53 27.99 -22.66 -34.66
C HIS B 53 29.21 -23.16 -35.43
N LEU B 54 29.20 -22.93 -36.75
CA LEU B 54 30.24 -23.35 -37.69
C LEU B 54 31.66 -23.20 -37.15
N GLY B 55 31.91 -22.12 -36.42
CA GLY B 55 33.13 -22.03 -35.63
C GLY B 55 34.35 -21.49 -36.34
N ASN B 56 35.52 -22.01 -35.96
CA ASN B 56 36.80 -21.49 -36.40
C ASN B 56 37.46 -22.34 -37.47
N ILE B 57 37.64 -23.63 -37.21
CA ILE B 57 38.41 -24.51 -38.08
C ILE B 57 37.58 -24.88 -39.31
N ILE B 58 38.24 -24.98 -40.46
CA ILE B 58 37.63 -25.53 -41.66
C ILE B 58 38.58 -26.57 -42.24
N GLU B 59 38.01 -27.49 -43.02
CA GLU B 59 38.82 -28.55 -43.60
C GLU B 59 38.28 -28.89 -44.99
N VAL B 60 39.18 -29.09 -45.93
CA VAL B 60 38.85 -29.53 -47.28
C VAL B 60 39.38 -30.93 -47.49
N LEU B 61 38.52 -31.82 -47.97
CA LEU B 61 38.79 -33.25 -48.07
C LEU B 61 38.80 -33.67 -49.52
N SER B 62 39.70 -34.59 -49.85
CA SER B 62 39.80 -35.12 -51.21
C SER B 62 40.13 -36.60 -51.15
N GLU B 63 39.69 -37.34 -52.17
CA GLU B 63 40.01 -38.76 -52.23
C GLU B 63 41.50 -38.98 -52.54
N ASP B 64 42.07 -38.14 -53.39
CA ASP B 64 43.47 -38.27 -53.77
C ASP B 64 44.34 -37.33 -52.93
N LYS B 65 45.65 -37.47 -53.10
CA LYS B 65 46.63 -36.56 -52.53
C LYS B 65 47.19 -35.61 -53.57
N GLU B 66 47.41 -36.10 -54.79
CA GLU B 66 47.91 -35.23 -55.86
C GLU B 66 46.86 -34.19 -56.26
N ALA B 67 45.58 -34.48 -56.03
CA ALA B 67 44.55 -33.47 -56.28
C ALA B 67 44.69 -32.30 -55.32
N LEU B 68 44.91 -32.59 -54.04
CA LEU B 68 45.13 -31.52 -53.06
C LEU B 68 46.45 -30.80 -53.34
N ALA B 69 47.46 -31.54 -53.80
CA ALA B 69 48.73 -30.90 -54.15
C ALA B 69 48.56 -29.95 -55.34
N SER B 70 47.78 -30.35 -56.34
CA SER B 70 47.55 -29.51 -57.50
C SER B 70 46.56 -28.39 -57.22
N LEU B 71 45.81 -28.49 -56.11
CA LEU B 71 44.92 -27.40 -55.74
C LEU B 71 45.70 -26.11 -55.45
N CYS B 72 46.82 -26.25 -54.74
CA CYS B 72 47.77 -25.15 -54.49
C CYS B 72 47.07 -23.97 -53.79
N LEU B 73 46.56 -24.26 -52.60
CA LEU B 73 45.88 -23.23 -51.81
C LEU B 73 46.83 -22.19 -51.24
N GLU B 74 48.14 -22.43 -51.29
CA GLU B 74 49.10 -21.49 -50.72
C GLU B 74 49.14 -20.19 -51.51
N GLU B 75 49.26 -20.28 -52.84
CA GLU B 75 49.37 -19.08 -53.65
C GLU B 75 48.02 -18.39 -53.84
N HIS B 76 46.94 -19.18 -53.95
CA HIS B 76 45.63 -18.59 -54.19
C HIS B 76 45.12 -17.81 -52.98
N LEU B 77 45.50 -18.22 -51.78
CA LEU B 77 45.10 -17.54 -50.55
C LEU B 77 46.20 -16.64 -50.00
N ALA B 78 47.24 -16.36 -50.78
CA ALA B 78 48.33 -15.51 -50.30
C ALA B 78 48.00 -14.04 -50.46
N GLU B 79 46.82 -13.63 -50.00
CA GLU B 79 46.43 -12.23 -49.94
C GLU B 79 45.74 -11.86 -48.63
N VAL B 80 45.22 -12.83 -47.88
CA VAL B 80 44.51 -12.57 -46.64
C VAL B 80 45.25 -13.32 -45.53
N THR B 81 46.57 -13.46 -45.72
CA THR B 81 47.39 -14.27 -44.82
C THR B 81 47.40 -13.77 -43.39
N ASP B 82 47.09 -12.49 -43.18
CA ASP B 82 47.00 -11.95 -41.82
C ASP B 82 45.68 -12.27 -41.15
N TYR B 83 44.73 -12.89 -41.86
CA TYR B 83 43.46 -13.30 -41.28
C TYR B 83 43.25 -14.81 -41.27
N VAL B 84 43.83 -15.54 -42.22
CA VAL B 84 43.69 -16.99 -42.28
C VAL B 84 45.07 -17.63 -42.18
N LYS B 85 45.08 -18.90 -41.79
CA LYS B 85 46.30 -19.68 -41.66
C LYS B 85 46.11 -21.00 -42.41
N VAL B 86 47.04 -21.28 -43.32
CA VAL B 86 47.01 -22.48 -44.15
C VAL B 86 48.28 -23.28 -43.86
N LYS B 87 48.11 -24.57 -43.56
CA LYS B 87 49.21 -25.45 -43.21
C LYS B 87 49.47 -26.44 -44.34
N LYS B 88 50.74 -26.60 -44.71
CA LYS B 88 51.12 -27.52 -45.77
C LYS B 88 51.50 -28.90 -45.21
N GLU B 89 50.60 -29.43 -44.38
CA GLU B 89 50.75 -30.73 -43.73
C GLU B 89 49.54 -31.62 -44.01
N ILE B 90 49.23 -31.81 -45.30
CA ILE B 90 48.19 -32.77 -45.68
C ILE B 90 48.57 -34.15 -45.17
N THR B 91 47.75 -34.69 -44.27
CA THR B 91 47.92 -36.04 -43.77
C THR B 91 46.70 -36.88 -44.08
N PHE B 92 46.68 -38.08 -43.51
CA PHE B 92 45.56 -39.01 -43.66
C PHE B 92 44.76 -39.05 -42.37
N THR B 93 43.45 -38.89 -42.47
CA THR B 93 42.57 -38.96 -41.31
C THR B 93 41.43 -39.92 -41.59
N ASP B 94 40.85 -40.45 -40.51
CA ASP B 94 39.79 -41.44 -40.59
C ASP B 94 38.67 -41.16 -39.60
N ASP B 95 38.48 -39.89 -39.23
CA ASP B 95 37.46 -39.50 -38.25
C ASP B 95 36.72 -38.26 -38.72
N TYR B 96 36.38 -38.22 -40.00
CA TYR B 96 35.74 -37.06 -40.59
C TYR B 96 34.22 -37.12 -40.43
N VAL B 97 33.60 -35.94 -40.43
CA VAL B 97 32.15 -35.81 -40.39
C VAL B 97 31.73 -34.96 -41.58
N LEU B 98 30.82 -35.49 -42.40
CA LEU B 98 30.39 -34.81 -43.61
C LEU B 98 29.12 -34.01 -43.36
N PHE B 99 28.90 -33.00 -44.20
CA PHE B 99 27.78 -32.09 -44.08
C PHE B 99 26.97 -32.09 -45.36
N LYS B 100 25.65 -32.11 -45.23
CA LYS B 100 24.72 -32.11 -46.34
C LYS B 100 23.93 -30.80 -46.36
N ARG B 101 23.70 -30.27 -47.55
CA ARG B 101 22.88 -29.08 -47.72
C ARG B 101 21.41 -29.43 -47.57
N ILE B 102 20.71 -28.65 -46.75
CA ILE B 102 19.26 -28.71 -46.66
C ILE B 102 18.69 -27.52 -47.42
N ARG B 103 17.52 -27.72 -48.02
CA ARG B 103 16.93 -26.75 -48.93
C ARG B 103 15.87 -25.92 -48.21
N GLU B 104 15.88 -24.62 -48.47
CA GLU B 104 14.90 -23.72 -47.87
C GLU B 104 13.63 -23.71 -48.72
N GLU B 105 12.72 -22.79 -48.44
CA GLU B 105 11.50 -22.63 -49.21
C GLU B 105 11.33 -21.17 -49.59
N ASN B 106 10.92 -20.93 -50.83
CA ASN B 106 10.77 -19.58 -51.34
C ASN B 106 9.61 -18.87 -50.66
N GLN B 107 9.56 -17.56 -50.81
CA GLN B 107 8.57 -16.74 -50.13
C GLN B 107 7.23 -16.82 -50.86
N TYR B 108 6.30 -15.93 -50.48
CA TYR B 108 4.94 -15.97 -51.01
C TYR B 108 4.90 -15.72 -52.51
N GLU B 109 5.67 -14.73 -52.98
CA GLU B 109 5.51 -14.26 -54.35
C GLU B 109 5.99 -15.28 -55.37
N THR B 110 7.20 -15.84 -55.16
CA THR B 110 7.74 -16.79 -56.11
C THR B 110 6.92 -18.07 -56.14
N THR B 111 6.51 -18.57 -54.97
CA THR B 111 5.69 -19.77 -54.91
C THR B 111 4.34 -19.53 -55.57
N ALA B 112 3.75 -18.36 -55.35
CA ALA B 112 2.48 -18.03 -55.99
C ALA B 112 2.61 -17.96 -57.51
N ARG B 113 3.69 -17.36 -58.00
CA ARG B 113 3.92 -17.30 -59.45
C ARG B 113 4.10 -18.69 -60.03
N ARG B 114 4.88 -19.54 -59.36
CA ARG B 114 5.08 -20.92 -59.82
C ARG B 114 3.76 -21.68 -59.82
N MET B 115 2.92 -21.45 -58.81
CA MET B 115 1.63 -22.11 -58.76
C MET B 115 0.71 -21.65 -59.88
N ARG B 116 0.70 -20.34 -60.17
CA ARG B 116 -0.12 -19.86 -61.29
C ARG B 116 0.36 -20.40 -62.62
N LYS B 117 1.68 -20.51 -62.79
CA LYS B 117 2.21 -21.11 -64.01
C LYS B 117 1.80 -22.57 -64.13
N ARG B 118 1.84 -23.30 -63.02
CA ARG B 118 1.47 -24.71 -62.99
C ARG B 118 -0.04 -24.83 -62.74
N GLY B 119 -0.49 -26.02 -62.36
CA GLY B 119 -1.91 -26.29 -62.14
C GLY B 119 -2.45 -25.61 -60.90
N HIS B 120 -2.61 -24.30 -60.98
CA HIS B 120 -3.01 -23.44 -59.86
C HIS B 120 -4.27 -23.96 -59.18
N THR B 121 -4.13 -24.27 -57.89
CA THR B 121 -5.26 -24.66 -57.04
C THR B 121 -5.67 -23.54 -56.09
N GLU B 122 -4.94 -22.42 -56.09
CA GLU B 122 -5.26 -21.15 -55.40
C GLU B 122 -5.81 -21.35 -53.99
N LEU B 123 -5.01 -21.97 -53.15
CA LEU B 123 -5.29 -22.00 -51.71
C LEU B 123 -4.45 -20.93 -51.02
N GLY B 124 -4.83 -19.67 -51.28
CA GLY B 124 -3.98 -18.55 -50.92
C GLY B 124 -3.79 -18.37 -49.42
N ARG B 125 -4.87 -18.48 -48.65
CA ARG B 125 -4.80 -18.21 -47.22
C ARG B 125 -3.89 -19.17 -46.46
N PRO B 126 -3.98 -20.48 -46.58
CA PRO B 126 -3.08 -21.36 -45.81
C PRO B 126 -1.83 -21.85 -46.54
N LEU B 127 -1.54 -21.36 -47.74
CA LEU B 127 -0.36 -21.83 -48.47
C LEU B 127 0.91 -21.42 -47.76
N GLU B 128 1.02 -20.14 -47.38
CA GLU B 128 2.21 -19.64 -46.70
C GLU B 128 2.48 -20.40 -45.42
N MET B 129 1.41 -20.76 -44.71
CA MET B 129 1.54 -21.58 -43.51
C MET B 129 2.35 -22.83 -43.80
N HIS B 130 1.99 -23.52 -44.89
CA HIS B 130 2.66 -24.76 -45.26
C HIS B 130 4.16 -24.57 -45.44
N ILE B 131 4.57 -23.40 -45.93
CA ILE B 131 6.01 -23.19 -46.09
C ILE B 131 6.62 -22.64 -44.81
N LYS B 132 5.86 -21.83 -44.07
CA LYS B 132 6.45 -21.10 -42.95
C LYS B 132 6.92 -22.06 -41.87
N LYS B 133 6.10 -23.07 -41.58
CA LYS B 133 6.50 -24.14 -40.66
C LYS B 133 7.84 -24.73 -41.05
N LYS B 134 7.99 -25.07 -42.33
CA LYS B 134 9.25 -25.64 -42.79
C LYS B 134 10.39 -24.65 -42.57
N ASN B 135 10.15 -23.37 -42.89
CA ASN B 135 11.18 -22.37 -42.70
C ASN B 135 11.59 -22.26 -41.24
N GLN B 136 10.65 -22.50 -40.32
CA GLN B 136 10.95 -22.37 -38.90
C GLN B 136 11.96 -23.42 -38.44
N GLN B 137 12.23 -24.44 -39.26
CA GLN B 137 13.36 -25.31 -39.00
C GLN B 137 14.62 -24.81 -39.73
N ILE B 138 14.48 -24.45 -41.00
CA ILE B 138 15.63 -24.15 -41.84
C ILE B 138 16.23 -22.80 -41.45
N PHE B 139 15.57 -22.10 -40.54
CA PHE B 139 16.08 -20.84 -40.02
C PHE B 139 16.84 -21.00 -38.72
N CYS B 140 17.04 -22.22 -38.24
CA CYS B 140 17.91 -22.44 -37.08
C CYS B 140 19.03 -23.41 -37.42
N HIS B 141 19.67 -23.20 -38.56
CA HIS B 141 20.80 -24.02 -39.00
C HIS B 141 21.95 -23.11 -39.42
N ALA B 142 23.14 -23.69 -39.44
CA ALA B 142 24.31 -22.98 -39.92
C ALA B 142 24.16 -22.68 -41.41
N TYR B 143 24.59 -21.50 -41.81
CA TYR B 143 24.42 -21.06 -43.19
C TYR B 143 25.60 -20.21 -43.63
N ILE B 144 25.69 -20.03 -44.94
CA ILE B 144 26.74 -19.24 -45.58
C ILE B 144 26.09 -18.37 -46.65
N LYS B 145 26.40 -17.08 -46.64
CA LYS B 145 25.96 -16.17 -47.69
C LYS B 145 26.90 -16.27 -48.89
N VAL B 146 26.34 -16.09 -50.07
CA VAL B 146 27.11 -16.20 -51.30
C VAL B 146 26.45 -15.33 -52.37
N LYS B 147 27.27 -14.58 -53.10
CA LYS B 147 26.81 -13.77 -54.22
C LYS B 147 26.94 -14.59 -55.50
N SER B 148 25.80 -14.93 -56.10
CA SER B 148 25.80 -15.75 -57.30
C SER B 148 26.24 -14.91 -58.49
N ALA B 149 27.38 -15.26 -59.07
CA ALA B 149 27.90 -14.48 -60.19
C ALA B 149 27.11 -14.74 -61.47
N SER B 150 26.68 -15.99 -61.69
CA SER B 150 25.99 -16.33 -62.93
C SER B 150 24.62 -15.68 -63.01
N THR B 151 23.87 -15.70 -61.92
CA THR B 151 22.51 -15.17 -61.91
C THR B 151 22.41 -13.74 -61.43
N GLY B 152 23.22 -13.35 -60.44
CA GLY B 152 23.25 -11.99 -59.96
C GLY B 152 22.55 -11.72 -58.65
N GLN B 153 22.24 -12.75 -57.87
CA GLN B 153 21.54 -12.59 -56.60
C GLN B 153 22.35 -13.24 -55.48
N SER B 154 21.81 -13.18 -54.27
CA SER B 154 22.46 -13.70 -53.08
C SER B 154 21.47 -14.54 -52.28
N TYR B 155 21.98 -15.57 -51.62
CA TYR B 155 21.14 -16.45 -50.82
C TYR B 155 21.92 -16.90 -49.58
N ASN B 156 21.37 -17.89 -48.89
CA ASN B 156 21.69 -18.21 -47.50
C ASN B 156 21.89 -19.70 -47.30
N ILE B 157 22.81 -20.29 -48.06
CA ILE B 157 22.99 -21.75 -48.15
C ILE B 157 23.12 -22.38 -46.76
N PHE B 158 22.19 -23.26 -46.41
CA PHE B 158 22.18 -23.91 -45.11
C PHE B 158 22.87 -25.27 -45.21
N LEU B 159 23.34 -25.75 -44.06
CA LEU B 159 23.99 -27.06 -44.03
C LEU B 159 23.82 -27.70 -42.67
N ALA B 160 23.94 -29.03 -42.64
CA ALA B 160 23.77 -29.77 -41.40
C ALA B 160 24.55 -31.08 -41.51
N PRO B 161 25.10 -31.59 -40.41
CA PRO B 161 25.91 -32.82 -40.50
C PRO B 161 25.07 -34.04 -40.84
N THR B 162 25.72 -35.03 -41.45
CA THR B 162 25.07 -36.27 -41.84
C THR B 162 25.99 -37.44 -41.52
N ASP B 163 25.39 -38.64 -41.48
CA ASP B 163 26.12 -39.85 -41.13
C ASP B 163 26.75 -40.57 -42.31
N ILE B 164 26.46 -40.13 -43.54
CA ILE B 164 27.05 -40.78 -44.71
C ILE B 164 28.54 -40.45 -44.78
N LYS B 165 29.31 -41.37 -45.37
CA LYS B 165 30.76 -41.24 -45.43
C LYS B 165 31.31 -41.02 -46.83
N HIS B 166 30.61 -41.47 -47.88
CA HIS B 166 31.13 -41.39 -49.23
C HIS B 166 30.07 -40.78 -50.14
N GLY B 167 30.36 -40.76 -51.43
CA GLY B 167 29.49 -40.20 -52.44
C GLY B 167 30.05 -38.93 -53.05
N SER B 168 29.46 -38.55 -54.18
CA SER B 168 29.83 -37.32 -54.87
C SER B 168 29.15 -36.16 -54.15
N PHE B 169 29.96 -35.31 -53.50
CA PHE B 169 29.42 -34.31 -52.58
C PHE B 169 28.56 -33.27 -53.26
N SER B 170 29.18 -32.38 -54.04
CA SER B 170 28.55 -31.28 -54.77
C SER B 170 29.65 -30.52 -55.47
N ALA B 171 29.24 -29.55 -56.29
CA ALA B 171 30.20 -28.61 -56.85
C ALA B 171 30.60 -27.56 -55.83
N TYR B 172 29.78 -27.35 -54.80
CA TYR B 172 30.05 -26.39 -53.74
C TYR B 172 30.90 -26.96 -52.63
N GLY B 173 31.22 -28.25 -52.66
CA GLY B 173 31.93 -28.91 -51.59
C GLY B 173 31.06 -29.40 -50.47
N LEU B 174 29.78 -29.05 -50.49
CA LEU B 174 28.85 -29.53 -49.48
C LEU B 174 28.19 -30.79 -50.00
N LEU B 175 27.19 -31.31 -49.28
CA LEU B 175 26.47 -32.48 -49.81
C LEU B 175 24.96 -32.24 -49.81
N LEU D 12 -20.41 -65.31 23.37
CA LEU D 12 -20.91 -63.98 23.05
C LEU D 12 -22.22 -63.71 23.76
N LYS D 13 -22.14 -62.97 24.88
CA LYS D 13 -23.31 -62.68 25.69
C LYS D 13 -23.85 -61.27 25.47
N SER D 14 -22.97 -60.30 25.23
CA SER D 14 -23.40 -58.92 25.01
C SER D 14 -22.31 -58.19 24.25
N ARG D 15 -22.57 -56.92 23.96
CA ARG D 15 -21.60 -56.09 23.25
C ARG D 15 -20.38 -55.83 24.14
N PRO D 16 -19.21 -55.60 23.54
CA PRO D 16 -18.01 -55.33 24.35
C PRO D 16 -18.14 -54.03 25.13
N GLU D 17 -17.44 -53.97 26.25
CA GLU D 17 -17.48 -52.80 27.13
C GLU D 17 -16.85 -51.57 26.50
N ASN D 18 -16.06 -51.72 25.44
CA ASN D 18 -15.45 -50.58 24.77
C ASN D 18 -15.27 -50.92 23.30
N LEU D 19 -16.19 -50.43 22.46
CA LEU D 19 -16.12 -50.61 21.02
C LEU D 19 -16.38 -49.27 20.35
N SER D 20 -15.57 -48.94 19.35
CA SER D 20 -15.70 -47.66 18.68
C SER D 20 -15.30 -47.80 17.22
N PHE D 21 -15.81 -46.88 16.40
CA PHE D 21 -15.55 -46.85 14.97
C PHE D 21 -15.16 -45.44 14.57
N ALA D 22 -14.78 -45.27 13.31
CA ALA D 22 -14.44 -43.97 12.75
C ALA D 22 -15.11 -43.83 11.40
N ARG D 23 -15.36 -42.59 11.00
CA ARG D 23 -16.03 -42.34 9.73
C ARG D 23 -15.08 -42.65 8.58
N CYS D 24 -15.59 -43.36 7.57
CA CYS D 24 -14.82 -43.71 6.38
C CYS D 24 -14.97 -42.69 5.27
N LEU D 25 -15.80 -41.67 5.45
CA LEU D 25 -16.02 -40.61 4.47
C LEU D 25 -15.68 -39.29 5.12
N ASN D 26 -14.44 -38.82 4.92
CA ASN D 26 -13.97 -37.60 5.56
C ASN D 26 -13.97 -36.46 4.55
N THR D 27 -14.75 -35.43 4.82
CA THR D 27 -14.79 -34.25 3.97
C THR D 27 -14.06 -33.10 4.62
N THR D 28 -13.67 -32.13 3.80
CA THR D 28 -12.96 -30.94 4.24
C THR D 28 -13.92 -29.75 4.26
N GLU D 29 -13.35 -28.58 4.54
CA GLU D 29 -14.14 -27.36 4.56
C GLU D 29 -14.29 -26.81 3.14
N ALA D 30 -15.52 -26.52 2.75
CA ALA D 30 -15.78 -25.95 1.44
C ALA D 30 -15.37 -24.48 1.41
N LYS D 31 -15.00 -24.00 0.22
CA LYS D 31 -14.61 -22.62 0.02
C LYS D 31 -15.40 -22.02 -1.13
N PHE D 32 -15.84 -20.79 -0.97
CA PHE D 32 -16.71 -20.12 -1.93
C PHE D 32 -15.88 -19.17 -2.79
N TRP D 33 -16.09 -19.23 -4.10
CA TRP D 33 -15.52 -18.27 -5.04
C TRP D 33 -16.61 -17.84 -5.99
N GLN D 34 -16.49 -16.61 -6.49
CA GLN D 34 -17.45 -16.06 -7.45
C GLN D 34 -16.75 -15.80 -8.77
N THR D 35 -17.44 -16.10 -9.86
CA THR D 35 -16.88 -15.93 -11.19
C THR D 35 -18.02 -15.72 -12.17
N ASP D 36 -17.67 -15.67 -13.46
CA ASP D 36 -18.65 -15.58 -14.53
C ASP D 36 -18.80 -16.93 -15.20
N PHE D 37 -20.00 -17.21 -15.70
CA PHE D 37 -20.29 -18.53 -16.25
C PHE D 37 -19.48 -18.80 -17.51
N LEU D 38 -19.35 -17.80 -18.38
CA LEU D 38 -18.63 -17.99 -19.63
C LEU D 38 -17.12 -18.09 -19.44
N LYS D 39 -16.61 -17.76 -18.25
CA LYS D 39 -15.19 -17.82 -17.96
C LYS D 39 -14.92 -18.62 -16.68
N ARG D 40 -15.77 -19.60 -16.39
CA ARG D 40 -15.68 -20.31 -15.13
C ARG D 40 -14.45 -21.23 -15.08
N HIS D 41 -13.93 -21.62 -16.23
CA HIS D 41 -12.78 -22.51 -16.27
C HIS D 41 -11.44 -21.77 -16.21
N THR D 42 -11.46 -20.43 -16.19
CA THR D 42 -10.23 -19.65 -16.27
C THR D 42 -9.96 -18.86 -15.00
N PHE D 43 -10.89 -18.02 -14.56
CA PHE D 43 -10.63 -17.10 -13.47
C PHE D 43 -11.66 -17.27 -12.36
N LYS D 44 -11.29 -16.78 -11.18
CA LYS D 44 -12.18 -16.78 -10.03
C LYS D 44 -11.83 -15.60 -9.13
N LEU D 45 -12.79 -15.19 -8.31
CA LEU D 45 -12.63 -14.06 -7.42
C LEU D 45 -13.07 -14.45 -6.02
N PRO D 46 -12.45 -13.86 -4.99
CA PRO D 46 -12.83 -14.21 -3.62
C PRO D 46 -14.22 -13.71 -3.27
N LEU D 47 -14.86 -14.42 -2.33
CA LEU D 47 -16.16 -14.04 -1.79
C LEU D 47 -16.01 -13.80 -0.31
N LEU D 48 -16.40 -12.61 0.14
CA LEU D 48 -16.21 -12.19 1.53
C LEU D 48 -17.54 -11.98 2.22
N ILE D 49 -17.50 -11.99 3.55
CA ILE D 49 -18.67 -11.85 4.41
C ILE D 49 -18.70 -10.45 4.97
N THR D 50 -19.84 -9.78 4.86
CA THR D 50 -19.98 -8.39 5.25
C THR D 50 -20.91 -8.26 6.44
N ASP D 51 -20.47 -7.51 7.45
CA ASP D 51 -21.30 -7.23 8.60
C ASP D 51 -22.40 -6.25 8.24
N LYS D 52 -23.49 -6.27 9.00
CA LYS D 52 -24.60 -5.37 8.76
C LYS D 52 -25.42 -5.23 10.04
N ALA D 53 -26.22 -4.18 10.09
CA ALA D 53 -27.12 -3.95 11.21
C ALA D 53 -28.49 -3.63 10.68
N VAL D 54 -29.51 -4.10 11.39
CA VAL D 54 -30.90 -3.95 10.99
C VAL D 54 -31.67 -3.30 12.13
N LEU D 55 -32.78 -2.66 11.77
CA LEU D 55 -33.68 -2.04 12.73
C LEU D 55 -35.08 -2.55 12.43
N ALA D 56 -35.54 -3.51 13.21
CA ALA D 56 -36.82 -4.16 13.00
C ALA D 56 -37.85 -3.64 14.00
N SER D 57 -39.02 -4.25 13.98
CA SER D 57 -40.09 -3.98 14.93
C SER D 57 -40.38 -5.23 15.72
N LYS D 58 -40.84 -5.06 16.96
CA LYS D 58 -41.11 -6.20 17.82
C LYS D 58 -42.37 -6.93 17.37
N GLY D 59 -42.20 -7.95 16.53
CA GLY D 59 -43.31 -8.72 16.02
C GLY D 59 -43.40 -10.15 16.50
N HIS D 60 -42.56 -10.56 17.44
CA HIS D 60 -42.63 -11.91 17.97
C HIS D 60 -43.84 -12.06 18.89
N GLU D 61 -44.28 -13.30 19.06
CA GLU D 61 -45.46 -13.58 19.87
C GLU D 61 -45.20 -13.24 21.35
N MET D 62 -45.90 -12.23 21.85
CA MET D 62 -45.74 -11.74 23.21
C MET D 62 -46.99 -12.02 24.03
N PRO D 63 -46.86 -12.12 25.36
CA PRO D 63 -48.05 -12.24 26.19
C PRO D 63 -48.89 -10.98 26.10
N PRO D 64 -50.21 -11.09 26.29
CA PRO D 64 -51.09 -9.94 26.08
C PRO D 64 -50.96 -8.83 27.13
N ASP D 65 -49.99 -8.95 28.04
CA ASP D 65 -49.70 -7.87 28.98
C ASP D 65 -48.51 -7.03 28.54
N LYS D 66 -47.39 -7.68 28.23
CA LYS D 66 -46.22 -6.98 27.71
C LYS D 66 -46.51 -6.37 26.34
N LEU D 67 -47.42 -6.99 25.59
CA LEU D 67 -47.72 -6.53 24.24
C LEU D 67 -48.28 -5.11 24.24
N GLU D 68 -49.18 -4.82 25.19
CA GLU D 68 -49.78 -3.48 25.24
C GLU D 68 -48.77 -2.40 25.61
N LYS D 69 -47.62 -2.78 26.18
CA LYS D 69 -46.60 -1.81 26.57
C LYS D 69 -45.51 -1.64 25.52
N GLU D 70 -45.03 -2.72 24.92
CA GLU D 70 -43.94 -2.57 23.96
C GLU D 70 -44.29 -3.09 22.57
N ILE D 71 -45.47 -2.73 22.05
CA ILE D 71 -45.79 -3.07 20.67
C ILE D 71 -45.12 -2.10 19.71
N MET D 72 -45.10 -0.81 20.03
CA MET D 72 -44.41 0.20 19.22
C MET D 72 -43.04 0.52 19.84
N ASP D 73 -42.14 -0.44 19.68
CA ASP D 73 -40.76 -0.29 20.11
C ASP D 73 -39.84 -0.69 18.97
N PRO D 74 -38.74 0.03 18.77
CA PRO D 74 -37.77 -0.36 17.75
C PRO D 74 -36.87 -1.50 18.23
N ASN D 75 -36.22 -2.14 17.27
CA ASN D 75 -35.44 -3.36 17.54
C ASN D 75 -34.12 -3.30 16.79
N PRO D 76 -33.08 -2.75 17.41
CA PRO D 76 -31.75 -2.78 16.80
C PRO D 76 -31.13 -4.17 16.92
N GLN D 77 -30.69 -4.74 15.79
CA GLN D 77 -30.07 -6.04 15.80
C GLN D 77 -28.87 -6.04 14.87
N LYS D 78 -27.96 -7.00 15.10
CA LYS D 78 -26.76 -7.16 14.30
C LYS D 78 -26.87 -8.44 13.48
N SER D 79 -26.19 -8.48 12.34
CA SER D 79 -26.25 -9.64 11.46
C SER D 79 -25.05 -9.59 10.52
N GLN D 80 -24.88 -10.66 9.75
CA GLN D 80 -23.89 -10.73 8.71
C GLN D 80 -24.54 -11.29 7.45
N SER D 81 -23.95 -10.97 6.31
CA SER D 81 -24.54 -11.41 5.06
C SER D 81 -23.45 -11.57 4.00
N CYS D 82 -23.73 -12.45 3.04
CA CYS D 82 -22.88 -12.65 1.88
C CYS D 82 -23.69 -12.43 0.62
N THR D 83 -23.07 -11.79 -0.37
CA THR D 83 -23.78 -11.37 -1.57
C THR D 83 -22.80 -11.34 -2.72
N LEU D 84 -23.21 -11.87 -3.87
CA LEU D 84 -22.36 -11.82 -5.06
C LEU D 84 -22.22 -10.38 -5.55
N SER D 85 -21.13 -10.12 -6.26
CA SER D 85 -20.87 -8.79 -6.79
C SER D 85 -21.80 -8.51 -7.96
N THR D 86 -21.72 -7.28 -8.48
CA THR D 86 -22.63 -6.82 -9.52
C THR D 86 -22.23 -7.25 -10.92
N GLU D 87 -21.06 -7.86 -11.09
CA GLU D 87 -20.62 -8.32 -12.40
C GLU D 87 -20.24 -9.78 -12.43
N CYS D 88 -20.38 -10.51 -11.33
CA CYS D 88 -20.15 -11.94 -11.28
C CYS D 88 -21.45 -12.63 -10.89
N ASP D 89 -21.89 -13.58 -11.71
CA ASP D 89 -23.21 -14.20 -11.54
C ASP D 89 -23.13 -15.71 -11.34
N THR D 90 -21.95 -16.23 -11.02
CA THR D 90 -21.79 -17.67 -10.84
C THR D 90 -21.08 -17.94 -9.52
N LEU D 91 -21.62 -18.89 -8.76
CA LEU D 91 -21.07 -19.29 -7.48
C LEU D 91 -20.37 -20.64 -7.63
N ARG D 92 -19.12 -20.71 -7.17
CA ARG D 92 -18.30 -21.90 -7.31
C ARG D 92 -17.88 -22.40 -5.92
N ILE D 93 -18.10 -23.68 -5.67
CA ILE D 93 -17.77 -24.29 -4.38
C ILE D 93 -16.89 -25.51 -4.62
N ASP D 94 -15.72 -25.53 -3.98
CA ASP D 94 -14.74 -26.61 -4.11
C ASP D 94 -14.55 -27.30 -2.76
N PHE D 95 -14.47 -28.62 -2.77
CA PHE D 95 -14.12 -29.38 -1.57
C PHE D 95 -13.60 -30.75 -1.98
N GLY D 96 -13.31 -31.59 -0.99
CA GLY D 96 -12.72 -32.89 -1.26
C GLY D 96 -13.13 -33.92 -0.23
N ILE D 97 -13.08 -35.19 -0.66
CA ILE D 97 -13.47 -36.34 0.15
C ILE D 97 -12.32 -37.34 0.19
N LYS D 98 -12.16 -37.98 1.35
CA LYS D 98 -11.19 -39.03 1.56
C LYS D 98 -11.94 -40.29 2.02
N VAL D 99 -11.62 -41.42 1.39
CA VAL D 99 -12.31 -42.68 1.61
C VAL D 99 -11.33 -43.70 2.13
N LEU D 100 -11.69 -44.37 3.22
CA LEU D 100 -10.87 -45.37 3.91
C LEU D 100 -11.68 -46.66 4.07
N PRO D 101 -11.02 -47.81 4.16
CA PRO D 101 -11.75 -49.07 4.29
C PRO D 101 -12.49 -49.17 5.61
N VAL D 102 -13.64 -49.83 5.59
CA VAL D 102 -14.45 -49.99 6.79
C VAL D 102 -13.77 -50.95 7.77
N LYS D 103 -13.15 -52.02 7.25
CA LYS D 103 -12.55 -53.03 8.12
C LYS D 103 -11.40 -52.43 8.94
N GLU D 104 -10.56 -51.62 8.31
CA GLU D 104 -9.46 -50.97 9.01
C GLU D 104 -9.88 -49.62 9.57
N SER D 105 -11.00 -49.60 10.29
CA SER D 105 -11.48 -48.39 10.93
C SER D 105 -12.02 -48.62 12.34
N MET D 106 -12.06 -49.85 12.82
CA MET D 106 -12.49 -50.14 14.19
C MET D 106 -11.32 -49.82 15.10
N TYR D 107 -11.31 -48.59 15.62
CA TYR D 107 -10.17 -48.11 16.39
C TYR D 107 -10.00 -48.88 17.69
N SER D 108 -11.09 -49.18 18.38
CA SER D 108 -11.01 -49.81 19.68
C SER D 108 -12.07 -50.90 19.80
N CYS D 109 -11.65 -52.06 20.30
CA CYS D 109 -12.56 -53.16 20.59
C CYS D 109 -11.96 -53.94 21.76
N SER D 110 -12.65 -53.93 22.91
CA SER D 110 -12.11 -54.58 24.10
C SER D 110 -12.10 -56.10 23.94
N ASP D 111 -13.14 -56.66 23.35
CA ASP D 111 -13.26 -58.11 23.21
C ASP D 111 -12.50 -58.59 21.98
N TYR D 112 -12.43 -59.91 21.82
CA TYR D 112 -11.77 -60.54 20.69
C TYR D 112 -12.70 -61.41 19.86
N ASN D 113 -13.56 -62.19 20.51
CA ASN D 113 -14.55 -62.99 19.79
C ASN D 113 -15.53 -62.08 19.05
N TYR D 114 -15.93 -60.97 19.69
CA TYR D 114 -16.79 -60.01 19.02
C TYR D 114 -16.10 -59.40 17.80
N ARG D 115 -14.81 -59.11 17.93
CA ARG D 115 -14.06 -58.57 16.79
C ARG D 115 -14.01 -59.58 15.64
N THR D 116 -13.77 -60.85 15.96
CA THR D 116 -13.75 -61.88 14.93
C THR D 116 -15.12 -62.02 14.26
N ALA D 117 -16.19 -61.98 15.06
CA ALA D 117 -17.53 -62.08 14.51
C ALA D 117 -17.85 -60.90 13.60
N ILE D 118 -17.47 -59.69 14.02
CA ILE D 118 -17.71 -58.50 13.20
C ILE D 118 -16.95 -58.60 11.88
N TYR D 119 -15.69 -59.04 11.93
CA TYR D 119 -14.92 -59.22 10.71
C TYR D 119 -15.57 -60.26 9.80
N GLN D 120 -16.07 -61.35 10.38
CA GLN D 120 -16.70 -62.39 9.57
C GLN D 120 -17.96 -61.87 8.89
N LYS D 121 -18.80 -61.12 9.63
CA LYS D 121 -20.02 -60.59 9.03
C LYS D 121 -19.72 -59.55 7.96
N ILE D 122 -18.68 -58.72 8.18
CA ILE D 122 -18.29 -57.75 7.17
C ILE D 122 -17.81 -58.45 5.91
N ASP D 123 -17.01 -59.51 6.07
CA ASP D 123 -16.52 -60.27 4.92
C ASP D 123 -17.67 -60.94 4.18
N GLU D 124 -18.65 -61.47 4.91
CA GLU D 124 -19.81 -62.08 4.28
C GLU D 124 -20.60 -61.05 3.50
N TYR D 125 -20.78 -59.84 4.05
CA TYR D 125 -21.47 -58.78 3.33
C TYR D 125 -20.71 -58.37 2.08
N ILE D 126 -19.38 -58.31 2.17
CA ILE D 126 -18.57 -57.96 1.00
C ILE D 126 -18.72 -59.02 -0.09
N ALA D 127 -18.70 -60.30 0.30
CA ALA D 127 -18.84 -61.37 -0.67
C ALA D 127 -20.24 -61.39 -1.28
N GLU D 128 -21.26 -61.04 -0.49
CA GLU D 128 -22.63 -61.10 -0.97
C GLU D 128 -22.95 -59.95 -1.92
N ASP D 129 -22.85 -58.71 -1.44
CA ASP D 129 -23.23 -57.53 -2.21
C ASP D 129 -22.01 -56.84 -2.83
N GLY D 130 -21.04 -56.47 -2.01
CA GLY D 130 -19.87 -55.78 -2.50
C GLY D 130 -19.82 -54.29 -2.23
N PHE D 131 -20.64 -53.78 -1.31
CA PHE D 131 -20.67 -52.36 -0.94
C PHE D 131 -21.00 -51.47 -2.13
N LEU D 132 -21.79 -51.97 -3.08
CA LEU D 132 -22.08 -51.21 -4.28
C LEU D 132 -23.35 -50.36 -4.17
N THR D 133 -24.34 -50.83 -3.42
CA THR D 133 -25.57 -50.06 -3.25
C THR D 133 -25.30 -48.75 -2.54
N LEU D 134 -24.57 -48.80 -1.42
CA LEU D 134 -24.26 -47.60 -0.66
C LEU D 134 -23.37 -46.66 -1.47
N ALA D 135 -22.40 -47.21 -2.20
CA ALA D 135 -21.53 -46.37 -3.02
C ALA D 135 -22.32 -45.67 -4.11
N LYS D 136 -23.24 -46.38 -4.76
CA LYS D 136 -24.07 -45.76 -5.78
C LYS D 136 -24.97 -44.68 -5.18
N ARG D 137 -25.51 -44.93 -3.99
CA ARG D 137 -26.34 -43.91 -3.35
C ARG D 137 -25.55 -42.67 -2.97
N TYR D 138 -24.31 -42.86 -2.48
CA TYR D 138 -23.48 -41.71 -2.13
C TYR D 138 -23.11 -40.89 -3.36
N VAL D 139 -22.74 -41.56 -4.45
CA VAL D 139 -22.42 -40.82 -5.68
C VAL D 139 -23.67 -40.16 -6.24
N ASN D 140 -24.84 -40.78 -6.06
CA ASN D 140 -26.08 -40.15 -6.48
C ASN D 140 -26.35 -38.87 -5.67
N ASN D 141 -26.07 -38.91 -4.37
CA ASN D 141 -26.21 -37.71 -3.55
C ASN D 141 -25.23 -36.63 -3.97
N ILE D 142 -24.03 -37.04 -4.39
CA ILE D 142 -23.06 -36.08 -4.91
C ILE D 142 -23.56 -35.45 -6.20
N ALA D 143 -24.13 -36.26 -7.10
CA ALA D 143 -24.46 -35.78 -8.44
C ALA D 143 -25.63 -34.80 -8.42
N ASN D 144 -26.65 -35.05 -7.61
CA ASN D 144 -27.81 -34.16 -7.58
C ASN D 144 -27.55 -32.87 -6.82
N ALA D 145 -26.36 -32.71 -6.25
CA ALA D 145 -25.95 -31.51 -5.50
C ALA D 145 -26.90 -31.23 -4.34
N ARG D 146 -27.10 -32.23 -3.49
CA ARG D 146 -27.95 -32.04 -2.33
C ARG D 146 -27.23 -31.18 -1.34
N PHE D 147 -25.92 -31.07 -1.49
CA PHE D 147 -25.12 -30.31 -0.53
C PHE D 147 -25.53 -28.84 -0.51
N LEU D 148 -26.30 -28.39 -1.50
CA LEU D 148 -26.82 -27.03 -1.49
C LEU D 148 -28.11 -26.99 -0.70
N TRP D 149 -28.00 -26.83 0.61
CA TRP D 149 -29.19 -26.82 1.46
C TRP D 149 -30.12 -25.65 1.12
N ARG D 150 -29.57 -24.48 0.89
CA ARG D 150 -30.40 -23.30 0.60
C ARG D 150 -30.11 -22.70 -0.76
N ASN D 151 -28.83 -22.53 -1.08
CA ASN D 151 -28.45 -21.90 -2.35
C ASN D 151 -29.08 -22.61 -3.54
N ARG D 152 -29.20 -23.93 -3.46
CA ARG D 152 -29.77 -24.71 -4.57
C ARG D 152 -31.02 -24.08 -5.13
N LYS D 153 -31.98 -23.78 -4.27
CA LYS D 153 -33.22 -23.17 -4.71
C LYS D 153 -32.95 -21.96 -5.61
N GLY D 154 -33.77 -21.82 -6.64
CA GLY D 154 -33.69 -20.68 -7.53
C GLY D 154 -32.40 -20.57 -8.31
N ALA D 155 -31.94 -21.68 -8.87
CA ALA D 155 -30.71 -21.73 -9.65
C ALA D 155 -31.02 -21.96 -11.11
N GLU D 156 -30.30 -21.26 -11.99
CA GLU D 156 -30.52 -21.43 -13.41
C GLU D 156 -29.83 -22.69 -13.94
N ILE D 157 -28.53 -22.82 -13.66
CA ILE D 157 -27.75 -23.97 -14.12
C ILE D 157 -26.88 -24.44 -12.96
N ILE D 158 -26.92 -25.74 -12.69
CA ILE D 158 -26.05 -26.37 -11.70
C ILE D 158 -25.17 -27.38 -12.43
N GLU D 159 -23.85 -27.28 -12.23
CA GLU D 159 -22.90 -28.17 -12.89
C GLU D 159 -21.93 -28.72 -11.85
N THR D 160 -21.72 -30.03 -11.86
CA THR D 160 -20.84 -30.69 -10.91
C THR D 160 -19.76 -31.47 -11.64
N ILE D 161 -18.54 -31.41 -11.13
CA ILE D 161 -17.39 -32.07 -11.74
C ILE D 161 -16.65 -32.85 -10.67
N VAL D 162 -16.34 -34.11 -10.96
CA VAL D 162 -15.69 -35.01 -10.02
C VAL D 162 -14.38 -35.50 -10.63
N THR D 163 -13.29 -35.37 -9.87
CA THR D 163 -11.97 -35.82 -10.28
C THR D 163 -11.39 -36.71 -9.19
N ILE D 164 -10.77 -37.82 -9.59
CA ILE D 164 -10.27 -38.77 -8.59
C ILE D 164 -8.82 -38.44 -8.22
N GLU D 165 -7.89 -38.62 -9.16
CA GLU D 165 -6.53 -38.13 -8.96
C GLU D 165 -6.08 -37.21 -10.09
N ASP D 166 -6.28 -37.62 -11.34
CA ASP D 166 -6.03 -36.78 -12.50
C ASP D 166 -7.09 -36.96 -13.58
N LYS D 167 -7.91 -37.99 -13.51
CA LYS D 167 -8.92 -38.26 -14.53
C LYS D 167 -10.13 -37.36 -14.31
N GLU D 168 -10.38 -36.46 -15.26
CA GLU D 168 -11.51 -35.55 -15.18
C GLU D 168 -12.74 -36.25 -15.75
N TYR D 169 -13.63 -36.72 -14.88
CA TYR D 169 -14.85 -37.35 -15.31
C TYR D 169 -15.81 -36.32 -15.89
N PRO D 170 -16.69 -36.74 -16.79
CA PRO D 170 -17.62 -35.79 -17.41
C PRO D 170 -18.54 -35.13 -16.38
N SER D 171 -18.94 -33.91 -16.68
CA SER D 171 -19.74 -33.12 -15.75
C SER D 171 -21.15 -33.69 -15.62
N PHE D 172 -21.82 -33.29 -14.56
CA PHE D 172 -23.20 -33.69 -14.29
C PHE D 172 -24.13 -32.52 -14.57
N ASN D 173 -25.43 -32.76 -14.38
CA ASN D 173 -26.45 -31.72 -14.48
C ASN D 173 -27.43 -32.00 -13.33
N SER D 174 -27.17 -31.38 -12.19
CA SER D 174 -27.92 -31.69 -10.98
C SER D 174 -29.37 -31.24 -11.04
N LYS D 175 -29.73 -30.36 -11.97
CA LYS D 175 -31.12 -29.95 -12.09
C LYS D 175 -32.01 -31.09 -12.57
N SER D 176 -31.48 -31.98 -13.41
CA SER D 176 -32.23 -33.12 -13.92
C SER D 176 -32.05 -34.35 -13.04
N PHE D 177 -32.28 -34.18 -11.75
CA PHE D 177 -32.12 -35.28 -10.80
C PHE D 177 -33.15 -35.08 -9.68
N ASN D 178 -34.04 -36.04 -9.52
CA ASN D 178 -34.98 -35.99 -8.40
C ASN D 178 -34.25 -36.20 -7.09
N LEU D 179 -34.73 -35.54 -6.04
CA LEU D 179 -34.16 -35.69 -4.71
C LEU D 179 -34.84 -36.78 -3.90
N ASP D 180 -35.82 -37.48 -4.48
CA ASP D 180 -36.50 -38.58 -3.80
C ASP D 180 -36.24 -39.93 -4.44
N THR D 181 -35.72 -39.97 -5.67
CA THR D 181 -35.44 -41.20 -6.37
C THR D 181 -33.94 -41.34 -6.59
N PHE D 182 -33.48 -42.57 -6.69
CA PHE D 182 -32.07 -42.88 -6.87
C PHE D 182 -31.86 -43.55 -8.23
N VAL D 183 -30.82 -43.11 -8.93
CA VAL D 183 -30.53 -43.57 -10.29
C VAL D 183 -29.39 -44.56 -10.24
N GLU D 184 -29.54 -45.67 -10.95
CA GLU D 184 -28.50 -46.69 -11.02
C GLU D 184 -27.97 -46.91 -12.43
N ASP D 185 -28.46 -46.19 -13.42
CA ASP D 185 -28.09 -46.38 -14.82
C ASP D 185 -27.34 -45.14 -15.30
N ASN D 186 -26.02 -45.12 -15.06
CA ASN D 186 -25.17 -44.01 -15.47
C ASN D 186 -23.73 -44.49 -15.43
N ALA D 187 -23.02 -44.34 -16.55
CA ALA D 187 -21.68 -44.91 -16.67
C ALA D 187 -20.70 -44.24 -15.70
N THR D 188 -20.70 -42.92 -15.65
CA THR D 188 -19.80 -42.20 -14.76
C THR D 188 -20.11 -42.51 -13.29
N ILE D 189 -21.40 -42.50 -12.94
CA ILE D 189 -21.81 -42.90 -11.60
C ILE D 189 -21.38 -44.32 -11.32
N ASN D 190 -21.51 -45.21 -12.32
CA ASN D 190 -21.15 -46.61 -12.12
C ASN D 190 -19.67 -46.76 -11.81
N GLU D 191 -18.80 -46.10 -12.58
CA GLU D 191 -17.37 -46.29 -12.35
C GLU D 191 -16.91 -45.61 -11.06
N ILE D 192 -17.45 -44.44 -10.75
CA ILE D 192 -17.09 -43.76 -9.50
C ILE D 192 -17.54 -44.58 -8.30
N ALA D 193 -18.77 -45.10 -8.35
CA ALA D 193 -19.26 -45.94 -7.27
C ALA D 193 -18.49 -47.25 -7.18
N GLN D 194 -18.05 -47.79 -8.31
CA GLN D 194 -17.25 -49.02 -8.26
C GLN D 194 -15.91 -48.77 -7.58
N GLN D 195 -15.26 -47.65 -7.87
CA GLN D 195 -14.01 -47.33 -7.19
C GLN D 195 -14.24 -47.09 -5.70
N ILE D 196 -15.34 -46.41 -5.36
CA ILE D 196 -15.67 -46.18 -3.96
C ILE D 196 -15.92 -47.50 -3.24
N ALA D 197 -16.62 -48.43 -3.89
CA ALA D 197 -16.87 -49.74 -3.29
C ALA D 197 -15.58 -50.54 -3.15
N ASP D 198 -14.66 -50.39 -4.11
CA ASP D 198 -13.36 -51.06 -4.00
C ASP D 198 -12.59 -50.55 -2.78
N THR D 199 -12.61 -49.22 -2.57
CA THR D 199 -11.97 -48.69 -1.38
C THR D 199 -12.70 -49.09 -0.11
N PHE D 200 -14.02 -49.24 -0.19
CA PHE D 200 -14.82 -49.64 0.97
C PHE D 200 -14.50 -51.06 1.40
N ALA D 201 -14.43 -51.98 0.45
CA ALA D 201 -14.29 -53.40 0.78
C ALA D 201 -12.92 -53.69 1.39
N GLY D 202 -11.87 -53.16 0.78
CA GLY D 202 -10.52 -53.41 1.27
C GLY D 202 -9.53 -53.64 0.15
N LYS D 203 -10.00 -53.64 -1.09
CA LYS D 203 -9.10 -53.83 -2.23
C LYS D 203 -8.18 -52.63 -2.44
N ARG D 204 -8.54 -51.47 -1.92
CA ARG D 204 -7.73 -50.27 -2.07
C ARG D 204 -7.41 -49.70 -0.68
N GLU D 205 -6.22 -49.12 -0.56
CA GLU D 205 -5.80 -48.58 0.73
C GLU D 205 -6.52 -47.27 1.06
N TYR D 206 -6.68 -46.39 0.07
CA TYR D 206 -7.34 -45.11 0.29
C TYR D 206 -7.85 -44.59 -1.05
N LEU D 207 -8.76 -43.62 -0.98
CA LEU D 207 -9.26 -42.96 -2.17
C LEU D 207 -9.41 -41.47 -1.93
N ASN D 208 -9.09 -40.67 -2.94
CA ASN D 208 -9.22 -39.22 -2.89
C ASN D 208 -10.17 -38.76 -3.99
N ILE D 209 -11.09 -37.87 -3.64
CA ILE D 209 -12.07 -37.31 -4.57
C ILE D 209 -12.06 -35.79 -4.42
N TYR D 210 -12.15 -35.07 -5.53
CA TYR D 210 -12.24 -33.62 -5.53
C TYR D 210 -13.51 -33.19 -6.26
N VAL D 211 -14.33 -32.37 -5.60
CA VAL D 211 -15.61 -31.95 -6.13
C VAL D 211 -15.62 -30.44 -6.30
N THR D 212 -16.15 -29.98 -7.43
CA THR D 212 -16.28 -28.56 -7.74
C THR D 212 -17.62 -28.33 -8.40
N CYS D 213 -18.41 -27.41 -7.86
CA CYS D 213 -19.76 -27.16 -8.35
C CYS D 213 -19.91 -25.69 -8.74
N PHE D 214 -20.49 -25.45 -9.91
CA PHE D 214 -20.82 -24.12 -10.40
C PHE D 214 -22.33 -23.94 -10.38
N VAL D 215 -22.78 -22.82 -9.83
CA VAL D 215 -24.20 -22.48 -9.75
C VAL D 215 -24.41 -21.12 -10.39
N LYS D 216 -25.37 -21.04 -11.31
CA LYS D 216 -25.73 -19.77 -11.94
C LYS D 216 -26.92 -19.16 -11.20
N ILE D 217 -26.63 -18.68 -9.99
CA ILE D 217 -27.70 -18.21 -9.11
C ILE D 217 -28.27 -16.87 -9.56
N GLY D 218 -27.55 -16.13 -10.40
CA GLY D 218 -27.98 -14.83 -10.84
C GLY D 218 -26.97 -13.76 -10.49
N CYS D 219 -27.23 -12.55 -10.98
CA CYS D 219 -26.33 -11.43 -10.81
C CYS D 219 -26.67 -10.69 -9.52
N ALA D 220 -25.66 -10.46 -8.68
CA ALA D 220 -25.77 -9.75 -7.41
C ALA D 220 -26.78 -10.38 -6.46
N MET D 221 -26.97 -11.70 -6.56
CA MET D 221 -27.91 -12.40 -5.69
C MET D 221 -27.23 -12.67 -4.34
N GLU D 222 -27.88 -13.46 -3.50
CA GLU D 222 -27.39 -13.73 -2.16
C GLU D 222 -27.02 -15.21 -2.02
N VAL D 223 -25.83 -15.48 -1.51
CA VAL D 223 -25.39 -16.83 -1.22
C VAL D 223 -25.49 -17.06 0.28
N TYR D 224 -25.46 -18.33 0.68
CA TYR D 224 -25.77 -18.74 2.04
C TYR D 224 -24.64 -19.60 2.61
N PRO D 225 -23.66 -18.99 3.26
CA PRO D 225 -22.62 -19.76 3.92
C PRO D 225 -23.15 -20.41 5.19
N SER D 226 -22.33 -21.27 5.78
CA SER D 226 -22.70 -21.91 7.03
C SER D 226 -22.61 -20.92 8.18
N GLN D 227 -23.40 -21.17 9.21
CA GLN D 227 -23.49 -20.28 10.37
C GLN D 227 -22.82 -20.93 11.57
N GLU D 228 -21.99 -20.17 12.27
CA GLU D 228 -21.26 -20.67 13.42
C GLU D 228 -22.15 -20.75 14.65
N MET D 229 -21.73 -21.56 15.61
CA MET D 229 -22.43 -21.74 16.88
C MET D 229 -21.54 -21.17 17.98
N THR D 230 -21.82 -19.94 18.39
CA THR D 230 -21.01 -19.24 19.37
C THR D 230 -21.90 -18.73 20.49
N PHE D 231 -21.29 -18.50 21.66
CA PHE D 231 -21.97 -17.98 22.83
C PHE D 231 -21.23 -16.76 23.34
N ASP D 232 -21.98 -15.69 23.60
CA ASP D 232 -21.40 -14.46 24.11
C ASP D 232 -22.47 -13.69 24.86
N ASP D 233 -22.07 -13.04 25.95
CA ASP D 233 -23.02 -12.33 26.80
C ASP D 233 -23.55 -11.08 26.12
N ASP D 234 -22.65 -10.29 25.52
CA ASP D 234 -23.07 -9.04 24.90
C ASP D 234 -23.69 -9.29 23.53
N ASP D 235 -22.92 -9.87 22.61
CA ASP D 235 -23.40 -10.08 21.26
C ASP D 235 -24.30 -11.30 21.19
N LYS D 236 -25.36 -11.20 20.39
CA LYS D 236 -26.24 -12.34 20.13
C LYS D 236 -26.64 -12.41 18.66
N GLY D 237 -25.88 -11.79 17.76
CA GLY D 237 -26.24 -11.72 16.36
C GLY D 237 -25.88 -12.98 15.60
N LYS D 238 -25.94 -12.87 14.28
CA LYS D 238 -25.66 -13.97 13.38
C LYS D 238 -24.21 -13.86 12.92
N LYS D 239 -23.46 -14.95 13.05
CA LYS D 239 -22.06 -15.02 12.66
C LYS D 239 -21.89 -16.14 11.64
N LEU D 240 -21.40 -15.80 10.46
CA LEU D 240 -21.21 -16.78 9.39
C LEU D 240 -19.79 -17.31 9.40
N PHE D 241 -19.62 -18.48 8.79
CA PHE D 241 -18.35 -19.19 8.84
C PHE D 241 -17.35 -18.56 7.87
N LYS D 242 -16.21 -18.13 8.41
CA LYS D 242 -15.13 -17.56 7.61
C LYS D 242 -13.99 -18.57 7.55
N PHE D 243 -13.59 -18.92 6.33
CA PHE D 243 -12.57 -19.94 6.10
C PHE D 243 -11.45 -19.30 5.30
N GLU D 244 -10.33 -19.02 5.98
CA GLU D 244 -9.16 -18.36 5.39
C GLU D 244 -9.53 -17.02 4.76
N GLY D 245 -10.41 -16.29 5.42
CA GLY D 245 -10.84 -14.99 4.94
C GLY D 245 -11.96 -15.01 3.93
N SER D 246 -12.43 -16.19 3.52
CA SER D 246 -13.51 -16.31 2.55
C SER D 246 -14.66 -17.09 3.17
N ALA D 247 -15.85 -16.88 2.62
CA ALA D 247 -17.02 -17.60 3.08
C ALA D 247 -16.89 -19.09 2.74
N GLY D 248 -17.48 -19.93 3.58
CA GLY D 248 -17.39 -21.36 3.36
C GLY D 248 -18.49 -22.09 4.06
N MET D 249 -18.43 -23.43 3.95
CA MET D 249 -19.41 -24.30 4.59
C MET D 249 -18.67 -25.31 5.45
N HIS D 250 -19.29 -25.68 6.57
CA HIS D 250 -18.70 -26.63 7.49
C HIS D 250 -18.63 -28.01 6.86
N SER D 251 -17.67 -28.82 7.34
CA SER D 251 -17.58 -30.20 6.87
C SER D 251 -18.68 -31.07 7.45
N GLN D 252 -19.19 -30.71 8.63
CA GLN D 252 -20.31 -31.45 9.20
C GLN D 252 -21.56 -31.30 8.36
N LYS D 253 -21.81 -30.10 7.84
CA LYS D 253 -23.02 -29.86 7.06
C LYS D 253 -22.98 -30.61 5.73
N ILE D 254 -21.82 -30.66 5.09
CA ILE D 254 -21.70 -31.38 3.82
C ILE D 254 -21.87 -32.88 4.06
N ASN D 255 -21.29 -33.39 5.15
CA ASN D 255 -21.38 -34.82 5.43
C ASN D 255 -22.80 -35.26 5.71
N ASN D 256 -23.61 -34.37 6.30
CA ASN D 256 -25.00 -34.72 6.58
C ASN D 256 -25.80 -34.89 5.31
N ALA D 257 -25.49 -34.12 4.26
CA ALA D 257 -26.19 -34.28 3.00
C ALA D 257 -25.81 -35.58 2.31
N LEU D 258 -24.54 -35.97 2.39
CA LEU D 258 -24.07 -37.15 1.67
C LEU D 258 -24.69 -38.43 2.22
N ARG D 259 -24.84 -38.54 3.54
CA ARG D 259 -25.35 -39.74 4.15
C ARG D 259 -26.88 -39.76 4.26
N THR D 260 -27.56 -38.98 3.41
CA THR D 260 -29.02 -39.01 3.33
C THR D 260 -29.41 -40.06 2.28
N ILE D 261 -29.36 -41.33 2.70
CA ILE D 261 -29.59 -42.43 1.78
C ILE D 261 -30.65 -43.38 2.34
N ASP D 262 -31.06 -43.18 3.58
CA ASP D 262 -31.94 -44.12 4.26
C ASP D 262 -33.33 -44.05 3.66
N THR D 263 -33.71 -45.08 2.91
CA THR D 263 -35.06 -45.23 2.40
C THR D 263 -35.72 -46.52 2.88
N TRP D 264 -35.10 -47.24 3.82
CA TRP D 264 -35.60 -48.51 4.30
C TRP D 264 -36.21 -48.42 5.68
N TYR D 265 -36.45 -47.21 6.19
CA TYR D 265 -37.04 -47.04 7.50
C TYR D 265 -38.51 -47.48 7.47
N PRO D 266 -39.07 -47.84 8.63
CA PRO D 266 -40.50 -48.18 8.68
C PRO D 266 -41.37 -46.99 8.29
N ASP D 267 -42.54 -47.31 7.72
CA ASP D 267 -43.50 -46.33 7.24
C ASP D 267 -42.87 -45.41 6.19
N TYR D 268 -42.06 -46.00 5.30
CA TYR D 268 -41.51 -45.23 4.19
C TYR D 268 -42.59 -44.87 3.17
N THR D 269 -43.59 -45.74 2.99
CA THR D 269 -44.66 -45.50 2.03
C THR D 269 -45.59 -44.37 2.46
N THR D 270 -45.49 -43.90 3.71
CA THR D 270 -46.30 -42.79 4.18
C THR D 270 -45.60 -41.45 4.01
N TYR D 271 -44.28 -41.45 3.81
CA TYR D 271 -43.49 -40.22 3.77
C TYR D 271 -42.81 -40.02 2.43
N GLU D 272 -42.15 -41.05 1.90
CA GLU D 272 -41.50 -41.02 0.59
C GLU D 272 -40.43 -39.94 0.48
N PHE D 273 -39.51 -39.90 1.43
CA PHE D 273 -38.30 -39.11 1.28
C PHE D 273 -37.18 -39.74 2.09
N PRO D 274 -35.96 -39.76 1.59
CA PRO D 274 -34.84 -40.31 2.37
C PRO D 274 -34.50 -39.41 3.55
N ILE D 275 -33.94 -40.03 4.58
CA ILE D 275 -33.54 -39.31 5.79
C ILE D 275 -32.07 -39.61 6.07
N PRO D 276 -31.35 -38.74 6.77
CA PRO D 276 -29.97 -39.09 7.15
C PRO D 276 -29.95 -40.29 8.08
N VAL D 277 -28.93 -41.11 7.94
CA VAL D 277 -28.83 -42.35 8.72
C VAL D 277 -28.31 -42.02 10.11
N GLU D 278 -29.03 -42.48 11.14
CA GLU D 278 -28.68 -42.24 12.53
C GLU D 278 -28.99 -43.50 13.33
N ASN D 279 -28.63 -43.47 14.61
CA ASN D 279 -28.82 -44.64 15.46
C ASN D 279 -30.30 -44.98 15.63
N TYR D 280 -31.13 -43.95 15.84
CA TYR D 280 -32.56 -44.14 16.06
C TYR D 280 -33.40 -43.60 14.92
N GLY D 281 -32.80 -43.26 13.79
CA GLY D 281 -33.55 -42.70 12.68
C GLY D 281 -34.09 -41.32 12.94
N ALA D 282 -33.50 -40.58 13.87
CA ALA D 282 -33.95 -39.23 14.17
C ALA D 282 -33.47 -38.25 13.11
N ALA D 283 -34.36 -37.35 12.71
CA ALA D 283 -34.02 -36.28 11.78
C ALA D 283 -34.53 -34.96 12.35
N ARG D 284 -33.71 -33.93 12.28
CA ARG D 284 -34.09 -32.65 12.86
C ARG D 284 -35.21 -31.98 12.09
N SER D 285 -35.34 -32.28 10.80
CA SER D 285 -36.35 -31.63 9.97
C SER D 285 -37.76 -32.05 10.36
N ILE D 286 -37.93 -33.31 10.75
CA ILE D 286 -39.28 -33.84 11.00
C ILE D 286 -39.65 -33.75 12.47
N GLY D 287 -38.72 -34.04 13.37
CA GLY D 287 -38.98 -33.94 14.79
C GLY D 287 -39.45 -35.21 15.46
N ILE D 288 -39.46 -36.35 14.74
CA ILE D 288 -39.80 -37.63 15.35
C ILE D 288 -38.77 -38.67 14.94
N PRO D 289 -38.47 -39.61 15.82
CA PRO D 289 -37.57 -40.71 15.44
C PRO D 289 -38.31 -41.76 14.63
N PHE D 290 -37.73 -42.13 13.49
CA PHE D 290 -38.33 -43.13 12.62
C PHE D 290 -38.00 -44.55 13.05
N ARG D 291 -37.03 -44.74 13.93
CA ARG D 291 -36.64 -46.06 14.43
C ARG D 291 -36.55 -46.04 15.95
N PRO D 292 -37.69 -45.88 16.65
CA PRO D 292 -37.66 -45.85 18.11
C PRO D 292 -37.84 -47.23 18.72
N ASP D 293 -37.67 -48.27 17.91
CA ASP D 293 -38.14 -49.61 18.27
C ASP D 293 -37.16 -50.63 17.70
N THR D 294 -37.63 -51.87 17.55
CA THR D 294 -36.82 -53.00 17.15
C THR D 294 -36.17 -52.86 15.76
N LYS D 295 -36.45 -51.77 15.06
CA LYS D 295 -35.79 -51.46 13.80
C LYS D 295 -34.58 -50.55 13.99
N SER D 296 -34.21 -50.24 15.23
CA SER D 296 -33.06 -49.40 15.50
C SER D 296 -31.77 -50.18 15.23
N PHE D 297 -30.65 -49.45 15.22
CA PHE D 297 -29.37 -50.06 14.93
C PHE D 297 -28.96 -51.06 16.00
N TYR D 298 -29.21 -50.73 17.27
CA TYR D 298 -28.79 -51.60 18.37
C TYR D 298 -29.51 -52.94 18.32
N LYS D 299 -30.82 -52.92 18.07
CA LYS D 299 -31.58 -54.17 18.02
C LYS D 299 -31.13 -55.05 16.86
N LEU D 300 -30.86 -54.43 15.71
CA LEU D 300 -30.38 -55.20 14.56
C LEU D 300 -28.99 -55.79 14.82
N ILE D 301 -28.11 -55.01 15.45
CA ILE D 301 -26.77 -55.52 15.70
C ILE D 301 -26.79 -56.58 16.80
N ASP D 302 -27.79 -56.57 17.66
CA ASP D 302 -27.95 -57.65 18.63
C ASP D 302 -28.53 -58.89 17.97
N ARG D 303 -29.43 -58.70 17.00
CA ARG D 303 -30.01 -59.83 16.28
C ARG D 303 -29.08 -60.36 15.19
N MET D 304 -27.96 -59.71 14.95
CA MET D 304 -26.98 -60.16 13.97
C MET D 304 -25.79 -60.86 14.60
N ILE D 305 -25.17 -60.25 15.62
CA ILE D 305 -23.92 -60.76 16.17
C ILE D 305 -24.17 -61.68 17.35
N LEU D 306 -24.94 -61.20 18.33
CA LEU D 306 -25.16 -61.96 19.55
C LEU D 306 -25.91 -63.26 19.27
N LYS D 307 -27.13 -63.15 18.77
CA LYS D 307 -27.90 -64.31 18.33
C LYS D 307 -27.81 -64.36 16.82
N ASN D 308 -27.13 -65.38 16.30
CA ASN D 308 -26.86 -65.45 14.87
C ASN D 308 -28.15 -65.67 14.09
N GLU D 309 -28.43 -64.77 13.16
CA GLU D 309 -29.66 -64.82 12.37
C GLU D 309 -29.45 -64.00 11.10
N ASP D 310 -29.85 -64.57 9.98
CA ASP D 310 -29.68 -63.90 8.68
C ASP D 310 -30.75 -62.83 8.54
N LEU D 311 -30.35 -61.57 8.73
CA LEU D 311 -31.27 -60.46 8.62
C LEU D 311 -31.60 -60.19 7.15
N PRO D 312 -32.71 -59.50 6.89
CA PRO D 312 -33.01 -59.09 5.51
C PRO D 312 -31.97 -58.14 4.97
N ILE D 313 -31.95 -58.03 3.63
CA ILE D 313 -30.89 -57.30 2.94
C ILE D 313 -30.96 -55.80 3.26
N GLU D 314 -32.16 -55.26 3.42
CA GLU D 314 -32.31 -53.84 3.72
C GLU D 314 -31.73 -53.50 5.09
N ASP D 315 -31.97 -54.36 6.09
CA ASP D 315 -31.40 -54.14 7.41
C ASP D 315 -29.88 -54.27 7.39
N LYS D 316 -29.35 -55.18 6.57
CA LYS D 316 -27.91 -55.24 6.38
C LYS D 316 -27.37 -53.95 5.78
N HIS D 317 -28.08 -53.40 4.80
CA HIS D 317 -27.67 -52.13 4.20
C HIS D 317 -27.64 -51.03 5.24
N TYR D 318 -28.68 -50.95 6.07
CA TYR D 318 -28.73 -49.92 7.11
C TYR D 318 -27.62 -50.10 8.13
N VAL D 319 -27.33 -51.34 8.53
CA VAL D 319 -26.31 -51.59 9.53
C VAL D 319 -24.93 -51.20 9.00
N MET D 320 -24.61 -51.60 7.77
CA MET D 320 -23.31 -51.22 7.21
C MET D 320 -23.23 -49.72 6.96
N ALA D 321 -24.36 -49.10 6.62
CA ALA D 321 -24.37 -47.64 6.45
C ALA D 321 -24.09 -46.93 7.76
N ILE D 322 -24.62 -47.47 8.87
CA ILE D 322 -24.28 -46.94 10.19
C ILE D 322 -22.79 -47.13 10.46
N LEU D 323 -22.25 -48.30 10.12
CA LEU D 323 -20.85 -48.59 10.39
C LEU D 323 -19.93 -47.64 9.64
N ILE D 324 -20.28 -47.30 8.39
CA ILE D 324 -19.47 -46.35 7.63
C ILE D 324 -19.52 -44.97 8.27
N ARG D 325 -20.66 -44.59 8.84
CA ARG D 325 -20.77 -43.29 9.51
C ARG D 325 -19.85 -43.21 10.72
N GLY D 326 -19.78 -44.28 11.51
CA GLY D 326 -18.94 -44.31 12.69
C GLY D 326 -19.65 -43.83 13.94
N GLY D 327 -19.00 -44.05 15.07
CA GLY D 327 -19.57 -43.66 16.34
C GLY D 327 -18.95 -44.47 17.47
N MET D 328 -19.65 -44.48 18.60
CA MET D 328 -19.24 -45.22 19.79
C MET D 328 -20.34 -46.23 20.11
N PHE D 329 -20.28 -47.41 19.50
CA PHE D 329 -21.28 -48.45 19.70
C PHE D 329 -20.79 -49.45 20.74
N SER D 330 -20.68 -48.97 21.98
CA SER D 330 -20.21 -49.80 23.07
C SER D 330 -21.39 -50.29 23.90
N LYS D 331 -21.08 -51.07 24.93
CA LYS D 331 -22.11 -51.60 25.82
C LYS D 331 -22.60 -50.52 26.77
N LYS D 332 -23.75 -50.78 27.38
CA LYS D 332 -24.32 -49.86 28.37
C LYS D 332 -23.43 -49.84 29.61
N GLN D 333 -22.71 -48.74 29.79
CA GLN D 333 -21.75 -48.64 30.87
C GLN D 333 -22.46 -48.61 32.23
N GLU D 334 -21.84 -49.23 33.22
CA GLU D 334 -22.41 -49.36 34.55
C GLU D 334 -21.40 -48.89 35.59
N LYS D 335 -21.91 -48.47 36.74
CA LYS D 335 -21.07 -48.00 37.83
C LYS D 335 -20.27 -49.15 38.44
N LEU E 12 -54.21 -32.35 15.27
CA LEU E 12 -53.41 -31.21 15.68
C LEU E 12 -54.20 -30.25 16.55
N LYS E 13 -53.50 -29.60 17.49
CA LYS E 13 -54.17 -28.72 18.45
C LYS E 13 -53.45 -27.38 18.56
N SER E 14 -52.15 -27.36 18.28
CA SER E 14 -51.36 -26.16 18.45
C SER E 14 -50.27 -26.10 17.39
N ARG E 15 -49.63 -24.95 17.28
CA ARG E 15 -48.51 -24.79 16.37
C ARG E 15 -47.32 -25.63 16.85
N PRO E 16 -46.50 -26.14 15.93
CA PRO E 16 -45.36 -26.96 16.33
C PRO E 16 -44.31 -26.13 17.05
N GLU E 17 -43.46 -26.83 17.80
CA GLU E 17 -42.42 -26.17 18.58
C GLU E 17 -41.34 -25.54 17.73
N ASN E 18 -41.28 -25.85 16.43
CA ASN E 18 -40.31 -25.25 15.52
C ASN E 18 -41.00 -25.04 14.18
N LEU E 19 -41.20 -23.78 13.81
CA LEU E 19 -41.87 -23.44 12.56
C LEU E 19 -41.33 -22.10 12.08
N SER E 20 -40.88 -22.06 10.83
CA SER E 20 -40.30 -20.84 10.28
C SER E 20 -40.42 -20.88 8.77
N PHE E 21 -40.63 -19.70 8.18
CA PHE E 21 -40.80 -19.56 6.75
C PHE E 21 -39.67 -18.69 6.18
N ALA E 22 -38.99 -19.20 5.17
CA ALA E 22 -38.04 -18.37 4.44
C ALA E 22 -38.78 -17.39 3.54
N ARG E 23 -38.13 -16.28 3.24
CA ARG E 23 -38.76 -15.26 2.42
C ARG E 23 -38.88 -15.73 0.97
N CYS E 24 -39.87 -15.18 0.26
CA CYS E 24 -40.13 -15.55 -1.11
C CYS E 24 -39.83 -14.45 -2.12
N LEU E 25 -39.47 -13.26 -1.66
CA LEU E 25 -39.14 -12.12 -2.52
C LEU E 25 -37.78 -11.60 -2.08
N ASN E 26 -36.71 -12.10 -2.70
CA ASN E 26 -35.35 -11.74 -2.31
C ASN E 26 -34.90 -10.54 -3.14
N THR E 27 -34.79 -9.38 -2.50
CA THR E 27 -34.33 -8.17 -3.18
C THR E 27 -32.86 -7.94 -2.87
N THR E 28 -32.10 -7.61 -3.91
CA THR E 28 -30.68 -7.32 -3.74
C THR E 28 -30.52 -5.89 -3.23
N GLU E 29 -29.28 -5.40 -3.25
CA GLU E 29 -28.95 -4.10 -2.68
C GLU E 29 -28.74 -3.08 -3.79
N ALA E 30 -29.38 -1.93 -3.65
CA ALA E 30 -29.32 -0.92 -4.70
C ALA E 30 -27.94 -0.28 -4.77
N LYS E 31 -27.56 0.13 -5.97
CA LYS E 31 -26.32 0.85 -6.21
C LYS E 31 -26.63 2.15 -6.90
N PHE E 32 -25.96 3.23 -6.47
CA PHE E 32 -26.26 4.57 -6.94
C PHE E 32 -25.29 4.97 -8.04
N TRP E 33 -25.83 5.49 -9.13
CA TRP E 33 -25.04 6.08 -10.20
C TRP E 33 -25.65 7.42 -10.58
N GLN E 34 -24.83 8.28 -11.17
CA GLN E 34 -25.28 9.59 -11.63
C GLN E 34 -25.05 9.71 -13.12
N THR E 35 -25.96 10.40 -13.80
CA THR E 35 -25.90 10.55 -15.24
C THR E 35 -26.66 11.81 -15.63
N ASP E 36 -26.72 12.07 -16.93
CA ASP E 36 -27.49 13.16 -17.48
C ASP E 36 -28.74 12.62 -18.14
N PHE E 37 -29.82 13.40 -18.12
CA PHE E 37 -31.11 12.91 -18.58
C PHE E 37 -31.14 12.72 -20.09
N LEU E 38 -30.51 13.62 -20.84
CA LEU E 38 -30.51 13.47 -22.29
C LEU E 38 -29.65 12.30 -22.73
N LYS E 39 -28.61 11.98 -21.98
CA LYS E 39 -27.72 10.85 -22.27
C LYS E 39 -28.01 9.68 -21.35
N ARG E 40 -29.29 9.42 -21.10
CA ARG E 40 -29.69 8.41 -20.12
C ARG E 40 -29.20 7.01 -20.51
N HIS E 41 -29.32 6.66 -21.79
CA HIS E 41 -28.92 5.35 -22.27
C HIS E 41 -27.52 5.33 -22.87
N THR E 42 -26.67 6.27 -22.45
CA THR E 42 -25.33 6.38 -22.99
C THR E 42 -24.25 6.11 -21.96
N PHE E 43 -24.28 6.77 -20.81
CA PHE E 43 -23.20 6.64 -19.84
C PHE E 43 -23.74 6.85 -18.43
N LYS E 44 -22.95 6.40 -17.46
CA LYS E 44 -23.24 6.62 -16.06
C LYS E 44 -21.92 6.76 -15.31
N LEU E 45 -21.98 7.45 -14.17
CA LEU E 45 -20.78 7.75 -13.40
C LEU E 45 -21.00 7.33 -11.94
N PRO E 46 -19.92 6.97 -11.24
CA PRO E 46 -20.07 6.58 -9.83
C PRO E 46 -20.47 7.75 -8.95
N LEU E 47 -21.11 7.43 -7.83
CA LEU E 47 -21.59 8.41 -6.86
C LEU E 47 -21.00 8.05 -5.50
N LEU E 48 -20.01 8.81 -5.07
CA LEU E 48 -19.28 8.49 -3.85
C LEU E 48 -19.80 9.30 -2.66
N ILE E 49 -19.29 8.96 -1.48
CA ILE E 49 -19.72 9.57 -0.22
C ILE E 49 -18.55 10.37 0.34
N THR E 50 -18.84 11.55 0.89
CA THR E 50 -17.83 12.46 1.38
C THR E 50 -18.02 12.74 2.86
N ASP E 51 -16.92 12.75 3.61
CA ASP E 51 -16.96 13.09 5.02
C ASP E 51 -17.25 14.58 5.20
N LYS E 52 -17.79 14.93 6.37
CA LYS E 52 -18.14 16.31 6.66
C LYS E 52 -18.31 16.48 8.16
N ALA E 53 -17.54 17.36 8.77
CA ALA E 53 -17.70 17.67 10.19
C ALA E 53 -18.53 18.93 10.34
N VAL E 54 -19.31 18.99 11.42
CA VAL E 54 -20.30 20.03 11.63
C VAL E 54 -20.12 20.64 13.01
N LEU E 55 -20.58 21.90 13.14
CA LEU E 55 -20.44 22.68 14.36
C LEU E 55 -21.80 23.28 14.72
N ALA E 56 -22.53 22.58 15.59
CA ALA E 56 -23.82 23.06 16.08
C ALA E 56 -23.62 24.09 17.18
N SER E 57 -24.73 24.70 17.60
CA SER E 57 -24.73 25.74 18.63
C SER E 57 -25.57 25.35 19.84
N LYS E 58 -25.68 24.05 20.11
CA LYS E 58 -26.42 23.51 21.26
C LYS E 58 -27.87 23.96 21.25
N GLY E 59 -28.59 23.54 20.21
CA GLY E 59 -29.99 23.89 20.04
C GLY E 59 -30.98 22.94 20.66
N HIS E 60 -30.52 21.91 21.37
CA HIS E 60 -31.43 20.93 21.96
C HIS E 60 -32.08 21.49 23.21
N GLU E 61 -33.16 20.83 23.63
CA GLU E 61 -33.88 21.24 24.84
C GLU E 61 -33.11 20.82 26.07
N MET E 62 -32.82 21.77 26.95
CA MET E 62 -32.03 21.52 28.14
C MET E 62 -32.74 22.05 29.38
N PRO E 63 -32.49 21.45 30.55
CA PRO E 63 -33.07 21.99 31.78
C PRO E 63 -32.50 23.35 32.09
N PRO E 64 -33.25 24.21 32.77
CA PRO E 64 -32.79 25.60 33.00
C PRO E 64 -31.64 25.72 34.00
N ASP E 65 -31.22 24.63 34.64
CA ASP E 65 -30.09 24.71 35.56
C ASP E 65 -28.79 24.96 34.81
N LYS E 66 -28.41 24.05 33.92
CA LYS E 66 -27.20 24.18 33.13
C LYS E 66 -27.41 24.94 31.83
N LEU E 67 -28.66 25.34 31.54
CA LEU E 67 -28.94 26.07 30.31
C LEU E 67 -28.21 27.40 30.29
N GLU E 68 -28.18 28.10 31.43
CA GLU E 68 -27.55 29.41 31.47
C GLU E 68 -26.05 29.32 31.20
N LYS E 69 -25.38 28.29 31.71
CA LYS E 69 -23.94 28.21 31.57
C LYS E 69 -23.51 27.53 30.28
N GLU E 70 -24.34 26.67 29.70
CA GLU E 70 -23.93 25.84 28.58
C GLU E 70 -24.76 26.09 27.32
N ILE E 71 -25.06 27.35 27.00
CA ILE E 71 -25.91 27.62 25.85
C ILE E 71 -25.07 28.17 24.70
N MET E 72 -24.07 28.99 25.01
CA MET E 72 -23.25 29.64 24.00
C MET E 72 -22.08 28.77 23.54
N ASP E 73 -21.92 27.58 24.09
CA ASP E 73 -20.84 26.70 23.69
C ASP E 73 -21.08 26.16 22.28
N PRO E 74 -20.02 25.85 21.54
CA PRO E 74 -20.17 25.17 20.25
C PRO E 74 -20.41 23.67 20.45
N ASN E 75 -20.58 22.97 19.33
CA ASN E 75 -20.83 21.53 19.35
C ASN E 75 -20.14 20.89 18.15
N PRO E 76 -18.98 20.26 18.36
CA PRO E 76 -18.30 19.52 17.28
C PRO E 76 -18.87 18.12 17.09
N GLN E 77 -19.44 17.84 15.92
CA GLN E 77 -19.76 16.47 15.54
C GLN E 77 -19.17 16.16 14.17
N LYS E 78 -19.26 14.89 13.77
CA LYS E 78 -18.85 14.43 12.46
C LYS E 78 -20.03 13.72 11.79
N SER E 79 -19.97 13.62 10.46
CA SER E 79 -21.05 13.03 9.67
C SER E 79 -20.53 12.79 8.26
N GLN E 80 -21.42 12.28 7.41
CA GLN E 80 -21.12 12.05 6.00
C GLN E 80 -22.26 12.57 5.17
N SER E 81 -22.00 12.78 3.88
CA SER E 81 -23.01 13.29 2.97
C SER E 81 -22.72 12.79 1.57
N CYS E 82 -23.75 12.82 0.72
CA CYS E 82 -23.64 12.37 -0.66
C CYS E 82 -24.47 13.29 -1.54
N THR E 83 -23.81 14.02 -2.43
CA THR E 83 -24.48 14.92 -3.37
C THR E 83 -24.07 14.58 -4.79
N LEU E 84 -24.87 15.05 -5.74
CA LEU E 84 -24.52 14.87 -7.14
C LEU E 84 -23.38 15.81 -7.53
N SER E 85 -22.80 15.54 -8.71
CA SER E 85 -21.75 16.39 -9.23
C SER E 85 -22.36 17.62 -9.90
N THR E 86 -21.50 18.51 -10.38
CA THR E 86 -21.94 19.77 -10.97
C THR E 86 -22.25 19.67 -12.46
N GLU E 87 -22.17 18.47 -13.04
CA GLU E 87 -22.46 18.28 -14.44
C GLU E 87 -23.55 17.27 -14.73
N CYS E 88 -24.04 16.55 -13.72
CA CYS E 88 -25.08 15.54 -13.90
C CYS E 88 -26.26 15.86 -12.99
N ASP E 89 -27.47 15.72 -13.53
CA ASP E 89 -28.68 16.04 -12.80
C ASP E 89 -29.62 14.86 -12.59
N THR E 90 -29.24 13.66 -13.03
CA THR E 90 -30.09 12.48 -12.93
C THR E 90 -29.43 11.43 -12.07
N LEU E 91 -30.21 10.81 -11.20
CA LEU E 91 -29.73 9.76 -10.31
C LEU E 91 -30.32 8.43 -10.74
N ARG E 92 -29.46 7.42 -10.90
CA ARG E 92 -29.86 6.12 -11.42
C ARG E 92 -29.68 5.06 -10.35
N ILE E 93 -30.70 4.23 -10.15
CA ILE E 93 -30.72 3.22 -9.11
C ILE E 93 -31.00 1.87 -9.77
N ASP E 94 -30.11 0.91 -9.56
CA ASP E 94 -30.25 -0.43 -10.13
C ASP E 94 -30.36 -1.45 -9.00
N PHE E 95 -31.32 -2.36 -9.10
CA PHE E 95 -31.39 -3.47 -8.18
C PHE E 95 -32.16 -4.61 -8.84
N GLY E 96 -32.32 -5.71 -8.10
CA GLY E 96 -32.93 -6.90 -8.65
C GLY E 96 -33.75 -7.66 -7.63
N ILE E 97 -34.66 -8.48 -8.13
CA ILE E 97 -35.57 -9.27 -7.31
C ILE E 97 -35.54 -10.72 -7.80
N LYS E 98 -35.54 -11.65 -6.85
CA LYS E 98 -35.68 -13.07 -7.13
C LYS E 98 -36.96 -13.59 -6.49
N VAL E 99 -37.77 -14.29 -7.27
CA VAL E 99 -39.07 -14.79 -6.84
C VAL E 99 -39.02 -16.30 -6.83
N LEU E 100 -39.47 -16.89 -5.71
CA LEU E 100 -39.46 -18.32 -5.45
C LEU E 100 -40.86 -18.76 -5.05
N PRO E 101 -41.21 -20.04 -5.25
CA PRO E 101 -42.55 -20.50 -4.91
C PRO E 101 -42.84 -20.41 -3.42
N VAL E 102 -44.11 -20.16 -3.11
CA VAL E 102 -44.52 -20.02 -1.71
C VAL E 102 -44.49 -21.37 -1.00
N LYS E 103 -44.89 -22.44 -1.70
CA LYS E 103 -44.96 -23.76 -1.07
C LYS E 103 -43.57 -24.25 -0.67
N GLU E 104 -42.58 -24.03 -1.53
CA GLU E 104 -41.21 -24.44 -1.23
C GLU E 104 -40.47 -23.34 -0.46
N SER E 105 -41.05 -22.97 0.67
CA SER E 105 -40.46 -21.95 1.54
C SER E 105 -40.47 -22.30 3.01
N MET E 106 -41.20 -23.32 3.44
CA MET E 106 -41.23 -23.71 4.84
C MET E 106 -39.88 -24.33 5.19
N TYR E 107 -39.04 -23.56 5.89
CA TYR E 107 -37.69 -24.03 6.21
C TYR E 107 -37.72 -25.18 7.20
N SER E 108 -38.47 -25.03 8.29
CA SER E 108 -38.52 -26.05 9.33
C SER E 108 -39.94 -26.20 9.83
N CYS E 109 -40.29 -27.43 10.19
CA CYS E 109 -41.60 -27.74 10.77
C CYS E 109 -41.49 -29.06 11.49
N SER E 110 -41.65 -29.05 12.81
CA SER E 110 -41.54 -30.27 13.61
C SER E 110 -42.89 -30.96 13.77
N ASP E 111 -43.58 -31.16 12.66
CA ASP E 111 -44.86 -31.86 12.60
C ASP E 111 -45.22 -32.07 11.14
N TYR E 112 -45.88 -33.20 10.86
CA TYR E 112 -46.30 -33.51 9.50
C TYR E 112 -47.75 -33.13 9.22
N ASN E 113 -48.63 -33.25 10.22
CA ASN E 113 -50.01 -32.86 10.05
C ASN E 113 -50.13 -31.37 9.76
N TYR E 114 -49.34 -30.55 10.46
CA TYR E 114 -49.33 -29.11 10.19
C TYR E 114 -48.84 -28.81 8.80
N ARG E 115 -47.81 -29.54 8.34
CA ARG E 115 -47.28 -29.32 7.00
C ARG E 115 -48.34 -29.66 5.94
N THR E 116 -49.04 -30.78 6.12
CA THR E 116 -50.07 -31.15 5.15
C THR E 116 -51.24 -30.16 5.18
N ALA E 117 -51.61 -29.69 6.36
CA ALA E 117 -52.70 -28.71 6.45
C ALA E 117 -52.32 -27.41 5.76
N ILE E 118 -51.09 -26.94 5.96
CA ILE E 118 -50.66 -25.70 5.31
C ILE E 118 -50.60 -25.88 3.81
N TYR E 119 -50.10 -27.04 3.35
CA TYR E 119 -50.05 -27.30 1.91
C TYR E 119 -51.45 -27.31 1.31
N GLN E 120 -52.41 -27.92 2.00
CA GLN E 120 -53.79 -27.95 1.52
C GLN E 120 -54.40 -26.56 1.46
N LYS E 121 -54.14 -25.74 2.49
CA LYS E 121 -54.66 -24.37 2.48
C LYS E 121 -54.07 -23.55 1.34
N ILE E 122 -52.76 -23.71 1.09
CA ILE E 122 -52.14 -22.98 -0.01
C ILE E 122 -52.70 -23.46 -1.35
N ASP E 123 -52.95 -24.76 -1.49
CA ASP E 123 -53.56 -25.27 -2.72
C ASP E 123 -54.95 -24.69 -2.92
N GLU E 124 -55.74 -24.59 -1.85
CA GLU E 124 -57.07 -23.98 -1.97
C GLU E 124 -56.96 -22.51 -2.38
N TYR E 125 -56.03 -21.77 -1.77
CA TYR E 125 -55.87 -20.36 -2.13
C TYR E 125 -55.43 -20.19 -3.57
N ILE E 126 -54.58 -21.10 -4.07
CA ILE E 126 -54.22 -21.07 -5.48
C ILE E 126 -55.44 -21.38 -6.34
N ALA E 127 -56.31 -22.29 -5.87
CA ALA E 127 -57.49 -22.65 -6.63
C ALA E 127 -58.44 -21.47 -6.79
N GLU E 128 -58.69 -20.72 -5.72
CA GLU E 128 -59.60 -19.58 -5.85
C GLU E 128 -58.94 -18.38 -6.49
N ASP E 129 -57.91 -17.83 -5.86
CA ASP E 129 -57.33 -16.55 -6.28
C ASP E 129 -56.20 -16.71 -7.28
N GLY E 130 -55.20 -17.52 -6.96
CA GLY E 130 -54.06 -17.70 -7.84
C GLY E 130 -52.92 -16.73 -7.62
N PHE E 131 -52.88 -16.06 -6.46
CA PHE E 131 -51.79 -15.13 -6.09
C PHE E 131 -51.67 -13.99 -7.10
N LEU E 132 -52.80 -13.55 -7.65
CA LEU E 132 -52.77 -12.51 -8.68
C LEU E 132 -52.90 -11.11 -8.09
N THR E 133 -53.75 -10.94 -7.08
CA THR E 133 -53.95 -9.63 -6.47
C THR E 133 -52.68 -9.12 -5.82
N LEU E 134 -52.00 -9.99 -5.06
CA LEU E 134 -50.76 -9.60 -4.41
C LEU E 134 -49.68 -9.29 -5.44
N ALA E 135 -49.63 -10.05 -6.53
CA ALA E 135 -48.66 -9.76 -7.58
C ALA E 135 -48.92 -8.40 -8.21
N LYS E 136 -50.19 -8.09 -8.48
CA LYS E 136 -50.53 -6.78 -9.02
C LYS E 136 -50.14 -5.66 -8.06
N ARG E 137 -50.39 -5.85 -6.76
CA ARG E 137 -50.04 -4.83 -5.78
C ARG E 137 -48.54 -4.64 -5.67
N TYR E 138 -47.77 -5.74 -5.74
CA TYR E 138 -46.32 -5.63 -5.68
C TYR E 138 -45.76 -4.91 -6.89
N VAL E 139 -46.27 -5.22 -8.09
CA VAL E 139 -45.80 -4.51 -9.27
C VAL E 139 -46.25 -3.06 -9.23
N ASN E 140 -47.40 -2.77 -8.62
CA ASN E 140 -47.82 -1.39 -8.43
C ASN E 140 -46.84 -0.64 -7.53
N ASN E 141 -46.41 -1.27 -6.44
CA ASN E 141 -45.44 -0.64 -5.54
C ASN E 141 -44.09 -0.48 -6.22
N ILE E 142 -43.78 -1.34 -7.19
CA ILE E 142 -42.58 -1.14 -7.99
C ILE E 142 -42.76 0.06 -8.92
N ALA E 143 -43.95 0.20 -9.51
CA ALA E 143 -44.16 1.18 -10.56
C ALA E 143 -44.20 2.61 -10.03
N ASN E 144 -44.84 2.83 -8.89
CA ASN E 144 -44.95 4.18 -8.34
C ASN E 144 -43.70 4.62 -7.60
N ALA E 145 -42.66 3.78 -7.58
CA ALA E 145 -41.35 4.11 -7.03
C ALA E 145 -41.44 4.53 -5.57
N ARG E 146 -42.13 3.72 -4.78
CA ARG E 146 -42.19 3.96 -3.35
C ARG E 146 -40.84 3.69 -2.68
N PHE E 147 -39.95 2.94 -3.33
CA PHE E 147 -38.66 2.60 -2.76
C PHE E 147 -37.66 3.74 -2.81
N LEU E 148 -37.99 4.85 -3.47
CA LEU E 148 -37.07 5.98 -3.50
C LEU E 148 -36.95 6.65 -2.13
N TRP E 149 -38.00 6.58 -1.31
CA TRP E 149 -38.06 7.15 0.04
C TRP E 149 -37.85 8.65 -0.09
N ARG E 150 -36.85 9.23 0.59
CA ARG E 150 -36.69 10.68 0.59
C ARG E 150 -36.20 11.23 -0.74
N ASN E 151 -35.71 10.38 -1.65
CA ASN E 151 -35.31 10.85 -2.97
C ASN E 151 -36.50 11.17 -3.86
N ARG E 152 -37.70 10.71 -3.51
CA ARG E 152 -38.87 10.97 -4.33
C ARG E 152 -39.36 12.40 -4.19
N LYS E 153 -39.07 13.04 -3.07
CA LYS E 153 -39.55 14.41 -2.83
C LYS E 153 -38.78 15.41 -3.68
N GLY E 154 -39.52 16.31 -4.31
CA GLY E 154 -38.90 17.35 -5.12
C GLY E 154 -38.18 16.85 -6.35
N ALA E 155 -38.78 15.91 -7.06
CA ALA E 155 -38.21 15.36 -8.27
C ALA E 155 -39.04 15.77 -9.48
N GLU E 156 -38.37 16.01 -10.60
CA GLU E 156 -39.06 16.44 -11.82
C GLU E 156 -39.59 15.24 -12.61
N ILE E 157 -38.70 14.34 -13.01
CA ILE E 157 -39.05 13.18 -13.81
C ILE E 157 -38.57 11.92 -13.10
N ILE E 158 -39.47 10.96 -12.94
CA ILE E 158 -39.13 9.64 -12.42
C ILE E 158 -39.54 8.61 -13.46
N GLU E 159 -38.57 7.84 -13.97
CA GLU E 159 -38.82 6.86 -15.01
C GLU E 159 -38.29 5.51 -14.54
N THR E 160 -39.17 4.50 -14.53
CA THR E 160 -38.83 3.17 -14.04
C THR E 160 -38.93 2.15 -15.17
N ILE E 161 -37.90 1.32 -15.30
CA ILE E 161 -37.82 0.31 -16.35
C ILE E 161 -37.62 -1.06 -15.69
N VAL E 162 -38.41 -2.04 -16.10
CA VAL E 162 -38.33 -3.40 -15.59
C VAL E 162 -37.91 -4.32 -16.74
N THR E 163 -36.87 -5.11 -16.51
CA THR E 163 -36.33 -6.00 -17.52
C THR E 163 -36.38 -7.44 -17.02
N ILE E 164 -36.97 -8.32 -17.82
CA ILE E 164 -37.05 -9.75 -17.53
C ILE E 164 -36.27 -10.49 -18.59
N GLU E 165 -35.27 -11.26 -18.15
CA GLU E 165 -34.40 -12.05 -19.02
C GLU E 165 -33.76 -11.16 -20.09
N ASP E 166 -34.36 -11.14 -21.28
CA ASP E 166 -33.90 -10.26 -22.35
C ASP E 166 -35.03 -9.41 -22.91
N LYS E 167 -36.21 -9.43 -22.29
CA LYS E 167 -37.36 -8.67 -22.75
C LYS E 167 -37.43 -7.38 -21.95
N GLU E 168 -37.17 -6.25 -22.63
CA GLU E 168 -37.21 -4.94 -21.99
C GLU E 168 -38.63 -4.42 -22.07
N TYR E 169 -39.31 -4.41 -20.93
CA TYR E 169 -40.70 -3.97 -20.89
C TYR E 169 -40.78 -2.45 -21.10
N PRO E 170 -41.91 -1.95 -21.60
CA PRO E 170 -42.05 -0.51 -21.81
C PRO E 170 -41.91 0.28 -20.51
N SER E 171 -41.40 1.49 -20.64
CA SER E 171 -41.06 2.31 -19.49
C SER E 171 -42.31 2.78 -18.75
N PHE E 172 -42.10 3.31 -17.54
CA PHE E 172 -43.16 3.78 -16.69
C PHE E 172 -43.02 5.28 -16.46
N ASN E 173 -44.15 5.94 -16.21
CA ASN E 173 -44.18 7.31 -15.73
C ASN E 173 -44.61 7.26 -14.28
N SER E 174 -43.64 7.35 -13.37
CA SER E 174 -43.91 7.01 -11.98
C SER E 174 -44.67 8.11 -11.25
N LYS E 175 -44.64 9.34 -11.74
CA LYS E 175 -45.27 10.44 -11.02
C LYS E 175 -46.78 10.40 -11.14
N SER E 176 -47.31 9.78 -12.19
CA SER E 176 -48.76 9.74 -12.38
C SER E 176 -49.46 8.87 -11.34
N PHE E 177 -48.81 7.79 -10.92
CA PHE E 177 -49.42 6.89 -9.95
C PHE E 177 -49.53 7.56 -8.58
N ASN E 178 -50.64 7.29 -7.90
CA ASN E 178 -50.89 7.84 -6.57
C ASN E 178 -50.50 6.82 -5.51
N LEU E 179 -49.89 7.29 -4.43
CA LEU E 179 -49.39 6.43 -3.37
C LEU E 179 -50.48 5.95 -2.42
N ASP E 180 -51.75 6.08 -2.79
CA ASP E 180 -52.85 5.63 -1.95
C ASP E 180 -53.76 4.62 -2.63
N THR E 181 -53.86 4.64 -3.95
CA THR E 181 -54.72 3.73 -4.70
C THR E 181 -53.88 2.86 -5.61
N PHE E 182 -54.34 1.64 -5.84
CA PHE E 182 -53.63 0.66 -6.65
C PHE E 182 -54.31 0.53 -8.01
N VAL E 183 -53.51 0.67 -9.07
CA VAL E 183 -54.00 0.57 -10.44
C VAL E 183 -53.77 -0.86 -10.93
N GLU E 184 -54.82 -1.47 -11.46
CA GLU E 184 -54.75 -2.83 -12.00
C GLU E 184 -55.17 -2.87 -13.47
N ASP E 185 -55.32 -1.71 -14.12
CA ASP E 185 -55.75 -1.64 -15.50
C ASP E 185 -54.59 -1.51 -16.48
N ASN E 186 -53.37 -1.33 -16.00
CA ASN E 186 -52.23 -1.18 -16.90
C ASN E 186 -51.89 -2.50 -17.57
N ALA E 187 -51.52 -2.44 -18.84
CA ALA E 187 -51.18 -3.66 -19.58
C ALA E 187 -49.85 -4.23 -19.09
N THR E 188 -48.84 -3.37 -18.92
CA THR E 188 -47.52 -3.85 -18.50
C THR E 188 -47.55 -4.39 -17.08
N ILE E 189 -48.29 -3.72 -16.20
CA ILE E 189 -48.39 -4.17 -14.80
C ILE E 189 -49.02 -5.55 -14.74
N ASN E 190 -50.11 -5.75 -15.49
CA ASN E 190 -50.77 -7.05 -15.50
C ASN E 190 -49.87 -8.11 -16.14
N GLU E 191 -49.14 -7.73 -17.19
CA GLU E 191 -48.27 -8.68 -17.86
C GLU E 191 -47.16 -9.18 -16.94
N ILE E 192 -46.55 -8.27 -16.17
CA ILE E 192 -45.52 -8.68 -15.21
C ILE E 192 -46.14 -9.46 -14.05
N ALA E 193 -47.30 -9.00 -13.57
CA ALA E 193 -47.93 -9.67 -12.44
C ALA E 193 -48.37 -11.08 -12.79
N GLN E 194 -48.65 -11.36 -14.06
CA GLN E 194 -48.97 -12.72 -14.47
C GLN E 194 -47.79 -13.66 -14.23
N GLN E 195 -46.59 -13.24 -14.65
CA GLN E 195 -45.41 -14.06 -14.43
C GLN E 195 -45.10 -14.19 -12.94
N ILE E 196 -45.29 -13.11 -12.18
CA ILE E 196 -45.01 -13.16 -10.75
C ILE E 196 -45.98 -14.13 -10.06
N ALA E 197 -47.26 -14.10 -10.45
CA ALA E 197 -48.24 -15.02 -9.86
C ALA E 197 -47.94 -16.45 -10.27
N ASP E 198 -47.50 -16.68 -11.51
CA ASP E 198 -47.13 -18.02 -11.94
C ASP E 198 -45.95 -18.55 -11.14
N THR E 199 -44.95 -17.70 -10.87
CA THR E 199 -43.83 -18.12 -10.05
C THR E 199 -44.26 -18.38 -8.61
N PHE E 200 -45.17 -17.56 -8.09
CA PHE E 200 -45.65 -17.75 -6.71
C PHE E 200 -46.41 -19.05 -6.56
N ALA E 201 -47.27 -19.37 -7.53
CA ALA E 201 -48.09 -20.58 -7.41
C ALA E 201 -47.25 -21.83 -7.54
N GLY E 202 -46.36 -21.89 -8.53
CA GLY E 202 -45.51 -23.05 -8.71
C GLY E 202 -45.38 -23.49 -10.15
N LYS E 203 -45.98 -22.72 -11.07
CA LYS E 203 -45.89 -23.08 -12.48
C LYS E 203 -44.47 -22.95 -13.01
N ARG E 204 -43.69 -22.03 -12.45
CA ARG E 204 -42.27 -21.89 -12.77
C ARG E 204 -41.45 -22.18 -11.52
N GLU E 205 -40.13 -22.19 -11.69
CA GLU E 205 -39.22 -22.46 -10.58
C GLU E 205 -38.74 -21.18 -9.91
N TYR E 206 -38.47 -20.14 -10.68
CA TYR E 206 -37.92 -18.90 -10.15
C TYR E 206 -38.15 -17.80 -11.17
N LEU E 207 -38.09 -16.56 -10.70
CA LEU E 207 -38.16 -15.39 -11.57
C LEU E 207 -37.10 -14.39 -11.17
N ASN E 208 -36.48 -13.77 -12.18
CA ASN E 208 -35.41 -12.80 -11.96
C ASN E 208 -35.80 -11.48 -12.62
N ILE E 209 -36.17 -10.50 -11.79
CA ILE E 209 -36.57 -9.18 -12.26
C ILE E 209 -35.43 -8.21 -12.00
N TYR E 210 -35.23 -7.26 -12.91
CA TYR E 210 -34.22 -6.23 -12.74
C TYR E 210 -34.87 -4.87 -12.90
N VAL E 211 -34.64 -3.97 -11.95
CA VAL E 211 -35.27 -2.66 -11.92
C VAL E 211 -34.20 -1.59 -12.02
N THR E 212 -34.42 -0.63 -12.91
CA THR E 212 -33.56 0.54 -13.09
C THR E 212 -34.43 1.79 -13.06
N CYS E 213 -34.09 2.73 -12.18
CA CYS E 213 -34.89 3.93 -11.96
C CYS E 213 -34.04 5.16 -12.23
N PHE E 214 -34.59 6.10 -13.01
CA PHE E 214 -33.96 7.37 -13.30
C PHE E 214 -34.77 8.48 -12.62
N VAL E 215 -34.11 9.25 -11.77
CA VAL E 215 -34.74 10.35 -11.05
C VAL E 215 -34.00 11.62 -11.39
N LYS E 216 -34.74 12.64 -11.85
CA LYS E 216 -34.17 13.93 -12.20
C LYS E 216 -34.49 14.91 -11.09
N ILE E 217 -33.47 15.27 -10.29
CA ILE E 217 -33.67 16.14 -9.14
C ILE E 217 -33.04 17.51 -9.32
N GLY E 218 -32.12 17.67 -10.25
CA GLY E 218 -31.43 18.93 -10.44
C GLY E 218 -29.92 18.76 -10.38
N CYS E 219 -29.23 19.83 -10.76
CA CYS E 219 -27.78 19.80 -10.83
C CYS E 219 -27.18 20.02 -9.45
N ALA E 220 -26.26 19.14 -9.07
CA ALA E 220 -25.52 19.22 -7.81
C ALA E 220 -26.43 19.20 -6.59
N MET E 221 -27.57 18.52 -6.69
CA MET E 221 -28.46 18.38 -5.54
C MET E 221 -27.99 17.22 -4.66
N GLU E 222 -28.75 16.94 -3.61
CA GLU E 222 -28.38 15.97 -2.59
C GLU E 222 -29.20 14.70 -2.73
N VAL E 223 -28.52 13.56 -2.63
CA VAL E 223 -29.18 12.25 -2.64
C VAL E 223 -29.02 11.64 -1.24
N TYR E 224 -29.91 10.70 -0.94
CA TYR E 224 -30.05 10.17 0.42
C TYR E 224 -29.95 8.66 0.42
N PRO E 225 -28.76 8.12 0.65
CA PRO E 225 -28.60 6.66 0.78
C PRO E 225 -29.04 6.21 2.18
N SER E 226 -28.99 4.90 2.39
CA SER E 226 -29.33 4.34 3.68
C SER E 226 -28.27 4.71 4.72
N GLN E 227 -28.69 4.79 5.98
CA GLN E 227 -27.82 5.16 7.07
C GLN E 227 -27.52 3.93 7.92
N GLU E 228 -26.23 3.74 8.22
CA GLU E 228 -25.82 2.61 9.04
C GLU E 228 -26.33 2.74 10.46
N MET E 229 -26.73 1.62 11.04
CA MET E 229 -27.12 1.57 12.45
C MET E 229 -25.88 1.29 13.28
N THR E 230 -25.55 2.19 14.19
CA THR E 230 -24.37 2.07 15.04
C THR E 230 -24.81 1.99 16.49
N PHE E 231 -24.26 1.00 17.20
CA PHE E 231 -24.54 0.85 18.62
C PHE E 231 -23.60 1.73 19.43
N ASP E 232 -23.86 1.79 20.74
CA ASP E 232 -23.04 2.65 21.60
C ASP E 232 -21.76 1.94 22.00
N ASP E 233 -21.01 1.43 21.02
CA ASP E 233 -19.75 0.75 21.28
C ASP E 233 -18.59 1.41 20.55
N ASP E 234 -18.72 1.68 19.26
CA ASP E 234 -17.58 2.13 18.47
C ASP E 234 -17.36 3.64 18.61
N ASP E 235 -18.29 4.45 18.13
CA ASP E 235 -18.15 5.90 18.09
C ASP E 235 -19.54 6.50 17.93
N LYS E 236 -19.60 7.80 17.67
CA LYS E 236 -20.83 8.51 17.36
C LYS E 236 -20.64 9.33 16.10
N GLY E 237 -21.72 9.52 15.36
CA GLY E 237 -21.68 10.27 14.12
C GLY E 237 -22.44 9.55 13.02
N LYS E 238 -22.89 10.31 12.03
CA LYS E 238 -23.64 9.74 10.93
C LYS E 238 -22.73 8.99 9.97
N LYS E 239 -23.12 7.77 9.61
CA LYS E 239 -22.40 6.96 8.64
C LYS E 239 -23.38 6.47 7.59
N LEU E 240 -22.96 6.50 6.33
CA LEU E 240 -23.81 6.12 5.21
C LEU E 240 -23.35 4.78 4.64
N PHE E 241 -24.28 4.13 3.94
CA PHE E 241 -24.04 2.79 3.42
C PHE E 241 -23.32 2.86 2.08
N LYS E 242 -22.20 2.16 1.96
CA LYS E 242 -21.42 2.11 0.74
C LYS E 242 -21.41 0.67 0.21
N PHE E 243 -22.01 0.48 -0.96
CA PHE E 243 -22.08 -0.83 -1.61
C PHE E 243 -21.10 -0.84 -2.76
N GLU E 244 -20.03 -1.64 -2.63
CA GLU E 244 -18.95 -1.72 -3.60
C GLU E 244 -18.34 -0.35 -3.88
N GLY E 245 -18.14 0.44 -2.82
CA GLY E 245 -17.56 1.75 -2.97
C GLY E 245 -18.58 2.85 -3.13
N SER E 246 -19.45 2.73 -4.14
CA SER E 246 -20.48 3.71 -4.36
C SER E 246 -21.56 3.62 -3.29
N ALA E 247 -22.31 4.70 -3.13
CA ALA E 247 -23.41 4.72 -2.17
C ALA E 247 -24.54 3.81 -2.64
N GLY E 248 -25.41 3.46 -1.70
CA GLY E 248 -26.51 2.58 -2.04
C GLY E 248 -27.52 2.51 -0.92
N MET E 249 -28.57 1.74 -1.17
CA MET E 249 -29.63 1.51 -0.20
C MET E 249 -29.57 0.07 0.30
N HIS E 250 -29.99 -0.12 1.55
CA HIS E 250 -30.04 -1.47 2.11
C HIS E 250 -31.09 -2.30 1.39
N SER E 251 -30.83 -3.60 1.31
CA SER E 251 -31.77 -4.50 0.66
C SER E 251 -33.07 -4.64 1.46
N GLN E 252 -32.98 -4.60 2.78
CA GLN E 252 -34.16 -4.74 3.61
C GLN E 252 -34.96 -3.45 3.71
N LYS E 253 -34.44 -2.33 3.20
CA LYS E 253 -35.19 -1.09 3.13
C LYS E 253 -36.05 -1.01 1.87
N ILE E 254 -35.55 -1.55 0.76
CA ILE E 254 -36.35 -1.62 -0.46
C ILE E 254 -37.50 -2.59 -0.27
N ASN E 255 -37.28 -3.69 0.43
CA ASN E 255 -38.33 -4.68 0.65
C ASN E 255 -39.48 -4.13 1.46
N ASN E 256 -39.19 -3.18 2.37
CA ASN E 256 -40.26 -2.57 3.15
C ASN E 256 -41.21 -1.75 2.29
N ALA E 257 -40.68 -1.09 1.25
CA ALA E 257 -41.53 -0.30 0.37
C ALA E 257 -42.43 -1.19 -0.49
N LEU E 258 -41.88 -2.28 -1.03
CA LEU E 258 -42.68 -3.20 -1.81
C LEU E 258 -43.68 -3.99 -0.99
N ARG E 259 -43.57 -3.95 0.34
CA ARG E 259 -44.46 -4.66 1.23
C ARG E 259 -45.65 -3.82 1.67
N THR E 260 -45.77 -2.58 1.16
CA THR E 260 -46.86 -1.68 1.54
C THR E 260 -48.08 -1.99 0.65
N ILE E 261 -48.81 -3.04 1.04
CA ILE E 261 -49.95 -3.50 0.27
C ILE E 261 -51.16 -3.71 1.17
N ASP E 262 -50.94 -3.70 2.48
CA ASP E 262 -51.98 -4.07 3.44
C ASP E 262 -53.02 -2.96 3.53
N THR E 263 -54.15 -3.17 2.87
CA THR E 263 -55.28 -2.23 2.92
C THR E 263 -56.53 -2.92 3.46
N TRP E 264 -56.35 -3.98 4.25
CA TRP E 264 -57.47 -4.76 4.78
C TRP E 264 -57.54 -4.75 6.30
N TYR E 265 -56.78 -3.88 6.95
CA TYR E 265 -56.81 -3.80 8.40
C TYR E 265 -58.12 -3.15 8.86
N PRO E 266 -58.52 -3.40 10.11
CA PRO E 266 -59.68 -2.68 10.66
C PRO E 266 -59.38 -1.20 10.77
N ASP E 267 -60.44 -0.39 10.76
CA ASP E 267 -60.35 1.07 10.75
C ASP E 267 -59.57 1.56 9.53
N TYR E 268 -59.76 0.91 8.40
CA TYR E 268 -59.14 1.36 7.16
C TYR E 268 -59.85 2.59 6.60
N THR E 269 -61.17 2.66 6.74
CA THR E 269 -61.93 3.80 6.24
C THR E 269 -61.61 5.09 6.99
N THR E 270 -61.07 4.99 8.21
CA THR E 270 -60.73 6.18 8.96
C THR E 270 -59.46 6.84 8.43
N TYR E 271 -58.52 6.05 7.91
CA TYR E 271 -57.22 6.55 7.49
C TYR E 271 -56.98 6.45 6.00
N GLU E 272 -57.35 5.33 5.38
CA GLU E 272 -57.35 5.15 3.92
C GLU E 272 -55.95 5.32 3.32
N PHE E 273 -55.05 4.43 3.74
CA PHE E 273 -53.74 4.30 3.10
C PHE E 273 -53.20 2.91 3.39
N PRO E 274 -52.36 2.37 2.52
CA PRO E 274 -51.74 1.07 2.80
C PRO E 274 -50.68 1.17 3.89
N ILE E 275 -50.43 0.04 4.54
CA ILE E 275 -49.36 -0.07 5.54
C ILE E 275 -48.55 -1.30 5.19
N PRO E 276 -47.28 -1.34 5.62
CA PRO E 276 -46.48 -2.55 5.40
C PRO E 276 -47.03 -3.73 6.19
N VAL E 277 -46.84 -4.92 5.62
CA VAL E 277 -47.39 -6.15 6.21
C VAL E 277 -46.55 -6.51 7.44
N GLU E 278 -47.17 -6.46 8.61
CA GLU E 278 -46.52 -6.83 9.86
C GLU E 278 -47.40 -7.82 10.62
N ASN E 279 -46.81 -8.44 11.64
CA ASN E 279 -47.55 -9.40 12.44
C ASN E 279 -48.66 -8.74 13.24
N TYR E 280 -48.33 -7.65 13.93
CA TYR E 280 -49.30 -6.91 14.73
C TYR E 280 -49.81 -5.67 14.03
N GLY E 281 -49.48 -5.49 12.76
CA GLY E 281 -49.94 -4.33 12.01
C GLY E 281 -49.38 -3.02 12.52
N ALA E 282 -48.09 -2.99 12.85
CA ALA E 282 -47.46 -1.77 13.33
C ALA E 282 -47.10 -0.87 12.16
N ALA E 283 -47.31 0.43 12.35
CA ALA E 283 -47.02 1.44 11.33
C ALA E 283 -46.29 2.60 11.99
N ARG E 284 -45.02 2.76 11.66
CA ARG E 284 -44.23 3.84 12.25
C ARG E 284 -44.65 5.20 11.73
N SER E 285 -45.20 5.25 10.50
CA SER E 285 -45.59 6.53 9.92
C SER E 285 -46.76 7.18 10.66
N ILE E 286 -47.52 6.41 11.41
CA ILE E 286 -48.62 6.97 12.20
C ILE E 286 -48.54 6.65 13.68
N GLY E 287 -47.77 5.64 14.10
CA GLY E 287 -47.53 5.41 15.51
C GLY E 287 -48.61 4.65 16.26
N ILE E 288 -49.66 4.18 15.59
CA ILE E 288 -50.68 3.38 16.28
C ILE E 288 -50.69 1.98 15.69
N PRO E 289 -50.96 0.95 16.48
CA PRO E 289 -50.99 -0.42 15.93
C PRO E 289 -52.37 -0.79 15.41
N PHE E 290 -52.42 -1.33 14.19
CA PHE E 290 -53.69 -1.59 13.54
C PHE E 290 -54.24 -2.98 13.80
N ARG E 291 -53.41 -3.92 14.26
CA ARG E 291 -53.86 -5.28 14.58
C ARG E 291 -53.31 -5.69 15.94
N PRO E 292 -53.80 -5.08 17.02
CA PRO E 292 -53.36 -5.47 18.37
C PRO E 292 -54.23 -6.53 19.03
N ASP E 293 -55.09 -7.20 18.28
CA ASP E 293 -56.17 -8.01 18.84
C ASP E 293 -56.40 -9.19 17.91
N THR E 294 -57.58 -9.80 18.00
CA THR E 294 -57.95 -11.00 17.26
C THR E 294 -57.78 -10.90 15.75
N LYS E 295 -57.51 -9.71 15.23
CA LYS E 295 -57.21 -9.54 13.82
C LYS E 295 -55.73 -9.67 13.51
N SER E 296 -54.89 -10.00 14.49
CA SER E 296 -53.47 -10.19 14.25
C SER E 296 -53.23 -11.51 13.53
N PHE E 297 -51.99 -11.67 13.05
CA PHE E 297 -51.64 -12.89 12.31
C PHE E 297 -51.68 -14.11 13.21
N TYR E 298 -51.23 -13.98 14.46
CA TYR E 298 -51.20 -15.13 15.36
C TYR E 298 -52.60 -15.64 15.67
N LYS E 299 -53.55 -14.73 15.84
CA LYS E 299 -54.93 -15.15 16.09
C LYS E 299 -55.59 -15.69 14.83
N LEU E 300 -55.26 -15.12 13.67
CA LEU E 300 -55.92 -15.51 12.44
C LEU E 300 -55.45 -16.87 11.95
N ILE E 301 -54.15 -17.16 12.08
CA ILE E 301 -53.62 -18.41 11.57
C ILE E 301 -54.08 -19.59 12.41
N ASP E 302 -54.45 -19.35 13.67
CA ASP E 302 -54.92 -20.44 14.52
C ASP E 302 -56.33 -20.86 14.12
N ARG E 303 -57.20 -19.91 13.82
CA ARG E 303 -58.55 -20.25 13.38
C ARG E 303 -58.56 -20.85 11.99
N MET E 304 -57.57 -20.50 11.15
CA MET E 304 -57.54 -21.00 9.79
C MET E 304 -57.07 -22.45 9.73
N ILE E 305 -56.10 -22.81 10.58
CA ILE E 305 -55.48 -24.14 10.49
C ILE E 305 -56.02 -25.06 11.58
N LEU E 306 -55.88 -24.65 12.84
CA LEU E 306 -56.26 -25.51 13.95
C LEU E 306 -57.76 -25.71 14.02
N LYS E 307 -58.51 -24.62 14.18
CA LYS E 307 -59.96 -24.73 14.28
C LYS E 307 -60.61 -25.10 12.96
N ASN E 308 -59.92 -24.89 11.83
CA ASN E 308 -60.38 -25.28 10.50
C ASN E 308 -61.73 -24.64 10.17
N GLU E 309 -61.72 -23.32 10.11
CA GLU E 309 -62.91 -22.55 9.79
C GLU E 309 -62.62 -21.63 8.60
N ASP E 310 -63.68 -21.26 7.89
CA ASP E 310 -63.54 -20.39 6.74
C ASP E 310 -63.28 -18.95 7.18
N LEU E 311 -62.57 -18.21 6.34
CA LEU E 311 -62.22 -16.82 6.60
C LEU E 311 -62.55 -15.98 5.38
N PRO E 312 -62.83 -14.69 5.58
CA PRO E 312 -63.01 -13.79 4.43
C PRO E 312 -61.72 -13.68 3.62
N ILE E 313 -61.89 -13.40 2.32
CA ILE E 313 -60.75 -13.41 1.40
C ILE E 313 -59.73 -12.33 1.74
N GLU E 314 -60.14 -11.28 2.46
CA GLU E 314 -59.19 -10.26 2.88
C GLU E 314 -58.20 -10.83 3.90
N ASP E 315 -58.70 -11.62 4.86
CA ASP E 315 -57.81 -12.25 5.83
C ASP E 315 -56.91 -13.28 5.17
N LYS E 316 -57.42 -13.99 4.15
CA LYS E 316 -56.57 -14.90 3.39
C LYS E 316 -55.48 -14.14 2.66
N HIS E 317 -55.82 -12.97 2.10
CA HIS E 317 -54.82 -12.14 1.45
C HIS E 317 -53.73 -11.72 2.43
N TYR E 318 -54.15 -11.29 3.63
CA TYR E 318 -53.18 -10.87 4.65
C TYR E 318 -52.30 -12.03 5.09
N VAL E 319 -52.89 -13.21 5.27
CA VAL E 319 -52.12 -14.38 5.72
C VAL E 319 -51.11 -14.79 4.65
N MET E 320 -51.51 -14.80 3.39
CA MET E 320 -50.58 -15.12 2.32
C MET E 320 -49.48 -14.07 2.20
N ALA E 321 -49.83 -12.80 2.45
CA ALA E 321 -48.83 -11.75 2.42
C ALA E 321 -47.81 -11.94 3.53
N ILE E 322 -48.26 -12.34 4.72
CA ILE E 322 -47.33 -12.63 5.81
C ILE E 322 -46.44 -13.82 5.45
N LEU E 323 -47.03 -14.85 4.86
CA LEU E 323 -46.25 -16.03 4.50
C LEU E 323 -45.21 -15.71 3.43
N ILE E 324 -45.54 -14.78 2.52
CA ILE E 324 -44.59 -14.40 1.48
C ILE E 324 -43.37 -13.71 2.09
N ARG E 325 -43.60 -12.83 3.05
CA ARG E 325 -42.49 -12.14 3.72
C ARG E 325 -41.64 -13.12 4.52
N GLY E 326 -42.27 -14.05 5.23
CA GLY E 326 -41.56 -15.01 6.04
C GLY E 326 -41.37 -14.52 7.46
N GLY E 327 -40.93 -15.43 8.32
CA GLY E 327 -40.71 -15.10 9.71
C GLY E 327 -40.42 -16.35 10.52
N MET E 328 -40.38 -16.16 11.84
CA MET E 328 -40.17 -17.23 12.81
C MET E 328 -41.48 -17.34 13.60
N PHE E 329 -42.33 -18.26 13.17
CA PHE E 329 -43.60 -18.51 13.86
C PHE E 329 -43.50 -19.77 14.71
N SER E 330 -42.62 -19.73 15.71
CA SER E 330 -42.44 -20.84 16.62
C SER E 330 -43.52 -20.79 17.70
N LYS E 331 -43.47 -21.72 18.65
CA LYS E 331 -44.47 -21.75 19.72
C LYS E 331 -43.84 -22.39 20.95
N LYS E 332 -43.80 -21.66 22.06
CA LYS E 332 -43.37 -22.24 23.32
C LYS E 332 -44.39 -23.27 23.79
N GLN E 333 -43.88 -24.37 24.35
CA GLN E 333 -44.74 -25.47 24.79
C GLN E 333 -45.64 -25.05 25.95
N THR F 11 -57.44 15.73 23.94
CA THR F 11 -56.65 16.88 24.34
C THR F 11 -55.17 16.52 24.46
N LEU F 12 -54.33 17.23 23.71
CA LEU F 12 -52.89 16.98 23.74
C LEU F 12 -52.29 17.50 25.04
N LYS F 13 -51.34 16.73 25.58
CA LYS F 13 -50.69 17.08 26.84
C LYS F 13 -49.22 17.43 26.70
N SER F 14 -48.55 16.94 25.66
CA SER F 14 -47.14 17.23 25.45
C SER F 14 -46.77 16.95 24.00
N ARG F 15 -45.54 17.29 23.65
CA ARG F 15 -45.03 17.00 22.32
C ARG F 15 -44.88 15.49 22.14
N PRO F 16 -44.97 15.00 20.91
CA PRO F 16 -44.85 13.55 20.68
C PRO F 16 -43.42 13.08 20.95
N GLU F 17 -43.29 11.76 21.07
CA GLU F 17 -42.01 11.14 21.38
C GLU F 17 -41.03 11.16 20.22
N ASN F 18 -41.52 11.23 18.99
CA ASN F 18 -40.66 11.18 17.81
C ASN F 18 -41.04 12.27 16.81
N LEU F 19 -41.21 13.49 17.30
CA LEU F 19 -41.50 14.62 16.43
C LEU F 19 -40.21 15.14 15.81
N SER F 20 -40.16 15.19 14.48
CA SER F 20 -38.95 15.62 13.78
C SER F 20 -39.31 16.06 12.38
N PHE F 21 -38.83 17.25 12.00
CA PHE F 21 -39.11 17.86 10.72
C PHE F 21 -37.91 17.68 9.77
N ALA F 22 -38.08 18.19 8.56
CA ALA F 22 -37.02 18.19 7.56
C ALA F 22 -36.91 19.59 6.96
N ARG F 23 -35.70 19.95 6.57
CA ARG F 23 -35.47 21.30 6.06
C ARG F 23 -36.17 21.50 4.72
N CYS F 24 -36.61 22.73 4.48
CA CYS F 24 -37.32 23.09 3.26
C CYS F 24 -36.50 23.91 2.30
N LEU F 25 -35.34 24.42 2.72
CA LEU F 25 -34.42 25.16 1.86
C LEU F 25 -33.13 24.37 1.76
N ASN F 26 -33.03 23.50 0.76
CA ASN F 26 -31.82 22.73 0.55
C ASN F 26 -30.85 23.53 -0.30
N THR F 27 -29.61 23.66 0.18
CA THR F 27 -28.59 24.42 -0.53
C THR F 27 -27.45 23.48 -0.92
N THR F 28 -26.92 23.68 -2.12
CA THR F 28 -25.81 22.87 -2.60
C THR F 28 -24.50 23.46 -2.07
N GLU F 29 -23.38 22.97 -2.57
CA GLU F 29 -22.07 23.47 -2.18
C GLU F 29 -21.59 24.47 -3.22
N ALA F 30 -21.15 25.63 -2.76
CA ALA F 30 -20.64 26.63 -3.67
C ALA F 30 -19.30 26.18 -4.26
N LYS F 31 -19.05 26.60 -5.50
CA LYS F 31 -17.78 26.35 -6.16
C LYS F 31 -17.20 27.67 -6.63
N PHE F 32 -15.90 27.83 -6.45
CA PHE F 32 -15.23 29.10 -6.71
C PHE F 32 -14.57 29.08 -8.08
N TRP F 33 -14.74 30.16 -8.83
CA TRP F 33 -14.08 30.37 -10.11
C TRP F 33 -13.49 31.77 -10.13
N GLN F 34 -12.53 31.98 -11.02
CA GLN F 34 -11.90 33.28 -11.17
C GLN F 34 -11.94 33.69 -12.64
N THR F 35 -12.13 34.98 -12.87
CA THR F 35 -12.23 35.53 -14.22
C THR F 35 -11.89 37.01 -14.17
N ASP F 36 -12.10 37.68 -15.30
CA ASP F 36 -11.95 39.12 -15.41
C ASP F 36 -13.32 39.77 -15.50
N PHE F 37 -13.48 40.91 -14.85
CA PHE F 37 -14.80 41.51 -14.70
C PHE F 37 -15.38 41.96 -16.04
N LEU F 38 -14.55 42.48 -16.93
CA LEU F 38 -15.05 42.93 -18.21
C LEU F 38 -15.49 41.77 -19.09
N LYS F 39 -14.81 40.62 -18.99
CA LYS F 39 -15.18 39.42 -19.73
C LYS F 39 -15.81 38.37 -18.83
N ARG F 40 -16.62 38.80 -17.85
CA ARG F 40 -17.16 37.89 -16.87
C ARG F 40 -18.22 36.94 -17.44
N HIS F 41 -18.69 37.19 -18.66
CA HIS F 41 -19.74 36.36 -19.23
C HIS F 41 -19.20 35.25 -20.13
N THR F 42 -18.04 35.43 -20.75
CA THR F 42 -17.51 34.48 -21.71
C THR F 42 -16.17 33.90 -21.25
N PHE F 43 -15.91 33.89 -19.94
CA PHE F 43 -14.62 33.46 -19.45
C PHE F 43 -14.68 33.04 -17.98
N LYS F 44 -14.07 31.90 -17.65
CA LYS F 44 -13.92 31.48 -16.26
C LYS F 44 -12.78 30.48 -16.17
N LEU F 45 -12.06 30.50 -15.05
CA LEU F 45 -10.93 29.63 -14.81
C LEU F 45 -11.07 28.99 -13.44
N PRO F 46 -10.55 27.77 -13.27
CA PRO F 46 -10.64 27.12 -11.96
C PRO F 46 -9.78 27.81 -10.91
N LEU F 47 -10.22 27.72 -9.66
CA LEU F 47 -9.50 28.24 -8.52
C LEU F 47 -9.06 27.08 -7.63
N LEU F 48 -7.77 27.05 -7.30
CA LEU F 48 -7.20 25.93 -6.57
C LEU F 48 -6.67 26.39 -5.22
N ILE F 49 -6.48 25.42 -4.33
CA ILE F 49 -6.00 25.65 -2.97
C ILE F 49 -4.53 25.28 -2.91
N THR F 50 -3.70 26.19 -2.41
CA THR F 50 -2.26 26.02 -2.40
C THR F 50 -1.78 25.84 -0.96
N ASP F 51 -1.04 24.75 -0.72
CA ASP F 51 -0.48 24.50 0.59
C ASP F 51 0.74 25.38 0.82
N LYS F 52 1.03 25.66 2.10
CA LYS F 52 2.17 26.48 2.45
C LYS F 52 2.57 26.18 3.88
N ALA F 53 3.78 26.61 4.24
CA ALA F 53 4.31 26.45 5.58
C ALA F 53 4.63 27.80 6.17
N VAL F 54 4.40 27.94 7.47
CA VAL F 54 4.62 29.20 8.16
C VAL F 54 5.50 28.94 9.38
N LEU F 55 6.24 29.97 9.78
CA LEU F 55 7.13 29.89 10.93
C LEU F 55 6.64 30.92 11.92
N ALA F 56 5.82 30.46 12.86
CA ALA F 56 5.17 31.30 13.84
C ALA F 56 6.15 31.76 14.92
N SER F 57 5.71 32.71 15.73
CA SER F 57 6.43 33.15 16.90
C SER F 57 5.51 33.06 18.12
N LYS F 58 6.13 32.85 19.28
CA LYS F 58 5.36 32.65 20.52
C LYS F 58 4.76 33.98 20.94
N GLY F 59 3.51 34.23 20.55
CA GLY F 59 2.84 35.47 20.87
C GLY F 59 1.68 35.31 21.83
N HIS F 60 1.38 34.08 22.19
CA HIS F 60 0.29 33.81 23.11
C HIS F 60 0.67 34.27 24.53
N GLU F 61 -0.35 34.43 25.37
CA GLU F 61 -0.11 34.80 26.75
C GLU F 61 0.40 33.59 27.52
N MET F 62 1.52 33.75 28.22
CA MET F 62 2.19 32.68 28.94
C MET F 62 2.41 33.09 30.39
N PRO F 63 2.51 32.11 31.29
CA PRO F 63 2.90 32.43 32.65
C PRO F 63 4.30 33.01 32.69
N PRO F 64 4.61 33.82 33.71
CA PRO F 64 5.91 34.53 33.72
C PRO F 64 7.13 33.63 33.64
N ASP F 65 7.12 32.46 34.31
CA ASP F 65 8.27 31.56 34.22
C ASP F 65 8.43 31.03 32.80
N LYS F 66 7.32 30.62 32.17
CA LYS F 66 7.37 30.18 30.78
C LYS F 66 7.74 31.34 29.86
N LEU F 67 7.38 32.57 30.23
CA LEU F 67 7.83 33.73 29.48
C LEU F 67 9.35 33.87 29.54
N GLU F 68 9.93 33.69 30.72
CA GLU F 68 11.38 33.79 30.84
C GLU F 68 12.08 32.67 30.09
N LYS F 69 11.50 31.46 30.11
CA LYS F 69 12.19 30.34 29.49
C LYS F 69 11.98 30.29 27.98
N GLU F 70 10.74 30.20 27.52
CA GLU F 70 10.48 29.80 26.13
C GLU F 70 9.70 30.82 25.32
N ILE F 71 10.07 32.10 25.39
CA ILE F 71 9.58 33.06 24.39
C ILE F 71 10.15 32.73 23.01
N MET F 72 11.39 32.26 22.97
CA MET F 72 12.08 32.01 21.71
C MET F 72 11.76 30.63 21.19
N ASP F 73 12.59 30.11 20.26
CA ASP F 73 12.38 28.84 19.57
C ASP F 73 11.10 28.87 18.75
N PRO F 74 11.10 29.56 17.59
CA PRO F 74 9.87 29.74 16.81
C PRO F 74 9.18 28.46 16.39
N ASN F 75 7.93 28.58 15.92
CA ASN F 75 7.04 27.44 15.80
C ASN F 75 6.90 26.98 14.35
N PRO F 76 7.28 25.75 14.03
CA PRO F 76 6.91 25.17 12.72
C PRO F 76 5.41 24.95 12.63
N GLN F 77 4.78 25.49 11.59
CA GLN F 77 3.35 25.23 11.35
C GLN F 77 3.08 25.07 9.86
N LYS F 78 1.96 24.42 9.56
CA LYS F 78 1.54 24.13 8.20
C LYS F 78 0.13 24.69 7.99
N SER F 79 -0.15 25.18 6.79
CA SER F 79 -1.44 25.80 6.51
C SER F 79 -1.71 25.77 5.01
N GLN F 80 -2.89 26.27 4.63
CA GLN F 80 -3.28 26.36 3.23
C GLN F 80 -3.85 27.74 2.96
N SER F 81 -3.75 28.18 1.71
CA SER F 81 -4.26 29.49 1.32
C SER F 81 -4.75 29.42 -0.12
N CYS F 82 -5.71 30.30 -0.43
CA CYS F 82 -6.27 30.41 -1.78
C CYS F 82 -6.21 31.87 -2.21
N THR F 83 -5.64 32.10 -3.39
CA THR F 83 -5.47 33.46 -3.90
C THR F 83 -5.82 33.48 -5.38
N LEU F 84 -6.19 34.66 -5.87
CA LEU F 84 -6.40 34.83 -7.30
C LEU F 84 -5.07 34.81 -8.04
N SER F 85 -5.14 34.56 -9.33
CA SER F 85 -3.95 34.65 -10.17
C SER F 85 -3.62 36.11 -10.44
N THR F 86 -2.50 36.35 -11.10
CA THR F 86 -2.06 37.71 -11.40
C THR F 86 -2.72 38.27 -12.65
N GLU F 87 -3.54 37.50 -13.34
CA GLU F 87 -4.23 37.97 -14.53
C GLU F 87 -5.74 38.09 -14.37
N CYS F 88 -6.29 37.73 -13.22
CA CYS F 88 -7.72 37.82 -12.98
C CYS F 88 -7.99 38.68 -11.75
N ASP F 89 -9.15 39.34 -11.75
CA ASP F 89 -9.49 40.21 -10.63
C ASP F 89 -10.94 40.06 -10.19
N THR F 90 -11.59 38.95 -10.51
CA THR F 90 -12.98 38.73 -10.16
C THR F 90 -13.14 37.35 -9.55
N LEU F 91 -14.09 37.23 -8.63
CA LEU F 91 -14.40 35.97 -7.98
C LEU F 91 -15.83 35.58 -8.32
N ARG F 92 -16.03 34.34 -8.74
CA ARG F 92 -17.34 33.85 -9.16
C ARG F 92 -17.75 32.70 -8.26
N ILE F 93 -18.97 32.78 -7.71
CA ILE F 93 -19.50 31.79 -6.79
C ILE F 93 -20.82 31.27 -7.35
N ASP F 94 -20.92 29.94 -7.49
CA ASP F 94 -22.10 29.31 -8.07
C ASP F 94 -22.64 28.27 -7.09
N PHE F 95 -23.94 28.38 -6.79
CA PHE F 95 -24.61 27.38 -5.98
C PHE F 95 -26.10 27.39 -6.36
N GLY F 96 -26.86 26.53 -5.69
CA GLY F 96 -28.28 26.39 -6.01
C GLY F 96 -29.11 26.10 -4.78
N ILE F 97 -30.39 26.42 -4.87
CA ILE F 97 -31.34 26.25 -3.79
C ILE F 97 -32.55 25.49 -4.31
N LYS F 98 -33.05 24.56 -3.49
CA LYS F 98 -34.29 23.84 -3.77
C LYS F 98 -35.27 24.08 -2.63
N VAL F 99 -36.50 24.43 -2.99
CA VAL F 99 -37.55 24.77 -2.04
C VAL F 99 -38.63 23.70 -2.10
N LEU F 100 -39.10 23.28 -0.93
CA LEU F 100 -40.10 22.24 -0.78
C LEU F 100 -41.23 22.74 0.11
N PRO F 101 -42.45 22.23 -0.08
CA PRO F 101 -43.58 22.70 0.74
C PRO F 101 -43.40 22.39 2.20
N VAL F 102 -43.86 23.31 3.05
CA VAL F 102 -43.70 23.16 4.49
C VAL F 102 -44.58 22.03 5.02
N LYS F 103 -45.78 21.88 4.45
CA LYS F 103 -46.71 20.88 4.94
C LYS F 103 -46.18 19.47 4.73
N GLU F 104 -45.53 19.22 3.60
CA GLU F 104 -45.02 17.91 3.26
C GLU F 104 -43.61 17.65 3.79
N SER F 105 -43.07 18.57 4.58
CA SER F 105 -41.73 18.43 5.13
C SER F 105 -41.70 17.79 6.51
N MET F 106 -42.86 17.39 7.04
CA MET F 106 -42.91 16.72 8.33
C MET F 106 -42.39 15.29 8.18
N TYR F 107 -41.23 15.00 8.79
CA TYR F 107 -40.62 13.69 8.57
C TYR F 107 -41.25 12.63 9.45
N SER F 108 -41.15 12.77 10.77
CA SER F 108 -41.62 11.74 11.68
C SER F 108 -42.46 12.35 12.79
N CYS F 109 -43.50 11.64 13.19
CA CYS F 109 -44.36 12.06 14.29
C CYS F 109 -45.05 10.82 14.84
N SER F 110 -44.87 10.55 16.13
CA SER F 110 -45.41 9.34 16.75
C SER F 110 -46.84 9.51 17.25
N ASP F 111 -47.44 10.68 17.09
CA ASP F 111 -48.80 10.94 17.55
C ASP F 111 -49.62 11.44 16.37
N TYR F 112 -50.76 10.78 16.11
CA TYR F 112 -51.58 11.17 14.98
C TYR F 112 -52.37 12.45 15.25
N ASN F 113 -52.85 12.62 16.48
CA ASN F 113 -53.63 13.81 16.79
C ASN F 113 -52.79 15.07 16.71
N TYR F 114 -51.63 15.06 17.38
CA TYR F 114 -50.74 16.21 17.43
C TYR F 114 -50.39 16.69 16.03
N ARG F 115 -49.94 15.77 15.17
CA ARG F 115 -49.62 16.09 13.79
C ARG F 115 -50.79 16.79 13.11
N THR F 116 -52.00 16.26 13.31
CA THR F 116 -53.18 16.85 12.68
C THR F 116 -53.31 18.31 13.07
N ALA F 117 -53.13 18.60 14.36
CA ALA F 117 -53.23 19.98 14.85
C ALA F 117 -52.25 20.88 14.12
N ILE F 118 -51.01 20.39 13.95
CA ILE F 118 -49.99 21.19 13.28
C ILE F 118 -50.46 21.56 11.88
N TYR F 119 -51.05 20.59 11.17
CA TYR F 119 -51.53 20.86 9.82
C TYR F 119 -52.50 22.02 9.82
N GLN F 120 -53.46 22.00 10.76
CA GLN F 120 -54.45 23.07 10.84
C GLN F 120 -53.76 24.40 11.03
N LYS F 121 -52.78 24.45 11.93
CA LYS F 121 -52.07 25.70 12.19
C LYS F 121 -51.40 26.22 10.94
N ILE F 122 -50.77 25.32 10.18
CA ILE F 122 -50.10 25.75 8.95
C ILE F 122 -51.12 26.32 7.99
N ASP F 123 -52.30 25.68 7.91
CA ASP F 123 -53.35 26.18 7.03
C ASP F 123 -53.76 27.58 7.43
N GLU F 124 -53.85 27.83 8.74
CA GLU F 124 -54.21 29.16 9.22
C GLU F 124 -53.21 30.20 8.73
N TYR F 125 -51.93 29.84 8.71
CA TYR F 125 -50.91 30.76 8.21
C TYR F 125 -51.17 31.09 6.75
N ILE F 126 -51.49 30.07 5.95
CA ILE F 126 -51.77 30.33 4.54
C ILE F 126 -53.07 31.11 4.40
N ALA F 127 -53.94 31.03 5.41
CA ALA F 127 -55.15 31.82 5.38
C ALA F 127 -54.90 33.29 5.72
N GLU F 128 -53.75 33.60 6.30
CA GLU F 128 -53.47 34.96 6.76
C GLU F 128 -52.33 35.62 5.98
N ASP F 129 -51.16 35.01 5.94
CA ASP F 129 -49.98 35.62 5.35
C ASP F 129 -49.58 35.01 4.01
N GLY F 130 -49.68 33.69 3.87
CA GLY F 130 -49.26 33.06 2.64
C GLY F 130 -47.78 32.94 2.45
N PHE F 131 -47.00 32.97 3.54
CA PHE F 131 -45.54 32.80 3.51
C PHE F 131 -44.86 33.84 2.63
N LEU F 132 -45.38 35.07 2.65
CA LEU F 132 -44.82 36.12 1.79
C LEU F 132 -43.74 36.93 2.49
N THR F 133 -43.90 37.19 3.79
CA THR F 133 -42.89 37.94 4.53
C THR F 133 -41.58 37.18 4.59
N LEU F 134 -41.65 35.89 4.94
CA LEU F 134 -40.44 35.08 5.02
C LEU F 134 -39.79 34.91 3.65
N ALA F 135 -40.59 34.75 2.61
CA ALA F 135 -40.04 34.64 1.26
C ALA F 135 -39.32 35.93 0.86
N LYS F 136 -39.93 37.08 1.17
CA LYS F 136 -39.29 38.36 0.87
C LYS F 136 -37.97 38.50 1.62
N ARG F 137 -37.94 38.09 2.89
CA ARG F 137 -36.71 38.20 3.67
C ARG F 137 -35.63 37.27 3.16
N TYR F 138 -36.00 36.05 2.75
CA TYR F 138 -35.01 35.12 2.20
C TYR F 138 -34.43 35.63 0.89
N VAL F 139 -35.29 36.13 -0.01
CA VAL F 139 -34.78 36.67 -1.27
C VAL F 139 -33.94 37.92 -1.01
N ASN F 140 -34.29 38.70 0.02
CA ASN F 140 -33.51 39.88 0.34
C ASN F 140 -32.13 39.49 0.85
N ASN F 141 -32.05 38.45 1.69
CA ASN F 141 -30.75 37.97 2.14
C ASN F 141 -29.94 37.40 0.98
N ILE F 142 -30.61 36.86 -0.03
CA ILE F 142 -29.92 36.49 -1.27
C ILE F 142 -29.39 37.74 -1.96
N ALA F 143 -30.18 38.82 -1.97
CA ALA F 143 -29.89 39.96 -2.82
C ALA F 143 -28.68 40.76 -2.33
N ASN F 144 -28.54 40.94 -1.02
CA ASN F 144 -27.45 41.75 -0.50
C ASN F 144 -26.13 40.99 -0.38
N ALA F 145 -26.09 39.75 -0.86
CA ALA F 145 -24.88 38.93 -0.89
C ALA F 145 -24.28 38.75 0.51
N ARG F 146 -25.14 38.44 1.48
CA ARG F 146 -24.66 38.18 2.83
C ARG F 146 -23.89 36.88 2.93
N PHE F 147 -24.04 35.98 1.96
CA PHE F 147 -23.37 34.68 1.99
C PHE F 147 -21.89 34.77 1.68
N LEU F 148 -21.39 35.94 1.28
CA LEU F 148 -19.98 36.08 0.96
C LEU F 148 -19.10 35.97 2.20
N TRP F 149 -19.64 36.32 3.37
CA TRP F 149 -18.94 36.28 4.66
C TRP F 149 -17.73 37.21 4.56
N ARG F 150 -16.51 36.73 4.79
CA ARG F 150 -15.35 37.62 4.76
C ARG F 150 -14.97 38.05 3.35
N ASN F 151 -15.56 37.45 2.32
CA ASN F 151 -15.31 37.91 0.96
C ASN F 151 -16.00 39.23 0.67
N ARG F 152 -16.95 39.66 1.50
CA ARG F 152 -17.68 40.89 1.24
C ARG F 152 -16.83 42.12 1.52
N LYS F 153 -15.86 42.02 2.42
CA LYS F 153 -15.05 43.17 2.78
C LYS F 153 -14.08 43.53 1.67
N GLY F 154 -14.00 44.82 1.37
CA GLY F 154 -13.06 45.30 0.38
C GLY F 154 -13.45 45.07 -1.06
N ALA F 155 -14.69 44.64 -1.33
CA ALA F 155 -15.12 44.39 -2.69
C ALA F 155 -15.51 45.70 -3.36
N GLU F 156 -15.10 45.86 -4.62
CA GLU F 156 -15.45 47.06 -5.36
C GLU F 156 -16.85 46.96 -5.95
N ILE F 157 -17.12 45.90 -6.71
CA ILE F 157 -18.42 45.69 -7.35
C ILE F 157 -18.89 44.28 -7.01
N ILE F 158 -20.13 44.18 -6.54
CA ILE F 158 -20.76 42.89 -6.26
C ILE F 158 -22.03 42.80 -7.09
N GLU F 159 -22.15 41.73 -7.88
CA GLU F 159 -23.29 41.55 -8.78
C GLU F 159 -23.87 40.15 -8.57
N THR F 160 -25.17 40.09 -8.31
CA THR F 160 -25.86 38.84 -8.02
C THR F 160 -26.94 38.58 -9.07
N ILE F 161 -26.97 37.36 -9.59
CA ILE F 161 -27.90 36.96 -10.64
C ILE F 161 -28.65 35.72 -10.20
N VAL F 162 -29.97 35.72 -10.39
CA VAL F 162 -30.83 34.62 -9.97
C VAL F 162 -31.55 34.08 -11.20
N THR F 163 -31.45 32.77 -11.41
CA THR F 163 -32.12 32.07 -12.50
C THR F 163 -33.04 31.01 -11.92
N ILE F 164 -34.29 30.96 -12.39
CA ILE F 164 -35.24 30.00 -11.84
C ILE F 164 -35.29 28.75 -12.70
N GLU F 165 -35.81 28.86 -13.92
CA GLU F 165 -35.75 27.76 -14.86
C GLU F 165 -34.96 28.11 -16.12
N ASP F 166 -35.39 29.14 -16.85
CA ASP F 166 -34.64 29.66 -17.98
C ASP F 166 -34.67 31.17 -18.04
N LYS F 167 -35.39 31.83 -17.14
CA LYS F 167 -35.55 33.28 -17.16
C LYS F 167 -34.46 33.90 -16.29
N GLU F 168 -33.45 34.47 -16.94
CA GLU F 168 -32.37 35.15 -16.23
C GLU F 168 -32.87 36.52 -15.81
N TYR F 169 -33.06 36.72 -14.50
CA TYR F 169 -33.55 37.98 -13.99
C TYR F 169 -32.47 39.05 -14.11
N PRO F 170 -32.86 40.33 -14.14
CA PRO F 170 -31.85 41.41 -14.11
C PRO F 170 -31.02 41.33 -12.84
N SER F 171 -29.74 41.67 -12.97
CA SER F 171 -28.79 41.49 -11.88
C SER F 171 -29.05 42.50 -10.77
N PHE F 172 -28.60 42.15 -9.58
CA PHE F 172 -28.69 43.00 -8.40
C PHE F 172 -27.40 43.78 -8.18
N ASN F 173 -27.52 44.89 -7.47
CA ASN F 173 -26.38 45.67 -7.02
C ASN F 173 -26.32 45.52 -5.50
N SER F 174 -25.61 44.47 -5.06
CA SER F 174 -25.63 44.08 -3.66
C SER F 174 -24.98 45.12 -2.75
N LYS F 175 -24.15 46.01 -3.29
CA LYS F 175 -23.54 47.04 -2.46
C LYS F 175 -24.57 48.08 -2.03
N SER F 176 -25.60 48.31 -2.85
CA SER F 176 -26.61 49.30 -2.51
C SER F 176 -27.45 48.88 -1.32
N PHE F 177 -27.72 47.57 -1.20
CA PHE F 177 -28.55 47.08 -0.12
C PHE F 177 -27.82 47.18 1.22
N ASN F 178 -28.61 47.35 2.27
CA ASN F 178 -28.10 47.42 3.63
C ASN F 178 -28.27 46.06 4.31
N LEU F 179 -27.36 45.76 5.24
CA LEU F 179 -27.37 44.48 5.94
C LEU F 179 -28.21 44.50 7.21
N ASP F 180 -28.85 45.62 7.53
CA ASP F 180 -29.64 45.74 8.74
C ASP F 180 -31.12 46.01 8.50
N THR F 181 -31.50 46.49 7.32
CA THR F 181 -32.89 46.79 7.01
C THR F 181 -33.32 45.97 5.80
N PHE F 182 -34.59 45.59 5.78
CA PHE F 182 -35.12 44.72 4.74
C PHE F 182 -36.01 45.52 3.79
N VAL F 183 -35.75 45.37 2.50
CA VAL F 183 -36.50 46.10 1.48
C VAL F 183 -37.84 45.42 1.27
N GLU F 184 -38.91 46.20 1.36
CA GLU F 184 -40.27 45.68 1.18
C GLU F 184 -40.82 45.92 -0.23
N ASP F 185 -40.02 46.48 -1.14
CA ASP F 185 -40.52 46.81 -2.47
C ASP F 185 -39.39 46.75 -3.48
N ASN F 186 -39.46 45.79 -4.39
CA ASN F 186 -38.51 45.62 -5.48
C ASN F 186 -39.11 44.62 -6.46
N ALA F 187 -39.12 44.95 -7.76
CA ALA F 187 -39.87 44.16 -8.72
C ALA F 187 -39.34 42.74 -8.83
N THR F 188 -38.03 42.60 -9.06
CA THR F 188 -37.44 41.26 -9.17
C THR F 188 -37.52 40.51 -7.84
N ILE F 189 -37.27 41.20 -6.74
CA ILE F 189 -37.36 40.58 -5.42
C ILE F 189 -38.79 40.12 -5.16
N ASN F 190 -39.78 40.95 -5.52
CA ASN F 190 -41.16 40.57 -5.31
C ASN F 190 -41.55 39.37 -6.17
N GLU F 191 -41.06 39.31 -7.41
CA GLU F 191 -41.37 38.17 -8.27
C GLU F 191 -40.80 36.87 -7.70
N ILE F 192 -39.53 36.89 -7.32
CA ILE F 192 -38.90 35.69 -6.77
C ILE F 192 -39.55 35.30 -5.45
N ALA F 193 -39.89 36.30 -4.62
CA ALA F 193 -40.56 36.01 -3.36
C ALA F 193 -41.94 35.43 -3.56
N GLN F 194 -42.66 35.89 -4.60
CA GLN F 194 -43.96 35.32 -4.90
C GLN F 194 -43.85 33.87 -5.31
N GLN F 195 -42.86 33.55 -6.16
CA GLN F 195 -42.64 32.16 -6.55
C GLN F 195 -42.29 31.29 -5.33
N ILE F 196 -41.42 31.80 -4.46
CA ILE F 196 -41.01 31.04 -3.28
C ILE F 196 -42.20 30.83 -2.34
N ALA F 197 -43.04 31.86 -2.17
CA ALA F 197 -44.21 31.72 -1.32
C ALA F 197 -45.20 30.72 -1.89
N ASP F 198 -45.37 30.71 -3.22
CA ASP F 198 -46.23 29.72 -3.85
C ASP F 198 -45.70 28.30 -3.62
N THR F 199 -44.39 28.12 -3.71
CA THR F 199 -43.82 26.81 -3.42
C THR F 199 -43.98 26.44 -1.95
N PHE F 200 -43.88 27.43 -1.06
CA PHE F 200 -44.03 27.17 0.37
C PHE F 200 -45.45 26.72 0.70
N ALA F 201 -46.45 27.40 0.15
CA ALA F 201 -47.83 27.13 0.52
C ALA F 201 -48.38 25.85 -0.08
N GLY F 202 -47.71 25.27 -1.06
CA GLY F 202 -48.19 24.07 -1.72
C GLY F 202 -48.86 24.30 -3.06
N LYS F 203 -48.90 25.54 -3.54
CA LYS F 203 -49.45 25.80 -4.87
C LYS F 203 -48.58 25.18 -5.95
N ARG F 204 -47.30 25.00 -5.67
CA ARG F 204 -46.38 24.25 -6.50
C ARG F 204 -45.82 23.09 -5.67
N GLU F 205 -45.07 22.20 -6.33
CA GLU F 205 -44.51 21.04 -5.66
C GLU F 205 -43.02 21.15 -5.37
N TYR F 206 -42.27 21.88 -6.19
CA TYR F 206 -40.84 22.07 -5.97
C TYR F 206 -40.41 23.29 -6.78
N LEU F 207 -39.24 23.83 -6.43
CA LEU F 207 -38.70 25.00 -7.11
C LEU F 207 -37.18 24.96 -7.01
N ASN F 208 -36.52 25.17 -8.15
CA ASN F 208 -35.06 25.19 -8.21
C ASN F 208 -34.60 26.61 -8.50
N ILE F 209 -33.70 27.12 -7.68
CA ILE F 209 -33.13 28.46 -7.83
C ILE F 209 -31.63 28.34 -7.96
N TYR F 210 -31.06 28.98 -8.97
CA TYR F 210 -29.61 28.98 -9.18
C TYR F 210 -29.08 30.40 -9.03
N VAL F 211 -28.04 30.55 -8.22
CA VAL F 211 -27.48 31.85 -7.88
C VAL F 211 -26.04 31.92 -8.37
N THR F 212 -25.68 33.05 -8.96
CA THR F 212 -24.31 33.32 -9.41
C THR F 212 -23.92 34.71 -8.95
N CYS F 213 -22.77 34.82 -8.28
CA CYS F 213 -22.32 36.09 -7.72
C CYS F 213 -20.93 36.41 -8.24
N PHE F 214 -20.76 37.64 -8.72
CA PHE F 214 -19.47 38.14 -9.19
C PHE F 214 -18.94 39.15 -8.19
N VAL F 215 -17.74 38.91 -7.66
CA VAL F 215 -17.10 39.80 -6.71
C VAL F 215 -15.77 40.23 -7.29
N LYS F 216 -15.55 41.53 -7.38
CA LYS F 216 -14.32 42.10 -7.91
C LYS F 216 -13.48 42.60 -6.75
N ILE F 217 -12.38 41.89 -6.45
CA ILE F 217 -11.55 42.19 -5.29
C ILE F 217 -10.25 42.85 -5.73
N GLY F 218 -9.72 42.42 -6.86
CA GLY F 218 -8.45 42.91 -7.37
C GLY F 218 -7.56 41.79 -7.85
N CYS F 219 -6.46 42.20 -8.46
CA CYS F 219 -5.52 41.24 -9.02
C CYS F 219 -4.71 40.59 -7.92
N ALA F 220 -4.64 39.25 -7.95
CA ALA F 220 -3.84 38.45 -7.03
C ALA F 220 -4.22 38.67 -5.56
N MET F 221 -5.50 38.95 -5.30
CA MET F 221 -5.96 39.12 -3.94
C MET F 221 -6.26 37.75 -3.33
N GLU F 222 -6.70 37.75 -2.08
CA GLU F 222 -6.89 36.53 -1.32
C GLU F 222 -8.37 36.27 -1.08
N VAL F 223 -8.82 35.05 -1.37
CA VAL F 223 -10.18 34.63 -1.09
C VAL F 223 -10.16 33.64 0.07
N TYR F 224 -11.31 33.48 0.71
CA TYR F 224 -11.43 32.71 1.94
C TYR F 224 -12.54 31.67 1.80
N PRO F 225 -12.18 30.45 1.44
CA PRO F 225 -13.16 29.36 1.38
C PRO F 225 -13.51 28.89 2.79
N SER F 226 -14.43 27.93 2.86
CA SER F 226 -14.77 27.32 4.13
C SER F 226 -13.58 26.52 4.66
N GLN F 227 -13.36 26.59 5.96
CA GLN F 227 -12.23 25.92 6.58
C GLN F 227 -12.66 24.52 7.00
N GLU F 228 -11.96 23.52 6.47
CA GLU F 228 -12.24 22.14 6.84
C GLU F 228 -11.97 21.93 8.33
N MET F 229 -12.89 21.24 8.99
CA MET F 229 -12.83 21.12 10.43
C MET F 229 -11.79 20.10 10.84
N THR F 230 -10.92 20.49 11.77
CA THR F 230 -9.88 19.62 12.30
C THR F 230 -10.19 19.29 13.74
N PHE F 231 -9.76 18.10 14.18
CA PHE F 231 -10.01 17.64 15.53
C PHE F 231 -8.72 17.72 16.34
N ASP F 232 -8.75 17.21 17.56
CA ASP F 232 -7.59 17.19 18.44
C ASP F 232 -6.59 16.08 18.05
N ASP F 233 -6.84 15.41 16.93
CA ASP F 233 -6.06 14.24 16.51
C ASP F 233 -4.58 14.53 16.39
N ASP F 234 -4.19 15.36 15.42
CA ASP F 234 -2.78 15.64 15.19
C ASP F 234 -2.62 16.84 14.26
N ASP F 235 -1.48 17.51 14.40
CA ASP F 235 -0.89 18.44 13.45
C ASP F 235 -1.61 19.79 13.39
N LYS F 236 -2.81 19.88 13.96
CA LYS F 236 -3.58 21.10 14.18
C LYS F 236 -3.44 22.14 13.08
N GLY F 237 -3.53 21.71 11.81
CA GLY F 237 -3.25 22.57 10.70
C GLY F 237 -4.50 23.15 10.06
N LYS F 238 -4.31 24.26 9.35
CA LYS F 238 -5.41 24.90 8.63
C LYS F 238 -5.69 24.12 7.36
N LYS F 239 -6.87 23.53 7.28
CA LYS F 239 -7.31 22.80 6.10
C LYS F 239 -8.50 23.52 5.49
N LEU F 240 -8.44 23.78 4.20
CA LEU F 240 -9.50 24.50 3.49
C LEU F 240 -10.35 23.52 2.69
N PHE F 241 -11.65 23.73 2.72
CA PHE F 241 -12.59 22.86 2.02
C PHE F 241 -12.43 23.00 0.51
N LYS F 242 -12.35 21.87 -0.19
CA LYS F 242 -12.25 21.85 -1.64
C LYS F 242 -13.37 20.99 -2.21
N PHE F 243 -14.05 21.52 -3.22
CA PHE F 243 -15.20 20.87 -3.84
C PHE F 243 -14.85 20.56 -5.29
N GLU F 244 -14.82 19.27 -5.63
CA GLU F 244 -14.50 18.79 -6.97
C GLU F 244 -13.17 19.34 -7.47
N GLY F 245 -12.17 19.29 -6.60
CA GLY F 245 -10.85 19.79 -6.93
C GLY F 245 -10.79 21.30 -7.14
N SER F 246 -11.59 22.05 -6.38
CA SER F 246 -11.57 23.51 -6.44
C SER F 246 -12.10 24.04 -5.13
N ALA F 247 -11.70 25.27 -4.80
CA ALA F 247 -12.12 25.87 -3.55
C ALA F 247 -13.64 26.05 -3.53
N GLY F 248 -14.21 25.93 -2.33
CA GLY F 248 -15.65 26.01 -2.21
C GLY F 248 -16.13 26.40 -0.83
N MET F 249 -17.44 26.36 -0.61
CA MET F 249 -18.05 26.76 0.65
C MET F 249 -19.02 25.68 1.10
N HIS F 250 -19.11 25.47 2.40
CA HIS F 250 -19.99 24.45 2.94
C HIS F 250 -21.45 24.83 2.69
N SER F 251 -22.29 23.81 2.50
CA SER F 251 -23.71 24.05 2.28
C SER F 251 -24.37 24.62 3.53
N GLN F 252 -23.88 24.25 4.71
CA GLN F 252 -24.39 24.79 5.95
C GLN F 252 -23.82 26.17 6.29
N LYS F 253 -22.82 26.63 5.53
CA LYS F 253 -22.29 27.97 5.74
C LYS F 253 -23.12 29.00 4.99
N ILE F 254 -23.48 28.70 3.74
CA ILE F 254 -24.35 29.58 2.98
C ILE F 254 -25.74 29.62 3.60
N ASN F 255 -26.27 28.46 3.99
CA ASN F 255 -27.62 28.38 4.52
C ASN F 255 -27.78 29.14 5.82
N ASN F 256 -26.69 29.32 6.58
CA ASN F 256 -26.75 30.15 7.78
C ASN F 256 -26.91 31.63 7.44
N ALA F 257 -26.30 32.08 6.35
CA ALA F 257 -26.43 33.48 5.95
C ALA F 257 -27.85 33.79 5.51
N LEU F 258 -28.48 32.90 4.77
CA LEU F 258 -29.86 33.13 4.33
C LEU F 258 -30.86 33.05 5.47
N ARG F 259 -30.47 32.48 6.60
CA ARG F 259 -31.37 32.30 7.73
C ARG F 259 -31.34 33.48 8.69
N THR F 260 -30.51 34.49 8.44
CA THR F 260 -30.43 35.66 9.32
C THR F 260 -31.56 36.62 8.96
N ILE F 261 -32.74 36.33 9.52
CA ILE F 261 -33.93 37.15 9.29
C ILE F 261 -34.65 37.50 10.59
N ASP F 262 -34.19 37.02 11.74
CA ASP F 262 -34.92 37.20 12.99
C ASP F 262 -34.75 38.63 13.48
N THR F 263 -35.78 39.44 13.29
CA THR F 263 -35.85 40.80 13.83
C THR F 263 -37.07 40.95 14.72
N TRP F 264 -37.46 39.88 15.41
CA TRP F 264 -38.64 39.88 16.26
C TRP F 264 -38.34 39.50 17.69
N TYR F 265 -37.07 39.35 18.06
CA TYR F 265 -36.71 38.96 19.41
C TYR F 265 -36.92 40.12 20.37
N PRO F 266 -37.08 39.82 21.67
CA PRO F 266 -37.12 40.90 22.66
C PRO F 266 -35.81 41.66 22.71
N ASP F 267 -35.90 42.94 23.09
CA ASP F 267 -34.78 43.87 23.09
C ASP F 267 -34.17 44.01 21.69
N TYR F 268 -35.02 44.01 20.66
CA TYR F 268 -34.54 44.24 19.31
C TYR F 268 -34.15 45.70 19.11
N THR F 269 -34.94 46.62 19.67
CA THR F 269 -34.68 48.05 19.50
C THR F 269 -33.40 48.50 20.17
N THR F 270 -32.91 47.75 21.16
CA THR F 270 -31.67 48.13 21.81
C THR F 270 -30.46 47.80 20.94
N TYR F 271 -30.57 46.80 20.08
CA TYR F 271 -29.46 46.34 19.26
C TYR F 271 -29.66 46.59 17.78
N GLU F 272 -30.84 46.26 17.25
CA GLU F 272 -31.25 46.60 15.88
C GLU F 272 -30.33 45.96 14.83
N PHE F 273 -30.26 44.63 14.87
CA PHE F 273 -29.66 43.87 13.77
C PHE F 273 -30.26 42.48 13.77
N PRO F 274 -30.46 41.86 12.61
CA PRO F 274 -31.03 40.51 12.57
C PRO F 274 -30.04 39.46 13.07
N ILE F 275 -30.60 38.37 13.56
CA ILE F 275 -29.81 37.23 14.03
C ILE F 275 -30.31 35.99 13.31
N PRO F 276 -29.46 34.96 13.21
CA PRO F 276 -29.93 33.69 12.63
C PRO F 276 -31.04 33.07 13.46
N VAL F 277 -31.96 32.40 12.77
CA VAL F 277 -33.11 31.79 13.42
C VAL F 277 -32.64 30.52 14.13
N GLU F 278 -32.63 30.55 15.46
CA GLU F 278 -32.22 29.42 16.27
C GLU F 278 -33.28 29.15 17.32
N ASN F 279 -33.12 28.01 18.01
CA ASN F 279 -34.10 27.61 19.02
C ASN F 279 -34.10 28.58 20.20
N TYR F 280 -32.92 28.90 20.72
CA TYR F 280 -32.79 29.82 21.83
C TYR F 280 -32.34 31.21 21.39
N GLY F 281 -32.26 31.45 20.09
CA GLY F 281 -31.86 32.76 19.60
C GLY F 281 -30.43 33.13 19.89
N ALA F 282 -29.56 32.16 20.07
CA ALA F 282 -28.16 32.44 20.38
C ALA F 282 -27.47 33.06 19.17
N ALA F 283 -26.69 34.11 19.42
CA ALA F 283 -25.90 34.78 18.39
C ALA F 283 -24.43 34.62 18.75
N ARG F 284 -23.76 33.68 18.08
CA ARG F 284 -22.37 33.39 18.42
C ARG F 284 -21.46 34.56 18.06
N SER F 285 -21.81 35.31 17.01
CA SER F 285 -21.00 36.45 16.61
C SER F 285 -21.00 37.53 17.69
N ILE F 286 -22.14 37.76 18.32
CA ILE F 286 -22.26 38.80 19.34
C ILE F 286 -22.06 38.23 20.73
N GLY F 287 -22.72 37.12 21.04
CA GLY F 287 -22.58 36.50 22.35
C GLY F 287 -23.68 36.86 23.32
N ILE F 288 -24.91 36.95 22.82
CA ILE F 288 -26.07 37.26 23.66
C ILE F 288 -27.20 36.30 23.33
N PRO F 289 -27.69 35.53 24.30
CA PRO F 289 -28.82 34.62 24.04
C PRO F 289 -30.15 35.36 23.97
N PHE F 290 -30.49 35.86 22.77
CA PHE F 290 -31.60 36.80 22.63
C PHE F 290 -32.96 36.21 22.96
N ARG F 291 -33.09 34.88 23.00
CA ARG F 291 -34.37 34.23 23.33
C ARG F 291 -34.12 33.19 24.41
N PRO F 292 -33.76 33.62 25.62
CA PRO F 292 -33.35 32.65 26.66
C PRO F 292 -34.47 31.77 27.18
N ASP F 293 -35.54 32.35 27.70
CA ASP F 293 -36.55 31.58 28.42
C ASP F 293 -37.95 31.67 27.83
N THR F 294 -38.48 32.88 27.68
CA THR F 294 -39.91 33.03 27.41
C THR F 294 -40.24 33.02 25.94
N LYS F 295 -39.41 33.64 25.10
CA LYS F 295 -39.63 33.69 23.67
C LYS F 295 -38.86 32.61 22.92
N SER F 296 -38.48 31.53 23.60
CA SER F 296 -37.84 30.42 22.93
C SER F 296 -38.86 29.64 22.11
N PHE F 297 -38.35 28.78 21.22
CA PHE F 297 -39.24 28.04 20.33
C PHE F 297 -40.12 27.06 21.09
N TYR F 298 -39.59 26.44 22.14
CA TYR F 298 -40.31 25.39 22.84
C TYR F 298 -41.55 25.94 23.55
N LYS F 299 -41.40 27.04 24.27
CA LYS F 299 -42.53 27.64 24.96
C LYS F 299 -43.57 28.15 23.96
N LEU F 300 -43.12 28.76 22.86
CA LEU F 300 -44.05 29.25 21.86
C LEU F 300 -44.84 28.12 21.21
N ILE F 301 -44.18 27.01 20.90
CA ILE F 301 -44.88 25.90 20.27
C ILE F 301 -45.72 25.13 21.28
N ASP F 302 -45.42 25.24 22.58
CA ASP F 302 -46.30 24.67 23.59
C ASP F 302 -47.56 25.52 23.75
N ARG F 303 -47.41 26.84 23.74
CA ARG F 303 -48.57 27.71 23.83
C ARG F 303 -49.44 27.63 22.58
N MET F 304 -48.80 27.50 21.41
CA MET F 304 -49.52 27.57 20.14
C MET F 304 -50.30 26.30 19.84
N ILE F 305 -49.81 25.14 20.26
CA ILE F 305 -50.42 23.86 19.93
C ILE F 305 -51.21 23.30 21.11
N LEU F 306 -50.57 23.20 22.29
CA LEU F 306 -51.22 22.55 23.41
C LEU F 306 -52.34 23.40 24.02
N LYS F 307 -52.32 24.71 23.81
CA LYS F 307 -53.32 25.59 24.40
C LYS F 307 -54.22 26.29 23.38
N ASN F 308 -53.92 26.18 22.09
CA ASN F 308 -54.64 26.89 21.02
C ASN F 308 -54.67 28.39 21.27
N GLU F 309 -53.59 28.94 21.83
CA GLU F 309 -53.52 30.35 22.13
C GLU F 309 -53.07 31.13 20.89
N ASP F 310 -53.82 32.16 20.54
CA ASP F 310 -53.49 32.97 19.38
C ASP F 310 -52.28 33.85 19.69
N LEU F 311 -51.18 33.60 19.01
CA LEU F 311 -49.94 34.33 19.18
C LEU F 311 -49.92 35.58 18.31
N PRO F 312 -49.10 36.57 18.65
CA PRO F 312 -48.90 37.71 17.74
C PRO F 312 -48.24 37.27 16.44
N ILE F 313 -48.34 38.13 15.44
CA ILE F 313 -47.88 37.78 14.10
C ILE F 313 -46.36 37.60 14.07
N GLU F 314 -45.63 38.33 14.92
CA GLU F 314 -44.18 38.14 14.99
C GLU F 314 -43.83 36.77 15.53
N ASP F 315 -44.55 36.31 16.55
CA ASP F 315 -44.31 34.97 17.08
C ASP F 315 -44.66 33.89 16.06
N LYS F 316 -45.74 34.10 15.29
CA LYS F 316 -46.07 33.17 14.21
C LYS F 316 -44.97 33.15 13.16
N HIS F 317 -44.42 34.32 12.83
CA HIS F 317 -43.32 34.40 11.87
C HIS F 317 -42.12 33.60 12.36
N TYR F 318 -41.76 33.79 13.64
CA TYR F 318 -40.60 33.08 14.19
C TYR F 318 -40.85 31.58 14.24
N VAL F 319 -42.05 31.16 14.59
CA VAL F 319 -42.37 29.73 14.68
C VAL F 319 -42.31 29.10 13.30
N MET F 320 -42.90 29.76 12.30
CA MET F 320 -42.87 29.22 10.95
C MET F 320 -41.46 29.26 10.35
N ALA F 321 -40.61 30.15 10.84
CA ALA F 321 -39.23 30.19 10.36
C ALA F 321 -38.44 28.98 10.83
N ILE F 322 -38.73 28.47 12.03
CA ILE F 322 -38.01 27.30 12.53
C ILE F 322 -38.41 26.05 11.75
N LEU F 323 -39.71 25.89 11.48
CA LEU F 323 -40.17 24.71 10.75
C LEU F 323 -39.58 24.66 9.35
N ILE F 324 -39.36 25.82 8.73
CA ILE F 324 -38.67 25.86 7.45
C ILE F 324 -37.23 25.43 7.63
N ARG F 325 -36.57 25.86 8.70
CA ARG F 325 -35.19 25.48 8.96
C ARG F 325 -35.06 23.98 9.22
N GLY F 326 -35.96 23.41 10.01
CA GLY F 326 -35.93 22.00 10.31
C GLY F 326 -35.35 21.71 11.67
N GLY F 327 -35.22 20.42 11.96
CA GLY F 327 -34.71 19.92 13.21
C GLY F 327 -35.62 18.88 13.81
N MET F 328 -35.23 18.40 14.98
CA MET F 328 -36.04 17.45 15.74
C MET F 328 -36.38 18.06 17.10
N PHE F 329 -37.64 17.95 17.49
CA PHE F 329 -38.15 18.54 18.73
C PHE F 329 -38.93 17.50 19.53
N SER F 330 -38.37 16.31 19.65
CA SER F 330 -39.02 15.26 20.41
C SER F 330 -39.05 15.62 21.90
N LYS F 331 -40.10 15.15 22.58
CA LYS F 331 -40.23 15.42 24.00
C LYS F 331 -39.13 14.70 24.77
N LYS F 332 -38.67 15.34 25.85
CA LYS F 332 -37.57 14.80 26.63
C LYS F 332 -38.08 13.83 27.67
N GLN F 333 -37.25 12.85 28.02
CA GLN F 333 -37.56 11.89 29.06
C GLN F 333 -36.44 11.89 30.08
N GLU F 334 -36.77 11.51 31.30
CA GLU F 334 -35.81 11.56 32.40
C GLU F 334 -34.67 10.58 32.16
N LYS F 335 -33.45 11.07 32.39
CA LYS F 335 -32.26 10.26 32.17
C LYS F 335 -31.43 10.13 33.45
N THR G 11 -19.29 47.15 34.84
CA THR G 11 -17.90 47.54 34.78
C THR G 11 -17.04 46.40 34.24
N LEU G 12 -16.12 46.72 33.34
CA LEU G 12 -15.24 45.71 32.76
C LEU G 12 -14.26 45.21 33.79
N LYS G 13 -14.05 43.90 33.80
CA LYS G 13 -13.12 43.30 34.76
C LYS G 13 -12.19 42.25 34.17
N SER G 14 -12.44 41.75 32.96
CA SER G 14 -11.55 40.77 32.34
C SER G 14 -11.78 40.78 30.83
N ARG G 15 -10.78 40.32 30.11
CA ARG G 15 -10.89 40.20 28.66
C ARG G 15 -11.86 39.07 28.32
N PRO G 16 -12.60 39.19 27.21
CA PRO G 16 -13.54 38.13 26.83
C PRO G 16 -12.81 36.87 26.37
N GLU G 17 -13.57 35.78 26.32
CA GLU G 17 -12.97 34.48 26.03
C GLU G 17 -12.55 34.33 24.59
N ASN G 18 -13.26 34.97 23.65
CA ASN G 18 -13.05 34.76 22.23
C ASN G 18 -12.82 36.08 21.51
N LEU G 19 -11.94 36.91 22.06
CA LEU G 19 -11.57 38.15 21.39
C LEU G 19 -10.46 37.89 20.39
N SER G 20 -10.65 38.31 19.15
CA SER G 20 -9.66 38.10 18.11
C SER G 20 -9.89 39.10 16.99
N PHE G 21 -8.81 39.73 16.52
CA PHE G 21 -8.88 40.70 15.45
C PHE G 21 -8.46 40.07 14.13
N ALA G 22 -8.51 40.86 13.06
CA ALA G 22 -8.16 40.40 11.74
C ALA G 22 -7.15 41.35 11.12
N ARG G 23 -6.55 40.92 10.01
CA ARG G 23 -5.56 41.74 9.34
C ARG G 23 -6.20 42.99 8.75
N CYS G 24 -5.56 44.13 8.99
CA CYS G 24 -5.97 45.39 8.39
C CYS G 24 -5.04 45.82 7.26
N LEU G 25 -3.97 45.09 7.01
CA LEU G 25 -3.04 45.36 5.92
C LEU G 25 -2.74 44.04 5.22
N ASN G 26 -3.58 43.68 4.25
CA ASN G 26 -3.40 42.43 3.53
C ASN G 26 -2.32 42.60 2.47
N THR G 27 -1.47 41.59 2.34
CA THR G 27 -0.40 41.61 1.35
C THR G 27 -0.49 40.37 0.47
N THR G 28 -0.23 40.54 -0.81
CA THR G 28 -0.24 39.45 -1.77
C THR G 28 1.17 38.85 -1.89
N GLU G 29 1.21 37.64 -2.44
CA GLU G 29 2.50 36.99 -2.69
C GLU G 29 3.23 37.70 -3.82
N ALA G 30 4.56 37.78 -3.70
CA ALA G 30 5.35 38.46 -4.70
C ALA G 30 5.59 37.54 -5.91
N LYS G 31 6.15 38.13 -6.97
CA LYS G 31 6.54 37.36 -8.14
C LYS G 31 7.79 38.01 -8.73
N PHE G 32 8.69 37.19 -9.25
CA PHE G 32 10.00 37.64 -9.71
C PHE G 32 10.02 37.65 -11.22
N TRP G 33 10.56 38.74 -11.79
CA TRP G 33 10.84 38.82 -13.22
C TRP G 33 12.24 39.41 -13.39
N GLN G 34 12.88 39.06 -14.51
CA GLN G 34 14.20 39.59 -14.83
C GLN G 34 14.11 40.46 -16.07
N THR G 35 14.53 41.71 -15.94
CA THR G 35 14.51 42.68 -17.03
C THR G 35 15.91 43.22 -17.26
N ASP G 36 16.00 44.20 -18.16
CA ASP G 36 17.21 44.97 -18.37
C ASP G 36 16.95 46.41 -17.92
N PHE G 37 17.98 47.04 -17.34
CA PHE G 37 17.75 48.34 -16.72
C PHE G 37 17.46 49.41 -17.75
N LEU G 38 18.11 49.35 -18.92
CA LEU G 38 17.84 50.33 -19.96
C LEU G 38 16.44 50.15 -20.53
N LYS G 39 16.06 48.91 -20.82
CA LYS G 39 14.72 48.59 -21.29
C LYS G 39 13.83 48.17 -20.12
N ARG G 40 13.71 49.09 -19.15
CA ARG G 40 13.05 48.75 -17.90
C ARG G 40 11.55 48.54 -18.09
N HIS G 41 10.88 49.46 -18.78
CA HIS G 41 9.44 49.40 -18.93
C HIS G 41 8.99 48.65 -20.18
N THR G 42 9.92 48.24 -21.04
CA THR G 42 9.57 47.57 -22.28
C THR G 42 9.94 46.09 -22.32
N PHE G 43 10.71 45.61 -21.34
CA PHE G 43 11.19 44.24 -21.33
C PHE G 43 10.83 43.56 -20.02
N LYS G 44 10.48 42.28 -20.11
CA LYS G 44 10.13 41.49 -18.93
C LYS G 44 10.22 40.02 -19.29
N LEU G 45 10.91 39.24 -18.46
CA LEU G 45 11.12 37.82 -18.71
C LEU G 45 10.83 37.03 -17.44
N PRO G 46 10.38 35.78 -17.59
CA PRO G 46 10.17 34.94 -16.41
C PRO G 46 11.49 34.55 -15.75
N LEU G 47 11.42 34.26 -14.45
CA LEU G 47 12.57 33.86 -13.66
C LEU G 47 12.23 32.54 -12.96
N LEU G 48 12.75 31.44 -13.47
CA LEU G 48 12.44 30.12 -12.96
C LEU G 48 13.50 29.65 -11.97
N ILE G 49 13.18 28.57 -11.27
CA ILE G 49 14.03 28.00 -10.23
C ILE G 49 14.70 26.74 -10.77
N THR G 50 16.01 26.64 -10.54
CA THR G 50 16.82 25.55 -11.07
C THR G 50 17.18 24.58 -9.96
N ASP G 51 17.02 23.29 -10.22
CA ASP G 51 17.35 22.24 -9.26
C ASP G 51 18.82 21.85 -9.42
N LYS G 52 19.58 21.95 -8.34
CA LYS G 52 20.97 21.54 -8.31
C LYS G 52 21.17 20.66 -7.08
N ALA G 53 22.42 20.24 -6.85
CA ALA G 53 22.70 19.42 -5.69
C ALA G 53 24.12 19.67 -5.21
N VAL G 54 24.37 19.32 -3.96
CA VAL G 54 25.59 19.68 -3.26
C VAL G 54 26.20 18.43 -2.62
N LEU G 55 27.53 18.32 -2.73
CA LEU G 55 28.30 17.30 -2.05
C LEU G 55 28.67 17.81 -0.67
N ALA G 56 27.71 17.71 0.25
CA ALA G 56 27.84 18.34 1.55
C ALA G 56 28.74 17.52 2.48
N SER G 57 29.63 18.21 3.19
CA SER G 57 30.40 17.62 4.27
C SER G 57 29.57 17.70 5.55
N LYS G 58 30.21 17.45 6.70
CA LYS G 58 29.51 17.48 7.99
C LYS G 58 30.35 18.21 9.03
N GLY G 59 30.90 19.36 8.66
CA GLY G 59 31.71 20.13 9.59
C GLY G 59 30.89 20.77 10.71
N HIS G 60 31.01 20.23 11.91
CA HIS G 60 30.31 20.76 13.07
C HIS G 60 31.13 20.44 14.31
N GLU G 61 30.49 20.45 15.48
CA GLU G 61 31.14 20.32 16.78
C GLU G 61 31.46 18.87 17.15
N MET G 62 31.55 17.97 16.19
CA MET G 62 31.76 16.56 16.48
C MET G 62 33.11 16.34 17.16
N PRO G 63 33.20 15.37 18.07
CA PRO G 63 34.46 15.10 18.78
C PRO G 63 35.50 14.50 17.85
N PRO G 64 36.79 14.60 18.19
CA PRO G 64 37.83 14.12 17.26
C PRO G 64 37.76 12.65 16.91
N ASP G 65 37.32 11.79 17.83
CA ASP G 65 37.23 10.37 17.53
C ASP G 65 36.21 10.09 16.43
N LYS G 66 35.06 10.74 16.48
CA LYS G 66 34.11 10.67 15.39
C LYS G 66 34.51 11.54 14.21
N LEU G 67 35.33 12.57 14.45
CA LEU G 67 35.81 13.41 13.36
C LEU G 67 36.71 12.60 12.42
N GLU G 68 37.53 11.71 12.97
CA GLU G 68 38.40 10.90 12.12
C GLU G 68 37.59 9.98 11.21
N LYS G 69 36.39 9.58 11.64
CA LYS G 69 35.59 8.66 10.84
C LYS G 69 34.72 9.40 9.85
N GLU G 70 33.99 10.42 10.29
CA GLU G 70 32.91 10.98 9.49
C GLU G 70 33.32 12.13 8.58
N ILE G 71 34.40 12.85 8.90
CA ILE G 71 34.67 14.11 8.20
C ILE G 71 35.12 13.93 6.76
N MET G 72 35.49 12.72 6.35
CA MET G 72 35.90 12.48 4.97
C MET G 72 34.92 11.60 4.20
N ASP G 73 33.69 11.46 4.67
CA ASP G 73 32.64 10.76 3.94
C ASP G 73 31.54 11.75 3.62
N PRO G 74 31.56 12.36 2.44
CA PRO G 74 30.54 13.37 2.12
C PRO G 74 29.22 12.72 1.71
N ASN G 75 28.17 13.55 1.69
CA ASN G 75 26.84 13.08 1.40
C ASN G 75 26.20 13.95 0.32
N PRO G 76 25.55 13.34 -0.67
CA PRO G 76 24.80 14.14 -1.65
C PRO G 76 23.48 14.61 -1.08
N GLN G 77 23.16 15.88 -1.32
CA GLN G 77 21.85 16.42 -0.95
C GLN G 77 21.36 17.33 -2.07
N LYS G 78 20.04 17.48 -2.14
CA LYS G 78 19.40 18.30 -3.16
C LYS G 78 19.32 19.75 -2.70
N SER G 79 19.19 20.65 -3.68
CA SER G 79 19.05 22.07 -3.38
C SER G 79 18.40 22.75 -4.58
N GLN G 80 17.85 23.93 -4.33
CA GLN G 80 17.23 24.73 -5.38
C GLN G 80 17.87 26.11 -5.37
N SER G 81 18.26 26.58 -6.55
CA SER G 81 18.93 27.86 -6.68
C SER G 81 18.28 28.67 -7.80
N CYS G 82 18.28 29.99 -7.63
CA CYS G 82 17.72 30.90 -8.61
C CYS G 82 18.77 31.92 -8.98
N THR G 83 19.01 32.09 -10.28
CA THR G 83 20.01 33.01 -10.78
C THR G 83 19.47 33.74 -12.01
N LEU G 84 19.96 34.96 -12.21
CA LEU G 84 19.61 35.70 -13.41
C LEU G 84 20.27 35.08 -14.64
N SER G 85 19.71 35.36 -15.80
CA SER G 85 20.31 34.90 -17.05
C SER G 85 21.56 35.74 -17.34
N THR G 86 22.32 35.31 -18.35
CA THR G 86 23.53 36.01 -18.72
C THR G 86 23.26 37.32 -19.46
N GLU G 87 22.01 37.56 -19.88
CA GLU G 87 21.67 38.76 -20.64
C GLU G 87 20.75 39.70 -19.86
N CYS G 88 20.60 39.53 -18.55
CA CYS G 88 19.77 40.38 -17.73
C CYS G 88 20.51 40.73 -16.46
N ASP G 89 20.35 41.98 -16.01
CA ASP G 89 21.02 42.44 -14.79
C ASP G 89 20.07 43.18 -13.86
N THR G 90 18.77 42.95 -13.98
CA THR G 90 17.79 43.62 -13.13
C THR G 90 16.77 42.61 -12.64
N LEU G 91 16.37 42.75 -11.39
CA LEU G 91 15.35 41.93 -10.77
C LEU G 91 14.13 42.78 -10.48
N ARG G 92 12.96 42.33 -10.91
CA ARG G 92 11.73 43.08 -10.80
C ARG G 92 10.76 42.33 -9.89
N ILE G 93 10.25 43.02 -8.87
CA ILE G 93 9.35 42.43 -7.89
C ILE G 93 8.05 43.20 -7.89
N ASP G 94 6.94 42.51 -8.15
CA ASP G 94 5.60 43.09 -8.14
C ASP G 94 4.80 42.48 -7.01
N PHE G 95 4.12 43.32 -6.24
CA PHE G 95 3.16 42.82 -5.26
C PHE G 95 2.13 43.89 -4.96
N GLY G 96 1.19 43.58 -4.08
CA GLY G 96 0.08 44.47 -3.81
C GLY G 96 -0.35 44.42 -2.36
N ILE G 97 -1.06 45.48 -1.95
CA ILE G 97 -1.52 45.67 -0.59
C ILE G 97 -2.98 46.11 -0.62
N LYS G 98 -3.80 45.49 0.22
CA LYS G 98 -5.18 45.91 0.43
C LYS G 98 -5.33 46.46 1.84
N VAL G 99 -5.90 47.65 1.96
CA VAL G 99 -6.05 48.35 3.22
C VAL G 99 -7.53 48.44 3.56
N LEU G 100 -7.88 48.05 4.79
CA LEU G 100 -9.23 48.01 5.30
C LEU G 100 -9.33 48.82 6.58
N PRO G 101 -10.52 49.33 6.91
CA PRO G 101 -10.67 50.12 8.14
C PRO G 101 -10.40 49.29 9.39
N VAL G 102 -9.81 49.95 10.39
CA VAL G 102 -9.44 49.28 11.63
C VAL G 102 -10.67 48.93 12.45
N LYS G 103 -11.65 49.83 12.48
CA LYS G 103 -12.83 49.61 13.32
C LYS G 103 -13.61 48.38 12.89
N GLU G 104 -13.77 48.18 11.57
CA GLU G 104 -14.49 47.02 11.06
C GLU G 104 -13.53 45.86 10.82
N SER G 105 -12.85 45.47 11.90
CA SER G 105 -11.91 44.36 11.85
C SER G 105 -12.02 43.40 13.02
N MET G 106 -12.80 43.72 14.05
CA MET G 106 -12.97 42.80 15.17
C MET G 106 -13.74 41.59 14.70
N TYR G 107 -13.06 40.45 14.57
CA TYR G 107 -13.69 39.26 14.02
C TYR G 107 -14.71 38.67 14.99
N SER G 108 -14.37 38.60 16.28
CA SER G 108 -15.27 38.03 17.25
C SER G 108 -15.01 38.64 18.62
N CYS G 109 -16.06 38.72 19.43
CA CYS G 109 -15.97 39.19 20.80
C CYS G 109 -17.12 38.59 21.58
N SER G 110 -16.81 38.00 22.74
CA SER G 110 -17.82 37.26 23.49
C SER G 110 -18.88 38.18 24.08
N ASP G 111 -18.48 39.34 24.59
CA ASP G 111 -19.40 40.29 25.19
C ASP G 111 -19.51 41.53 24.33
N TYR G 112 -20.45 42.41 24.71
CA TYR G 112 -20.74 43.62 23.96
C TYR G 112 -20.14 44.88 24.56
N ASN G 113 -20.04 44.94 25.89
CA ASN G 113 -19.49 46.13 26.53
C ASN G 113 -18.02 46.32 26.17
N TYR G 114 -17.26 45.23 26.11
CA TYR G 114 -15.86 45.34 25.72
C TYR G 114 -15.74 45.81 24.28
N ARG G 115 -16.62 45.34 23.40
CA ARG G 115 -16.63 45.81 22.02
C ARG G 115 -16.92 47.30 21.94
N THR G 116 -17.89 47.77 22.72
CA THR G 116 -18.21 49.20 22.71
C THR G 116 -17.04 50.03 23.25
N ALA G 117 -16.39 49.54 24.30
CA ALA G 117 -15.23 50.25 24.85
C ALA G 117 -14.08 50.32 23.84
N ILE G 118 -13.84 49.22 23.13
CA ILE G 118 -12.80 49.21 22.10
C ILE G 118 -13.14 50.21 21.00
N TYR G 119 -14.40 50.24 20.58
CA TYR G 119 -14.82 51.19 19.54
C TYR G 119 -14.63 52.62 20.01
N GLN G 120 -14.98 52.91 21.27
CA GLN G 120 -14.82 54.26 21.80
C GLN G 120 -13.34 54.66 21.85
N LYS G 121 -12.47 53.73 22.25
CA LYS G 121 -11.04 54.03 22.27
C LYS G 121 -10.51 54.29 20.87
N ILE G 122 -11.01 53.52 19.88
CA ILE G 122 -10.58 53.74 18.50
C ILE G 122 -11.02 55.11 18.00
N ASP G 123 -12.26 55.52 18.32
CA ASP G 123 -12.70 56.85 17.94
C ASP G 123 -11.88 57.94 18.64
N GLU G 124 -11.53 57.72 19.91
CA GLU G 124 -10.71 58.69 20.62
C GLU G 124 -9.33 58.83 19.96
N TYR G 125 -8.73 57.72 19.56
CA TYR G 125 -7.44 57.79 18.89
C TYR G 125 -7.56 58.45 17.52
N ILE G 126 -8.66 58.20 16.81
CA ILE G 126 -8.87 58.81 15.50
C ILE G 126 -8.99 60.32 15.64
N ALA G 127 -9.76 60.78 16.64
CA ALA G 127 -9.92 62.21 16.85
C ALA G 127 -8.63 62.86 17.32
N GLU G 128 -7.87 62.16 18.18
CA GLU G 128 -6.66 62.75 18.75
C GLU G 128 -5.55 62.88 17.72
N ASP G 129 -5.30 61.84 16.95
CA ASP G 129 -4.18 61.82 16.01
C ASP G 129 -4.64 61.73 14.55
N GLY G 130 -5.43 60.72 14.21
CA GLY G 130 -5.87 60.54 12.84
C GLY G 130 -5.15 59.47 12.05
N PHE G 131 -4.42 58.58 12.72
CA PHE G 131 -3.73 57.44 12.10
C PHE G 131 -2.72 57.88 11.06
N LEU G 132 -2.11 59.05 11.24
CA LEU G 132 -1.17 59.58 10.25
C LEU G 132 0.27 59.18 10.51
N THR G 133 0.64 58.97 11.77
CA THR G 133 2.02 58.59 12.07
C THR G 133 2.32 57.18 11.58
N LEU G 134 1.43 56.23 11.89
CA LEU G 134 1.64 54.85 11.48
C LEU G 134 1.62 54.71 9.97
N ALA G 135 0.73 55.45 9.30
CA ALA G 135 0.70 55.41 7.84
C ALA G 135 2.00 55.93 7.24
N LYS G 136 2.55 57.00 7.83
CA LYS G 136 3.83 57.52 7.37
C LYS G 136 4.94 56.50 7.57
N ARG G 137 4.92 55.79 8.71
CA ARG G 137 5.94 54.77 8.96
C ARG G 137 5.82 53.61 7.98
N TYR G 138 4.59 53.18 7.67
CA TYR G 138 4.40 52.08 6.74
C TYR G 138 4.87 52.46 5.33
N VAL G 139 4.53 53.67 4.88
CA VAL G 139 5.00 54.08 3.57
C VAL G 139 6.51 54.29 3.58
N ASN G 140 7.09 54.66 4.72
CA ASN G 140 8.54 54.73 4.83
C ASN G 140 9.16 53.36 4.64
N ASN G 141 8.59 52.34 5.27
CA ASN G 141 9.09 50.98 5.12
C ASN G 141 8.93 50.49 3.69
N ILE G 142 7.88 50.94 3.00
CA ILE G 142 7.75 50.63 1.57
C ILE G 142 8.83 51.33 0.77
N ALA G 143 9.12 52.59 1.11
CA ALA G 143 9.96 53.43 0.25
C ALA G 143 11.42 53.01 0.29
N ASN G 144 11.94 52.64 1.45
CA ASN G 144 13.34 52.30 1.57
C ASN G 144 13.65 50.87 1.17
N ALA G 145 12.66 50.14 0.62
CA ALA G 145 12.83 48.78 0.11
C ALA G 145 13.35 47.84 1.17
N ARG G 146 12.75 47.89 2.37
CA ARG G 146 13.14 46.97 3.43
C ARG G 146 12.73 45.54 3.10
N PHE G 147 11.69 45.36 2.27
CA PHE G 147 11.17 44.04 1.98
C PHE G 147 12.09 43.20 1.10
N LEU G 148 13.16 43.79 0.55
CA LEU G 148 14.05 43.03 -0.32
C LEU G 148 14.82 41.96 0.43
N TRP G 149 15.04 42.14 1.73
CA TRP G 149 15.76 41.20 2.60
C TRP G 149 17.17 41.03 2.06
N ARG G 150 17.64 39.81 1.79
CA ARG G 150 19.02 39.61 1.35
C ARG G 150 19.27 40.13 -0.06
N ASN G 151 18.22 40.41 -0.83
CA ASN G 151 18.40 40.99 -2.16
C ASN G 151 18.82 42.44 -2.10
N ARG G 152 18.71 43.09 -0.94
CA ARG G 152 19.09 44.49 -0.83
C ARG G 152 20.60 44.68 -0.82
N LYS G 153 21.34 43.65 -0.41
CA LYS G 153 22.79 43.77 -0.34
C LYS G 153 23.42 43.80 -1.72
N GLY G 154 24.38 44.70 -1.90
CA GLY G 154 25.12 44.77 -3.15
C GLY G 154 24.28 45.20 -4.33
N ALA G 155 23.35 46.12 -4.13
CA ALA G 155 22.48 46.60 -5.20
C ALA G 155 22.98 47.96 -5.68
N GLU G 156 23.10 48.11 -6.99
CA GLU G 156 23.56 49.37 -7.56
C GLU G 156 22.46 50.43 -7.51
N ILE G 157 21.34 50.16 -8.17
CA ILE G 157 20.18 51.05 -8.16
C ILE G 157 18.98 50.27 -7.65
N ILE G 158 18.27 50.85 -6.69
CA ILE G 158 16.97 50.35 -6.24
C ILE G 158 15.94 51.42 -6.52
N GLU G 159 14.89 51.06 -7.28
CA GLU G 159 13.87 52.01 -7.67
C GLU G 159 12.49 51.43 -7.40
N THR G 160 11.69 52.13 -6.60
CA THR G 160 10.38 51.67 -6.18
C THR G 160 9.30 52.56 -6.78
N ILE G 161 8.25 51.95 -7.31
CA ILE G 161 7.12 52.66 -7.92
C ILE G 161 5.85 52.17 -7.25
N VAL G 162 5.01 53.11 -6.80
CA VAL G 162 3.75 52.81 -6.12
C VAL G 162 2.62 53.36 -6.97
N THR G 163 1.63 52.51 -7.26
CA THR G 163 0.47 52.89 -8.05
C THR G 163 -0.79 52.69 -7.22
N ILE G 164 -1.62 53.73 -7.14
CA ILE G 164 -2.92 53.66 -6.48
C ILE G 164 -3.97 54.04 -7.51
N GLU G 165 -4.96 53.16 -7.70
CA GLU G 165 -5.99 53.30 -8.72
C GLU G 165 -5.36 53.45 -10.10
N ASP G 166 -5.65 54.57 -10.77
CA ASP G 166 -5.11 54.85 -12.09
C ASP G 166 -3.97 55.86 -12.04
N LYS G 167 -3.50 56.21 -10.85
CA LYS G 167 -2.48 57.24 -10.67
C LYS G 167 -1.16 56.57 -10.31
N GLU G 168 -0.10 56.92 -11.05
CA GLU G 168 1.24 56.40 -10.80
C GLU G 168 2.07 57.51 -10.15
N TYR G 169 2.45 57.30 -8.91
CA TYR G 169 3.24 58.28 -8.17
C TYR G 169 4.69 58.26 -8.65
N PRO G 170 5.43 59.36 -8.43
CA PRO G 170 6.83 59.38 -8.82
C PRO G 170 7.65 58.32 -8.10
N SER G 171 8.68 57.84 -8.78
CA SER G 171 9.49 56.74 -8.27
C SER G 171 10.31 57.16 -7.06
N PHE G 172 10.78 56.15 -6.34
CA PHE G 172 11.60 56.35 -5.14
C PHE G 172 13.02 55.87 -5.40
N ASN G 173 13.99 56.61 -4.87
CA ASN G 173 15.38 56.17 -4.85
C ASN G 173 15.65 55.60 -3.47
N SER G 174 15.55 54.27 -3.34
CA SER G 174 15.59 53.63 -2.04
C SER G 174 16.98 53.62 -1.41
N LYS G 175 18.04 53.87 -2.19
CA LYS G 175 19.38 53.88 -1.61
C LYS G 175 19.61 55.11 -0.74
N SER G 176 18.93 56.23 -1.05
CA SER G 176 19.12 57.44 -0.28
C SER G 176 18.52 57.32 1.11
N PHE G 177 17.40 56.60 1.24
CA PHE G 177 16.75 56.43 2.52
C PHE G 177 17.60 55.55 3.43
N ASN G 178 17.46 55.78 4.74
CA ASN G 178 18.19 55.03 5.75
C ASN G 178 17.25 54.13 6.51
N LEU G 179 17.71 52.92 6.84
CA LEU G 179 16.87 51.94 7.50
C LEU G 179 16.61 52.26 8.97
N ASP G 180 17.29 53.25 9.54
CA ASP G 180 17.13 53.59 10.95
C ASP G 180 16.35 54.86 11.20
N THR G 181 16.35 55.81 10.26
CA THR G 181 15.67 57.08 10.40
C THR G 181 14.43 57.11 9.52
N PHE G 182 13.34 57.66 10.06
CA PHE G 182 12.06 57.72 9.35
C PHE G 182 11.83 59.15 8.88
N VAL G 183 11.61 59.31 7.59
CA VAL G 183 11.45 60.63 6.99
C VAL G 183 10.05 61.15 7.29
N GLU G 184 9.97 62.36 7.85
CA GLU G 184 8.70 63.00 8.14
C GLU G 184 8.31 64.08 7.14
N ASP G 185 9.20 64.43 6.21
CA ASP G 185 8.97 65.51 5.25
C ASP G 185 9.29 65.01 3.85
N ASN G 186 8.30 64.41 3.20
CA ASN G 186 8.42 63.99 1.80
C ASN G 186 7.03 64.06 1.19
N ALA G 187 6.92 64.70 0.02
CA ALA G 187 5.61 64.99 -0.55
C ALA G 187 4.86 63.71 -0.92
N THR G 188 5.51 62.83 -1.69
CA THR G 188 4.83 61.62 -2.16
C THR G 188 4.49 60.69 -1.00
N ILE G 189 5.42 60.55 -0.06
CA ILE G 189 5.17 59.74 1.13
C ILE G 189 4.00 60.31 1.92
N ASN G 190 3.93 61.65 2.02
CA ASN G 190 2.83 62.28 2.73
C ASN G 190 1.49 62.03 2.04
N GLU G 191 1.46 62.09 0.70
CA GLU G 191 0.22 61.85 -0.02
C GLU G 191 -0.26 60.41 0.18
N ILE G 192 0.65 59.45 0.00
CA ILE G 192 0.26 58.04 0.15
C ILE G 192 -0.16 57.76 1.59
N ALA G 193 0.55 58.35 2.55
CA ALA G 193 0.19 58.15 3.95
C ALA G 193 -1.15 58.79 4.28
N GLN G 194 -1.47 59.91 3.63
CA GLN G 194 -2.77 60.53 3.84
C GLN G 194 -3.89 59.62 3.33
N GLN G 195 -3.69 59.02 2.15
CA GLN G 195 -4.69 58.09 1.64
C GLN G 195 -4.84 56.88 2.56
N ILE G 196 -3.72 56.33 3.04
CA ILE G 196 -3.78 55.16 3.90
C ILE G 196 -4.44 55.50 5.24
N ALA G 197 -4.16 56.69 5.78
CA ALA G 197 -4.77 57.11 7.02
C ALA G 197 -6.26 57.32 6.86
N ASP G 198 -6.68 57.89 5.72
CA ASP G 198 -8.10 58.05 5.46
C ASP G 198 -8.79 56.70 5.37
N THR G 199 -8.14 55.71 4.75
CA THR G 199 -8.69 54.36 4.71
C THR G 199 -8.78 53.76 6.12
N PHE G 200 -7.74 53.98 6.93
CA PHE G 200 -7.72 53.42 8.29
C PHE G 200 -8.82 54.01 9.15
N ALA G 201 -9.03 55.33 9.06
CA ALA G 201 -10.02 55.99 9.92
C ALA G 201 -11.44 55.59 9.56
N GLY G 202 -11.75 55.50 8.27
CA GLY G 202 -13.09 55.15 7.85
C GLY G 202 -13.64 56.10 6.80
N LYS G 203 -12.83 57.08 6.40
CA LYS G 203 -13.27 58.02 5.35
C LYS G 203 -13.47 57.33 4.01
N ARG G 204 -12.79 56.20 3.78
CA ARG G 204 -13.00 55.37 2.62
C ARG G 204 -13.43 53.97 3.07
N GLU G 205 -13.56 53.07 2.11
CA GLU G 205 -13.97 51.70 2.37
C GLU G 205 -12.84 50.70 2.21
N TYR G 206 -11.98 50.90 1.21
CA TYR G 206 -10.86 50.00 0.94
C TYR G 206 -9.82 50.77 0.15
N LEU G 207 -8.61 50.24 0.12
CA LEU G 207 -7.55 50.84 -0.68
C LEU G 207 -6.70 49.75 -1.31
N ASN G 208 -6.32 49.95 -2.57
CA ASN G 208 -5.49 49.00 -3.31
C ASN G 208 -4.22 49.70 -3.75
N ILE G 209 -3.08 49.16 -3.35
CA ILE G 209 -1.77 49.71 -3.66
C ILE G 209 -0.97 48.65 -4.40
N TYR G 210 -0.34 49.02 -5.51
CA TYR G 210 0.47 48.08 -6.28
C TYR G 210 1.91 48.60 -6.32
N VAL G 211 2.85 47.77 -5.85
CA VAL G 211 4.24 48.16 -5.70
C VAL G 211 5.08 47.36 -6.68
N THR G 212 5.99 48.06 -7.37
CA THR G 212 6.92 47.44 -8.32
C THR G 212 8.32 47.95 -8.01
N CYS G 213 9.25 47.02 -7.79
CA CYS G 213 10.61 47.36 -7.39
C CYS G 213 11.59 46.81 -8.43
N PHE G 214 12.53 47.66 -8.84
CA PHE G 214 13.63 47.29 -9.71
C PHE G 214 14.92 47.32 -8.92
N VAL G 215 15.68 46.22 -8.96
CA VAL G 215 16.95 46.11 -8.26
C VAL G 215 18.02 45.78 -9.29
N LYS G 216 19.12 46.51 -9.29
CA LYS G 216 20.23 46.24 -10.18
C LYS G 216 21.34 45.54 -9.39
N ILE G 217 21.57 44.26 -9.71
CA ILE G 217 22.57 43.46 -9.03
C ILE G 217 23.72 43.07 -9.94
N GLY G 218 23.45 42.81 -11.22
CA GLY G 218 24.50 42.42 -12.14
C GLY G 218 24.12 41.21 -12.96
N CYS G 219 24.82 41.01 -14.08
CA CYS G 219 24.49 39.90 -14.96
C CYS G 219 24.82 38.56 -14.32
N ALA G 220 23.90 37.62 -14.45
CA ALA G 220 24.04 36.24 -13.98
C ALA G 220 24.27 36.14 -12.48
N MET G 221 23.84 37.15 -11.72
CA MET G 221 23.99 37.10 -10.27
C MET G 221 22.95 36.17 -9.67
N GLU G 222 22.99 36.03 -8.35
CA GLU G 222 22.11 35.12 -7.63
C GLU G 222 21.04 35.92 -6.89
N VAL G 223 19.78 35.52 -7.07
CA VAL G 223 18.68 36.09 -6.32
C VAL G 223 18.25 35.08 -5.26
N TYR G 224 17.55 35.58 -4.25
CA TYR G 224 17.20 34.79 -3.07
C TYR G 224 15.70 34.82 -2.85
N PRO G 225 14.96 33.85 -3.39
CA PRO G 225 13.52 33.80 -3.15
C PRO G 225 13.22 33.32 -1.74
N SER G 226 11.95 33.33 -1.34
CA SER G 226 11.57 32.80 -0.05
C SER G 226 11.79 31.29 -0.04
N GLN G 227 12.28 30.78 1.09
CA GLN G 227 12.62 29.37 1.19
C GLN G 227 11.41 28.57 1.63
N GLU G 228 10.95 27.67 0.77
CA GLU G 228 9.92 26.72 1.17
C GLU G 228 10.46 25.83 2.28
N MET G 229 9.57 25.46 3.19
CA MET G 229 9.98 24.78 4.41
C MET G 229 9.52 23.33 4.32
N THR G 230 10.49 22.41 4.28
CA THR G 230 10.19 21.00 4.11
C THR G 230 9.61 20.41 5.39
N PHE G 231 8.88 19.30 5.22
CA PHE G 231 8.28 18.61 6.35
C PHE G 231 8.46 17.10 6.32
N ASP G 232 8.89 16.52 5.21
CA ASP G 232 9.20 15.09 5.19
C ASP G 232 10.54 14.87 5.90
N ASP G 233 10.54 13.93 6.85
CA ASP G 233 11.74 13.71 7.65
C ASP G 233 12.84 13.00 6.88
N ASP G 234 12.50 12.33 5.78
CA ASP G 234 13.51 11.59 5.02
C ASP G 234 14.42 12.52 4.24
N ASP G 235 13.85 13.54 3.60
CA ASP G 235 14.61 14.46 2.77
C ASP G 235 14.69 15.82 3.44
N LYS G 236 15.90 16.37 3.54
CA LYS G 236 16.13 17.66 4.17
C LYS G 236 16.78 18.66 3.22
N GLY G 237 16.62 18.47 1.91
CA GLY G 237 17.19 19.39 0.97
C GLY G 237 16.48 20.73 0.95
N LYS G 238 17.15 21.73 0.38
CA LYS G 238 16.59 23.07 0.31
C LYS G 238 15.50 23.13 -0.75
N LYS G 239 14.36 23.71 -0.39
CA LYS G 239 13.23 23.91 -1.29
C LYS G 239 12.89 25.38 -1.33
N LEU G 240 12.66 25.90 -2.54
CA LEU G 240 12.34 27.31 -2.72
C LEU G 240 10.88 27.47 -3.12
N PHE G 241 10.37 28.68 -2.92
CA PHE G 241 8.96 28.97 -3.15
C PHE G 241 8.72 29.32 -4.61
N LYS G 242 7.80 28.60 -5.23
CA LYS G 242 7.42 28.82 -6.62
C LYS G 242 6.01 29.38 -6.67
N PHE G 243 5.85 30.54 -7.29
CA PHE G 243 4.56 31.21 -7.42
C PHE G 243 4.23 31.33 -8.89
N GLU G 244 3.14 30.67 -9.32
CA GLU G 244 2.72 30.65 -10.71
C GLU G 244 3.82 30.15 -11.64
N GLY G 245 4.58 29.17 -11.16
CA GLY G 245 5.64 28.59 -11.96
C GLY G 245 6.95 29.35 -11.96
N SER G 246 7.03 30.49 -11.29
CA SER G 246 8.24 31.28 -11.22
C SER G 246 8.58 31.57 -9.76
N ALA G 247 9.79 32.04 -9.53
CA ALA G 247 10.25 32.31 -8.17
C ALA G 247 9.47 33.45 -7.55
N GLY G 248 9.26 33.37 -6.24
CA GLY G 248 8.48 34.39 -5.55
C GLY G 248 8.85 34.45 -4.09
N MET G 249 8.18 35.36 -3.39
CA MET G 249 8.40 35.59 -1.97
C MET G 249 7.07 35.44 -1.24
N HIS G 250 7.12 34.90 -0.02
CA HIS G 250 5.91 34.70 0.76
C HIS G 250 5.28 36.04 1.13
N SER G 251 3.96 36.02 1.32
CA SER G 251 3.25 37.22 1.76
C SER G 251 3.67 37.61 3.16
N GLN G 252 3.85 36.64 4.05
CA GLN G 252 4.22 36.95 5.43
C GLN G 252 5.66 37.42 5.56
N LYS G 253 6.51 37.10 4.58
CA LYS G 253 7.86 37.65 4.58
C LYS G 253 7.85 39.13 4.26
N ILE G 254 7.03 39.54 3.29
CA ILE G 254 6.95 40.95 2.92
C ILE G 254 6.27 41.76 4.01
N ASN G 255 5.19 41.22 4.58
CA ASN G 255 4.45 41.96 5.60
C ASN G 255 5.26 42.15 6.87
N ASN G 256 6.21 41.26 7.14
CA ASN G 256 7.05 41.42 8.31
C ASN G 256 7.95 42.64 8.19
N ALA G 257 8.46 42.90 6.98
CA ALA G 257 9.36 44.03 6.79
C ALA G 257 8.62 45.36 6.97
N LEU G 258 7.41 45.47 6.41
CA LEU G 258 6.64 46.70 6.55
C LEU G 258 6.18 46.94 7.98
N ARG G 259 6.05 45.88 8.77
CA ARG G 259 5.60 45.99 10.15
C ARG G 259 6.68 46.59 11.06
N THR G 260 7.95 46.56 10.65
CA THR G 260 9.04 47.01 11.50
C THR G 260 9.03 48.53 11.66
N ILE G 261 8.26 49.02 12.62
CA ILE G 261 8.11 50.46 12.84
C ILE G 261 8.29 50.79 14.32
N ASP G 262 8.36 49.77 15.16
CA ASP G 262 8.33 49.96 16.62
C ASP G 262 9.64 50.59 17.09
N THR G 263 9.61 51.89 17.36
CA THR G 263 10.73 52.60 17.97
C THR G 263 10.32 53.24 19.30
N TRP G 264 9.36 52.64 19.99
CA TRP G 264 8.85 53.15 21.25
C TRP G 264 8.91 52.09 22.33
N TYR G 265 10.05 51.39 22.43
CA TYR G 265 10.23 50.37 23.44
C TYR G 265 11.25 50.81 24.48
N PRO G 266 11.20 50.25 25.69
CA PRO G 266 12.22 50.58 26.69
C PRO G 266 13.60 50.16 26.23
N ASP G 267 14.60 50.91 26.70
CA ASP G 267 16.00 50.75 26.28
C ASP G 267 16.16 50.92 24.77
N TYR G 268 15.36 51.81 24.17
CA TYR G 268 15.54 52.12 22.75
C TYR G 268 16.81 52.90 22.53
N THR G 269 17.16 53.80 23.46
CA THR G 269 18.35 54.63 23.31
C THR G 269 19.64 53.83 23.38
N THR G 270 19.60 52.62 23.92
CA THR G 270 20.80 51.79 23.96
C THR G 270 21.14 51.21 22.60
N TYR G 271 20.13 50.84 21.82
CA TYR G 271 20.32 50.20 20.53
C TYR G 271 19.99 51.09 19.34
N GLU G 272 18.90 51.86 19.43
CA GLU G 272 18.50 52.84 18.43
C GLU G 272 18.29 52.20 17.04
N PHE G 273 17.31 51.30 16.98
CA PHE G 273 16.86 50.74 15.71
C PHE G 273 15.43 50.25 15.85
N PRO G 274 14.65 50.26 14.78
CA PRO G 274 13.26 49.78 14.88
C PRO G 274 13.19 48.25 14.94
N ILE G 275 12.12 47.77 15.56
CA ILE G 275 11.87 46.34 15.69
C ILE G 275 10.47 46.06 15.17
N PRO G 276 10.21 44.82 14.73
CA PRO G 276 8.85 44.46 14.35
C PRO G 276 7.91 44.46 15.56
N VAL G 277 6.62 44.60 15.28
CA VAL G 277 5.62 44.80 16.32
C VAL G 277 5.03 43.45 16.68
N GLU G 278 5.66 42.78 17.66
CA GLU G 278 5.08 41.59 18.28
C GLU G 278 4.41 41.98 19.60
N ASN G 279 3.79 40.98 20.24
CA ASN G 279 3.14 41.23 21.53
C ASN G 279 4.16 41.51 22.62
N TYR G 280 5.20 40.68 22.72
CA TYR G 280 6.22 40.81 23.74
C TYR G 280 7.49 41.47 23.22
N GLY G 281 7.46 42.01 22.02
CA GLY G 281 8.64 42.65 21.45
C GLY G 281 9.77 41.70 21.14
N ALA G 282 9.45 40.52 20.62
CA ALA G 282 10.48 39.57 20.21
C ALA G 282 11.17 40.04 18.95
N ALA G 283 12.48 39.83 18.89
CA ALA G 283 13.28 40.19 17.73
C ALA G 283 14.20 39.04 17.37
N ARG G 284 14.24 38.67 16.09
CA ARG G 284 15.09 37.57 15.66
C ARG G 284 16.51 38.03 15.37
N SER G 285 16.71 39.31 15.08
CA SER G 285 18.04 39.81 14.74
C SER G 285 18.99 39.66 15.92
N ILE G 286 18.55 40.05 17.11
CA ILE G 286 19.26 39.76 18.35
C ILE G 286 18.23 39.25 19.35
N GLY G 287 18.60 38.23 20.11
CA GLY G 287 17.60 37.59 20.95
C GLY G 287 17.44 38.24 22.30
N ILE G 288 16.49 39.17 22.40
CA ILE G 288 16.13 39.87 23.63
C ILE G 288 14.63 40.13 23.60
N PRO G 289 13.86 39.66 24.58
CA PRO G 289 12.45 40.10 24.66
C PRO G 289 12.35 41.54 25.12
N PHE G 290 12.04 42.44 24.18
CA PHE G 290 12.11 43.87 24.46
C PHE G 290 10.99 44.37 25.36
N ARG G 291 9.85 43.68 25.38
CA ARG G 291 8.72 44.07 26.23
C ARG G 291 8.26 42.85 27.02
N PRO G 292 9.07 42.39 27.98
CA PRO G 292 8.70 41.17 28.71
C PRO G 292 7.48 41.32 29.62
N ASP G 293 7.52 42.26 30.56
CA ASP G 293 6.44 42.40 31.53
C ASP G 293 5.78 43.78 31.52
N THR G 294 6.55 44.85 31.67
CA THR G 294 5.96 46.16 31.97
C THR G 294 5.27 46.77 30.75
N LYS G 295 5.91 46.71 29.58
CA LYS G 295 5.38 47.34 28.38
C LYS G 295 4.88 46.31 27.37
N SER G 296 4.45 45.14 27.85
CA SER G 296 3.84 44.16 26.98
C SER G 296 2.47 44.67 26.51
N PHE G 297 2.02 44.13 25.39
CA PHE G 297 0.75 44.57 24.82
C PHE G 297 -0.42 44.22 25.73
N TYR G 298 -0.36 43.06 26.39
CA TYR G 298 -1.46 42.63 27.25
C TYR G 298 -1.63 43.57 28.43
N LYS G 299 -0.52 43.93 29.08
CA LYS G 299 -0.61 44.84 30.23
C LYS G 299 -1.05 46.23 29.80
N LEU G 300 -0.57 46.70 28.66
CA LEU G 300 -0.97 48.02 28.17
C LEU G 300 -2.46 48.05 27.84
N ILE G 301 -2.97 47.02 27.17
CA ILE G 301 -4.39 47.01 26.82
C ILE G 301 -5.24 46.79 28.07
N ASP G 302 -4.71 46.11 29.08
CA ASP G 302 -5.44 46.00 30.34
C ASP G 302 -5.53 47.34 31.04
N ARG G 303 -4.43 48.12 31.02
CA ARG G 303 -4.46 49.44 31.62
C ARG G 303 -5.25 50.43 30.77
N MET G 304 -5.51 50.09 29.51
CA MET G 304 -6.26 51.01 28.65
C MET G 304 -7.75 50.76 28.72
N ILE G 305 -8.18 49.50 28.70
CA ILE G 305 -9.59 49.16 28.55
C ILE G 305 -10.25 48.87 29.89
N LEU G 306 -9.64 48.02 30.71
CA LEU G 306 -10.28 47.59 31.96
C LEU G 306 -10.35 48.73 32.95
N LYS G 307 -9.20 49.23 33.39
CA LYS G 307 -9.13 50.39 34.28
C LYS G 307 -8.87 51.60 33.41
N ASN G 308 -9.91 52.43 33.23
CA ASN G 308 -9.84 53.55 32.31
C ASN G 308 -8.77 54.55 32.72
N GLU G 309 -7.69 54.61 31.96
CA GLU G 309 -6.59 55.53 32.22
C GLU G 309 -5.94 55.89 30.90
N ASP G 310 -5.47 57.13 30.84
CA ASP G 310 -4.78 57.58 29.65
C ASP G 310 -3.38 57.02 29.60
N LEU G 311 -2.79 57.02 28.42
CA LEU G 311 -1.44 56.53 28.22
C LEU G 311 -0.66 57.54 27.39
N PRO G 312 0.67 57.53 27.49
CA PRO G 312 1.47 58.35 26.59
C PRO G 312 1.27 57.91 25.15
N ILE G 313 1.43 58.86 24.23
CA ILE G 313 1.06 58.65 22.84
C ILE G 313 1.88 57.53 22.18
N GLU G 314 3.06 57.23 22.72
CA GLU G 314 3.83 56.10 22.19
C GLU G 314 3.14 54.77 22.48
N ASP G 315 2.57 54.63 23.67
CA ASP G 315 1.84 53.40 24.00
C ASP G 315 0.59 53.25 23.14
N LYS G 316 -0.11 54.36 22.89
CA LYS G 316 -1.27 54.31 22.00
C LYS G 316 -0.85 53.94 20.58
N HIS G 317 0.29 54.48 20.12
CA HIS G 317 0.81 54.11 18.81
C HIS G 317 1.10 52.61 18.73
N TYR G 318 1.73 52.07 19.76
CA TYR G 318 2.05 50.64 19.77
C TYR G 318 0.79 49.79 19.79
N VAL G 319 -0.20 50.19 20.60
CA VAL G 319 -1.44 49.42 20.69
C VAL G 319 -2.18 49.44 19.35
N MET G 320 -2.25 50.60 18.71
CA MET G 320 -2.92 50.69 17.41
C MET G 320 -2.17 49.89 16.35
N ALA G 321 -0.83 49.89 16.41
CA ALA G 321 -0.07 49.09 15.46
C ALA G 321 -0.33 47.60 15.65
N ILE G 322 -0.43 47.15 16.91
CA ILE G 322 -0.76 45.75 17.17
C ILE G 322 -2.15 45.43 16.65
N LEU G 323 -3.11 46.32 16.88
CA LEU G 323 -4.46 46.09 16.38
C LEU G 323 -4.50 46.03 14.86
N ILE G 324 -3.70 46.86 14.20
CA ILE G 324 -3.60 46.80 12.75
C ILE G 324 -3.02 45.47 12.29
N ARG G 325 -2.00 44.98 13.02
CA ARG G 325 -1.42 43.69 12.67
C ARG G 325 -2.44 42.56 12.84
N GLY G 326 -3.20 42.58 13.94
CA GLY G 326 -4.20 41.56 14.21
C GLY G 326 -3.62 40.36 14.94
N GLY G 327 -4.53 39.51 15.41
CA GLY G 327 -4.12 38.31 16.11
C GLY G 327 -5.26 37.77 16.95
N MET G 328 -4.90 36.87 17.86
CA MET G 328 -5.82 36.28 18.82
C MET G 328 -5.47 36.75 20.22
N PHE G 329 -6.15 37.77 20.71
CA PHE G 329 -5.99 38.25 22.07
C PHE G 329 -7.12 37.73 22.97
N SER G 330 -7.16 36.42 23.11
CA SER G 330 -8.18 35.76 23.92
C SER G 330 -7.67 35.55 25.35
N LYS G 331 -8.57 35.69 26.31
CA LYS G 331 -8.21 35.45 27.71
C LYS G 331 -7.98 33.98 27.95
N LYS G 332 -6.87 33.64 28.60
CA LYS G 332 -6.47 32.26 28.83
C LYS G 332 -7.33 31.53 29.85
N GLN G 333 -8.20 32.25 30.56
CA GLN G 333 -9.08 31.63 31.55
C GLN G 333 -10.07 30.68 30.89
N VAL H 10 33.07 43.11 30.60
CA VAL H 10 32.12 42.06 30.29
C VAL H 10 32.85 40.83 29.76
N THR H 11 32.35 39.65 30.15
CA THR H 11 32.92 38.38 29.72
C THR H 11 31.83 37.51 29.13
N LEU H 12 32.24 36.56 28.28
CA LEU H 12 31.30 35.68 27.59
C LEU H 12 31.56 34.24 27.99
N LYS H 13 30.48 33.48 28.14
CA LYS H 13 30.59 32.10 28.58
C LYS H 13 31.00 31.18 27.43
N SER H 14 30.18 31.14 26.37
CA SER H 14 30.46 30.31 25.21
C SER H 14 29.85 30.95 23.98
N ARG H 15 29.93 30.25 22.87
CA ARG H 15 29.36 30.74 21.61
C ARG H 15 27.83 30.78 21.73
N PRO H 16 27.18 31.71 21.03
CA PRO H 16 25.73 31.89 21.21
C PRO H 16 24.96 30.70 20.69
N GLU H 17 23.64 30.74 20.96
CA GLU H 17 22.78 29.64 20.59
C GLU H 17 22.67 29.47 19.07
N ASN H 18 22.55 30.59 18.35
CA ASN H 18 22.37 30.57 16.91
C ASN H 18 23.28 31.62 16.28
N LEU H 19 24.35 31.16 15.63
CA LEU H 19 25.28 32.04 14.95
C LEU H 19 25.53 31.52 13.54
N SER H 20 25.51 32.42 12.56
CA SER H 20 25.69 32.05 11.17
C SER H 20 26.35 33.21 10.45
N PHE H 21 26.88 32.91 9.26
CA PHE H 21 27.53 33.91 8.42
C PHE H 21 27.07 33.73 7.00
N ALA H 22 27.49 34.63 6.12
CA ALA H 22 27.13 34.58 4.72
C ALA H 22 28.39 34.81 3.89
N ARG H 23 28.36 34.32 2.65
CA ARG H 23 29.52 34.43 1.78
C ARG H 23 29.84 35.89 1.51
N CYS H 24 31.11 36.25 1.64
CA CYS H 24 31.60 37.54 1.20
C CYS H 24 32.24 37.47 -0.17
N LEU H 25 32.14 36.32 -0.84
CA LEU H 25 32.70 36.11 -2.17
C LEU H 25 31.77 35.17 -2.92
N ASN H 26 30.84 35.74 -3.67
CA ASN H 26 29.84 34.97 -4.39
C ASN H 26 30.30 34.76 -5.83
N THR H 27 30.16 33.54 -6.31
CA THR H 27 30.58 33.18 -7.66
C THR H 27 29.37 32.69 -8.45
N THR H 28 29.27 33.13 -9.70
CA THR H 28 28.16 32.74 -10.56
C THR H 28 28.52 31.47 -11.33
N GLU H 29 27.53 30.93 -12.02
CA GLU H 29 27.72 29.74 -12.84
C GLU H 29 28.60 30.07 -14.05
N ALA H 30 29.41 29.10 -14.45
CA ALA H 30 30.26 29.28 -15.61
C ALA H 30 29.55 28.81 -16.88
N LYS H 31 29.99 29.34 -18.01
CA LYS H 31 29.45 28.97 -19.30
C LYS H 31 30.59 28.74 -20.27
N PHE H 32 30.45 27.72 -21.12
CA PHE H 32 31.52 27.33 -22.03
C PHE H 32 31.18 27.78 -23.44
N TRP H 33 32.20 28.22 -24.17
CA TRP H 33 32.04 28.62 -25.57
C TRP H 33 33.21 28.07 -26.37
N GLN H 34 32.97 27.87 -27.67
CA GLN H 34 34.00 27.41 -28.59
C GLN H 34 34.55 28.60 -29.37
N THR H 35 35.86 28.79 -29.33
CA THR H 35 36.51 29.89 -30.02
C THR H 35 37.75 29.37 -30.72
N ASP H 36 38.33 30.22 -31.56
CA ASP H 36 39.63 29.98 -32.15
C ASP H 36 40.62 30.98 -31.57
N PHE H 37 41.83 30.51 -31.27
CA PHE H 37 42.77 31.33 -30.52
C PHE H 37 43.23 32.54 -31.31
N LEU H 38 43.38 32.39 -32.63
CA LEU H 38 43.86 33.51 -33.44
C LEU H 38 42.81 34.60 -33.63
N LYS H 39 41.54 34.29 -33.39
CA LYS H 39 40.45 35.26 -33.48
C LYS H 39 39.55 35.16 -32.26
N ARG H 40 40.15 35.09 -31.07
CA ARG H 40 39.39 34.87 -29.86
C ARG H 40 38.57 36.10 -29.44
N HIS H 41 38.89 37.27 -29.98
CA HIS H 41 38.18 38.48 -29.60
C HIS H 41 36.99 38.80 -30.49
N THR H 42 36.80 38.04 -31.59
CA THR H 42 35.73 38.31 -32.54
C THR H 42 35.05 37.02 -32.96
N PHE H 43 34.91 36.08 -32.04
CA PHE H 43 34.31 34.79 -32.35
C PHE H 43 33.73 34.18 -31.09
N LYS H 44 32.58 33.52 -31.23
CA LYS H 44 31.94 32.84 -30.12
C LYS H 44 30.90 31.85 -30.62
N LEU H 45 31.09 30.56 -30.32
CA LEU H 45 30.17 29.51 -30.68
C LEU H 45 29.80 28.72 -29.44
N PRO H 46 28.59 28.20 -29.35
CA PRO H 46 28.17 27.47 -28.15
C PRO H 46 28.72 26.06 -28.11
N LEU H 47 28.86 25.54 -26.89
CA LEU H 47 29.24 24.15 -26.65
C LEU H 47 28.01 23.35 -26.29
N LEU H 48 27.87 22.19 -26.90
CA LEU H 48 26.72 21.32 -26.69
C LEU H 48 27.17 20.00 -26.10
N ILE H 49 26.31 19.42 -25.26
CA ILE H 49 26.60 18.17 -24.56
C ILE H 49 25.91 17.03 -25.29
N THR H 50 26.69 16.05 -25.73
CA THR H 50 26.17 14.91 -26.47
C THR H 50 26.06 13.69 -25.56
N ASP H 51 25.39 12.66 -26.08
CA ASP H 51 25.14 11.43 -25.34
C ASP H 51 25.84 10.26 -26.01
N LYS H 52 26.43 9.38 -25.20
CA LYS H 52 27.07 8.17 -25.68
C LYS H 52 26.61 7.02 -24.81
N ALA H 53 26.92 5.80 -25.24
CA ALA H 53 26.50 4.60 -24.54
C ALA H 53 27.72 3.77 -24.14
N VAL H 54 27.61 3.13 -22.97
CA VAL H 54 28.70 2.35 -22.39
C VAL H 54 28.15 1.00 -21.95
N LEU H 55 29.07 0.04 -21.85
CA LEU H 55 28.77 -1.30 -21.36
C LEU H 55 29.32 -1.43 -19.95
N ALA H 56 28.44 -1.71 -18.99
CA ALA H 56 28.81 -1.77 -17.58
C ALA H 56 29.54 -3.08 -17.33
N SER H 57 30.85 -3.06 -17.61
CA SER H 57 31.72 -4.20 -17.37
C SER H 57 32.36 -4.04 -15.99
N LYS H 58 32.06 -4.97 -15.08
CA LYS H 58 32.52 -4.90 -13.71
C LYS H 58 33.86 -5.60 -13.59
N GLY H 59 34.92 -4.84 -13.35
CA GLY H 59 36.25 -5.39 -13.20
C GLY H 59 36.97 -4.91 -11.95
N HIS H 60 36.20 -4.71 -10.88
CA HIS H 60 36.76 -4.24 -9.61
C HIS H 60 36.32 -5.12 -8.45
N GLU H 61 35.67 -6.24 -8.73
CA GLU H 61 35.09 -7.11 -7.71
C GLU H 61 34.95 -8.49 -8.35
N MET H 62 34.09 -9.34 -7.75
CA MET H 62 33.83 -10.71 -8.19
C MET H 62 35.11 -11.54 -8.22
N PRO H 63 35.59 -11.97 -7.05
CA PRO H 63 36.76 -12.87 -6.98
C PRO H 63 36.50 -14.17 -7.74
N PRO H 64 37.53 -15.02 -7.93
CA PRO H 64 37.36 -16.26 -8.70
C PRO H 64 36.19 -17.12 -8.24
N ASP H 65 35.70 -17.94 -9.17
CA ASP H 65 34.43 -18.67 -9.14
C ASP H 65 33.22 -17.74 -9.21
N LYS H 66 33.43 -16.46 -9.51
CA LYS H 66 32.33 -15.52 -9.70
C LYS H 66 32.51 -14.58 -10.88
N LEU H 67 33.72 -14.45 -11.44
CA LEU H 67 33.98 -13.43 -12.45
C LEU H 67 33.71 -13.89 -13.87
N GLU H 68 33.45 -15.17 -14.10
CA GLU H 68 33.27 -15.66 -15.47
C GLU H 68 32.01 -15.09 -16.10
N LYS H 69 30.93 -15.04 -15.35
CA LYS H 69 29.64 -14.61 -15.91
C LYS H 69 29.62 -13.11 -16.18
N GLU H 70 30.10 -12.31 -15.22
CA GLU H 70 29.94 -10.87 -15.33
C GLU H 70 30.88 -10.27 -16.37
N ILE H 71 32.11 -10.76 -16.45
CA ILE H 71 33.09 -10.17 -17.37
C ILE H 71 32.81 -10.53 -18.82
N MET H 72 31.91 -11.47 -19.08
CA MET H 72 31.36 -11.68 -20.42
C MET H 72 30.00 -11.03 -20.64
N ASP H 73 29.22 -10.78 -19.59
CA ASP H 73 27.88 -10.23 -19.75
C ASP H 73 27.88 -8.76 -19.36
N PRO H 74 27.79 -7.83 -20.31
CA PRO H 74 27.67 -6.42 -19.96
C PRO H 74 26.23 -5.98 -19.77
N ASN H 75 26.02 -4.70 -19.51
CA ASN H 75 24.71 -4.09 -19.42
C ASN H 75 24.76 -2.73 -20.12
N PRO H 76 23.68 -2.31 -20.76
CA PRO H 76 23.68 -1.01 -21.44
C PRO H 76 23.49 0.14 -20.46
N GLN H 77 24.22 1.23 -20.70
CA GLN H 77 24.02 2.45 -19.92
C GLN H 77 24.33 3.64 -20.80
N LYS H 78 23.82 4.80 -20.41
CA LYS H 78 24.02 6.03 -21.16
C LYS H 78 24.80 7.03 -20.31
N SER H 79 25.75 7.72 -20.93
CA SER H 79 26.60 8.69 -20.26
C SER H 79 26.84 9.86 -21.20
N GLN H 80 26.86 11.06 -20.64
CA GLN H 80 27.05 12.26 -21.46
C GLN H 80 28.53 12.57 -21.63
N SER H 81 28.82 13.34 -22.67
CA SER H 81 30.19 13.75 -22.97
C SER H 81 30.15 15.09 -23.69
N CYS H 82 31.28 15.80 -23.63
CA CYS H 82 31.38 17.14 -24.22
C CYS H 82 32.74 17.29 -24.87
N THR H 83 32.76 17.47 -26.19
CA THR H 83 33.99 17.67 -26.94
C THR H 83 33.86 18.92 -27.80
N LEU H 84 35.01 19.46 -28.21
CA LEU H 84 35.02 20.58 -29.14
C LEU H 84 34.70 20.13 -30.55
N SER H 85 34.42 21.10 -31.41
CA SER H 85 34.17 20.84 -32.81
C SER H 85 35.50 20.60 -33.55
N THR H 86 35.41 20.33 -34.85
CA THR H 86 36.59 19.97 -35.62
C THR H 86 37.37 21.17 -36.13
N GLU H 87 36.90 22.40 -35.88
CA GLU H 87 37.59 23.60 -36.34
C GLU H 87 38.15 24.43 -35.21
N CYS H 88 37.33 24.79 -34.22
CA CYS H 88 37.77 25.60 -33.10
C CYS H 88 38.69 24.79 -32.20
N ASP H 89 39.68 25.46 -31.61
CA ASP H 89 40.66 24.82 -30.75
C ASP H 89 40.87 25.57 -29.45
N THR H 90 39.85 26.28 -28.98
CA THR H 90 39.98 27.07 -27.76
C THR H 90 38.67 27.04 -26.99
N LEU H 91 38.77 26.77 -25.69
CA LEU H 91 37.64 26.82 -24.78
C LEU H 91 37.64 28.18 -24.07
N ARG H 92 36.46 28.79 -23.97
CA ARG H 92 36.31 30.08 -23.30
C ARG H 92 35.34 29.93 -22.14
N ILE H 93 35.77 30.38 -20.96
CA ILE H 93 34.96 30.32 -19.74
C ILE H 93 34.71 31.74 -19.27
N ASP H 94 33.45 32.07 -19.02
CA ASP H 94 33.06 33.37 -18.50
C ASP H 94 32.31 33.19 -17.20
N PHE H 95 32.71 33.92 -16.16
CA PHE H 95 31.95 33.93 -14.91
C PHE H 95 32.18 35.24 -14.20
N GLY H 96 31.56 35.39 -13.03
CA GLY H 96 31.60 36.64 -12.31
C GLY H 96 31.67 36.41 -10.81
N ILE H 97 32.20 37.43 -10.13
CA ILE H 97 32.41 37.40 -8.69
C ILE H 97 31.81 38.67 -8.08
N LYS H 98 31.06 38.49 -7.00
CA LYS H 98 30.53 39.59 -6.21
C LYS H 98 31.22 39.61 -4.86
N VAL H 99 31.74 40.77 -4.47
CA VAL H 99 32.49 40.95 -3.23
C VAL H 99 31.70 41.89 -2.33
N LEU H 100 31.49 41.48 -1.09
CA LEU H 100 30.74 42.22 -0.09
C LEU H 100 31.56 42.36 1.17
N PRO H 101 31.32 43.40 1.97
CA PRO H 101 32.12 43.60 3.19
C PRO H 101 31.94 42.46 4.19
N VAL H 102 33.03 42.15 4.88
CA VAL H 102 33.02 41.07 5.87
C VAL H 102 32.23 41.46 7.09
N LYS H 103 32.36 42.72 7.53
CA LYS H 103 31.72 43.15 8.77
C LYS H 103 30.20 43.08 8.68
N GLU H 104 29.63 43.51 7.57
CA GLU H 104 28.18 43.48 7.38
C GLU H 104 27.76 42.21 6.64
N SER H 105 28.12 41.07 7.22
CA SER H 105 27.79 39.78 6.63
C SER H 105 27.35 38.75 7.67
N MET H 106 27.17 39.15 8.93
CA MET H 106 26.68 38.23 9.95
C MET H 106 25.18 38.09 9.79
N TYR H 107 24.73 36.89 9.41
CA TYR H 107 23.32 36.69 9.13
C TYR H 107 22.50 36.60 10.43
N SER H 108 22.92 35.73 11.34
CA SER H 108 22.16 35.50 12.56
C SER H 108 23.09 35.49 13.76
N CYS H 109 22.62 36.07 14.86
CA CYS H 109 23.38 36.10 16.11
C CYS H 109 22.41 36.37 17.25
N SER H 110 22.30 35.44 18.19
CA SER H 110 21.35 35.53 19.28
C SER H 110 21.94 36.22 20.52
N ASP H 111 23.00 37.02 20.36
CA ASP H 111 23.59 37.72 21.48
C ASP H 111 24.25 38.99 20.96
N TYR H 112 23.98 40.12 21.61
CA TYR H 112 24.55 41.38 21.16
C TYR H 112 26.02 41.50 21.55
N ASN H 113 26.39 40.94 22.70
CA ASN H 113 27.78 41.04 23.17
C ASN H 113 28.73 40.32 22.23
N TYR H 114 28.35 39.13 21.76
CA TYR H 114 29.19 38.40 20.81
C TYR H 114 29.32 39.17 19.50
N ARG H 115 28.24 39.79 19.04
CA ARG H 115 28.30 40.59 17.83
C ARG H 115 29.24 41.77 17.99
N THR H 116 29.18 42.45 19.14
CA THR H 116 30.09 43.58 19.38
C THR H 116 31.54 43.12 19.46
N ALA H 117 31.79 41.96 20.08
CA ALA H 117 33.15 41.43 20.17
C ALA H 117 33.69 41.09 18.79
N ILE H 118 32.86 40.45 17.95
CA ILE H 118 33.29 40.12 16.60
C ILE H 118 33.57 41.38 15.80
N TYR H 119 32.71 42.40 15.94
CA TYR H 119 32.92 43.66 15.25
C TYR H 119 34.23 44.32 15.68
N GLN H 120 34.51 44.30 16.99
CA GLN H 120 35.76 44.89 17.48
C GLN H 120 36.97 44.14 16.96
N LYS H 121 36.92 42.80 16.94
CA LYS H 121 38.05 42.04 16.44
C LYS H 121 38.29 42.29 14.97
N ILE H 122 37.21 42.38 14.17
CA ILE H 122 37.36 42.71 12.77
C ILE H 122 37.93 44.11 12.60
N ASP H 123 37.55 45.04 13.48
CA ASP H 123 38.09 46.39 13.41
C ASP H 123 39.59 46.40 13.69
N GLU H 124 40.04 45.64 14.69
CA GLU H 124 41.48 45.55 14.95
C GLU H 124 42.22 44.89 13.80
N TYR H 125 41.62 43.85 13.19
CA TYR H 125 42.26 43.20 12.05
C TYR H 125 42.38 44.16 10.87
N ILE H 126 41.36 44.99 10.64
CA ILE H 126 41.42 45.99 9.58
C ILE H 126 42.51 47.01 9.89
N ALA H 127 42.59 47.46 11.14
CA ALA H 127 43.57 48.46 11.51
C ALA H 127 45.00 47.92 11.47
N GLU H 128 45.17 46.60 11.61
CA GLU H 128 46.50 46.02 11.65
C GLU H 128 46.99 45.60 10.26
N ASP H 129 46.26 44.71 9.60
CA ASP H 129 46.67 44.19 8.30
C ASP H 129 46.01 44.90 7.13
N GLY H 130 44.70 45.12 7.20
CA GLY H 130 43.98 45.77 6.12
C GLY H 130 43.43 44.85 5.06
N PHE H 131 43.33 43.54 5.34
CA PHE H 131 42.75 42.56 4.42
C PHE H 131 43.49 42.49 3.09
N LEU H 132 44.80 42.77 3.11
CA LEU H 132 45.57 42.80 1.88
C LEU H 132 46.13 41.44 1.50
N THR H 133 46.58 40.65 2.48
CA THR H 133 47.17 39.36 2.19
C THR H 133 46.15 38.40 1.58
N LEU H 134 44.95 38.34 2.17
CA LEU H 134 43.92 37.45 1.66
C LEU H 134 43.48 37.86 0.26
N ALA H 135 43.35 39.16 0.02
CA ALA H 135 42.98 39.64 -1.31
C ALA H 135 44.05 39.28 -2.33
N LYS H 136 45.33 39.45 -1.95
CA LYS H 136 46.42 39.10 -2.85
C LYS H 136 46.41 37.61 -3.17
N ARG H 137 46.15 36.76 -2.16
CA ARG H 137 46.10 35.32 -2.41
C ARG H 137 44.92 34.94 -3.28
N TYR H 138 43.76 35.57 -3.09
CA TYR H 138 42.61 35.27 -3.93
C TYR H 138 42.86 35.66 -5.38
N VAL H 139 43.44 36.84 -5.59
CA VAL H 139 43.76 37.25 -6.96
C VAL H 139 44.86 36.36 -7.54
N ASN H 140 45.77 35.87 -6.70
CA ASN H 140 46.76 34.91 -7.17
C ASN H 140 46.11 33.62 -7.65
N ASN H 141 45.12 33.13 -6.91
CA ASN H 141 44.41 31.92 -7.32
C ASN H 141 43.63 32.16 -8.62
N ILE H 142 43.08 33.36 -8.78
CA ILE H 142 42.42 33.71 -10.03
C ILE H 142 43.42 33.74 -11.18
N ALA H 143 44.61 34.28 -10.94
CA ALA H 143 45.57 34.54 -12.01
C ALA H 143 46.18 33.24 -12.54
N ASN H 144 46.45 32.28 -11.66
CA ASN H 144 47.10 31.04 -12.11
C ASN H 144 46.11 30.05 -12.71
N ALA H 145 44.83 30.40 -12.79
CA ALA H 145 43.79 29.57 -13.38
C ALA H 145 43.68 28.22 -12.68
N ARG H 146 43.54 28.27 -11.36
CA ARG H 146 43.34 27.05 -10.58
C ARG H 146 41.93 26.51 -10.71
N PHE H 147 40.98 27.29 -11.24
CA PHE H 147 39.60 26.86 -11.35
C PHE H 147 39.32 26.00 -12.57
N LEU H 148 40.30 25.85 -13.46
CA LEU H 148 40.10 25.00 -14.64
C LEU H 148 40.02 23.53 -14.28
N TRP H 149 40.60 23.14 -13.14
CA TRP H 149 40.67 21.74 -12.69
C TRP H 149 41.29 20.86 -13.76
N ARG H 150 40.55 19.86 -14.24
CA ARG H 150 41.11 18.93 -15.21
C ARG H 150 41.36 19.59 -16.57
N ASN H 151 40.68 20.70 -16.87
CA ASN H 151 40.93 21.39 -18.13
C ASN H 151 42.28 22.07 -18.17
N ARG H 152 42.94 22.24 -17.03
CA ARG H 152 44.26 22.87 -17.01
C ARG H 152 45.32 21.91 -17.52
N LYS H 153 45.15 20.61 -17.26
CA LYS H 153 46.12 19.62 -17.70
C LYS H 153 46.12 19.49 -19.22
N GLY H 154 47.31 19.52 -19.81
CA GLY H 154 47.44 19.40 -21.24
C GLY H 154 47.19 20.67 -22.03
N ALA H 155 46.93 21.79 -21.34
CA ALA H 155 46.69 23.04 -22.04
C ALA H 155 47.97 23.58 -22.65
N GLU H 156 47.84 24.25 -23.79
CA GLU H 156 48.99 24.84 -24.45
C GLU H 156 49.22 26.28 -24.00
N ILE H 157 48.20 27.12 -24.12
CA ILE H 157 48.26 28.52 -23.69
C ILE H 157 47.01 28.82 -22.89
N ILE H 158 47.18 29.39 -21.69
CA ILE H 158 46.08 29.81 -20.85
C ILE H 158 46.17 31.32 -20.65
N GLU H 159 45.07 32.02 -20.90
CA GLU H 159 45.05 33.47 -20.81
C GLU H 159 43.81 33.93 -20.05
N THR H 160 43.99 34.87 -19.12
CA THR H 160 42.90 35.34 -18.28
C THR H 160 42.76 36.85 -18.39
N ILE H 161 41.52 37.32 -18.37
CA ILE H 161 41.20 38.74 -18.47
C ILE H 161 40.22 39.09 -17.37
N VAL H 162 40.49 40.18 -16.64
CA VAL H 162 39.65 40.63 -15.54
C VAL H 162 39.18 42.04 -15.85
N THR H 163 37.87 42.25 -15.76
CA THR H 163 37.24 43.55 -15.98
C THR H 163 36.36 43.88 -14.79
N ILE H 164 36.49 45.09 -14.26
CA ILE H 164 35.75 45.47 -13.06
C ILE H 164 34.42 46.11 -13.45
N GLU H 165 34.47 47.29 -14.07
CA GLU H 165 33.28 47.90 -14.64
C GLU H 165 33.44 48.15 -16.14
N ASP H 166 34.48 48.89 -16.53
CA ASP H 166 34.84 49.04 -17.93
C ASP H 166 36.34 48.98 -18.16
N LYS H 167 37.16 49.08 -17.11
CA LYS H 167 38.61 49.05 -17.25
C LYS H 167 39.05 47.59 -17.41
N GLU H 168 39.70 47.29 -18.53
CA GLU H 168 40.19 45.96 -18.82
C GLU H 168 41.66 45.89 -18.40
N TYR H 169 41.94 45.15 -17.34
CA TYR H 169 43.31 45.00 -16.87
C TYR H 169 44.11 44.16 -17.85
N PRO H 170 45.44 44.33 -17.87
CA PRO H 170 46.26 43.56 -18.82
C PRO H 170 46.14 42.07 -18.61
N SER H 171 46.23 41.34 -19.72
CA SER H 171 45.99 39.90 -19.71
C SER H 171 47.06 39.16 -18.92
N PHE H 172 46.65 38.11 -18.23
CA PHE H 172 47.57 37.26 -17.48
C PHE H 172 48.23 36.24 -18.40
N ASN H 173 49.14 35.46 -17.83
CA ASN H 173 49.75 34.31 -18.51
C ASN H 173 49.82 33.21 -17.46
N SER H 174 48.77 32.38 -17.41
CA SER H 174 48.62 31.42 -16.32
C SER H 174 49.63 30.28 -16.37
N LYS H 175 50.33 30.08 -17.49
CA LYS H 175 51.41 29.11 -17.50
C LYS H 175 52.74 29.77 -17.16
N SER H 176 52.71 30.58 -16.11
CA SER H 176 53.92 31.15 -15.54
C SER H 176 53.84 31.29 -14.03
N PHE H 177 52.75 30.83 -13.40
CA PHE H 177 52.56 30.94 -11.97
C PHE H 177 52.56 29.53 -11.39
N ASN H 178 53.54 29.24 -10.54
CA ASN H 178 53.59 27.95 -9.88
C ASN H 178 52.45 27.83 -8.88
N LEU H 179 51.79 26.68 -8.86
CA LEU H 179 50.57 26.51 -8.07
C LEU H 179 50.84 26.42 -6.57
N ASP H 180 52.10 26.31 -6.14
CA ASP H 180 52.42 26.21 -4.73
C ASP H 180 52.84 27.54 -4.11
N THR H 181 53.46 28.43 -4.88
CA THR H 181 53.94 29.70 -4.37
C THR H 181 53.07 30.84 -4.87
N PHE H 182 53.01 31.90 -4.08
CA PHE H 182 52.23 33.09 -4.40
C PHE H 182 53.15 34.23 -4.81
N VAL H 183 52.58 35.19 -5.53
CA VAL H 183 53.32 36.31 -6.10
C VAL H 183 52.80 37.59 -5.47
N GLU H 184 53.72 38.40 -4.93
CA GLU H 184 53.37 39.68 -4.31
C GLU H 184 54.09 40.83 -4.99
N ASP H 185 54.24 40.77 -6.31
CA ASP H 185 54.95 41.80 -7.05
C ASP H 185 54.25 42.27 -8.31
N ASN H 186 53.24 41.55 -8.79
CA ASN H 186 52.56 41.94 -10.01
C ASN H 186 51.74 43.20 -9.80
N ALA H 187 51.80 44.12 -10.77
CA ALA H 187 51.10 45.40 -10.62
C ALA H 187 49.59 45.22 -10.70
N THR H 188 49.12 44.47 -11.70
CA THR H 188 47.68 44.27 -11.86
C THR H 188 47.10 43.49 -10.69
N ILE H 189 47.83 42.47 -10.23
CA ILE H 189 47.39 41.72 -9.05
C ILE H 189 47.30 42.64 -7.84
N ASN H 190 48.28 43.52 -7.67
CA ASN H 190 48.26 44.45 -6.54
C ASN H 190 47.08 45.40 -6.62
N GLU H 191 46.78 45.92 -7.81
CA GLU H 191 45.66 46.84 -7.97
C GLU H 191 44.33 46.15 -7.65
N ILE H 192 44.12 44.96 -8.23
CA ILE H 192 42.87 44.24 -8.00
C ILE H 192 42.75 43.83 -6.54
N ALA H 193 43.85 43.42 -5.93
CA ALA H 193 43.84 43.06 -4.52
C ALA H 193 43.55 44.27 -3.65
N GLN H 194 44.05 45.45 -4.02
CA GLN H 194 43.74 46.66 -3.26
C GLN H 194 42.26 46.99 -3.34
N GLN H 195 41.66 46.86 -4.53
CA GLN H 195 40.23 47.12 -4.65
C GLN H 195 39.42 46.11 -3.84
N ILE H 196 39.79 44.83 -3.89
CA ILE H 196 39.07 43.81 -3.14
C ILE H 196 39.24 44.01 -1.65
N ALA H 197 40.43 44.44 -1.21
CA ALA H 197 40.66 44.70 0.20
C ALA H 197 39.84 45.90 0.69
N ASP H 198 39.74 46.95 -0.14
CA ASP H 198 38.89 48.07 0.22
C ASP H 198 37.44 47.65 0.32
N THR H 199 36.99 46.78 -0.59
CA THR H 199 35.62 46.26 -0.51
C THR H 199 35.42 45.43 0.75
N PHE H 200 36.41 44.62 1.12
CA PHE H 200 36.32 43.79 2.32
C PHE H 200 36.27 44.65 3.58
N ALA H 201 37.08 45.70 3.62
CA ALA H 201 37.19 46.51 4.83
C ALA H 201 35.90 47.28 5.10
N GLY H 202 35.33 47.89 4.07
CA GLY H 202 34.12 48.67 4.25
C GLY H 202 34.17 50.03 3.58
N LYS H 203 35.22 50.28 2.81
CA LYS H 203 35.32 51.53 2.07
C LYS H 203 34.23 51.62 1.01
N ARG H 204 33.95 50.52 0.33
CA ARG H 204 32.86 50.44 -0.63
C ARG H 204 31.75 49.57 -0.05
N GLU H 205 30.71 49.34 -0.85
CA GLU H 205 29.61 48.49 -0.44
C GLU H 205 29.51 47.20 -1.25
N TYR H 206 30.04 47.17 -2.46
CA TYR H 206 29.95 45.99 -3.32
C TYR H 206 31.03 46.11 -4.38
N LEU H 207 31.42 44.96 -4.92
CA LEU H 207 32.34 44.94 -6.05
C LEU H 207 31.94 43.83 -7.02
N ASN H 208 31.97 44.14 -8.30
CA ASN H 208 31.63 43.18 -9.36
C ASN H 208 32.85 42.95 -10.23
N ILE H 209 33.28 41.71 -10.35
CA ILE H 209 34.42 41.32 -11.18
C ILE H 209 33.93 40.32 -12.22
N TYR H 210 34.45 40.43 -13.44
CA TYR H 210 34.07 39.52 -14.51
C TYR H 210 35.32 38.88 -15.08
N VAL H 211 35.38 37.56 -15.06
CA VAL H 211 36.56 36.79 -15.43
C VAL H 211 36.27 36.02 -16.71
N THR H 212 37.16 36.15 -17.69
CA THR H 212 37.09 35.44 -18.96
C THR H 212 38.41 34.73 -19.18
N CYS H 213 38.36 33.43 -19.42
CA CYS H 213 39.56 32.60 -19.54
C CYS H 213 39.54 31.86 -20.86
N PHE H 214 40.65 31.93 -21.60
CA PHE H 214 40.85 31.21 -22.85
C PHE H 214 41.87 30.11 -22.63
N VAL H 215 41.51 28.89 -23.01
CA VAL H 215 42.37 27.73 -22.89
C VAL H 215 42.53 27.13 -24.28
N LYS H 216 43.76 27.01 -24.75
CA LYS H 216 44.05 26.44 -26.07
C LYS H 216 44.42 24.97 -25.88
N ILE H 217 43.52 24.09 -26.30
CA ILE H 217 43.73 22.65 -26.14
C ILE H 217 44.15 22.05 -27.48
N GLY H 218 43.29 22.17 -28.46
CA GLY H 218 43.53 21.59 -29.77
C GLY H 218 42.22 21.28 -30.46
N CYS H 219 42.31 20.94 -31.75
CA CYS H 219 41.11 20.68 -32.52
C CYS H 219 40.46 19.37 -32.10
N ALA H 220 39.14 19.41 -31.92
CA ALA H 220 38.32 18.24 -31.61
C ALA H 220 38.74 17.54 -30.32
N MET H 221 39.28 18.29 -29.36
CA MET H 221 39.69 17.72 -28.09
C MET H 221 38.46 17.57 -27.19
N GLU H 222 38.68 17.16 -25.94
CA GLU H 222 37.62 16.89 -25.00
C GLU H 222 37.76 17.78 -23.77
N VAL H 223 36.65 18.39 -23.36
CA VAL H 223 36.61 19.21 -22.16
C VAL H 223 35.76 18.52 -21.12
N TYR H 224 35.93 18.94 -19.86
CA TYR H 224 35.35 18.26 -18.69
C TYR H 224 34.50 19.26 -17.91
N PRO H 225 33.20 19.33 -18.21
CA PRO H 225 32.32 20.18 -17.40
C PRO H 225 32.06 19.56 -16.04
N SER H 226 31.33 20.30 -15.22
CA SER H 226 30.93 19.76 -13.92
C SER H 226 29.93 18.64 -14.12
N GLN H 227 29.86 17.76 -13.13
CA GLN H 227 29.03 16.56 -13.21
C GLN H 227 27.93 16.63 -12.15
N GLU H 228 26.75 16.16 -12.52
CA GLU H 228 25.58 16.27 -11.65
C GLU H 228 25.58 15.19 -10.57
N MET H 229 24.70 15.39 -9.60
CA MET H 229 24.41 14.39 -8.56
C MET H 229 23.25 13.56 -9.08
N THR H 230 23.54 12.39 -9.63
CA THR H 230 22.46 11.50 -10.05
C THR H 230 21.75 10.93 -8.83
N PHE H 231 20.41 11.01 -8.86
CA PHE H 231 19.60 10.58 -7.72
C PHE H 231 18.58 9.51 -8.10
N ASP H 232 18.79 8.82 -9.23
CA ASP H 232 17.89 7.76 -9.64
C ASP H 232 18.65 6.44 -9.68
N ASP H 233 17.94 5.36 -9.37
CA ASP H 233 18.59 4.06 -9.18
C ASP H 233 19.06 3.47 -10.51
N ASP H 234 18.12 3.27 -11.44
CA ASP H 234 18.44 2.56 -12.67
C ASP H 234 19.36 3.37 -13.57
N ASP H 235 19.02 4.64 -13.81
CA ASP H 235 19.84 5.48 -14.69
C ASP H 235 20.97 6.12 -13.88
N LYS H 236 21.90 5.25 -13.47
CA LYS H 236 23.04 5.63 -12.65
C LYS H 236 24.12 6.36 -13.46
N GLY H 237 24.07 6.26 -14.78
CA GLY H 237 25.16 6.73 -15.63
C GLY H 237 25.41 8.23 -15.51
N LYS H 238 26.52 8.64 -16.14
CA LYS H 238 27.03 9.99 -16.00
C LYS H 238 26.08 11.03 -16.57
N LYS H 239 25.94 12.14 -15.85
CA LYS H 239 25.10 13.26 -16.29
C LYS H 239 25.87 14.55 -16.05
N LEU H 240 26.14 15.29 -17.13
CA LEU H 240 26.90 16.53 -17.03
C LEU H 240 25.98 17.69 -16.71
N PHE H 241 26.59 18.83 -16.41
CA PHE H 241 25.88 20.03 -15.97
C PHE H 241 25.65 20.94 -17.16
N LYS H 242 24.39 21.29 -17.40
CA LYS H 242 23.99 22.14 -18.50
C LYS H 242 23.50 23.47 -17.96
N PHE H 243 24.14 24.56 -18.40
CA PHE H 243 23.77 25.91 -17.99
C PHE H 243 23.31 26.67 -19.24
N GLU H 244 22.03 27.03 -19.27
CA GLU H 244 21.41 27.73 -20.41
C GLU H 244 21.62 26.96 -21.71
N GLY H 245 21.47 25.65 -21.65
CA GLY H 245 21.67 24.82 -22.82
C GLY H 245 23.10 24.78 -23.32
N SER H 246 24.07 24.78 -22.42
CA SER H 246 25.47 24.69 -22.79
C SER H 246 26.25 24.10 -21.62
N ALA H 247 27.45 23.64 -21.91
CA ALA H 247 28.31 23.08 -20.87
C ALA H 247 28.72 24.17 -19.89
N GLY H 248 28.77 23.82 -18.61
CA GLY H 248 29.12 24.80 -17.59
C GLY H 248 29.88 24.22 -16.42
N MET H 249 29.78 24.88 -15.27
CA MET H 249 30.46 24.44 -14.06
C MET H 249 29.73 24.99 -12.85
N HIS H 250 29.66 24.21 -11.79
CA HIS H 250 28.96 24.64 -10.58
C HIS H 250 29.65 25.84 -9.97
N SER H 251 28.88 26.64 -9.23
CA SER H 251 29.44 27.80 -8.54
C SER H 251 30.42 27.36 -7.46
N GLN H 252 30.07 26.33 -6.69
CA GLN H 252 30.94 25.89 -5.61
C GLN H 252 32.19 25.19 -6.13
N LYS H 253 32.13 24.65 -7.34
CA LYS H 253 33.32 24.05 -7.93
C LYS H 253 34.38 25.10 -8.24
N ILE H 254 33.95 26.23 -8.81
CA ILE H 254 34.88 27.32 -9.06
C ILE H 254 35.29 27.99 -7.76
N ASN H 255 34.34 28.15 -6.83
CA ASN H 255 34.62 28.85 -5.58
C ASN H 255 35.62 28.08 -4.72
N ASN H 256 35.60 26.75 -4.79
CA ASN H 256 36.53 25.96 -4.00
C ASN H 256 37.96 26.19 -4.43
N ALA H 257 38.20 26.32 -5.74
CA ALA H 257 39.55 26.53 -6.23
C ALA H 257 40.09 27.90 -5.90
N LEU H 258 39.22 28.88 -5.65
CA LEU H 258 39.69 30.23 -5.32
C LEU H 258 40.20 30.31 -3.89
N ARG H 259 39.57 29.61 -2.96
CA ARG H 259 39.89 29.73 -1.55
C ARG H 259 40.92 28.71 -1.10
N THR H 260 41.67 28.11 -2.02
CA THR H 260 42.80 27.25 -1.68
C THR H 260 44.02 28.14 -1.43
N ILE H 261 44.07 28.70 -0.21
CA ILE H 261 45.09 29.68 0.13
C ILE H 261 45.74 29.33 1.46
N ASP H 262 45.18 28.36 2.18
CA ASP H 262 45.62 28.05 3.54
C ASP H 262 47.01 27.42 3.51
N THR H 263 48.02 28.19 3.93
CA THR H 263 49.39 27.70 4.04
C THR H 263 49.91 27.83 5.46
N TRP H 264 49.03 27.99 6.45
CA TRP H 264 49.46 28.22 7.82
C TRP H 264 48.93 27.13 8.75
N TYR H 265 49.05 25.88 8.33
CA TYR H 265 48.60 24.74 9.10
C TYR H 265 49.79 24.00 9.71
N PRO H 266 49.57 23.27 10.81
CA PRO H 266 50.67 22.49 11.40
C PRO H 266 51.22 21.45 10.43
N ASP H 267 52.53 21.23 10.51
CA ASP H 267 53.26 20.33 9.62
C ASP H 267 53.08 20.73 8.15
N TYR H 268 53.11 22.04 7.89
CA TYR H 268 53.02 22.52 6.52
C TYR H 268 54.33 22.29 5.78
N THR H 269 55.47 22.42 6.48
CA THR H 269 56.78 22.32 5.85
C THR H 269 57.11 20.90 5.39
N THR H 270 56.37 19.90 5.88
CA THR H 270 56.58 18.53 5.38
C THR H 270 56.04 18.38 3.97
N TYR H 271 54.85 18.92 3.71
CA TYR H 271 54.15 18.75 2.45
C TYR H 271 54.33 19.92 1.49
N GLU H 272 54.19 21.15 1.99
CA GLU H 272 54.41 22.38 1.23
C GLU H 272 53.48 22.49 0.02
N PHE H 273 52.18 22.53 0.31
CA PHE H 273 51.20 22.95 -0.69
C PHE H 273 49.98 23.49 0.04
N PRO H 274 49.29 24.48 -0.53
CA PRO H 274 48.10 25.02 0.12
C PRO H 274 46.93 24.05 0.09
N ILE H 275 46.03 24.22 1.05
CA ILE H 275 44.83 23.39 1.17
C ILE H 275 43.62 24.30 1.21
N PRO H 276 42.44 23.80 0.82
CA PRO H 276 41.23 24.62 0.90
C PRO H 276 40.91 25.00 2.33
N VAL H 277 40.36 26.20 2.50
CA VAL H 277 40.01 26.71 3.83
C VAL H 277 38.77 25.96 4.31
N GLU H 278 38.95 25.03 5.25
CA GLU H 278 37.85 24.30 5.84
C GLU H 278 37.95 24.42 7.35
N ASN H 279 36.93 23.90 8.05
CA ASN H 279 36.92 23.95 9.51
C ASN H 279 38.08 23.17 10.10
N TYR H 280 38.09 21.85 9.93
CA TYR H 280 39.17 21.01 10.43
C TYR H 280 40.21 20.75 9.35
N GLY H 281 40.65 21.81 8.65
CA GLY H 281 41.67 21.73 7.62
C GLY H 281 41.61 20.55 6.66
N ALA H 282 40.41 20.05 6.40
CA ALA H 282 40.25 18.79 5.68
C ALA H 282 40.62 18.95 4.21
N ALA H 283 41.28 17.93 3.66
CA ALA H 283 41.64 17.88 2.24
C ALA H 283 41.54 16.42 1.82
N ARG H 284 40.41 16.05 1.22
CA ARG H 284 40.18 14.65 0.89
C ARG H 284 41.10 14.17 -0.24
N SER H 285 41.65 15.10 -1.02
CA SER H 285 42.57 14.71 -2.08
C SER H 285 43.90 14.21 -1.53
N ILE H 286 44.21 14.45 -0.26
CA ILE H 286 45.44 13.97 0.36
C ILE H 286 45.14 12.72 1.18
N GLY H 287 44.23 12.84 2.13
CA GLY H 287 43.82 11.67 2.90
C GLY H 287 43.86 11.85 4.41
N ILE H 288 44.37 12.98 4.89
CA ILE H 288 44.44 13.22 6.32
C ILE H 288 43.91 14.61 6.65
N PRO H 289 43.22 14.80 7.77
CA PRO H 289 42.84 16.15 8.20
C PRO H 289 44.06 16.92 8.66
N PHE H 290 44.29 18.08 8.06
CA PHE H 290 45.46 18.88 8.37
C PHE H 290 45.28 19.76 9.59
N ARG H 291 44.11 19.78 10.21
CA ARG H 291 43.90 20.63 11.36
C ARG H 291 42.86 20.07 12.33
N PRO H 292 43.06 18.90 12.94
CA PRO H 292 42.10 18.40 13.92
C PRO H 292 42.43 18.79 15.35
N ASP H 293 43.62 19.33 15.59
CA ASP H 293 44.11 19.64 16.93
C ASP H 293 43.53 20.97 17.40
N THR H 294 44.13 21.53 18.46
CA THR H 294 43.66 22.77 19.05
C THR H 294 43.88 24.00 18.15
N LYS H 295 44.46 23.79 16.97
CA LYS H 295 44.60 24.86 15.99
C LYS H 295 43.38 24.98 15.07
N SER H 296 42.35 24.18 15.29
CA SER H 296 41.16 24.25 14.47
C SER H 296 40.44 25.58 14.68
N PHE H 297 39.50 25.87 13.77
CA PHE H 297 38.84 27.17 13.79
C PHE H 297 38.01 27.35 15.05
N TYR H 298 37.35 26.29 15.51
CA TYR H 298 36.49 26.40 16.68
C TYR H 298 37.30 26.76 17.93
N LYS H 299 38.42 26.07 18.13
CA LYS H 299 39.27 26.36 19.29
C LYS H 299 39.85 27.76 19.20
N LEU H 300 40.30 28.17 18.01
CA LEU H 300 40.89 29.49 17.86
C LEU H 300 39.86 30.59 18.11
N ILE H 301 38.64 30.40 17.59
CA ILE H 301 37.60 31.42 17.79
C ILE H 301 37.06 31.40 19.20
N ASP H 302 37.21 30.29 19.93
CA ASP H 302 36.87 30.29 21.35
C ASP H 302 37.94 30.99 22.16
N ARG H 303 39.21 30.83 21.78
CA ARG H 303 40.29 31.50 22.49
C ARG H 303 40.28 33.00 22.23
N MET H 304 39.99 33.41 20.99
CA MET H 304 40.06 34.82 20.64
C MET H 304 38.91 35.62 21.25
N ILE H 305 37.70 35.06 21.23
CA ILE H 305 36.52 35.80 21.63
C ILE H 305 36.23 35.61 23.11
N LEU H 306 36.12 34.35 23.55
CA LEU H 306 35.71 34.07 24.92
C LEU H 306 36.83 34.30 25.91
N LYS H 307 38.09 34.35 25.46
CA LYS H 307 39.21 34.52 26.36
C LYS H 307 40.08 35.73 26.06
N ASN H 308 39.84 36.43 24.95
CA ASN H 308 40.50 37.68 24.58
C ASN H 308 42.01 37.55 24.39
N GLU H 309 42.53 36.33 24.26
CA GLU H 309 43.96 36.16 24.08
C GLU H 309 44.37 36.56 22.67
N ASP H 310 45.50 37.25 22.57
CA ASP H 310 46.04 37.63 21.28
C ASP H 310 46.59 36.38 20.59
N LEU H 311 46.48 36.36 19.26
CA LEU H 311 46.87 35.21 18.45
C LEU H 311 47.85 35.65 17.38
N PRO H 312 48.71 34.75 16.93
CA PRO H 312 49.66 35.11 15.86
C PRO H 312 48.94 35.45 14.57
N ILE H 313 49.65 36.17 13.69
CA ILE H 313 49.04 36.69 12.48
C ILE H 313 48.58 35.56 11.55
N GLU H 314 49.20 34.39 11.66
CA GLU H 314 48.76 33.24 10.86
C GLU H 314 47.39 32.76 11.32
N ASP H 315 47.19 32.67 12.64
CA ASP H 315 45.89 32.27 13.16
C ASP H 315 44.82 33.30 12.84
N LYS H 316 45.19 34.59 12.90
CA LYS H 316 44.24 35.64 12.52
C LYS H 316 43.86 35.54 11.04
N HIS H 317 44.85 35.26 10.18
CA HIS H 317 44.56 35.08 8.76
C HIS H 317 43.63 33.90 8.53
N TYR H 318 43.88 32.79 9.22
CA TYR H 318 43.02 31.61 9.05
C TYR H 318 41.62 31.88 9.58
N VAL H 319 41.51 32.60 10.69
CA VAL H 319 40.19 32.91 11.25
C VAL H 319 39.42 33.84 10.32
N MET H 320 40.08 34.87 9.79
CA MET H 320 39.41 35.77 8.86
C MET H 320 39.06 35.09 7.55
N ALA H 321 39.83 34.07 7.16
CA ALA H 321 39.51 33.35 5.93
C ALA H 321 38.22 32.55 6.09
N ILE H 322 37.97 32.01 7.28
CA ILE H 322 36.73 31.26 7.51
C ILE H 322 35.53 32.19 7.52
N LEU H 323 35.67 33.37 8.11
CA LEU H 323 34.56 34.33 8.16
C LEU H 323 34.15 34.76 6.76
N ILE H 324 35.11 34.89 5.85
CA ILE H 324 34.78 35.20 4.46
C ILE H 324 34.01 34.05 3.82
N ARG H 325 34.45 32.82 4.08
CA ARG H 325 33.79 31.66 3.49
C ARG H 325 32.36 31.50 4.00
N GLY H 326 32.14 31.77 5.28
CA GLY H 326 30.82 31.68 5.86
C GLY H 326 30.45 30.28 6.29
N GLY H 327 29.36 30.21 7.06
CA GLY H 327 28.89 28.95 7.57
C GLY H 327 28.01 29.16 8.79
N MET H 328 27.76 28.05 9.49
CA MET H 328 27.01 28.06 10.75
C MET H 328 27.96 27.71 11.90
N PHE H 329 28.50 28.73 12.54
CA PHE H 329 29.34 28.52 13.72
C PHE H 329 28.53 28.65 15.01
N SER H 330 27.42 27.92 15.09
CA SER H 330 26.59 27.94 16.29
C SER H 330 27.15 26.97 17.32
N LYS H 331 26.52 26.95 18.50
CA LYS H 331 26.97 26.13 19.61
C LYS H 331 25.87 25.14 19.98
N LYS H 332 26.27 23.88 20.16
CA LYS H 332 25.31 22.85 20.56
C LYS H 332 24.85 23.10 21.99
N GLN H 333 23.53 23.07 22.19
CA GLN H 333 22.96 23.30 23.51
C GLN H 333 21.94 22.22 23.86
N THR I 11 56.27 0.33 5.06
CA THR I 11 55.51 -0.91 5.16
C THR I 11 54.01 -0.63 5.10
N LEU I 12 53.35 -1.22 4.11
CA LEU I 12 51.93 -1.02 3.87
C LEU I 12 51.17 -2.32 4.05
N LYS I 13 49.87 -2.20 4.34
CA LYS I 13 49.01 -3.35 4.61
C LYS I 13 47.99 -3.61 3.53
N SER I 14 47.41 -2.57 2.93
CA SER I 14 46.37 -2.75 1.92
C SER I 14 46.29 -1.50 1.06
N ARG I 15 45.60 -1.64 -0.07
CA ARG I 15 45.34 -0.50 -0.94
C ARG I 15 44.35 0.45 -0.26
N PRO I 16 44.43 1.74 -0.58
CA PRO I 16 43.53 2.71 0.06
C PRO I 16 42.09 2.52 -0.36
N GLU I 17 41.18 3.07 0.45
CA GLU I 17 39.76 2.95 0.20
C GLU I 17 39.31 3.74 -1.02
N ASN I 18 40.12 4.65 -1.54
CA ASN I 18 39.73 5.47 -2.69
C ASN I 18 40.99 5.71 -3.52
N LEU I 19 41.19 4.89 -4.55
CA LEU I 19 42.31 5.04 -5.46
C LEU I 19 41.81 4.91 -6.89
N SER I 20 42.25 5.83 -7.75
CA SER I 20 41.81 5.83 -9.13
C SER I 20 42.86 6.52 -9.99
N PHE I 21 42.77 6.30 -11.30
CA PHE I 21 43.70 6.87 -12.25
C PHE I 21 42.93 7.41 -13.44
N ALA I 22 43.54 8.40 -14.11
CA ALA I 22 42.98 8.99 -15.32
C ALA I 22 43.83 8.58 -16.51
N ARG I 23 43.19 8.42 -17.66
CA ARG I 23 43.88 7.88 -18.83
C ARG I 23 44.93 8.87 -19.34
N CYS I 24 46.05 8.34 -19.80
CA CYS I 24 47.14 9.14 -20.34
C CYS I 24 47.14 9.18 -21.86
N LEU I 25 46.15 8.57 -22.50
CA LEU I 25 46.02 8.55 -23.95
C LEU I 25 44.58 8.91 -24.30
N ASN I 26 44.30 10.19 -24.47
CA ASN I 26 42.97 10.64 -24.86
C ASN I 26 42.83 10.56 -26.37
N THR I 27 41.70 10.07 -26.84
CA THR I 27 41.46 9.90 -28.28
C THR I 27 40.25 10.73 -28.71
N THR I 28 40.43 11.51 -29.76
CA THR I 28 39.31 12.23 -30.34
C THR I 28 38.46 11.29 -31.19
N GLU I 29 37.19 11.65 -31.35
CA GLU I 29 36.29 10.84 -32.15
C GLU I 29 36.65 10.95 -33.62
N ALA I 30 36.38 9.88 -34.36
CA ALA I 30 36.75 9.83 -35.77
C ALA I 30 35.73 10.58 -36.62
N LYS I 31 36.09 10.78 -37.89
CA LYS I 31 35.20 11.42 -38.85
C LYS I 31 35.53 10.88 -40.22
N PHE I 32 34.51 10.71 -41.05
CA PHE I 32 34.66 10.10 -42.37
C PHE I 32 34.57 11.18 -43.44
N TRP I 33 35.52 11.17 -44.37
CA TRP I 33 35.60 12.17 -45.44
C TRP I 33 35.92 11.42 -46.73
N GLN I 34 34.90 11.16 -47.54
CA GLN I 34 35.14 10.48 -48.81
C GLN I 34 35.83 11.42 -49.80
N THR I 35 36.73 10.85 -50.59
CA THR I 35 37.53 11.63 -51.53
C THR I 35 38.04 10.70 -52.63
N ASP I 36 38.94 11.21 -53.46
CA ASP I 36 39.57 10.44 -54.53
C ASP I 36 41.06 10.28 -54.24
N PHE I 37 41.58 9.10 -54.56
CA PHE I 37 42.98 8.79 -54.23
C PHE I 37 43.95 9.63 -55.06
N LEU I 38 43.67 9.79 -56.35
CA LEU I 38 44.61 10.47 -57.23
C LEU I 38 44.71 11.95 -56.96
N LYS I 39 43.73 12.53 -56.27
CA LYS I 39 43.75 13.95 -55.91
C LYS I 39 43.38 14.12 -54.45
N ARG I 40 43.98 13.31 -53.58
CA ARG I 40 43.60 13.31 -52.17
C ARG I 40 44.00 14.60 -51.47
N HIS I 41 45.11 15.23 -51.88
CA HIS I 41 45.48 16.52 -51.29
C HIS I 41 44.90 17.68 -52.10
N THR I 42 43.63 17.61 -52.44
CA THR I 42 42.95 18.72 -53.10
C THR I 42 41.61 19.06 -52.45
N PHE I 43 40.85 18.06 -52.02
CA PHE I 43 39.49 18.28 -51.53
C PHE I 43 39.05 17.06 -50.75
N LYS I 44 37.88 17.19 -50.13
CA LYS I 44 37.30 16.10 -49.34
C LYS I 44 35.81 16.32 -49.25
N LEU I 45 35.02 15.33 -49.66
CA LEU I 45 33.60 15.55 -49.58
C LEU I 45 33.01 14.85 -48.36
N PRO I 46 32.00 15.43 -47.73
CA PRO I 46 31.37 14.77 -46.58
C PRO I 46 30.63 13.51 -47.00
N LEU I 47 30.58 12.54 -46.10
CA LEU I 47 29.88 11.28 -46.32
C LEU I 47 28.89 11.10 -45.19
N LEU I 48 27.62 10.87 -45.53
CA LEU I 48 26.55 10.88 -44.56
C LEU I 48 25.86 9.52 -44.50
N ILE I 49 25.14 9.30 -43.40
CA ILE I 49 24.39 8.08 -43.19
C ILE I 49 23.12 8.12 -44.02
N THR I 50 22.90 7.09 -44.83
CA THR I 50 21.73 7.01 -45.71
C THR I 50 20.84 5.86 -45.27
N ASP I 51 19.54 6.08 -45.32
CA ASP I 51 18.57 5.06 -44.92
C ASP I 51 17.73 4.63 -46.13
N SER I 79 16.55 0.48 -40.53
CA SER I 79 17.90 -0.04 -40.70
C SER I 79 18.71 0.90 -41.59
N GLN I 80 19.61 1.67 -40.97
CA GLN I 80 20.45 2.61 -41.68
C GLN I 80 21.67 1.91 -42.27
N SER I 81 22.37 2.63 -43.14
CA SER I 81 23.57 2.12 -43.78
C SER I 81 24.43 3.30 -44.18
N CYS I 82 25.60 3.00 -44.73
CA CYS I 82 26.52 4.05 -45.17
C CYS I 82 27.39 3.50 -46.29
N THR I 83 27.29 4.09 -47.47
CA THR I 83 28.01 3.63 -48.64
C THR I 83 28.65 4.82 -49.35
N LEU I 84 29.73 4.55 -50.06
CA LEU I 84 30.39 5.58 -50.84
C LEU I 84 29.52 5.99 -52.03
N SER I 85 29.69 7.24 -52.46
CA SER I 85 28.99 7.72 -53.64
C SER I 85 29.60 7.09 -54.89
N THR I 86 28.89 7.24 -56.01
CA THR I 86 29.31 6.60 -57.26
C THR I 86 30.63 7.18 -57.75
N GLU I 87 30.78 8.50 -57.72
CA GLU I 87 32.00 9.15 -58.19
C GLU I 87 32.93 9.44 -57.01
N CYS I 88 33.42 8.35 -56.41
CA CYS I 88 34.29 8.41 -55.25
C CYS I 88 34.87 7.02 -55.02
N ASP I 89 36.16 6.95 -54.68
CA ASP I 89 36.81 5.67 -54.51
C ASP I 89 37.77 5.61 -53.32
N THR I 90 37.72 6.59 -52.43
CA THR I 90 38.63 6.61 -51.30
C THR I 90 37.89 7.10 -50.06
N LEU I 91 38.29 6.57 -48.90
CA LEU I 91 37.72 6.98 -47.63
C LEU I 91 38.85 7.50 -46.74
N ARG I 92 38.59 8.61 -46.05
CA ARG I 92 39.59 9.26 -45.21
C ARG I 92 39.06 9.39 -43.79
N ILE I 93 39.87 8.99 -42.82
CA ILE I 93 39.51 9.06 -41.41
C ILE I 93 40.49 10.00 -40.71
N ASP I 94 39.96 10.96 -39.96
CA ASP I 94 40.75 11.95 -39.24
C ASP I 94 40.47 11.84 -37.75
N PHE I 95 41.54 11.78 -36.95
CA PHE I 95 41.37 11.80 -35.50
C PHE I 95 42.67 12.27 -34.85
N GLY I 96 42.67 12.29 -33.52
CA GLY I 96 43.81 12.81 -32.78
C GLY I 96 43.94 12.17 -31.42
N ILE I 97 45.17 12.24 -30.89
CA ILE I 97 45.53 11.63 -29.61
C ILE I 97 46.26 12.67 -28.77
N LYS I 98 45.88 12.77 -27.50
CA LYS I 98 46.55 13.61 -26.51
C LYS I 98 47.29 12.72 -25.53
N VAL I 99 48.57 13.01 -25.32
CA VAL I 99 49.45 12.23 -24.46
C VAL I 99 49.86 13.08 -23.27
N LEU I 100 49.74 12.52 -22.07
CA LEU I 100 49.99 13.18 -20.81
C LEU I 100 50.98 12.37 -19.98
N PRO I 101 51.75 13.02 -19.09
CA PRO I 101 52.70 12.27 -18.26
C PRO I 101 52.01 11.33 -17.29
N VAL I 102 52.67 10.20 -17.01
CA VAL I 102 52.09 9.19 -16.14
C VAL I 102 52.05 9.65 -14.70
N LYS I 103 53.10 10.35 -14.26
CA LYS I 103 53.21 10.75 -12.85
C LYS I 103 52.11 11.72 -12.47
N GLU I 104 51.87 12.73 -13.30
CA GLU I 104 50.80 13.70 -13.04
C GLU I 104 49.50 13.27 -13.72
N SER I 105 49.09 12.03 -13.49
CA SER I 105 47.86 11.51 -14.10
C SER I 105 47.06 10.64 -13.15
N MET I 106 47.30 10.75 -11.84
CA MET I 106 46.53 10.02 -10.85
C MET I 106 45.52 10.97 -10.24
N TYR I 107 44.24 10.57 -10.26
CA TYR I 107 43.19 11.49 -9.85
C TYR I 107 43.05 11.53 -8.34
N SER I 108 42.71 10.41 -7.73
CA SER I 108 42.47 10.34 -6.30
C SER I 108 43.22 9.19 -5.68
N CYS I 109 43.80 9.43 -4.51
CA CYS I 109 44.49 8.40 -3.73
C CYS I 109 44.54 8.87 -2.29
N SER I 110 43.78 8.20 -1.41
CA SER I 110 43.67 8.63 -0.02
C SER I 110 44.73 7.97 0.87
N ASP I 111 45.98 8.04 0.45
CA ASP I 111 47.10 7.53 1.25
C ASP I 111 48.38 8.16 0.73
N TYR I 112 49.06 8.94 1.56
CA TYR I 112 50.30 9.57 1.15
C TYR I 112 51.40 8.53 0.97
N ASN I 113 51.42 7.51 1.83
CA ASN I 113 52.44 6.46 1.72
C ASN I 113 52.29 5.69 0.41
N TYR I 114 51.05 5.35 0.04
CA TYR I 114 50.82 4.66 -1.22
C TYR I 114 51.19 5.54 -2.40
N ARG I 115 50.89 6.83 -2.31
CA ARG I 115 51.24 7.76 -3.38
C ARG I 115 52.75 7.83 -3.56
N THR I 116 53.50 7.92 -2.47
CA THR I 116 54.95 7.96 -2.57
C THR I 116 55.51 6.64 -3.08
N ALA I 117 54.93 5.52 -2.67
CA ALA I 117 55.37 4.21 -3.16
C ALA I 117 55.17 4.10 -4.67
N ILE I 118 53.99 4.51 -5.16
CA ILE I 118 53.74 4.48 -6.59
C ILE I 118 54.69 5.42 -7.31
N TYR I 119 54.98 6.58 -6.71
CA TYR I 119 55.89 7.53 -7.34
C TYR I 119 57.29 6.95 -7.50
N GLN I 120 57.80 6.30 -6.45
CA GLN I 120 59.16 5.76 -6.53
C GLN I 120 59.20 4.55 -7.45
N LYS I 121 58.14 3.75 -7.49
CA LYS I 121 58.10 2.63 -8.44
C LYS I 121 58.11 3.13 -9.88
N ILE I 122 57.33 4.17 -10.16
CA ILE I 122 57.31 4.75 -11.50
C ILE I 122 58.66 5.33 -11.86
N ASP I 123 59.31 6.00 -10.91
CA ASP I 123 60.63 6.57 -11.16
C ASP I 123 61.66 5.46 -11.41
N GLU I 124 61.54 4.34 -10.70
CA GLU I 124 62.41 3.20 -10.96
C GLU I 124 62.20 2.64 -12.35
N TYR I 125 60.93 2.57 -12.79
CA TYR I 125 60.66 2.10 -14.15
C TYR I 125 61.23 3.07 -15.18
N ILE I 126 61.15 4.38 -14.91
CA ILE I 126 61.74 5.36 -15.83
C ILE I 126 63.25 5.19 -15.90
N ALA I 127 63.88 4.95 -14.74
CA ALA I 127 65.32 4.74 -14.71
C ALA I 127 65.72 3.48 -15.45
N GLU I 128 64.94 2.41 -15.31
CA GLU I 128 65.29 1.15 -15.97
C GLU I 128 64.93 1.15 -17.45
N ASP I 129 63.64 1.28 -17.75
CA ASP I 129 63.15 1.16 -19.13
C ASP I 129 63.02 2.49 -19.84
N GLY I 130 62.34 3.46 -19.22
CA GLY I 130 62.13 4.75 -19.85
C GLY I 130 60.88 4.86 -20.69
N PHE I 131 59.92 3.94 -20.52
CA PHE I 131 58.64 3.95 -21.22
C PHE I 131 58.82 3.89 -22.73
N LEU I 132 59.87 3.22 -23.21
CA LEU I 132 60.15 3.17 -24.63
C LEU I 132 59.46 1.99 -25.32
N THR I 133 59.40 0.83 -24.66
CA THR I 133 58.78 -0.34 -25.26
C THR I 133 57.29 -0.11 -25.51
N LEU I 134 56.59 0.45 -24.53
CA LEU I 134 55.16 0.71 -24.69
C LEU I 134 54.91 1.74 -25.78
N ALA I 135 55.75 2.78 -25.84
CA ALA I 135 55.61 3.79 -26.89
C ALA I 135 55.81 3.18 -28.27
N LYS I 136 56.83 2.31 -28.41
CA LYS I 136 57.05 1.63 -29.67
C LYS I 136 55.86 0.76 -30.05
N ARG I 137 55.27 0.07 -29.06
CA ARG I 137 54.13 -0.78 -29.35
C ARG I 137 52.91 0.03 -29.77
N TYR I 138 52.64 1.15 -29.10
CA TYR I 138 51.51 1.99 -29.49
C TYR I 138 51.71 2.59 -30.88
N VAL I 139 52.93 3.03 -31.17
CA VAL I 139 53.22 3.57 -32.50
C VAL I 139 53.08 2.49 -33.56
N ASN I 140 53.49 1.26 -33.24
CA ASN I 140 53.31 0.14 -34.16
C ASN I 140 51.84 -0.12 -34.41
N ASN I 141 51.02 -0.06 -33.36
CA ASN I 141 49.58 -0.26 -33.52
C ASN I 141 48.98 0.83 -34.41
N ILE I 142 49.47 2.05 -34.29
CA ILE I 142 49.03 3.12 -35.19
C ILE I 142 49.46 2.83 -36.62
N ALA I 143 50.71 2.37 -36.80
CA ALA I 143 51.29 2.27 -38.13
C ALA I 143 50.66 1.16 -38.97
N ASN I 144 50.22 0.06 -38.33
CA ASN I 144 49.60 -1.02 -39.08
C ASN I 144 48.12 -0.80 -39.35
N ALA I 145 47.58 0.34 -38.93
CA ALA I 145 46.18 0.72 -39.17
C ALA I 145 45.22 -0.32 -38.61
N ARG I 146 45.44 -0.71 -37.36
CA ARG I 146 44.52 -1.64 -36.70
C ARG I 146 43.17 -0.98 -36.43
N PHE I 147 43.15 0.36 -36.30
CA PHE I 147 41.93 1.06 -35.93
C PHE I 147 40.88 1.06 -37.03
N LEU I 148 41.21 0.62 -38.24
CA LEU I 148 40.22 0.55 -39.31
C LEU I 148 39.17 -0.52 -39.05
N TRP I 149 39.49 -1.53 -38.23
CA TRP I 149 38.58 -2.61 -37.85
C TRP I 149 38.12 -3.33 -39.10
N ARG I 150 36.83 -3.39 -39.41
CA ARG I 150 36.34 -4.17 -40.53
C ARG I 150 36.80 -3.56 -41.86
N ASN I 151 36.91 -2.23 -41.91
CA ASN I 151 37.29 -1.56 -43.16
C ASN I 151 38.72 -1.88 -43.58
N ARG I 152 39.55 -2.40 -42.67
CA ARG I 152 40.89 -2.82 -43.04
C ARG I 152 40.87 -3.98 -44.02
N LYS I 153 39.95 -4.91 -43.83
CA LYS I 153 39.89 -6.10 -44.67
C LYS I 153 39.45 -5.74 -46.09
N GLY I 154 40.12 -6.33 -47.08
CA GLY I 154 39.76 -6.11 -48.47
C GLY I 154 39.99 -4.69 -48.94
N ALA I 155 41.12 -4.10 -48.58
CA ALA I 155 41.46 -2.74 -48.98
C ALA I 155 42.64 -2.79 -49.94
N GLU I 156 42.50 -2.12 -51.08
CA GLU I 156 43.54 -2.16 -52.10
C GLU I 156 44.79 -1.40 -51.66
N ILE I 157 44.62 -0.19 -51.16
CA ILE I 157 45.74 0.65 -50.72
C ILE I 157 45.36 1.30 -49.39
N ILE I 158 46.25 1.20 -48.41
CA ILE I 158 46.07 1.86 -47.12
C ILE I 158 47.28 2.74 -46.85
N GLU I 159 47.04 4.00 -46.52
CA GLU I 159 48.10 4.96 -46.22
C GLU I 159 47.76 5.72 -44.95
N THR I 160 48.76 5.91 -44.10
CA THR I 160 48.59 6.62 -42.83
C THR I 160 49.68 7.66 -42.70
N ILE I 161 49.29 8.90 -42.41
CA ILE I 161 50.22 10.01 -42.24
C ILE I 161 50.06 10.54 -40.83
N VAL I 162 51.17 10.71 -40.13
CA VAL I 162 51.19 11.17 -38.75
C VAL I 162 51.73 12.60 -38.73
N THR I 163 51.02 13.49 -38.05
CA THR I 163 51.36 14.91 -38.02
C THR I 163 51.60 15.32 -36.57
N ILE I 164 52.84 15.70 -36.27
CA ILE I 164 53.23 16.26 -34.98
C ILE I 164 52.89 17.74 -35.00
N GLU I 165 53.01 18.42 -33.84
CA GLU I 165 52.58 19.79 -33.59
C GLU I 165 52.74 20.73 -34.78
N ASP I 166 53.90 20.73 -35.40
CA ASP I 166 54.13 21.48 -36.62
C ASP I 166 54.52 20.59 -37.79
N LYS I 167 55.45 19.68 -37.58
CA LYS I 167 56.00 18.87 -38.66
C LYS I 167 55.10 17.67 -38.95
N GLU I 168 55.39 17.01 -40.07
CA GLU I 168 54.72 15.79 -40.47
C GLU I 168 55.76 14.72 -40.74
N TYR I 169 55.32 13.47 -40.74
CA TYR I 169 56.18 12.33 -40.91
C TYR I 169 55.86 11.60 -42.21
N PRO I 170 56.81 10.85 -42.77
CA PRO I 170 56.54 10.15 -44.03
C PRO I 170 55.41 9.15 -43.92
N SER I 171 54.76 8.91 -45.05
CA SER I 171 53.56 8.09 -45.10
C SER I 171 53.87 6.64 -44.73
N PHE I 172 52.87 5.97 -44.17
CA PHE I 172 52.98 4.59 -43.73
C PHE I 172 52.23 3.69 -44.68
N ASN I 173 52.88 2.62 -45.14
CA ASN I 173 52.25 1.61 -45.98
C ASN I 173 51.79 0.49 -45.05
N SER I 174 50.56 0.61 -44.57
CA SER I 174 50.04 -0.32 -43.57
C SER I 174 49.77 -1.71 -44.11
N LYS I 175 49.82 -1.90 -45.42
CA LYS I 175 49.62 -3.23 -45.99
C LYS I 175 50.82 -4.15 -45.74
N SER I 176 51.99 -3.58 -45.45
CA SER I 176 53.19 -4.37 -45.21
C SER I 176 53.41 -4.68 -43.74
N PHE I 177 52.54 -4.22 -42.85
CA PHE I 177 52.68 -4.46 -41.41
C PHE I 177 51.58 -5.43 -40.98
N ASN I 178 51.98 -6.57 -40.42
CA ASN I 178 51.04 -7.56 -39.97
C ASN I 178 50.53 -7.23 -38.57
N LEU I 179 49.51 -7.98 -38.14
CA LEU I 179 48.87 -7.75 -36.85
C LEU I 179 49.41 -8.65 -35.75
N ASP I 180 50.51 -9.35 -36.00
CA ASP I 180 51.07 -10.28 -35.04
C ASP I 180 52.45 -9.90 -34.53
N THR I 181 53.35 -9.47 -35.41
CA THR I 181 54.71 -9.13 -35.04
C THR I 181 54.86 -7.62 -34.95
N PHE I 182 55.72 -7.18 -34.03
CA PHE I 182 55.98 -5.77 -33.82
C PHE I 182 57.35 -5.40 -34.40
N VAL I 183 57.38 -4.38 -35.23
CA VAL I 183 58.60 -3.94 -35.88
C VAL I 183 59.27 -2.88 -35.00
N GLU I 184 60.55 -3.10 -34.69
CA GLU I 184 61.33 -2.19 -33.86
C GLU I 184 62.57 -1.71 -34.61
N ASP I 185 62.41 -1.40 -35.90
CA ASP I 185 63.53 -0.99 -36.73
C ASP I 185 63.26 0.25 -37.57
N ASN I 186 62.00 0.65 -37.74
CA ASN I 186 61.69 1.81 -38.57
C ASN I 186 62.17 3.10 -37.90
N ALA I 187 62.73 4.00 -38.71
CA ALA I 187 63.25 5.25 -38.17
C ALA I 187 62.13 6.16 -37.68
N THR I 188 61.08 6.31 -38.49
CA THR I 188 59.96 7.17 -38.10
C THR I 188 59.25 6.62 -36.87
N ILE I 189 59.09 5.30 -36.82
CA ILE I 189 58.53 4.66 -35.63
C ILE I 189 59.38 4.97 -34.41
N ASN I 190 60.70 4.91 -34.57
CA ASN I 190 61.60 5.21 -33.45
C ASN I 190 61.46 6.66 -33.00
N GLU I 191 61.35 7.60 -33.95
CA GLU I 191 61.25 9.01 -33.58
C GLU I 191 59.94 9.29 -32.83
N ILE I 192 58.82 8.80 -33.37
CA ILE I 192 57.54 9.07 -32.72
C ILE I 192 57.47 8.37 -31.38
N ALA I 193 58.04 7.17 -31.28
CA ALA I 193 58.08 6.47 -29.99
C ALA I 193 58.93 7.22 -28.98
N GLN I 194 60.05 7.80 -29.43
CA GLN I 194 60.90 8.58 -28.53
C GLN I 194 60.14 9.80 -28.01
N GLN I 195 59.44 10.50 -28.90
CA GLN I 195 58.66 11.66 -28.45
C GLN I 195 57.57 11.26 -27.47
N ILE I 196 56.87 10.16 -27.76
CA ILE I 196 55.79 9.71 -26.88
C ILE I 196 56.34 9.29 -25.52
N ALA I 197 57.49 8.59 -25.52
CA ALA I 197 58.09 8.17 -24.26
C ALA I 197 58.56 9.36 -23.44
N ASP I 198 59.13 10.37 -24.10
CA ASP I 198 59.55 11.57 -23.37
C ASP I 198 58.36 12.29 -22.77
N THR I 199 57.26 12.39 -23.52
CA THR I 199 56.04 12.98 -22.96
C THR I 199 55.46 12.12 -21.85
N PHE I 200 55.75 10.82 -21.88
CA PHE I 200 55.22 9.93 -20.85
C PHE I 200 55.97 10.10 -19.54
N ALA I 201 57.29 9.89 -19.55
CA ALA I 201 58.01 9.80 -18.29
C ALA I 201 58.05 11.11 -17.51
N GLY I 202 58.85 12.08 -17.94
CA GLY I 202 58.87 13.36 -17.27
C GLY I 202 59.24 14.57 -18.11
N LYS I 203 59.54 14.36 -19.39
CA LYS I 203 60.24 15.38 -20.16
C LYS I 203 59.30 16.51 -20.58
N ARG I 204 58.26 16.16 -21.33
CA ARG I 204 57.28 17.14 -21.81
C ARG I 204 55.96 16.94 -21.09
N GLU I 205 55.19 18.02 -21.00
CA GLU I 205 53.96 17.99 -20.23
C GLU I 205 52.73 17.62 -21.04
N TYR I 206 52.81 17.66 -22.37
CA TYR I 206 51.67 17.33 -23.22
C TYR I 206 52.16 17.03 -24.62
N LEU I 207 51.40 16.22 -25.35
CA LEU I 207 51.65 16.02 -26.76
C LEU I 207 50.32 15.83 -27.49
N ASN I 208 50.23 16.36 -28.71
CA ASN I 208 49.06 16.19 -29.55
C ASN I 208 49.50 15.62 -30.89
N ILE I 209 48.90 14.49 -31.28
CA ILE I 209 49.22 13.80 -32.51
C ILE I 209 47.96 13.73 -33.36
N TYR I 210 48.05 14.17 -34.61
CA TYR I 210 46.91 14.16 -35.52
C TYR I 210 47.14 13.12 -36.61
N VAL I 211 46.19 12.20 -36.76
CA VAL I 211 46.31 11.07 -37.68
C VAL I 211 45.26 11.21 -38.77
N THR I 212 45.70 11.07 -40.01
CA THR I 212 44.83 11.00 -41.19
C THR I 212 45.07 9.69 -41.90
N CYS I 213 44.01 9.13 -42.47
CA CYS I 213 44.07 7.84 -43.13
C CYS I 213 43.55 7.96 -44.55
N PHE I 214 43.94 7.01 -45.40
CA PHE I 214 43.48 6.94 -46.79
C PHE I 214 43.34 5.47 -47.14
N VAL I 215 42.11 4.99 -47.30
CA VAL I 215 41.85 3.61 -47.68
C VAL I 215 41.10 3.61 -49.01
N LYS I 216 41.63 2.86 -49.98
CA LYS I 216 41.08 2.81 -51.33
C LYS I 216 40.23 1.55 -51.46
N ILE I 217 39.01 1.62 -50.94
CA ILE I 217 38.11 0.48 -50.99
C ILE I 217 37.68 0.21 -52.44
N GLY I 218 37.32 1.25 -53.17
CA GLY I 218 36.81 1.10 -54.51
C GLY I 218 35.58 1.95 -54.74
N CYS I 219 35.19 2.13 -56.00
CA CYS I 219 34.06 3.00 -56.31
C CYS I 219 32.75 2.34 -55.88
N ALA I 220 31.93 3.09 -55.15
CA ALA I 220 30.61 2.66 -54.69
C ALA I 220 30.69 1.38 -53.86
N MET I 221 31.40 1.47 -52.75
CA MET I 221 31.55 0.39 -51.80
C MET I 221 30.80 0.72 -50.52
N GLU I 222 30.95 -0.14 -49.52
CA GLU I 222 30.25 0.01 -48.25
C GLU I 222 31.26 0.11 -47.12
N VAL I 223 31.06 1.09 -46.24
CA VAL I 223 31.90 1.26 -45.07
C VAL I 223 31.07 0.97 -43.82
N TYR I 224 31.76 0.75 -42.71
CA TYR I 224 31.14 0.29 -41.47
C TYR I 224 31.52 1.22 -40.32
N PRO I 225 30.74 2.27 -40.08
CA PRO I 225 31.00 3.12 -38.91
C PRO I 225 30.57 2.46 -37.62
N SER I 226 30.69 3.19 -36.50
CA SER I 226 30.28 2.64 -35.22
C SER I 226 28.76 2.53 -35.16
N GLN I 227 28.27 1.75 -34.22
CA GLN I 227 26.84 1.46 -34.08
C GLN I 227 26.35 1.92 -32.72
N GLU I 228 25.20 2.59 -32.71
CA GLU I 228 24.61 3.03 -31.45
C GLU I 228 24.10 1.86 -30.64
N MET I 229 24.24 1.96 -29.32
CA MET I 229 23.63 1.02 -28.40
C MET I 229 22.27 1.60 -28.03
N THR I 230 21.28 1.25 -28.85
CA THR I 230 19.95 1.84 -28.69
C THR I 230 19.23 1.25 -27.48
N PHE I 231 18.43 2.09 -26.83
CA PHE I 231 17.68 1.68 -25.65
C PHE I 231 16.18 1.61 -25.88
N ASP I 232 15.67 2.25 -26.93
CA ASP I 232 14.24 2.22 -27.20
C ASP I 232 13.81 0.83 -27.67
N ASP I 233 12.72 0.33 -27.10
CA ASP I 233 12.26 -1.02 -27.36
C ASP I 233 11.28 -1.12 -28.51
N ASP I 234 10.83 0.01 -29.07
CA ASP I 234 9.86 -0.04 -30.16
C ASP I 234 10.48 -0.61 -31.42
N ASP I 235 11.67 -0.15 -31.77
CA ASP I 235 12.37 -0.62 -32.96
C ASP I 235 13.79 -1.01 -32.60
N LYS I 236 14.30 -2.04 -33.26
CA LYS I 236 15.64 -2.56 -33.02
C LYS I 236 16.49 -2.53 -34.28
N GLY I 237 16.21 -1.58 -35.17
CA GLY I 237 17.00 -1.45 -36.38
C GLY I 237 18.40 -0.95 -36.07
N LYS I 238 19.31 -1.22 -37.01
CA LYS I 238 20.69 -0.79 -36.84
C LYS I 238 20.79 0.73 -36.91
N LYS I 239 21.51 1.32 -35.96
CA LYS I 239 21.70 2.76 -35.88
C LYS I 239 23.19 3.06 -35.91
N LEU I 240 23.62 3.84 -36.90
CA LEU I 240 25.02 4.15 -37.07
C LEU I 240 25.37 5.45 -36.32
N PHE I 241 26.63 5.84 -36.38
CA PHE I 241 27.15 6.98 -35.62
C PHE I 241 27.26 8.20 -36.51
N LYS I 242 26.64 9.30 -36.08
CA LYS I 242 26.70 10.57 -36.79
C LYS I 242 27.51 11.55 -35.95
N PHE I 243 28.58 12.07 -36.53
CA PHE I 243 29.46 13.02 -35.85
C PHE I 243 29.57 14.25 -36.74
N GLU I 244 28.99 15.37 -36.28
CA GLU I 244 28.93 16.62 -37.04
C GLU I 244 28.29 16.41 -38.40
N GLY I 245 27.25 15.58 -38.44
CA GLY I 245 26.56 15.25 -39.67
C GLY I 245 27.11 14.05 -40.40
N SER I 246 28.43 13.97 -40.53
CA SER I 246 29.07 12.87 -41.22
C SER I 246 29.15 11.64 -40.29
N ALA I 247 29.76 10.58 -40.79
CA ALA I 247 29.91 9.34 -40.06
C ALA I 247 31.30 9.23 -39.46
N GLY I 248 31.45 8.29 -38.53
CA GLY I 248 32.74 8.06 -37.89
C GLY I 248 32.58 7.03 -36.79
N MET I 249 33.71 6.67 -36.20
CA MET I 249 33.74 5.71 -35.12
C MET I 249 33.85 6.42 -33.77
N HIS I 250 33.52 5.69 -32.71
CA HIS I 250 33.65 6.22 -31.38
C HIS I 250 35.13 6.33 -31.01
N SER I 251 35.40 7.11 -29.96
CA SER I 251 36.75 7.16 -29.42
C SER I 251 37.13 5.86 -28.72
N GLN I 252 36.14 5.18 -28.13
CA GLN I 252 36.40 3.93 -27.41
C GLN I 252 36.89 2.85 -28.36
N LYS I 253 36.33 2.78 -29.56
CA LYS I 253 36.74 1.75 -30.52
C LYS I 253 38.20 1.95 -30.93
N ILE I 254 38.59 3.18 -31.23
CA ILE I 254 39.97 3.44 -31.62
C ILE I 254 40.91 3.23 -30.44
N ASN I 255 40.48 3.61 -29.23
CA ASN I 255 41.30 3.37 -28.06
C ASN I 255 41.51 1.88 -27.80
N ASN I 256 40.45 1.08 -27.98
CA ASN I 256 40.58 -0.37 -27.82
C ASN I 256 41.49 -0.96 -28.89
N ALA I 257 41.41 -0.43 -30.11
CA ALA I 257 42.29 -0.90 -31.17
C ALA I 257 43.75 -0.59 -30.87
N LEU I 258 44.01 0.61 -30.35
CA LEU I 258 45.39 0.99 -30.05
C LEU I 258 45.91 0.26 -28.82
N ARG I 259 45.04 -0.09 -27.88
CA ARG I 259 45.45 -0.70 -26.62
C ARG I 259 45.93 -2.13 -26.79
N THR I 260 45.61 -2.78 -27.90
CA THR I 260 45.93 -4.18 -28.12
C THR I 260 47.42 -4.32 -28.42
N ILE I 261 48.22 -4.42 -27.36
CA ILE I 261 49.66 -4.63 -27.49
C ILE I 261 50.11 -5.73 -26.55
N ASP I 262 49.22 -6.18 -25.68
CA ASP I 262 49.59 -7.09 -24.59
C ASP I 262 49.88 -8.47 -25.15
N THR I 263 51.14 -8.88 -25.12
CA THR I 263 51.55 -10.23 -25.45
C THR I 263 52.15 -11.00 -24.29
N TRP I 264 52.49 -10.32 -23.18
CA TRP I 264 53.12 -10.98 -22.04
C TRP I 264 52.03 -11.53 -21.12
N TYR I 265 51.36 -12.58 -21.61
CA TYR I 265 50.33 -13.25 -20.84
C TYR I 265 50.59 -14.75 -20.86
N PRO I 266 50.11 -15.48 -19.85
CA PRO I 266 50.32 -16.93 -19.83
C PRO I 266 49.67 -17.62 -21.00
N ASP I 267 50.23 -18.78 -21.36
CA ASP I 267 49.81 -19.56 -22.53
C ASP I 267 49.81 -18.73 -23.81
N TYR I 268 50.83 -17.86 -23.97
CA TYR I 268 50.92 -17.07 -25.18
C TYR I 268 51.29 -17.94 -26.38
N THR I 269 52.15 -18.94 -26.18
CA THR I 269 52.55 -19.81 -27.28
C THR I 269 51.40 -20.70 -27.74
N THR I 270 50.41 -20.93 -26.89
CA THR I 270 49.25 -21.71 -27.30
C THR I 270 48.37 -20.90 -28.27
N TYR I 271 48.26 -19.60 -28.04
CA TYR I 271 47.35 -18.74 -28.79
C TYR I 271 48.05 -17.88 -29.82
N GLU I 272 49.12 -17.17 -29.43
CA GLU I 272 49.96 -16.38 -30.32
C GLU I 272 49.17 -15.27 -31.02
N PHE I 273 48.54 -14.41 -30.20
CA PHE I 273 47.98 -13.17 -30.71
C PHE I 273 47.92 -12.15 -29.59
N PRO I 274 48.23 -10.89 -29.87
CA PRO I 274 48.11 -9.86 -28.84
C PRO I 274 46.65 -9.60 -28.46
N ILE I 275 46.45 -9.27 -27.19
CA ILE I 275 45.11 -9.00 -26.66
C ILE I 275 45.11 -7.60 -26.09
N PRO I 276 43.93 -6.98 -25.93
CA PRO I 276 43.87 -5.67 -25.25
C PRO I 276 44.28 -5.76 -23.79
N VAL I 277 44.41 -4.62 -23.13
CA VAL I 277 44.88 -4.59 -21.76
C VAL I 277 43.74 -4.32 -20.79
N GLU I 278 43.09 -5.37 -20.31
CA GLU I 278 42.10 -5.25 -19.24
C GLU I 278 42.69 -5.75 -17.94
N ASN I 279 41.87 -5.66 -16.88
CA ASN I 279 42.27 -6.13 -15.56
C ASN I 279 42.50 -7.63 -15.56
N TYR I 280 41.45 -8.41 -15.77
CA TYR I 280 41.59 -9.87 -15.79
C TYR I 280 41.78 -10.39 -17.21
N GLY I 281 42.69 -9.78 -17.96
CA GLY I 281 43.06 -10.18 -19.31
C GLY I 281 41.94 -10.58 -20.25
N ALA I 282 40.74 -10.05 -20.03
CA ALA I 282 39.56 -10.52 -20.75
C ALA I 282 39.58 -10.04 -22.20
N ALA I 283 38.82 -10.75 -23.03
CA ALA I 283 38.65 -10.42 -24.43
C ALA I 283 37.25 -10.84 -24.85
N ARG I 284 36.99 -10.87 -26.16
CA ARG I 284 35.69 -11.30 -26.65
C ARG I 284 35.77 -12.28 -27.82
N SER I 285 36.93 -12.48 -28.43
CA SER I 285 37.05 -13.43 -29.52
C SER I 285 37.23 -14.87 -29.04
N ILE I 286 37.58 -15.05 -27.77
CA ILE I 286 37.76 -16.39 -27.20
C ILE I 286 36.78 -16.57 -26.05
N GLY I 287 36.41 -15.47 -25.41
CA GLY I 287 35.54 -15.54 -24.26
C GLY I 287 36.16 -16.21 -23.05
N ILE I 288 37.45 -16.00 -22.83
CA ILE I 288 38.17 -16.66 -21.75
C ILE I 288 38.91 -15.62 -20.90
N PRO I 289 38.77 -15.66 -19.58
CA PRO I 289 39.52 -14.74 -18.72
C PRO I 289 40.98 -15.12 -18.62
N PHE I 290 41.81 -14.61 -19.54
CA PHE I 290 43.19 -15.05 -19.68
C PHE I 290 44.03 -14.87 -18.42
N ARG I 291 43.62 -14.00 -17.50
CA ARG I 291 44.34 -13.78 -16.25
C ARG I 291 43.38 -13.93 -15.07
N PRO I 292 42.95 -15.16 -14.76
CA PRO I 292 41.99 -15.36 -13.68
C PRO I 292 42.65 -15.63 -12.34
N ASP I 293 43.94 -15.35 -12.24
CA ASP I 293 44.77 -15.91 -11.17
C ASP I 293 45.80 -14.87 -10.77
N THR I 294 46.86 -15.32 -10.11
CA THR I 294 47.91 -14.45 -9.59
C THR I 294 48.69 -13.70 -10.67
N LYS I 295 48.32 -13.88 -11.94
CA LYS I 295 48.84 -13.06 -13.02
C LYS I 295 47.95 -11.85 -13.32
N SER I 296 46.87 -11.66 -12.57
CA SER I 296 46.01 -10.52 -12.75
C SER I 296 46.65 -9.26 -12.19
N PHE I 297 46.08 -8.11 -12.54
CA PHE I 297 46.67 -6.83 -12.15
C PHE I 297 46.61 -6.62 -10.64
N TYR I 298 45.58 -7.13 -9.97
CA TYR I 298 45.44 -6.89 -8.54
C TYR I 298 46.50 -7.63 -7.74
N LYS I 299 46.71 -8.91 -8.03
CA LYS I 299 47.76 -9.67 -7.36
C LYS I 299 49.12 -9.10 -7.70
N LEU I 300 49.31 -8.65 -8.94
CA LEU I 300 50.58 -8.06 -9.33
C LEU I 300 50.87 -6.79 -8.54
N ILE I 301 49.86 -5.92 -8.40
CA ILE I 301 50.09 -4.69 -7.65
C ILE I 301 50.27 -4.97 -6.18
N ASP I 302 49.63 -6.03 -5.66
CA ASP I 302 49.85 -6.42 -4.27
C ASP I 302 51.30 -6.85 -4.05
N ARG I 303 51.79 -7.76 -4.90
CA ARG I 303 53.16 -8.23 -4.82
C ARG I 303 54.17 -7.16 -5.19
N MET I 304 53.74 -6.08 -5.85
CA MET I 304 54.66 -5.00 -6.21
C MET I 304 54.78 -3.94 -5.12
N ILE I 305 53.67 -3.56 -4.49
CA ILE I 305 53.65 -2.46 -3.54
C ILE I 305 53.59 -2.96 -2.11
N LEU I 306 52.65 -3.87 -1.80
CA LEU I 306 52.43 -4.26 -0.41
C LEU I 306 53.62 -5.03 0.15
N LYS I 307 54.22 -5.91 -0.66
CA LYS I 307 55.34 -6.72 -0.20
C LYS I 307 56.69 -6.25 -0.73
N ASN I 308 56.71 -5.26 -1.62
CA ASN I 308 57.92 -4.75 -2.26
C ASN I 308 58.72 -5.83 -2.98
N GLU I 309 58.05 -6.91 -3.39
CA GLU I 309 58.73 -8.00 -4.06
C GLU I 309 59.07 -7.60 -5.49
N ASP I 310 60.31 -7.90 -5.90
CA ASP I 310 60.73 -7.59 -7.25
C ASP I 310 59.99 -8.46 -8.26
N LEU I 311 59.77 -7.90 -9.45
CA LEU I 311 58.97 -8.54 -10.48
C LEU I 311 59.74 -8.61 -11.78
N PRO I 312 59.41 -9.56 -12.65
CA PRO I 312 60.03 -9.61 -13.97
C PRO I 312 59.63 -8.40 -14.81
N ILE I 313 60.42 -8.13 -15.85
CA ILE I 313 60.19 -6.95 -16.67
C ILE I 313 58.89 -7.05 -17.44
N GLU I 314 58.40 -8.28 -17.68
CA GLU I 314 57.11 -8.43 -18.35
C GLU I 314 55.96 -7.95 -17.47
N ASP I 315 56.01 -8.30 -16.19
CA ASP I 315 54.98 -7.84 -15.26
C ASP I 315 55.04 -6.33 -15.07
N LYS I 316 56.25 -5.77 -15.03
CA LYS I 316 56.39 -4.31 -14.96
C LYS I 316 55.82 -3.65 -16.19
N HIS I 317 56.06 -4.23 -17.38
CA HIS I 317 55.49 -3.69 -18.61
C HIS I 317 53.97 -3.73 -18.57
N TYR I 318 53.40 -4.85 -18.10
CA TYR I 318 51.94 -4.96 -18.04
C TYR I 318 51.35 -3.96 -17.06
N VAL I 319 51.98 -3.79 -15.90
CA VAL I 319 51.43 -2.89 -14.90
C VAL I 319 51.58 -1.44 -15.32
N MET I 320 52.65 -1.09 -16.04
CA MET I 320 52.75 0.23 -16.64
C MET I 320 51.71 0.45 -17.73
N ALA I 321 51.42 -0.58 -18.52
CA ALA I 321 50.37 -0.46 -19.53
C ALA I 321 49.01 -0.22 -18.89
N ILE I 322 48.72 -0.95 -17.80
CA ILE I 322 47.46 -0.74 -17.09
C ILE I 322 47.39 0.66 -16.51
N LEU I 323 48.50 1.14 -15.93
CA LEU I 323 48.53 2.49 -15.37
C LEU I 323 48.33 3.54 -16.46
N ILE I 324 48.91 3.33 -17.64
CA ILE I 324 48.72 4.24 -18.75
C ILE I 324 47.27 4.25 -19.20
N ARG I 325 46.64 3.07 -19.25
CA ARG I 325 45.24 3.00 -19.65
C ARG I 325 44.34 3.74 -18.67
N GLY I 326 44.58 3.59 -17.38
CA GLY I 326 43.80 4.27 -16.37
C GLY I 326 42.51 3.52 -16.04
N GLY I 327 41.98 3.84 -14.86
CA GLY I 327 40.78 3.17 -14.40
C GLY I 327 40.57 3.44 -12.92
N MET I 328 39.72 2.62 -12.31
CA MET I 328 39.42 2.71 -10.89
C MET I 328 39.86 1.42 -10.21
N PHE I 329 40.68 1.54 -9.17
CA PHE I 329 41.19 0.41 -8.40
C PHE I 329 40.97 0.72 -6.92
N SER I 330 39.84 0.28 -6.38
CA SER I 330 39.50 0.55 -4.99
C SER I 330 39.30 -0.76 -4.23
N LYS I 331 39.65 -0.73 -2.95
CA LYS I 331 39.45 -1.87 -2.08
C LYS I 331 37.96 -2.05 -1.75
N LYS I 332 37.61 -3.24 -1.31
CA LYS I 332 36.25 -3.53 -0.89
C LYS I 332 35.94 -2.86 0.44
N MET J 1 -28.86 -15.84 61.39
CA MET J 1 -29.78 -15.34 60.37
C MET J 1 -29.95 -16.31 59.20
N LEU J 2 -29.55 -17.57 59.42
CA LEU J 2 -29.68 -18.58 58.38
C LEU J 2 -31.10 -19.09 58.21
N ARG J 3 -32.00 -18.80 59.14
CA ARG J 3 -33.36 -19.34 59.08
C ARG J 3 -34.14 -18.74 57.91
N ASN J 4 -34.05 -17.42 57.71
CA ASN J 4 -34.72 -16.82 56.58
C ASN J 4 -34.09 -17.22 55.25
N LYS J 5 -32.77 -17.46 55.24
CA LYS J 5 -32.13 -17.98 54.03
C LYS J 5 -32.65 -19.38 53.69
N ILE J 6 -32.81 -20.22 54.71
CA ILE J 6 -33.37 -21.56 54.50
C ILE J 6 -34.81 -21.45 54.00
N LEU J 7 -35.59 -20.54 54.57
CA LEU J 7 -36.96 -20.34 54.12
C LEU J 7 -37.02 -19.87 52.68
N ALA J 8 -36.09 -18.99 52.28
CA ALA J 8 -36.04 -18.53 50.90
C ALA J 8 -35.61 -19.65 49.96
N ALA J 9 -34.76 -20.56 50.43
CA ALA J 9 -34.34 -21.69 49.61
C ALA J 9 -35.52 -22.61 49.28
N ILE J 10 -36.40 -22.84 50.25
CA ILE J 10 -37.57 -23.68 50.04
C ILE J 10 -38.63 -22.88 49.30
N SER J 11 -39.23 -23.50 48.28
CA SER J 11 -40.21 -22.82 47.44
C SER J 11 -41.57 -23.52 47.51
N GLN J 12 -42.00 -23.87 48.72
CA GLN J 12 -43.26 -24.57 48.93
C GLN J 12 -44.26 -23.67 49.62
N LYS J 13 -45.51 -24.13 49.64
CA LYS J 13 -46.61 -23.43 50.29
C LYS J 13 -46.87 -23.91 51.72
N ILE J 14 -46.06 -24.83 52.21
CA ILE J 14 -46.20 -25.36 53.57
C ILE J 14 -45.78 -24.28 54.56
N PRO J 15 -46.16 -24.38 55.84
CA PRO J 15 -45.70 -23.40 56.83
C PRO J 15 -44.18 -23.40 56.97
N GLU J 16 -43.67 -22.32 57.60
CA GLU J 16 -42.23 -22.11 57.68
C GLU J 16 -41.55 -23.20 58.49
N GLU J 17 -42.20 -23.68 59.55
CA GLU J 17 -41.67 -24.83 60.29
C GLU J 17 -41.62 -26.07 59.40
N GLN J 18 -42.67 -26.27 58.60
CA GLN J 18 -42.66 -27.39 57.65
C GLN J 18 -41.60 -27.21 56.58
N LYS J 19 -41.34 -25.97 56.17
CA LYS J 19 -40.24 -25.70 55.25
C LYS J 19 -38.91 -26.11 55.88
N ILE J 20 -38.71 -25.78 57.16
CA ILE J 20 -37.48 -26.14 57.85
C ILE J 20 -37.36 -27.67 57.95
N ASN J 21 -38.48 -28.35 58.24
CA ASN J 21 -38.44 -29.81 58.29
C ASN J 21 -38.07 -30.41 56.95
N LYS J 22 -38.69 -29.92 55.87
CA LYS J 22 -38.37 -30.43 54.54
C LYS J 22 -36.92 -30.14 54.17
N TYR J 23 -36.39 -29.00 54.62
CA TYR J 23 -34.99 -28.69 54.38
C TYR J 23 -34.07 -29.65 55.14
N ILE J 24 -34.42 -29.97 56.40
CA ILE J 24 -33.47 -30.64 57.26
C ILE J 24 -33.50 -32.15 57.06
N GLU J 25 -34.65 -32.73 56.67
CA GLU J 25 -34.69 -34.18 56.50
C GLU J 25 -33.91 -34.67 55.29
N GLY J 26 -33.45 -33.77 54.43
CA GLY J 26 -32.64 -34.17 53.28
C GLY J 26 -31.15 -34.07 53.53
N LEU J 27 -30.74 -33.18 54.44
CA LEU J 27 -29.32 -32.92 54.65
C LEU J 27 -28.61 -34.14 55.22
N PHE J 28 -29.16 -34.70 56.31
CA PHE J 28 -28.52 -35.84 56.95
C PHE J 28 -28.70 -37.12 56.16
N GLN J 29 -29.57 -37.14 55.16
CA GLN J 29 -29.66 -38.26 54.24
C GLN J 29 -28.76 -38.09 53.02
N SER J 30 -28.33 -36.86 52.74
CA SER J 30 -27.40 -36.59 51.64
C SER J 30 -25.96 -36.47 52.10
N ILE J 31 -25.70 -36.46 53.41
CA ILE J 31 -24.33 -36.36 53.91
C ILE J 31 -23.48 -37.52 53.39
N ASP J 32 -24.02 -38.74 53.41
CA ASP J 32 -23.24 -39.91 53.02
C ASP J 32 -22.84 -39.87 51.55
N LYS J 33 -23.74 -39.39 50.69
CA LYS J 33 -23.47 -39.40 49.26
C LYS J 33 -22.40 -38.38 48.87
N ASN J 34 -22.30 -37.27 49.61
CA ASN J 34 -21.27 -36.29 49.29
C ASN J 34 -19.88 -36.83 49.64
N HIS J 35 -18.94 -36.59 48.74
CA HIS J 35 -17.58 -37.10 48.89
C HIS J 35 -16.60 -35.97 48.59
N LEU J 36 -15.34 -36.21 48.92
CA LEU J 36 -14.27 -35.25 48.72
C LEU J 36 -13.31 -35.75 47.64
N ALA J 37 -12.88 -34.84 46.76
CA ALA J 37 -12.07 -35.23 45.62
C ALA J 37 -11.28 -34.02 45.12
N THR J 38 -10.31 -34.31 44.26
CA THR J 38 -9.48 -33.34 43.56
C THR J 38 -9.59 -33.42 42.06
N HIS J 39 -9.47 -34.61 41.47
CA HIS J 39 -9.65 -34.83 40.04
C HIS J 39 -10.95 -35.63 39.87
N VAL J 40 -12.07 -34.95 39.88
CA VAL J 40 -13.36 -35.62 39.74
C VAL J 40 -13.67 -35.79 38.27
N ALA J 41 -14.16 -36.97 37.90
CA ALA J 41 -14.55 -37.25 36.52
C ALA J 41 -15.89 -36.58 36.22
N LYS J 42 -16.47 -36.89 35.07
CA LYS J 42 -17.66 -36.29 34.49
C LYS J 42 -17.45 -34.83 34.11
N PHE J 43 -16.25 -34.28 34.29
CA PHE J 43 -15.98 -32.92 33.85
C PHE J 43 -15.82 -32.85 32.34
N THR J 44 -15.20 -33.86 31.74
CA THR J 44 -15.10 -33.92 30.29
C THR J 44 -16.42 -34.37 29.65
N GLU J 45 -17.17 -35.23 30.33
CA GLU J 45 -18.44 -35.71 29.78
C GLU J 45 -19.30 -36.18 30.95
N THR J 46 -20.42 -35.47 31.19
CA THR J 46 -21.27 -35.78 32.33
C THR J 46 -21.99 -37.11 32.22
N ASN J 47 -21.99 -37.74 31.05
CA ASN J 47 -22.70 -38.99 30.88
C ASN J 47 -21.87 -40.17 31.38
N SER J 48 -21.34 -40.07 32.59
CA SER J 48 -20.47 -41.11 33.14
C SER J 48 -21.06 -41.65 34.44
N PRO J 49 -21.46 -42.91 34.48
CA PRO J 49 -22.02 -43.45 35.73
C PRO J 49 -20.99 -43.53 36.84
N GLY J 50 -21.45 -43.39 38.07
CA GLY J 50 -20.58 -43.42 39.23
C GLY J 50 -19.88 -42.10 39.46
N ASN J 51 -19.05 -42.10 40.50
CA ASN J 51 -18.24 -40.94 40.85
C ASN J 51 -16.79 -41.39 40.89
N ILE J 52 -15.97 -40.84 39.99
CA ILE J 52 -14.58 -41.23 39.83
C ILE J 52 -13.70 -40.04 40.19
N GLY J 53 -12.76 -40.25 41.11
CA GLY J 53 -11.89 -39.18 41.55
C GLY J 53 -10.71 -39.73 42.31
N ALA J 54 -9.66 -38.92 42.39
CA ALA J 54 -8.38 -39.34 42.95
C ALA J 54 -8.11 -38.75 44.32
N TYR J 55 -8.37 -37.46 44.51
CA TYR J 55 -8.05 -36.72 45.73
C TYR J 55 -6.55 -36.82 46.07
N ASP J 56 -5.77 -36.22 45.19
CA ASP J 56 -4.32 -36.16 45.39
C ASP J 56 -3.99 -35.36 46.64
N ILE J 57 -3.10 -35.92 47.48
CA ILE J 57 -2.72 -35.33 48.75
C ILE J 57 -1.27 -34.90 48.78
N LEU J 58 -0.38 -35.68 48.16
CA LEU J 58 1.05 -35.41 48.24
C LEU J 58 1.39 -34.09 47.56
N SER J 59 2.30 -33.34 48.20
CA SER J 59 2.62 -31.99 47.75
C SER J 59 4.07 -31.70 48.13
N SER J 60 4.95 -31.62 47.14
CA SER J 60 6.36 -31.34 47.37
C SER J 60 6.99 -30.98 46.02
N ASP J 61 8.30 -30.70 46.04
CA ASP J 61 9.11 -30.48 44.85
C ASP J 61 8.60 -29.31 44.01
N MET J 62 8.69 -28.12 44.61
CA MET J 62 8.43 -26.89 43.86
C MET J 62 9.71 -26.36 43.22
N ASN J 63 10.42 -27.26 42.52
CA ASN J 63 11.64 -26.90 41.81
C ASN J 63 11.75 -27.54 40.43
N CYS J 64 10.93 -28.54 40.10
CA CYS J 64 11.00 -29.18 38.80
C CYS J 64 10.51 -28.22 37.71
N GLY J 65 10.83 -28.57 36.47
CA GLY J 65 10.47 -27.72 35.35
C GLY J 65 9.09 -27.98 34.79
N TYR J 66 8.13 -28.34 35.64
CA TYR J 66 6.77 -28.57 35.19
C TYR J 66 5.79 -28.22 36.30
N LEU J 67 4.55 -27.98 35.90
CA LEU J 67 3.48 -27.57 36.79
C LEU J 67 2.39 -28.62 36.82
N ASP J 68 1.90 -28.94 38.01
CA ASP J 68 0.77 -29.83 38.19
C ASP J 68 -0.05 -29.34 39.38
N THR J 69 -1.19 -29.98 39.62
CA THR J 69 -2.02 -29.57 40.73
C THR J 69 -1.44 -30.08 42.05
N ALA J 70 -1.92 -29.48 43.15
CA ALA J 70 -1.58 -29.78 44.53
C ALA J 70 -0.19 -29.30 44.91
N ASN J 71 0.60 -28.83 43.94
CA ASN J 71 1.82 -28.10 44.21
C ASN J 71 1.70 -26.63 43.88
N ALA J 72 0.51 -26.16 43.48
CA ALA J 72 0.33 -24.78 43.11
C ALA J 72 -1.08 -24.34 43.49
N GLY J 73 -1.18 -23.24 44.21
CA GLY J 73 -2.45 -22.77 44.71
C GLY J 73 -3.09 -23.78 45.62
N TRP J 74 -4.15 -24.44 45.13
CA TRP J 74 -4.78 -25.57 45.80
C TRP J 74 -5.23 -25.17 47.21
N LYS J 75 -6.17 -24.23 47.24
CA LYS J 75 -6.64 -23.62 48.48
C LYS J 75 -8.06 -24.00 48.83
N GLU J 76 -8.66 -24.94 48.09
CA GLU J 76 -10.04 -25.35 48.35
C GLU J 76 -10.29 -26.73 47.77
N PRO J 77 -10.70 -27.71 48.59
CA PRO J 77 -10.93 -29.06 48.08
C PRO J 77 -12.27 -29.17 47.34
N ASP J 78 -12.38 -30.24 46.56
CA ASP J 78 -13.59 -30.49 45.78
C ASP J 78 -14.59 -31.27 46.62
N ILE J 79 -15.78 -30.71 46.79
CA ILE J 79 -16.89 -31.42 47.44
C ILE J 79 -17.86 -31.82 46.33
N VAL J 80 -17.87 -33.10 45.99
CA VAL J 80 -18.62 -33.60 44.85
C VAL J 80 -19.51 -34.76 45.28
N THR J 81 -20.78 -34.70 44.88
CA THR J 81 -21.74 -35.76 45.12
C THR J 81 -21.87 -36.64 43.87
N ASN J 82 -22.85 -37.54 43.87
CA ASN J 82 -23.08 -38.40 42.71
C ASN J 82 -23.93 -37.73 41.65
N ASP J 83 -24.98 -37.01 42.04
CA ASP J 83 -25.85 -36.35 41.07
C ASP J 83 -26.42 -35.08 41.71
N ALA J 84 -27.37 -34.47 41.01
CA ALA J 84 -27.98 -33.23 41.44
C ALA J 84 -29.26 -33.43 42.24
N LYS J 85 -29.69 -34.68 42.44
CA LYS J 85 -30.85 -34.92 43.30
C LYS J 85 -30.56 -34.51 44.73
N TYR J 86 -29.37 -34.82 45.23
CA TYR J 86 -28.95 -34.44 46.57
C TYR J 86 -27.63 -33.68 46.46
N LYS J 87 -27.74 -32.37 46.25
CA LYS J 87 -26.61 -31.46 46.27
C LYS J 87 -26.65 -30.52 47.48
N ARG J 88 -27.41 -30.90 48.50
CA ARG J 88 -27.65 -30.00 49.63
C ARG J 88 -26.41 -29.61 50.42
N PRO J 89 -25.48 -30.51 50.80
CA PRO J 89 -24.37 -30.07 51.66
C PRO J 89 -23.50 -28.98 51.06
N GLN J 90 -23.32 -28.96 49.73
CA GLN J 90 -22.48 -27.94 49.11
C GLN J 90 -23.06 -26.54 49.31
N GLY J 91 -24.36 -26.38 49.02
CA GLY J 91 -25.00 -25.11 49.28
C GLY J 91 -25.21 -24.81 50.75
N PHE J 92 -25.25 -25.86 51.58
CA PHE J 92 -25.41 -25.66 53.02
C PHE J 92 -24.13 -25.09 53.63
N VAL J 93 -22.97 -25.60 53.21
CA VAL J 93 -21.69 -25.09 53.71
C VAL J 93 -21.17 -23.93 52.87
N ALA J 94 -21.85 -23.58 51.79
CA ALA J 94 -21.41 -22.49 50.93
C ALA J 94 -21.96 -21.13 51.36
N MET J 95 -22.82 -21.08 52.38
CA MET J 95 -23.36 -19.80 52.80
C MET J 95 -22.33 -19.00 53.58
N GLU J 96 -22.60 -17.70 53.71
CA GLU J 96 -21.76 -16.78 54.46
C GLU J 96 -22.64 -15.97 55.41
N MET J 97 -22.12 -15.71 56.61
CA MET J 97 -22.84 -14.97 57.63
C MET J 97 -22.30 -13.54 57.71
N SER J 98 -22.81 -12.79 58.69
CA SER J 98 -22.45 -11.38 58.80
C SER J 98 -20.99 -11.19 59.20
N ASP J 99 -20.36 -12.23 59.76
CA ASP J 99 -18.96 -12.09 60.18
C ASP J 99 -18.03 -11.95 58.98
N GLY J 100 -18.24 -12.76 57.94
CA GLY J 100 -17.45 -12.67 56.73
C GLY J 100 -16.73 -13.92 56.30
N ARG J 101 -17.06 -15.08 56.85
CA ARG J 101 -16.47 -16.35 56.45
C ARG J 101 -17.58 -17.33 56.06
N THR J 102 -17.17 -18.57 55.78
CA THR J 102 -18.09 -19.60 55.31
C THR J 102 -18.52 -20.52 56.45
N VAL J 103 -19.60 -21.26 56.20
CA VAL J 103 -20.15 -22.17 57.20
C VAL J 103 -19.19 -23.33 57.47
N MET J 104 -18.48 -23.79 56.45
CA MET J 104 -17.55 -24.91 56.63
C MET J 104 -16.43 -24.55 57.60
N GLU J 105 -15.92 -23.31 57.51
CA GLU J 105 -14.88 -22.86 58.43
C GLU J 105 -15.38 -22.83 59.86
N HIS J 106 -16.63 -22.38 60.07
CA HIS J 106 -17.20 -22.39 61.41
C HIS J 106 -17.43 -23.82 61.92
N LEU J 107 -17.78 -24.74 61.02
CA LEU J 107 -17.91 -26.15 61.41
C LEU J 107 -16.57 -26.73 61.83
N GLN J 108 -15.49 -26.35 61.15
CA GLN J 108 -14.18 -26.90 61.45
C GLN J 108 -13.71 -26.50 62.84
N GLU J 109 -13.91 -25.24 63.23
CA GLU J 109 -13.44 -24.74 64.50
C GLU J 109 -14.52 -24.70 65.58
N ASP J 110 -15.73 -25.16 65.26
CA ASP J 110 -16.85 -25.29 66.21
C ASP J 110 -17.17 -23.95 66.86
N SER J 111 -17.65 -23.03 66.02
CA SER J 111 -18.06 -21.72 66.50
C SER J 111 -19.22 -21.84 67.48
N ALA J 112 -19.18 -21.01 68.53
CA ALA J 112 -20.18 -21.10 69.58
C ALA J 112 -21.52 -20.54 69.15
N GLU J 113 -21.51 -19.41 68.43
CA GLU J 113 -22.75 -18.78 68.01
C GLU J 113 -23.52 -19.66 67.04
N LEU J 114 -22.82 -20.25 66.06
CA LEU J 114 -23.47 -21.17 65.14
C LEU J 114 -23.95 -22.42 65.86
N ARG J 115 -23.21 -22.88 66.87
CA ARG J 115 -23.62 -24.03 67.64
C ARG J 115 -24.94 -23.75 68.36
N HIS J 116 -25.07 -22.59 69.00
CA HIS J 116 -26.29 -22.30 69.73
C HIS J 116 -27.45 -22.03 68.76
N GLU J 117 -27.15 -21.47 67.58
CA GLU J 117 -28.19 -21.29 66.57
C GLU J 117 -28.72 -22.63 66.08
N MET J 118 -27.82 -23.59 65.86
CA MET J 118 -28.24 -24.94 65.46
C MET J 118 -29.03 -25.61 66.57
N GLU J 119 -28.61 -25.43 67.82
CA GLU J 119 -29.34 -26.02 68.94
C GLU J 119 -30.74 -25.41 69.08
N GLU J 120 -30.88 -24.12 68.80
CA GLU J 120 -32.20 -23.52 68.75
C GLU J 120 -33.02 -24.09 67.59
N LEU J 121 -32.39 -24.26 66.43
CA LEU J 121 -33.11 -24.68 65.23
C LEU J 121 -33.35 -26.18 65.16
N THR J 122 -32.50 -26.99 65.80
CA THR J 122 -32.64 -28.44 65.76
C THR J 122 -31.88 -29.06 66.92
N ASP J 123 -31.83 -30.38 66.93
CA ASP J 123 -31.15 -31.14 67.96
C ASP J 123 -30.18 -32.18 67.40
N LYS J 124 -29.83 -32.08 66.12
CA LYS J 124 -28.96 -33.06 65.48
C LYS J 124 -27.78 -32.37 64.80
N TYR J 125 -27.28 -31.28 65.38
CA TYR J 125 -26.12 -30.60 64.82
C TYR J 125 -24.85 -31.44 64.96
N ASP J 126 -24.74 -32.21 66.04
CA ASP J 126 -23.54 -33.02 66.26
C ASP J 126 -23.38 -34.08 65.19
N GLU J 127 -24.50 -34.71 64.79
CA GLU J 127 -24.44 -35.72 63.72
C GLU J 127 -24.00 -35.10 62.40
N ILE J 128 -24.52 -33.90 62.09
CA ILE J 128 -24.13 -33.21 60.86
C ILE J 128 -22.65 -32.86 60.89
N ARG J 129 -22.17 -32.35 62.03
CA ARG J 129 -20.76 -32.00 62.16
C ARG J 129 -19.87 -33.22 62.02
N ASP J 130 -20.27 -34.34 62.62
CA ASP J 130 -19.49 -35.58 62.51
C ASP J 130 -19.50 -36.10 61.08
N GLY J 131 -20.64 -35.95 60.38
CA GLY J 131 -20.69 -36.38 58.99
C GLY J 131 -19.84 -35.53 58.07
N ILE J 132 -19.73 -34.23 58.35
CA ILE J 132 -19.06 -33.34 57.42
C ILE J 132 -17.55 -33.26 57.70
N LEU J 133 -17.17 -33.13 58.97
CA LEU J 133 -15.81 -32.72 59.31
C LEU J 133 -14.74 -33.73 58.90
N ASN J 134 -15.07 -35.01 58.78
CA ASN J 134 -14.13 -36.02 58.32
C ASN J 134 -14.77 -36.91 57.27
N MET J 135 -15.37 -36.28 56.25
CA MET J 135 -16.06 -37.01 55.20
C MET J 135 -15.08 -37.89 54.43
N PRO J 136 -15.53 -39.03 53.91
CA PRO J 136 -14.61 -39.97 53.26
C PRO J 136 -14.04 -39.42 51.96
N SER J 137 -12.79 -39.78 51.72
CA SER J 137 -12.11 -39.48 50.46
C SER J 137 -11.98 -40.76 49.66
N MET J 138 -12.64 -40.80 48.50
CA MET J 138 -12.77 -42.04 47.75
C MET J 138 -11.65 -42.21 46.74
N GLN J 139 -11.44 -43.43 46.32
CA GLN J 139 -10.48 -43.91 45.35
C GLN J 139 -11.12 -44.01 43.97
N PRO J 140 -10.33 -43.86 42.90
CA PRO J 140 -10.91 -44.04 41.55
C PRO J 140 -11.05 -45.52 41.16
N TYR J 141 -12.13 -46.13 41.62
CA TYR J 141 -12.41 -47.52 41.30
C TYR J 141 -13.05 -47.61 39.92
N ARG J 142 -12.60 -48.59 39.14
CA ARG J 142 -13.10 -48.95 37.80
C ARG J 142 -13.00 -47.81 36.78
N THR J 143 -13.25 -48.12 35.52
CA THR J 143 -13.23 -47.13 34.45
C THR J 143 -14.27 -47.54 33.40
N ASN J 144 -14.67 -46.58 32.59
CA ASN J 144 -15.60 -46.81 31.50
C ASN J 144 -15.17 -45.95 30.33
N GLN J 145 -16.04 -45.81 29.34
CA GLN J 145 -15.82 -44.83 28.28
C GLN J 145 -16.21 -43.45 28.81
N PHE J 146 -16.30 -42.47 27.90
CA PHE J 146 -16.46 -41.05 28.21
C PHE J 146 -15.26 -40.52 29.00
N ILE J 147 -14.21 -41.33 29.14
CA ILE J 147 -12.96 -40.94 29.79
C ILE J 147 -11.85 -41.17 28.79
N LYS J 148 -11.03 -40.15 28.58
CA LYS J 148 -9.99 -40.22 27.55
C LYS J 148 -8.89 -41.19 27.97
N GLN J 149 -8.74 -42.26 27.21
CA GLN J 149 -7.74 -43.29 27.48
C GLN J 149 -6.78 -43.38 26.30
N VAL J 150 -5.49 -43.39 26.59
CA VAL J 150 -4.45 -43.39 25.56
C VAL J 150 -3.43 -44.47 25.91
N PHE J 151 -2.52 -44.70 24.97
CA PHE J 151 -1.46 -45.69 25.10
C PHE J 151 -0.11 -44.98 25.09
N PHE J 152 0.74 -45.34 26.06
CA PHE J 152 2.04 -44.71 26.20
C PHE J 152 3.15 -45.73 26.09
N PRO J 153 4.21 -45.45 25.32
CA PRO J 153 5.30 -46.43 25.15
C PRO J 153 6.27 -46.48 26.33
N VAL J 154 5.95 -47.28 27.34
CA VAL J 154 6.82 -47.43 28.49
C VAL J 154 7.87 -48.49 28.18
N GLY J 155 9.11 -48.06 28.00
CA GLY J 155 10.17 -48.99 27.62
C GLY J 155 9.91 -49.56 26.24
N GLY J 156 9.84 -50.88 26.17
CA GLY J 156 9.45 -51.55 24.94
C GLY J 156 8.00 -51.97 24.97
N SER J 157 7.35 -51.83 26.13
CA SER J 157 5.97 -52.23 26.31
C SER J 157 5.07 -51.00 26.32
N TYR J 158 3.78 -51.20 26.58
CA TYR J 158 2.81 -50.12 26.53
C TYR J 158 2.02 -50.05 27.83
N HIS J 159 1.64 -48.83 28.20
CA HIS J 159 0.80 -48.59 29.36
C HIS J 159 -0.48 -47.90 28.92
N LEU J 160 -1.57 -48.20 29.62
CA LEU J 160 -2.87 -47.60 29.33
C LEU J 160 -3.16 -46.51 30.36
N LEU J 161 -3.47 -45.31 29.88
CA LEU J 161 -3.70 -44.17 30.74
C LEU J 161 -5.19 -43.86 30.84
N SER J 162 -5.55 -43.14 31.89
CA SER J 162 -6.95 -42.87 32.23
C SER J 162 -7.12 -41.40 32.61
N ILE J 163 -6.64 -40.50 31.74
CA ILE J 163 -6.55 -39.06 31.97
C ILE J 163 -7.78 -38.47 32.65
N LEU J 164 -7.55 -37.73 33.72
CA LEU J 164 -8.59 -37.07 34.50
C LEU J 164 -8.26 -35.60 34.66
N PRO J 165 -9.27 -34.74 34.71
CA PRO J 165 -9.03 -33.30 34.87
C PRO J 165 -9.11 -32.85 36.33
N SER J 166 -8.26 -31.88 36.65
CA SER J 166 -8.21 -31.29 37.98
C SER J 166 -9.05 -30.01 37.98
N THR J 167 -10.22 -30.09 38.59
CA THR J 167 -11.12 -28.94 38.60
C THR J 167 -10.70 -27.87 39.60
N VAL J 168 -10.06 -28.26 40.69
CA VAL J 168 -9.58 -27.26 41.65
C VAL J 168 -8.47 -26.43 41.02
N LEU J 169 -7.60 -27.06 40.24
CA LEU J 169 -6.59 -26.33 39.49
C LEU J 169 -7.24 -25.40 38.48
N ASN J 170 -8.31 -25.85 37.83
CA ASN J 170 -9.03 -25.02 36.88
C ASN J 170 -9.61 -23.78 37.56
N TYR J 171 -10.22 -23.97 38.74
CA TYR J 171 -10.79 -22.85 39.47
C TYR J 171 -9.72 -21.87 39.93
N GLU J 172 -8.59 -22.39 40.42
CA GLU J 172 -7.50 -21.52 40.83
C GLU J 172 -6.95 -20.73 39.65
N VAL J 173 -6.78 -21.40 38.50
CA VAL J 173 -6.28 -20.72 37.31
C VAL J 173 -7.26 -19.65 36.86
N SER J 174 -8.57 -19.93 36.97
CA SER J 174 -9.57 -18.93 36.62
C SER J 174 -9.46 -17.70 37.51
N ASP J 175 -9.28 -17.91 38.81
CA ASP J 175 -9.16 -16.78 39.73
C ASP J 175 -7.90 -15.96 39.43
N ARG J 176 -6.76 -16.64 39.27
CA ARG J 176 -5.51 -15.93 39.02
C ARG J 176 -5.54 -15.19 37.70
N LEU J 177 -6.15 -15.78 36.67
CA LEU J 177 -6.27 -15.10 35.39
C LEU J 177 -7.27 -13.95 35.47
N TYR J 178 -8.28 -14.06 36.33
CA TYR J 178 -9.15 -12.93 36.58
C TYR J 178 -8.37 -11.75 37.15
N ARG J 179 -7.49 -12.02 38.11
CA ARG J 179 -6.63 -10.95 38.63
C ARG J 179 -5.24 -11.03 37.99
N SER J 180 -5.21 -10.70 36.70
CA SER J 180 -3.97 -10.71 35.92
C SER J 180 -4.20 -9.90 34.64
N LYS J 181 -3.21 -9.93 33.74
CA LYS J 181 -3.29 -9.24 32.47
C LYS J 181 -2.84 -10.08 31.29
N ILE J 182 -2.57 -11.38 31.47
CA ILE J 182 -2.15 -12.27 30.41
C ILE J 182 -3.32 -12.48 29.45
N PRO J 183 -3.08 -12.63 28.14
CA PRO J 183 -4.19 -12.98 27.24
C PRO J 183 -4.85 -14.29 27.63
N LYS J 184 -6.17 -14.32 27.49
CA LYS J 184 -6.96 -15.43 28.00
C LYS J 184 -8.24 -15.58 27.19
N ILE J 185 -8.90 -16.72 27.36
CA ILE J 185 -10.17 -17.02 26.70
C ILE J 185 -11.21 -17.30 27.78
N ARG J 186 -12.47 -17.02 27.46
CA ARG J 186 -13.54 -17.20 28.43
C ARG J 186 -14.11 -18.61 28.42
N LEU J 187 -14.40 -19.15 27.23
CA LEU J 187 -14.86 -20.54 27.06
C LEU J 187 -16.14 -20.80 27.86
N ARG J 188 -17.21 -20.15 27.41
CA ARG J 188 -18.52 -20.20 28.06
C ARG J 188 -19.43 -21.25 27.45
N LEU J 189 -18.86 -22.39 27.05
CA LEU J 189 -19.60 -23.47 26.40
C LEU J 189 -20.23 -24.40 27.42
N LEU J 190 -20.99 -23.84 28.37
CA LEU J 190 -21.61 -24.65 29.39
C LEU J 190 -22.88 -23.99 29.90
N SER J 191 -23.75 -24.79 30.49
CA SER J 191 -25.04 -24.33 31.01
C SER J 191 -25.14 -24.63 32.49
N SER J 192 -26.11 -23.99 33.14
CA SER J 192 -26.31 -24.18 34.57
C SER J 192 -26.75 -25.59 34.89
N ASN J 193 -27.66 -26.15 34.08
CA ASN J 193 -28.13 -27.50 34.33
C ASN J 193 -27.01 -28.53 34.17
N ALA J 194 -26.20 -28.39 33.12
CA ALA J 194 -25.08 -29.31 32.92
C ALA J 194 -24.07 -29.21 34.05
N ALA J 195 -23.71 -27.98 34.43
CA ALA J 195 -22.76 -27.77 35.52
C ALA J 195 -23.30 -28.34 36.83
N SER J 196 -24.61 -28.24 37.05
CA SER J 196 -25.23 -28.87 38.20
C SER J 196 -25.12 -30.39 38.12
N THR J 197 -25.28 -30.95 36.91
CA THR J 197 -25.24 -32.40 36.78
C THR J 197 -23.83 -32.97 36.84
N THR J 198 -22.79 -32.13 36.74
CA THR J 198 -21.44 -32.65 37.00
C THR J 198 -21.31 -33.17 38.42
N GLY J 199 -21.88 -32.44 39.38
CA GLY J 199 -21.83 -32.83 40.77
C GLY J 199 -20.75 -32.13 41.59
N SER J 200 -19.79 -31.50 40.93
CA SER J 200 -18.73 -30.77 41.63
C SER J 200 -19.18 -29.33 41.86
N ARG J 201 -19.11 -28.88 43.12
CA ARG J 201 -19.56 -27.54 43.43
C ARG J 201 -18.57 -26.48 42.98
N LEU J 202 -17.30 -26.86 42.75
CA LEU J 202 -16.32 -25.89 42.30
C LEU J 202 -16.59 -25.43 40.87
N VAL J 203 -17.02 -26.35 40.01
CA VAL J 203 -17.42 -25.98 38.67
C VAL J 203 -18.87 -25.51 38.61
N SER J 204 -19.69 -25.91 39.61
CA SER J 204 -21.06 -25.43 39.66
C SER J 204 -21.13 -23.94 39.93
N LYS J 205 -20.19 -23.41 40.71
CA LYS J 205 -20.11 -21.97 40.95
C LYS J 205 -19.19 -21.26 39.98
N ASN J 206 -18.19 -21.94 39.42
CA ASN J 206 -17.36 -21.41 38.34
C ASN J 206 -17.80 -22.09 37.05
N LYS J 207 -18.86 -21.56 36.46
CA LYS J 207 -19.43 -22.17 35.26
C LYS J 207 -18.54 -21.91 34.05
N TRP J 208 -18.07 -20.69 33.87
CA TRP J 208 -17.26 -20.32 32.72
C TRP J 208 -15.86 -19.95 33.18
N PRO J 209 -14.87 -20.82 32.96
CA PRO J 209 -13.53 -20.58 33.53
C PRO J 209 -12.73 -19.52 32.79
N LEU J 210 -11.46 -19.38 33.16
CA LEU J 210 -10.51 -18.57 32.40
C LEU J 210 -9.37 -19.49 31.98
N VAL J 211 -8.97 -19.41 30.71
CA VAL J 211 -8.05 -20.36 30.12
C VAL J 211 -6.90 -19.60 29.47
N PHE J 212 -5.69 -20.13 29.62
CA PHE J 212 -4.53 -19.57 28.94
C PHE J 212 -4.71 -19.62 27.43
N GLN J 213 -4.20 -18.60 26.76
CA GLN J 213 -4.26 -18.51 25.29
C GLN J 213 -2.88 -18.83 24.76
N ALA J 214 -2.63 -20.11 24.51
CA ALA J 214 -1.33 -20.58 24.01
C ALA J 214 -1.40 -20.61 22.49
N LEU J 215 -0.87 -19.57 21.85
CA LEU J 215 -0.98 -19.45 20.40
C LEU J 215 0.37 -19.05 19.81
N PRO J 216 0.62 -19.41 18.56
CA PRO J 216 1.81 -18.92 17.85
C PRO J 216 1.78 -17.41 17.69
N PRO J 217 2.88 -16.79 17.22
CA PRO J 217 2.89 -15.34 17.06
C PRO J 217 1.81 -14.83 16.11
N LYS J 218 1.47 -13.55 16.29
CA LYS J 218 0.31 -12.98 15.61
C LYS J 218 0.49 -12.96 14.10
N PHE J 219 1.70 -12.69 13.63
CA PHE J 219 1.95 -12.62 12.19
C PHE J 219 2.05 -13.99 11.54
N LEU J 220 1.70 -15.06 12.25
CA LEU J 220 1.65 -16.40 11.69
C LEU J 220 0.21 -16.90 11.52
N GLU J 221 -0.76 -15.98 11.45
CA GLU J 221 -2.15 -16.33 11.31
C GLU J 221 -2.58 -16.22 9.85
N LYS J 222 -3.49 -17.11 9.44
CA LYS J 222 -3.97 -17.12 8.06
C LYS J 222 -4.93 -15.97 7.82
N ASN J 223 -4.86 -15.41 6.62
CA ASN J 223 -5.78 -14.36 6.20
C ASN J 223 -5.99 -14.48 4.69
N LEU J 224 -6.57 -13.45 4.10
CA LEU J 224 -6.87 -13.49 2.67
C LEU J 224 -5.59 -13.44 1.83
N ALA J 225 -4.60 -12.66 2.27
CA ALA J 225 -3.36 -12.53 1.50
C ALA J 225 -2.61 -13.85 1.43
N LYS J 226 -2.51 -14.55 2.54
CA LYS J 226 -1.79 -15.84 2.56
C LYS J 226 -2.50 -16.88 1.70
N ALA J 227 -3.84 -16.90 1.75
CA ALA J 227 -4.59 -17.84 0.93
C ALA J 227 -4.45 -17.52 -0.55
N LEU J 228 -4.50 -16.23 -0.90
CA LEU J 228 -4.39 -15.84 -2.30
C LEU J 228 -2.97 -15.99 -2.83
N ASP J 229 -1.97 -16.02 -1.95
CA ASP J 229 -0.61 -16.24 -2.39
C ASP J 229 -0.43 -17.63 -2.99
N LYS J 230 -1.14 -18.62 -2.46
CA LYS J 230 -1.03 -19.99 -2.93
C LYS J 230 -1.86 -20.26 -4.18
N GLU J 231 -2.65 -19.30 -4.63
CA GLU J 231 -3.43 -19.45 -5.86
C GLU J 231 -2.72 -18.78 -7.02
N TYR J 232 -2.88 -19.35 -8.21
CA TYR J 232 -2.19 -18.88 -9.40
C TYR J 232 -3.18 -18.71 -10.54
N LEU J 233 -2.76 -18.01 -11.59
CA LEU J 233 -3.62 -17.63 -12.69
C LEU J 233 -3.18 -18.32 -13.97
N LEU J 234 -4.17 -18.60 -14.84
CA LEU J 234 -3.95 -19.18 -16.15
C LEU J 234 -4.71 -18.38 -17.19
N PRO J 235 -4.21 -18.33 -18.43
CA PRO J 235 -4.86 -17.49 -19.44
C PRO J 235 -6.19 -18.07 -19.91
N ASP J 236 -6.97 -17.21 -20.55
CA ASP J 236 -8.26 -17.59 -21.10
C ASP J 236 -8.20 -17.98 -22.57
N ILE J 237 -7.02 -17.97 -23.17
CA ILE J 237 -6.85 -18.29 -24.59
C ILE J 237 -6.57 -19.78 -24.69
N ASN J 238 -7.58 -20.55 -25.05
CA ASN J 238 -7.42 -21.98 -25.26
C ASN J 238 -6.73 -22.22 -26.59
N ILE J 239 -5.49 -22.72 -26.55
CA ILE J 239 -4.74 -22.96 -27.77
C ILE J 239 -5.26 -24.15 -28.53
N ASP J 240 -6.09 -25.00 -27.91
CA ASP J 240 -6.63 -26.17 -28.59
C ASP J 240 -7.60 -25.78 -29.68
N GLU J 241 -8.51 -24.84 -29.39
CA GLU J 241 -9.51 -24.41 -30.34
C GLU J 241 -9.05 -23.23 -31.20
N LEU J 242 -7.92 -22.63 -30.88
CA LEU J 242 -7.47 -21.46 -31.63
C LEU J 242 -6.98 -21.86 -33.02
N GLU J 243 -7.28 -21.00 -34.00
CA GLU J 243 -6.76 -21.21 -35.34
C GLU J 243 -5.27 -20.88 -35.38
N GLY J 244 -4.58 -21.46 -36.35
CA GLY J 244 -3.16 -21.18 -36.54
C GLY J 244 -2.30 -21.64 -35.39
N VAL J 245 -2.45 -22.90 -34.99
CA VAL J 245 -1.62 -23.47 -33.93
C VAL J 245 -0.71 -24.57 -34.45
N ASP J 246 -1.04 -25.21 -35.57
CA ASP J 246 -0.18 -26.17 -36.27
C ASP J 246 0.39 -27.22 -35.32
N ASN J 247 -0.53 -27.96 -34.70
CA ASN J 247 -0.21 -28.95 -33.66
C ASN J 247 0.56 -28.31 -32.51
N GLY J 248 0.12 -27.12 -32.12
CA GLY J 248 0.64 -26.46 -30.93
C GLY J 248 1.94 -25.72 -31.10
N CYS J 249 2.05 -24.91 -32.15
CA CYS J 249 3.22 -24.07 -32.35
C CYS J 249 2.77 -22.72 -32.88
N LEU J 250 3.37 -21.64 -32.37
CA LEU J 250 3.07 -20.32 -32.90
C LEU J 250 3.56 -20.23 -34.33
N ILE J 251 2.63 -20.27 -35.28
CA ILE J 251 2.97 -20.43 -36.68
C ILE J 251 2.78 -19.16 -37.50
N ASP J 252 1.79 -18.33 -37.21
CA ASP J 252 1.52 -17.14 -38.00
C ASP J 252 1.99 -15.89 -37.26
N GLU J 253 2.40 -14.89 -38.03
CA GLU J 253 2.84 -13.63 -37.45
C GLU J 253 1.68 -12.93 -36.75
N ALA J 254 0.51 -12.88 -37.39
CA ALA J 254 -0.59 -12.08 -36.88
C ALA J 254 -1.37 -12.77 -35.77
N LEU J 255 -0.66 -13.30 -34.78
CA LEU J 255 -1.25 -13.71 -33.51
C LEU J 255 -0.43 -13.32 -32.30
N LEU J 256 0.83 -12.93 -32.48
CA LEU J 256 1.68 -12.54 -31.36
C LEU J 256 1.15 -11.37 -30.52
N PRO J 257 0.62 -10.28 -31.10
CA PRO J 257 0.13 -9.18 -30.23
C PRO J 257 -0.97 -9.62 -29.28
N LEU J 258 -1.83 -10.57 -29.69
CA LEU J 258 -2.86 -11.08 -28.80
C LEU J 258 -2.26 -11.77 -27.59
N ILE J 259 -1.20 -12.56 -27.79
CA ILE J 259 -0.57 -13.27 -26.69
C ILE J 259 0.17 -12.30 -25.79
N ILE J 260 0.84 -11.30 -26.38
CA ILE J 260 1.51 -10.30 -25.56
C ILE J 260 0.50 -9.50 -24.75
N ASP J 261 -0.67 -9.22 -25.34
CA ASP J 261 -1.74 -8.55 -24.60
C ASP J 261 -2.22 -9.42 -23.45
N GLU J 262 -2.44 -10.70 -23.71
CA GLU J 262 -2.94 -11.60 -22.67
C GLU J 262 -1.96 -11.71 -21.52
N GLY J 263 -0.67 -11.80 -21.82
CA GLY J 263 0.34 -11.78 -20.76
C GLY J 263 0.52 -10.42 -20.14
N LYS J 264 0.06 -9.36 -20.80
CA LYS J 264 0.24 -7.99 -20.32
C LYS J 264 -0.89 -7.55 -19.39
N ARG J 265 -2.14 -7.82 -19.76
CA ARG J 265 -3.29 -7.39 -18.99
C ARG J 265 -3.69 -8.40 -17.91
N LYS J 266 -2.78 -9.29 -17.51
CA LYS J 266 -3.08 -10.28 -16.50
C LYS J 266 -2.02 -10.41 -15.42
N GLY J 267 -0.83 -9.83 -15.61
CA GLY J 267 0.24 -9.99 -14.64
C GLY J 267 0.67 -8.70 -13.98
N GLU J 268 -0.21 -7.71 -13.93
CA GLU J 268 0.10 -6.43 -13.33
C GLU J 268 -0.18 -6.47 -11.83
N GLY J 269 0.75 -5.96 -11.04
CA GLY J 269 0.61 -5.96 -9.60
C GLY J 269 0.61 -7.34 -8.99
N ASN J 270 1.39 -8.26 -9.56
CA ASN J 270 1.48 -9.61 -9.03
C ASN J 270 2.92 -10.09 -8.88
N TYR J 271 3.89 -9.17 -8.88
CA TYR J 271 5.29 -9.57 -8.72
C TYR J 271 5.53 -10.07 -7.31
N ARG J 272 6.17 -11.24 -7.22
CA ARG J 272 6.42 -11.90 -5.95
C ARG J 272 7.85 -12.43 -5.95
N PRO J 273 8.45 -12.63 -4.79
CA PRO J 273 9.79 -13.21 -4.73
C PRO J 273 9.79 -14.68 -5.13
N ARG J 274 11.00 -15.25 -5.18
CA ARG J 274 11.16 -16.60 -5.69
C ARG J 274 10.52 -17.64 -4.76
N HIS J 275 10.56 -17.40 -3.45
CA HIS J 275 9.97 -18.35 -2.52
C HIS J 275 8.45 -18.39 -2.61
N LEU J 276 7.83 -17.34 -3.16
CA LEU J 276 6.40 -17.33 -3.42
C LEU J 276 6.06 -17.69 -4.86
N ARG J 277 7.06 -17.71 -5.75
CA ARG J 277 6.84 -18.09 -7.13
C ARG J 277 6.51 -19.57 -7.25
N ASP J 278 5.64 -19.90 -8.20
CA ASP J 278 5.37 -21.30 -8.50
C ASP J 278 6.56 -21.90 -9.23
N GLU J 279 7.01 -23.06 -8.76
CA GLU J 279 8.23 -23.68 -9.26
C GLU J 279 7.95 -24.45 -10.54
N ARG J 280 8.72 -24.16 -11.57
CA ARG J 280 8.63 -24.90 -12.83
C ARG J 280 9.16 -26.31 -12.63
N LYS J 281 8.43 -27.29 -13.13
CA LYS J 281 8.79 -28.69 -13.02
C LYS J 281 9.02 -29.29 -14.40
N GLU J 282 9.88 -30.31 -14.45
CA GLU J 282 10.23 -30.92 -15.72
C GLU J 282 9.19 -31.94 -16.18
N GLU J 283 8.27 -32.32 -15.30
CA GLU J 283 7.29 -33.34 -15.66
C GLU J 283 6.07 -32.75 -16.35
N THR J 284 5.72 -31.50 -16.04
CA THR J 284 4.55 -30.88 -16.66
C THR J 284 4.77 -30.69 -18.15
N VAL J 285 5.96 -30.21 -18.54
CA VAL J 285 6.24 -30.02 -19.95
C VAL J 285 6.29 -31.35 -20.69
N GLN J 286 6.89 -32.37 -20.08
CA GLN J 286 6.94 -33.69 -20.68
C GLN J 286 5.54 -34.27 -20.87
N ALA J 287 4.67 -34.07 -19.88
CA ALA J 287 3.27 -34.46 -20.03
C ALA J 287 2.62 -33.69 -21.16
N PHE J 288 2.98 -32.41 -21.33
CA PHE J 288 2.41 -31.61 -22.41
C PHE J 288 2.77 -32.18 -23.77
N LEU J 289 4.05 -32.50 -23.97
CA LEU J 289 4.48 -33.09 -25.24
C LEU J 289 3.82 -34.44 -25.45
N ASP J 290 3.84 -35.27 -24.42
CA ASP J 290 3.28 -36.62 -24.55
C ASP J 290 1.79 -36.57 -24.87
N LYS J 291 1.05 -35.63 -24.28
CA LYS J 291 -0.34 -35.42 -24.66
C LYS J 291 -0.45 -34.94 -26.10
N TYR J 292 0.46 -34.06 -26.51
CA TYR J 292 0.37 -33.40 -27.81
C TYR J 292 1.22 -34.12 -28.86
N GLY J 293 1.43 -35.42 -28.67
CA GLY J 293 2.11 -36.24 -29.66
C GLY J 293 3.56 -35.91 -29.93
N TYR J 294 4.36 -35.75 -28.88
CA TYR J 294 5.78 -35.48 -29.02
C TYR J 294 6.54 -36.13 -27.87
N CYS J 295 7.84 -36.37 -28.09
CA CYS J 295 8.73 -36.88 -27.06
C CYS J 295 9.79 -35.88 -26.64
N ASN J 296 10.45 -35.23 -27.58
CA ASN J 296 11.35 -34.13 -27.31
C ASN J 296 10.87 -32.91 -28.08
N ILE J 297 11.32 -31.74 -27.65
CA ILE J 297 10.84 -30.50 -28.27
C ILE J 297 11.34 -30.43 -29.71
N PRO J 298 10.52 -30.00 -30.66
CA PRO J 298 10.98 -29.95 -32.06
C PRO J 298 12.08 -28.91 -32.24
N VAL J 299 12.91 -29.13 -33.26
CA VAL J 299 14.00 -28.21 -33.56
C VAL J 299 13.42 -26.90 -34.04
N GLY J 300 13.89 -25.80 -33.46
CA GLY J 300 13.40 -24.49 -33.80
C GLY J 300 12.31 -23.95 -32.91
N TYR J 301 11.97 -24.66 -31.83
CA TYR J 301 10.93 -24.23 -30.92
C TYR J 301 11.43 -24.29 -29.48
N GLU J 302 10.93 -23.38 -28.66
CA GLU J 302 11.21 -23.36 -27.24
C GLU J 302 9.91 -23.18 -26.47
N VAL J 303 9.85 -23.78 -25.28
CA VAL J 303 8.65 -23.69 -24.46
C VAL J 303 8.50 -22.27 -23.93
N HIS J 304 7.26 -21.87 -23.64
CA HIS J 304 6.98 -20.53 -23.16
C HIS J 304 5.66 -20.54 -22.41
N HIS J 305 5.61 -19.78 -21.32
CA HIS J 305 4.40 -19.64 -20.52
C HIS J 305 3.72 -18.32 -20.89
N ILE J 306 2.43 -18.39 -21.24
CA ILE J 306 1.71 -17.21 -21.69
C ILE J 306 1.64 -16.17 -20.59
N VAL J 307 1.28 -16.59 -19.38
CA VAL J 307 1.35 -15.75 -18.20
C VAL J 307 2.63 -16.11 -17.45
N PRO J 308 3.56 -15.18 -17.27
CA PRO J 308 4.85 -15.52 -16.64
C PRO J 308 4.66 -16.00 -15.21
N LEU J 309 5.50 -16.95 -14.81
CA LEU J 309 5.44 -17.45 -13.44
C LEU J 309 5.87 -16.39 -12.44
N SER J 310 6.69 -15.43 -12.86
CA SER J 310 7.12 -14.35 -12.00
C SER J 310 6.00 -13.38 -11.65
N GLN J 311 4.89 -13.41 -12.38
CA GLN J 311 3.78 -12.50 -12.16
C GLN J 311 2.51 -13.26 -11.82
N GLY J 312 2.63 -14.26 -10.96
CA GLY J 312 1.46 -15.00 -10.49
C GLY J 312 0.95 -16.06 -11.42
N GLY J 313 1.74 -16.50 -12.39
CA GLY J 313 1.30 -17.53 -13.31
C GLY J 313 1.33 -18.91 -12.69
N ALA J 314 0.91 -19.89 -13.48
CA ALA J 314 0.90 -21.29 -13.07
C ALA J 314 1.58 -22.14 -14.13
N ASP J 315 2.20 -23.23 -13.68
CA ASP J 315 2.83 -24.18 -14.58
C ASP J 315 1.87 -25.33 -14.81
N SER J 316 1.31 -25.40 -16.02
CA SER J 316 0.33 -26.43 -16.36
C SER J 316 0.25 -26.52 -17.87
N ILE J 317 -0.63 -27.40 -18.34
CA ILE J 317 -0.85 -27.55 -19.78
C ILE J 317 -1.53 -26.32 -20.35
N LYS J 318 -2.36 -25.64 -19.54
CA LYS J 318 -3.08 -24.48 -20.02
C LYS J 318 -2.13 -23.31 -20.27
N ASN J 319 -1.22 -23.05 -19.33
CA ASN J 319 -0.30 -21.92 -19.44
C ASN J 319 1.04 -22.39 -20.00
N MET J 320 0.99 -22.83 -21.26
CA MET J 320 2.18 -23.36 -21.92
C MET J 320 1.95 -23.34 -23.42
N ILE J 321 2.84 -22.67 -24.14
CA ILE J 321 2.79 -22.62 -25.60
C ILE J 321 4.20 -22.81 -26.16
N MET J 322 4.30 -23.57 -27.24
CA MET J 322 5.56 -23.75 -27.94
C MET J 322 5.64 -22.77 -29.10
N LEU J 323 6.82 -22.18 -29.29
CA LEU J 323 6.98 -21.09 -30.25
C LEU J 323 8.45 -20.97 -30.63
N SER J 324 8.69 -20.26 -31.74
CA SER J 324 10.02 -20.17 -32.31
C SER J 324 10.91 -19.24 -31.46
N ILE J 325 12.21 -19.27 -31.76
CA ILE J 325 13.18 -18.54 -30.95
C ILE J 325 13.02 -17.04 -31.13
N GLU J 326 12.84 -16.60 -32.38
CA GLU J 326 12.71 -15.17 -32.64
C GLU J 326 11.49 -14.58 -31.93
N HIS J 327 10.35 -15.26 -32.03
CA HIS J 327 9.17 -14.86 -31.27
C HIS J 327 9.43 -14.94 -29.78
N HIS J 328 10.28 -15.88 -29.35
CA HIS J 328 10.57 -16.03 -27.93
C HIS J 328 11.27 -14.80 -27.39
N GLU J 329 12.35 -14.36 -28.04
CA GLU J 329 13.02 -13.18 -27.51
C GLU J 329 12.22 -11.91 -27.77
N ARG J 330 11.34 -11.93 -28.79
CA ARG J 330 10.45 -10.78 -28.99
C ARG J 330 9.50 -10.62 -27.81
N VAL J 331 8.85 -11.71 -27.41
CA VAL J 331 7.94 -11.66 -26.27
C VAL J 331 8.71 -11.36 -24.99
N THR J 332 9.91 -11.92 -24.86
CA THR J 332 10.73 -11.68 -23.68
C THR J 332 11.11 -10.21 -23.56
N GLU J 333 11.54 -9.58 -24.66
CA GLU J 333 11.91 -8.18 -24.59
C GLU J 333 10.70 -7.27 -24.43
N ALA J 334 9.54 -7.66 -24.98
CA ALA J 334 8.33 -6.89 -24.73
C ALA J 334 7.95 -6.91 -23.25
N HIS J 335 8.01 -8.09 -22.64
CA HIS J 335 7.67 -8.21 -21.22
C HIS J 335 8.70 -7.48 -20.36
N ALA J 336 9.98 -7.53 -20.76
CA ALA J 336 10.99 -6.76 -20.04
C ALA J 336 10.75 -5.26 -20.18
N SER J 337 10.26 -4.84 -21.34
CA SER J 337 9.89 -3.43 -21.52
C SER J 337 8.75 -3.05 -20.60
N TYR J 338 7.78 -3.95 -20.42
CA TYR J 338 6.68 -3.64 -19.52
C TYR J 338 7.11 -3.71 -18.06
N PHE J 339 7.51 -4.91 -17.60
CA PHE J 339 7.76 -5.10 -16.18
C PHE J 339 9.12 -4.53 -15.76
N LYS J 340 10.20 -5.12 -16.28
CA LYS J 340 11.56 -4.74 -15.89
C LYS J 340 12.58 -5.34 -16.84
#